data_6U5W
#
_entry.id   6U5W
#
loop_
_entity.id
_entity.type
_entity.pdbx_description
1 polymer 'Fatty acid synthase subunit alpha'
2 polymer 'Fatty acid synthase subunit beta'
3 non-polymer 'NADP NICOTINAMIDE-ADENINE-DINUCLEOTIDE PHOSPHATE'
4 non-polymer 'FLAVIN MONONUCLEOTIDE'
#
loop_
_entity_poly.entity_id
_entity_poly.type
_entity_poly.pdbx_seq_one_letter_code
_entity_poly.pdbx_strand_id
1 'polypeptide(L)'
;MKPEIEQELSHTLLTELLAYQFASPVRWIETQDVFLKQHNTERIIEIGPSPTLAGMANRTIKAKYESYDAALSLQRQVLC
YSKDAKEIYYKPDPADLAPKETPKQEESTPSAPAAATPTPAAAAAPTPAPAPASAGPVESSSGAGSGAGAANSGGAVVDS
AALDALTAENKKLAKQQLEVLARYLQVDLNKGSAKSFIKEKEASAVLQKELDLWEAEHGEFYAKGIQPTFSALKSRTYDS
YWNWARQDVLSMYFDIIFGKLTSVDRETINQCIQIMNRANPTLIKFMQYHIDHCPEYKGETYKLAKRLGQQLIDNCKQVL
TEDPVYKDVSRITGPKTKVSAKGNIEYEETQKDSVRKFEQYVYEMAQGGAMTKVSQPTIQEDLARVYKAISKQASKDSKL
ELQRVYEDLLKVVESSKEIETEQLTKDILQAATVPTTPTEEVDDPCTPSSDDEIASLPDKTSIIQPVSSTIPSQTIPFLH
IQKKTKDGWEYNKKLSSLYLDGLESAAINGLTFKDKYVLVTGAGAGSIGAEILQGLISGGAKVIVTTSRFSKKVTEYYQN
MYARYGAAGSTLIVVPFNQGSKQDVDALVQYIYDEPKKGGLGWDLDAIIPFAAIPENGNGLDNIDSKSEFAHRIMLTNLL
RLLGAVKSKKTTDTRPAQCILPLSPNHGTFGFDGLYSESKISLETLFNRWYSEDWGSKLTVCGAVIGWTRGTGLMSANNI
IAEGIEKLGVRTFSQKEMAFNILGLLTPEIVQLCQEEPVMADLNGGLQFIDNLKDFTSKLRTDLLETADIRRAVSIESAI
EQKVVNGDNVDANYSKVMVEPRANMKFDFPTLKSYDEIKQIAPELEGMLDLENVVVVTGFAEVGPWGNSRTRWEMEAYGE
FSLEGAIEMAWIMGFIKYHNGNLKGKPYSGWVDAKTQTPIDEKDIKSKYEEEILEHSGIRLIEPELFNGYDPKKKQMIQE
VVVQHDLEPFECSKETAEQYKHEHGEKCEIFEIEESGEYTVRILKGATLYVPKALRFDRLVAGQIPTGWDARTYGIPEDT
ISQVDPITLYVLVATVEALLSAGITDPYEFYKYVHVSEVGNCSGSGMGGVSALRGMFKDRYADKPVQNDILQESFINTMS
AWVNMLLLSSSGPIKTPVGACATAVESVDIGIETILSGKAKVVLVGGYDDFQEEGSYEFANMNATSNSIEEFKHGRTPKE
MSRPTTTTRNGFMEAQGSGIQVIMTADLALKMGVPIHAVLAMTATATDKIGRSVPAPGKGILTTAREHHGNLKYPSPLLN
IEYRKRQLNKRLEQIKSWEETELSYLQEEAELAKEEFGDEFSMHEFLKERTEEVYRESKRQVSDAKKQWGNSFYKSDPRI
APLRGALAAFNLTIDDIGVASFHGTSTVANDKNESATINNMMKHLGRSEGNPVFGVFQKYLTGHPKGAAGAWMLNGAIQI
LESGLVPGNRNADNVDKLLEQYEYVLYPSRSIQTDGIKAVSVTSFGFGQKGAQAVVVHPDYLFAVLDRSTYEEYATKVSA
RNKKTYRYMHNAITRNTMFVAKDKAPYSDELEQPVYLDPLARVEENKKKLVFSDKTIQSSQSYVGEVAQKTAKALSTLNK
SSKGVGVDVELLSAINIDNETFIERNFTGNEVEYCLNTAHPQASFTGTWSAKEAVFKALGVESKGAGASLIDIEITRDVN
GAPKVILHGEAKKAAAKAGVKNVNISISHDDFQATAVALSEF
;
A
2 'polypeptide(L)'
;MSTHRPFQLTHGSIEHTLLVPNDLFFNYSQLKDEFIKTLPEPTEGFAGDDEPSSPAELYGKFIGFISNAQFPQIVELSLK
DFESRFLDNNNDNIHSFAVKLLDDETYPTTIAKVKENIVKNYYKAVKSINKVESNLLYHCKHDAKLVAIFGGQGNTDDYF
EELRELYTLYQGLIEDLLVSIAEKLNQLHPSFDKIYTQGLNILSWLKHPETTPDQDYLLSVPVSCPVICVIQLCHYTITC
KVLGLTPGEFRNSLKWSTGHSQGLVTAVTIAASDSWDSFLKNSLTAVSLLLFIGSRCLSTYPRTSLPPTMLQDSLDNGEG
RPSPMLSVRDLSIKQVEKFIEQTNSHLPREKHIAISLINGARNLVLSGPPESLYGFNLNLRNQKAPMGLDQSRVPFSERK
LKCSNRFLPIFAPFHSHLLADATELILDDVKEHGLSFEGLKIPVYDTFDGSDFQALKEPIIDRVVKLITELPVHWEEATN
HKATHILDFGPGGVSGLGVLTHRNKEGTGARIILAGTLDSNPIDDEYGFKHEIFQTSADKAIKWAPDWLKELRPTLVKNS
EGKIYVKTKFSQLLGRAPLMVAGMTPTTVNTDIVSASLNAGYHIELAGGGYFSPVMMTRAIDDIVSRIKPGYGLGINLIY
VNPFMLQWGIPLIKDLREKGYPIQSLTIGAGVPSIEVATEYIEDLGLTHLGLKPGSVDAISQVIAIAKAHPTFPIVLQWT
GGRGGGHHSFEDFHQPIIQMYSKIRRCSNIVLVAGSGFGSDEDTYPYLSGYWSEKFNYPPMPFDGVLFGSRVMTSKESHT
SLAAKKLIVECKGVPDQQWEQTYKKPTGGIITVRSEMGEPIHKIATRGVMFWKELDDTIFNLPKNKLLDALNKKRDHIIK
KLNNDFQKPWFGKNANGVCDLQEMTYKEVANRLVELMYVKKSHRWIDVSLRNMYGDFLRRVEERFTSSAGTVSLLQNFNQ
LNEPEQFTADFFEKFPQAGKQLISEEDCDYFLMLAARPGQKPVPFVPVLDERFEFFFKKDSLWQSEDLESVVDEDVQRTC
ILHGPVASQYTSKVDEPIGDILNSIHEGHIARLIKEEYAGDESKIPVVEYFGGKKPASVSATSVNIIDGNQVVYEIDSEL
PNKQEWLDLLAGTELNWLQAFISTDRIVQGSKHVSNPLHDILTPAKHSKVTIDKKTKKLTAFENIKGDLLPVVEIELVKP
NTIQLSLIEHRTADTNPVALPFLYKYNPADGFAPILEIMEDRNERIKEFYWKLWFGSSVPYSNDINVEKAILGDEITISS
QTISEFTHAIGNKCDAFVDRPGKATLAPMDFAIVIGWKAIIKAIFPKSVDGDLLKLVHLSNGYKMITGAAPLKKGDVVST
KAEIKAVLNQPSGKLVEVVGTIYREGKPVMEVTSQFLYRGEYNDYCNTFQKVTETPVQVAFKSAKDLAVLRSKEWFHLEK
DVQFDVLTFRCESTYKFKSANVYSSIKTTGQVLLELPTKEVIQVGSVDYEAGTSYGNPVTDYLSRNGKTIEESVIFENAI
PLSSGEELTSKAPGTNEPYAIVSGDYNPIHVSRVFAAYAKLPGTITHGMYSSASIRALVEEWAANNVAARVRAFKCDFVG
MVLPNDTLQTTMEHVGMINGRKIIKVETRNVETELPVLIGEAEIEQPTTTYVFTGQGSQEQGMGMELYNSSEVAREVWDK
ADRHFVNNYGFSILDIVQNNPNELTIHFGGAKGRAIRDNYIGMMFETIGEDGALKSEKIFKDIDETTTSYTFVSPTGLLS
ATQFTQPALTLMEKAAYEDIKSKGLIPSDIMFAGHSLGEYSALSSLANVMPIESLVDVVFYRGMTMQVAVPRDELGRSNY
GMVAVNPSRVSATFDDSALRFVVDEVANKTKWLLEIVNYNVENQQYVAAGDLRALDTLTNVLNVLKINKIDIVKLQEQMS
IEKVKEHLYEIVDEVAAKSLAKPQPIDLERGFAVIPLKGISVPFHSSYLMSGVKPFQRFLCKKIPKSSVKPQDLIGKYIP
NLTAKPFELTKEYFQSVYDLTKSEKIKSILDNWEQYE
;
B
#
loop_
_chem_comp.id
_chem_comp.type
_chem_comp.name
_chem_comp.formula
FMN non-polymer 'FLAVIN MONONUCLEOTIDE' 'C17 H21 N4 O9 P'
NAP non-polymer 'NADP NICOTINAMIDE-ADENINE-DINUCLEOTIDE PHOSPHATE' 'C21 H28 N7 O17 P3'
#
# COMPACT_ATOMS: atom_id res chain seq x y z
N MET A 1 31.71 -60.77 18.18
CA MET A 1 32.71 -59.81 18.63
C MET A 1 32.06 -58.54 19.16
N LYS A 2 32.34 -58.23 20.42
CA LYS A 2 31.83 -57.00 21.01
C LYS A 2 32.44 -55.80 20.29
N PRO A 3 31.67 -54.72 20.15
CA PRO A 3 32.21 -53.53 19.47
C PRO A 3 33.55 -53.07 20.00
N GLU A 4 33.84 -53.32 21.27
CA GLU A 4 35.16 -52.98 21.78
C GLU A 4 36.21 -54.01 21.38
N ILE A 5 35.85 -55.28 21.31
CA ILE A 5 36.81 -56.29 20.88
C ILE A 5 37.18 -56.08 19.43
N GLU A 6 36.18 -55.98 18.57
CA GLU A 6 36.43 -55.77 17.16
C GLU A 6 37.05 -54.42 16.87
N GLN A 7 36.82 -53.40 17.71
CA GLN A 7 37.51 -52.14 17.51
C GLN A 7 38.99 -52.28 17.77
N GLU A 8 39.37 -52.94 18.87
CA GLU A 8 40.78 -53.25 19.08
C GLU A 8 41.35 -54.03 17.92
N LEU A 9 40.66 -55.10 17.52
CA LEU A 9 41.13 -55.92 16.41
C LEU A 9 41.29 -55.09 15.14
N SER A 10 40.26 -54.34 14.77
CA SER A 10 40.32 -53.53 13.57
C SER A 10 41.44 -52.50 13.64
N HIS A 11 41.61 -51.86 14.79
CA HIS A 11 42.64 -50.85 14.93
C HIS A 11 44.02 -51.45 14.71
N THR A 12 44.33 -52.52 15.43
CA THR A 12 45.65 -53.12 15.29
C THR A 12 45.86 -53.62 13.88
N LEU A 13 44.84 -54.27 13.31
CA LEU A 13 44.96 -54.81 11.97
C LEU A 13 45.22 -53.71 10.96
N LEU A 14 44.47 -52.62 11.03
CA LEU A 14 44.66 -51.52 10.12
C LEU A 14 46.03 -50.88 10.29
N THR A 15 46.47 -50.69 11.54
CA THR A 15 47.79 -50.13 11.76
C THR A 15 48.85 -50.97 11.08
N GLU A 16 48.86 -52.27 11.32
CA GLU A 16 49.86 -53.11 10.70
C GLU A 16 49.70 -53.17 9.19
N LEU A 17 48.46 -53.14 8.70
CA LEU A 17 48.21 -53.14 7.27
C LEU A 17 48.87 -51.96 6.60
N LEU A 18 48.63 -50.75 7.12
CA LEU A 18 49.28 -49.58 6.55
C LEU A 18 50.78 -49.65 6.72
N ALA A 19 51.25 -50.09 7.88
CA ALA A 19 52.69 -50.10 8.15
C ALA A 19 53.42 -50.96 7.13
N TYR A 20 52.92 -52.15 6.86
CA TYR A 20 53.63 -53.04 5.96
C TYR A 20 53.29 -52.80 4.50
N GLN A 21 52.13 -52.20 4.23
CA GLN A 21 51.86 -51.69 2.88
C GLN A 21 53.01 -50.83 2.39
N PHE A 22 53.61 -50.07 3.28
CA PHE A 22 54.71 -49.18 2.96
C PHE A 22 55.86 -49.94 2.31
N ALA A 23 56.02 -51.23 2.61
CA ALA A 23 57.15 -52.00 2.12
C ALA A 23 56.75 -53.31 1.47
N SER A 24 55.46 -53.53 1.21
CA SER A 24 55.05 -54.76 0.55
C SER A 24 54.40 -54.41 -0.78
N PRO A 25 54.57 -55.26 -1.79
CA PRO A 25 54.14 -54.90 -3.15
C PRO A 25 52.64 -54.69 -3.23
N VAL A 26 52.24 -53.66 -3.97
CA VAL A 26 50.82 -53.36 -4.15
C VAL A 26 50.21 -54.39 -5.08
N ARG A 27 49.14 -55.04 -4.62
CA ARG A 27 48.51 -56.13 -5.36
C ARG A 27 47.27 -55.57 -6.05
N TRP A 28 47.51 -54.80 -7.10
CA TRP A 28 46.45 -54.02 -7.74
C TRP A 28 45.69 -54.77 -8.81
N ILE A 29 46.33 -55.71 -9.52
CA ILE A 29 45.60 -56.53 -10.47
C ILE A 29 44.47 -57.27 -9.76
N GLU A 30 44.80 -58.00 -8.70
CA GLU A 30 43.79 -58.72 -7.96
C GLU A 30 42.82 -57.79 -7.25
N THR A 31 43.26 -56.61 -6.85
CA THR A 31 42.33 -55.62 -6.31
C THR A 31 41.28 -55.25 -7.35
N GLN A 32 41.72 -55.03 -8.58
CA GLN A 32 40.78 -54.74 -9.64
C GLN A 32 39.85 -55.91 -9.90
N ASP A 33 40.39 -57.12 -9.92
CA ASP A 33 39.56 -58.29 -10.12
C ASP A 33 38.63 -58.54 -8.94
N VAL A 34 38.89 -57.95 -7.79
CA VAL A 34 37.98 -58.05 -6.66
C VAL A 34 36.85 -57.05 -6.87
N PHE A 35 37.20 -55.77 -7.01
CA PHE A 35 36.14 -54.78 -7.10
C PHE A 35 35.46 -54.78 -8.45
N LEU A 36 35.85 -55.64 -9.38
CA LEU A 36 35.10 -55.77 -10.61
C LEU A 36 34.31 -57.06 -10.67
N LYS A 37 34.79 -58.12 -10.03
CA LYS A 37 34.10 -59.39 -10.05
C LYS A 37 33.32 -59.66 -8.77
N GLN A 38 33.99 -59.66 -7.62
CA GLN A 38 33.29 -59.95 -6.37
C GLN A 38 32.23 -58.92 -6.06
N HIS A 39 32.25 -57.77 -6.73
CA HIS A 39 31.28 -56.73 -6.49
C HIS A 39 30.51 -56.32 -7.73
N ASN A 40 31.12 -56.45 -8.91
CA ASN A 40 30.48 -56.08 -10.17
C ASN A 40 30.02 -54.62 -10.14
N THR A 41 30.95 -53.75 -9.77
CA THR A 41 30.65 -52.34 -9.69
C THR A 41 30.46 -51.77 -11.09
N GLU A 42 29.49 -50.88 -11.22
CA GLU A 42 29.18 -50.30 -12.52
C GLU A 42 29.99 -49.04 -12.76
N ARG A 43 29.89 -48.07 -11.87
CA ARG A 43 30.63 -46.83 -11.98
C ARG A 43 31.90 -46.93 -11.16
N ILE A 44 33.04 -46.80 -11.82
CA ILE A 44 34.33 -46.78 -11.16
C ILE A 44 34.86 -45.35 -11.25
N ILE A 45 34.91 -44.67 -10.12
CA ILE A 45 35.28 -43.26 -10.08
C ILE A 45 36.68 -43.14 -9.50
N GLU A 46 37.60 -42.66 -10.31
CA GLU A 46 38.97 -42.40 -9.89
C GLU A 46 39.10 -40.93 -9.56
N ILE A 47 39.68 -40.64 -8.40
CA ILE A 47 39.88 -39.27 -7.95
C ILE A 47 41.37 -39.01 -7.89
N GLY A 48 41.82 -38.00 -8.63
CA GLY A 48 43.21 -37.64 -8.65
C GLY A 48 43.49 -36.58 -9.67
N PRO A 49 44.75 -36.37 -9.96
CA PRO A 49 45.12 -35.36 -10.95
C PRO A 49 44.93 -35.82 -12.38
N SER A 50 45.21 -37.10 -12.62
CA SER A 50 45.16 -37.68 -13.96
C SER A 50 44.56 -39.07 -13.88
N PRO A 51 43.82 -39.47 -14.90
CA PRO A 51 43.20 -40.80 -14.86
C PRO A 51 44.20 -41.92 -15.01
N THR A 52 45.12 -42.05 -14.06
CA THR A 52 46.08 -43.14 -14.09
C THR A 52 45.45 -44.48 -13.79
N LEU A 53 44.33 -44.50 -13.09
CA LEU A 53 43.60 -45.74 -12.86
C LEU A 53 42.47 -45.97 -13.85
N ALA A 54 41.91 -44.90 -14.41
CA ALA A 54 40.91 -45.09 -15.46
C ALA A 54 41.52 -45.80 -16.66
N GLY A 55 42.68 -45.33 -17.13
CA GLY A 55 43.43 -46.10 -18.10
C GLY A 55 43.88 -47.44 -17.56
N MET A 56 44.04 -47.55 -16.24
CA MET A 56 44.39 -48.83 -15.63
C MET A 56 43.17 -49.73 -15.43
N ALA A 57 41.97 -49.20 -15.65
CA ALA A 57 40.78 -50.03 -15.50
C ALA A 57 40.17 -50.41 -16.85
N ASN A 58 40.21 -49.49 -17.81
CA ASN A 58 39.71 -49.80 -19.14
C ASN A 58 40.42 -51.00 -19.73
N ARG A 59 41.74 -51.04 -19.63
CA ARG A 59 42.50 -52.18 -20.11
C ARG A 59 42.14 -53.47 -19.37
N THR A 60 41.93 -53.40 -18.05
CA THR A 60 41.51 -54.60 -17.33
C THR A 60 40.16 -55.09 -17.80
N ILE A 61 39.23 -54.18 -18.09
CA ILE A 61 37.95 -54.59 -18.64
C ILE A 61 38.12 -55.26 -19.98
N LYS A 62 38.83 -54.59 -20.90
CA LYS A 62 39.04 -55.11 -22.23
C LYS A 62 39.89 -56.36 -22.25
N ALA A 63 40.55 -56.69 -21.14
CA ALA A 63 41.37 -57.88 -21.11
C ALA A 63 40.69 -59.07 -20.44
N LYS A 64 40.11 -58.88 -19.26
CA LYS A 64 39.67 -60.00 -18.47
C LYS A 64 38.19 -60.02 -18.14
N TYR A 65 37.44 -58.97 -18.47
CA TYR A 65 36.06 -58.90 -18.01
C TYR A 65 35.12 -58.47 -19.12
N GLU A 66 35.39 -58.88 -20.36
CA GLU A 66 34.45 -58.62 -21.43
C GLU A 66 33.37 -59.69 -21.50
N SER A 67 33.77 -60.95 -21.62
CA SER A 67 32.80 -62.03 -21.59
C SER A 67 32.00 -62.05 -20.31
N TYR A 68 32.59 -61.60 -19.20
CA TYR A 68 31.86 -61.57 -17.95
C TYR A 68 30.78 -60.50 -17.96
N ASP A 69 31.08 -59.32 -18.51
CA ASP A 69 30.05 -58.29 -18.56
C ASP A 69 28.96 -58.63 -19.57
N ALA A 70 29.35 -59.14 -20.73
CA ALA A 70 28.36 -59.52 -21.73
C ALA A 70 27.47 -60.64 -21.21
N ALA A 71 28.06 -61.61 -20.51
CA ALA A 71 27.26 -62.69 -19.94
C ALA A 71 26.28 -62.16 -18.91
N LEU A 72 26.64 -61.07 -18.24
CA LEU A 72 25.78 -60.48 -17.22
C LEU A 72 25.15 -59.17 -17.67
N SER A 73 25.43 -58.72 -18.89
CA SER A 73 24.83 -57.51 -19.43
C SER A 73 25.13 -56.30 -18.56
N LEU A 74 26.39 -56.19 -18.14
CA LEU A 74 26.84 -55.07 -17.33
C LEU A 74 27.50 -54.03 -18.22
N GLN A 75 27.11 -52.77 -18.06
CA GLN A 75 27.73 -51.68 -18.79
C GLN A 75 28.56 -50.86 -17.81
N ARG A 76 29.79 -51.31 -17.57
CA ARG A 76 30.68 -50.64 -16.64
C ARG A 76 31.10 -49.29 -17.23
N GLN A 77 30.92 -48.24 -16.45
CA GLN A 77 31.26 -46.88 -16.87
C GLN A 77 32.39 -46.38 -15.98
N VAL A 78 33.55 -46.14 -16.56
CA VAL A 78 34.70 -45.63 -15.82
C VAL A 78 34.66 -44.11 -15.86
N LEU A 79 35.03 -43.50 -14.74
CA LEU A 79 34.97 -42.05 -14.62
C LEU A 79 36.12 -41.58 -13.75
N CYS A 80 36.77 -40.50 -14.18
CA CYS A 80 37.84 -39.90 -13.42
C CYS A 80 37.50 -38.47 -13.10
N TYR A 81 37.98 -38.01 -11.95
CA TYR A 81 37.67 -36.64 -11.55
C TYR A 81 38.36 -35.61 -12.43
N SER A 82 39.43 -35.99 -13.12
CA SER A 82 40.14 -35.02 -13.94
C SER A 82 39.23 -34.44 -15.01
N LYS A 83 38.72 -35.28 -15.89
CA LYS A 83 37.94 -34.86 -17.04
C LYS A 83 36.44 -35.01 -16.82
N ASP A 84 36.01 -36.07 -16.15
CA ASP A 84 34.59 -36.39 -16.02
C ASP A 84 33.97 -35.62 -14.87
N ALA A 85 34.03 -34.30 -14.96
CA ALA A 85 33.42 -33.47 -13.94
C ALA A 85 31.90 -33.47 -14.06
N LYS A 86 31.39 -33.16 -15.25
CA LYS A 86 29.95 -33.09 -15.46
C LYS A 86 29.24 -34.41 -15.23
N GLU A 87 29.96 -35.52 -15.35
CA GLU A 87 29.35 -36.83 -15.28
C GLU A 87 29.30 -37.37 -13.87
N ILE A 88 30.29 -37.00 -13.05
CA ILE A 88 30.29 -37.46 -11.67
C ILE A 88 29.36 -36.60 -10.84
N TYR A 89 29.25 -35.33 -11.18
CA TYR A 89 28.39 -34.44 -10.41
C TYR A 89 26.94 -34.50 -10.85
N TYR A 90 26.57 -35.41 -11.75
CA TYR A 90 25.18 -35.62 -12.15
C TYR A 90 24.52 -34.32 -12.60
N LYS A 91 25.33 -33.31 -12.91
CA LYS A 91 24.85 -32.08 -13.51
C LYS A 91 25.68 -31.83 -14.76
N PRO A 92 25.41 -32.61 -15.76
CA PRO A 92 26.05 -32.54 -17.05
C PRO A 92 25.15 -31.81 -17.98
N ASP A 93 25.69 -31.01 -18.87
CA ASP A 93 24.80 -30.42 -19.82
C ASP A 93 24.57 -31.59 -20.77
N ASP A 159 24.75 16.84 -54.31
CA ASP A 159 25.71 15.99 -53.62
C ASP A 159 26.91 15.70 -54.52
N SER A 160 27.39 16.73 -55.21
CA SER A 160 28.54 16.55 -56.10
C SER A 160 29.84 16.54 -55.30
N ALA A 161 30.47 15.38 -55.18
CA ALA A 161 31.77 15.31 -54.53
C ALA A 161 32.84 15.76 -55.53
N ALA A 162 32.54 16.88 -56.16
CA ALA A 162 33.50 17.68 -56.89
C ALA A 162 33.38 19.15 -56.53
N LEU A 163 32.18 19.58 -56.13
CA LEU A 163 32.01 20.93 -55.58
C LEU A 163 32.93 21.13 -54.39
N ASP A 164 32.92 20.17 -53.46
CA ASP A 164 33.90 20.16 -52.39
C ASP A 164 35.32 20.32 -52.91
N ALA A 165 35.66 19.67 -54.02
CA ALA A 165 37.01 19.79 -54.55
C ALA A 165 37.31 21.22 -54.97
N LEU A 166 36.43 21.83 -55.75
CA LEU A 166 36.71 23.20 -56.19
C LEU A 166 36.71 24.16 -55.02
N THR A 167 35.89 23.91 -54.00
CA THR A 167 36.00 24.70 -52.78
C THR A 167 37.38 24.55 -52.17
N ALA A 168 37.87 23.30 -52.08
CA ALA A 168 39.21 23.08 -51.59
C ALA A 168 40.24 23.78 -52.45
N GLU A 169 40.06 23.77 -53.77
CA GLU A 169 40.98 24.49 -54.63
C GLU A 169 40.99 25.99 -54.35
N ASN A 170 39.80 26.58 -54.21
CA ASN A 170 39.75 28.00 -53.91
C ASN A 170 40.39 28.30 -52.58
N LYS A 171 40.12 27.47 -51.58
CA LYS A 171 40.76 27.67 -50.28
C LYS A 171 42.26 27.52 -50.39
N LYS A 172 42.74 26.62 -51.24
CA LYS A 172 44.17 26.50 -51.41
C LYS A 172 44.75 27.73 -52.08
N LEU A 173 44.07 28.26 -53.08
CA LEU A 173 44.50 29.50 -53.70
C LEU A 173 44.59 30.61 -52.66
N ALA A 174 43.53 30.76 -51.86
CA ALA A 174 43.53 31.80 -50.84
C ALA A 174 44.63 31.57 -49.83
N LYS A 175 44.85 30.33 -49.44
CA LYS A 175 45.93 30.01 -48.54
C LYS A 175 47.26 30.47 -49.10
N GLN A 176 47.54 30.13 -50.35
CA GLN A 176 48.79 30.56 -50.96
C GLN A 176 48.89 32.06 -50.99
N GLN A 177 47.83 32.74 -51.39
CA GLN A 177 47.86 34.20 -51.43
C GLN A 177 48.16 34.79 -50.07
N LEU A 178 47.52 34.27 -49.04
CA LEU A 178 47.80 34.69 -47.68
C LEU A 178 49.26 34.47 -47.34
N GLU A 179 49.81 33.33 -47.76
CA GLU A 179 51.20 33.05 -47.48
C GLU A 179 52.11 34.14 -47.99
N VAL A 180 52.01 34.46 -49.28
CA VAL A 180 52.90 35.45 -49.86
C VAL A 180 52.60 36.84 -49.33
N LEU A 181 51.35 37.15 -49.04
CA LEU A 181 51.05 38.41 -48.38
C LEU A 181 51.81 38.53 -47.07
N ALA A 182 51.68 37.53 -46.20
CA ALA A 182 52.40 37.56 -44.94
C ALA A 182 53.89 37.65 -45.16
N ARG A 183 54.41 36.85 -46.09
CA ARG A 183 55.83 36.91 -46.39
C ARG A 183 56.26 38.33 -46.73
N TYR A 184 55.41 39.06 -47.43
CA TYR A 184 55.72 40.44 -47.73
C TYR A 184 55.72 41.28 -46.47
N LEU A 185 54.76 41.04 -45.59
CA LEU A 185 54.61 41.84 -44.38
C LEU A 185 55.60 41.48 -43.30
N GLN A 186 56.50 40.53 -43.56
CA GLN A 186 57.44 40.06 -42.54
C GLN A 186 56.71 39.55 -41.31
N VAL A 187 55.50 39.05 -41.52
CA VAL A 187 54.65 38.59 -40.43
C VAL A 187 54.76 37.09 -40.30
N ASP A 188 55.15 36.63 -39.12
CA ASP A 188 55.15 35.19 -38.84
C ASP A 188 53.73 34.77 -38.49
N LEU A 189 53.24 33.74 -39.16
CA LEU A 189 51.94 33.21 -38.81
C LEU A 189 52.01 32.16 -37.72
N ASN A 190 53.18 31.90 -37.16
CA ASN A 190 53.33 30.85 -36.17
C ASN A 190 54.05 31.30 -34.91
N LYS A 191 54.42 32.58 -34.82
CA LYS A 191 55.05 33.07 -33.60
C LYS A 191 54.19 32.75 -32.40
N GLY A 192 52.86 32.90 -32.54
CA GLY A 192 51.96 32.44 -31.50
C GLY A 192 52.16 30.97 -31.19
N ALA A 194 52.26 30.14 -32.23
CA ALA A 194 52.45 28.72 -31.99
C ALA A 194 53.83 28.42 -31.41
N LYS A 195 54.86 29.14 -31.82
CA LYS A 195 56.18 28.93 -31.22
C LYS A 195 56.15 29.22 -29.72
N SER A 196 55.65 30.39 -29.34
CA SER A 196 55.50 30.69 -27.92
C SER A 196 54.62 29.69 -27.21
N PHE A 197 53.58 29.21 -27.86
CA PHE A 197 52.70 28.24 -27.22
C PHE A 197 53.44 26.96 -26.91
N ILE A 198 54.18 26.43 -27.89
CA ILE A 198 54.97 25.23 -27.64
C ILE A 198 56.05 25.47 -26.60
N LYS A 199 56.67 26.63 -26.60
CA LYS A 199 57.68 26.91 -25.60
C LYS A 199 57.13 26.92 -24.18
N GLU A 200 56.06 27.66 -23.90
CA GLU A 200 55.56 27.58 -22.54
C GLU A 200 54.93 26.23 -22.26
N LYS A 201 54.49 25.52 -23.29
CA LYS A 201 53.83 24.26 -23.05
C LYS A 201 54.81 23.19 -22.60
N GLU A 202 56.08 23.31 -22.97
CA GLU A 202 57.07 22.37 -22.46
C GLU A 202 57.76 22.88 -21.20
N ALA A 203 57.98 24.18 -21.07
CA ALA A 203 58.52 24.69 -19.82
C ALA A 203 57.55 24.43 -18.68
N SER A 204 56.26 24.58 -18.92
CA SER A 204 55.27 24.15 -17.95
C SER A 204 55.40 22.67 -17.63
N ALA A 205 55.67 21.83 -18.62
CA ALA A 205 55.94 20.43 -18.33
C ALA A 205 57.20 20.26 -17.49
N VAL A 206 58.20 21.11 -17.70
CA VAL A 206 59.40 21.04 -16.86
C VAL A 206 59.04 21.33 -15.41
N LEU A 207 58.36 22.44 -15.16
CA LEU A 207 58.04 22.75 -13.77
C LEU A 207 57.03 21.75 -13.21
N GLN A 208 56.27 21.08 -14.07
CA GLN A 208 55.39 20.03 -13.57
C GLN A 208 56.19 18.82 -13.12
N LYS A 209 57.14 18.38 -13.95
CA LYS A 209 58.01 17.29 -13.55
C LYS A 209 58.91 17.68 -12.40
N GLU A 210 59.01 18.97 -12.12
CA GLU A 210 59.62 19.44 -10.89
C GLU A 210 58.69 19.31 -9.71
N LEU A 211 57.47 19.80 -9.85
CA LEU A 211 56.54 19.88 -8.74
C LEU A 211 56.08 18.51 -8.29
N ASP A 212 55.74 17.63 -9.22
CA ASP A 212 55.30 16.30 -8.88
C ASP A 212 56.30 15.55 -8.02
N LEU A 213 57.59 15.88 -8.15
CA LEU A 213 58.57 15.28 -7.26
C LEU A 213 58.29 15.62 -5.81
N TRP A 214 57.99 16.88 -5.51
CA TRP A 214 57.67 17.25 -4.15
C TRP A 214 56.53 16.41 -3.62
N GLU A 215 55.43 16.33 -4.35
CA GLU A 215 54.29 15.58 -3.84
C GLU A 215 54.59 14.10 -3.76
N ALA A 216 55.32 13.55 -4.71
CA ALA A 216 55.65 12.14 -4.65
C ALA A 216 56.47 11.82 -3.42
N GLU A 217 57.39 12.71 -3.07
CA GLU A 217 58.25 12.42 -1.92
C GLU A 217 57.52 12.71 -0.61
N HIS A 218 56.63 13.68 -0.62
CA HIS A 218 55.95 14.11 0.60
C HIS A 218 54.53 13.60 0.73
N GLY A 219 53.87 13.34 -0.37
CA GLY A 219 52.50 12.88 -0.33
C GLY A 219 51.53 14.04 -0.21
N GLU A 220 50.25 13.72 -0.41
CA GLU A 220 49.27 14.77 -0.54
C GLU A 220 49.04 15.51 0.78
N PHE A 221 48.62 14.80 1.82
CA PHE A 221 48.17 15.47 3.03
C PHE A 221 49.18 16.47 3.53
N TYR A 222 50.46 16.13 3.44
CA TYR A 222 51.51 17.06 3.85
C TYR A 222 51.46 18.31 3.00
N ALA A 223 51.33 18.16 1.68
CA ALA A 223 51.30 19.34 0.83
C ALA A 223 50.07 20.18 1.12
N LYS A 224 48.95 19.53 1.42
CA LYS A 224 47.75 20.28 1.72
C LYS A 224 47.84 20.97 3.06
N GLY A 225 48.68 20.46 3.97
CA GLY A 225 48.72 21.00 5.30
C GLY A 225 49.72 22.11 5.51
N ILE A 226 50.69 22.23 4.61
CA ILE A 226 51.75 23.22 4.79
C ILE A 226 51.33 24.53 4.16
N GLN A 227 50.09 24.64 3.79
CA GLN A 227 49.62 25.85 3.14
C GLN A 227 49.64 26.99 4.15
N PRO A 228 50.51 27.98 4.01
CA PRO A 228 50.62 29.01 5.04
C PRO A 228 49.36 29.84 5.11
N THR A 229 48.87 30.07 6.33
CA THR A 229 47.58 30.71 6.52
C THR A 229 47.63 31.95 7.39
N PHE A 230 48.76 32.29 7.97
CA PHE A 230 48.80 33.44 8.85
C PHE A 230 48.81 34.73 8.05
N SER A 231 47.99 35.68 8.48
CA SER A 231 47.99 37.01 7.88
C SER A 231 47.69 38.02 8.97
N ALA A 232 48.64 38.90 9.22
CA ALA A 232 48.51 39.86 10.30
C ALA A 232 47.21 40.64 10.24
N LEU A 233 46.62 40.77 9.06
CA LEU A 233 45.39 41.51 8.94
C LEU A 233 44.22 40.82 9.64
N LYS A 234 44.34 39.53 9.93
CA LYS A 234 43.21 38.80 10.50
C LYS A 234 43.24 38.74 12.00
N SER A 235 44.15 39.46 12.66
CA SER A 235 44.20 39.43 14.11
C SER A 235 42.91 39.98 14.67
N ARG A 236 42.62 39.61 15.91
CA ARG A 236 41.44 40.07 16.62
C ARG A 236 41.86 40.36 18.05
N THR A 237 42.04 41.63 18.38
CA THR A 237 42.38 41.97 19.74
C THR A 237 41.11 42.16 20.55
N TYR A 238 41.08 41.59 21.75
CA TYR A 238 39.91 41.63 22.61
C TYR A 238 40.29 42.36 23.89
N ASP A 239 39.78 43.56 24.05
CA ASP A 239 40.26 44.38 25.15
C ASP A 239 39.16 44.84 26.09
N SER A 240 37.98 45.16 25.57
CA SER A 240 37.06 46.04 26.26
C SER A 240 36.42 45.33 27.46
N TYR A 241 37.27 44.96 28.41
CA TYR A 241 36.78 44.37 29.64
C TYR A 241 35.91 45.34 30.41
N TRP A 242 36.24 46.63 30.34
CA TRP A 242 35.52 47.63 31.11
C TRP A 242 34.05 47.62 30.78
N ASN A 243 33.68 47.10 29.61
CA ASN A 243 32.28 47.00 29.28
C ASN A 243 31.70 45.65 29.65
N TRP A 244 32.39 44.57 29.33
CA TRP A 244 31.90 43.25 29.71
C TRP A 244 31.67 43.15 31.20
N ALA A 245 32.40 43.92 32.01
CA ALA A 245 32.20 43.88 33.45
C ALA A 245 30.78 44.31 33.79
N ARG A 246 30.37 45.47 33.31
CA ARG A 246 29.02 45.91 33.52
C ARG A 246 28.02 44.98 32.86
N GLN A 247 28.39 44.35 31.76
CA GLN A 247 27.47 43.40 31.16
C GLN A 247 27.20 42.25 32.12
N ASP A 248 28.26 41.69 32.68
CA ASP A 248 28.14 40.52 33.51
C ASP A 248 27.51 40.82 34.85
N VAL A 249 27.83 41.96 35.47
CA VAL A 249 27.15 42.33 36.69
C VAL A 249 25.65 42.25 36.48
N LEU A 250 25.18 42.89 35.42
CA LEU A 250 23.77 42.86 35.12
C LEU A 250 23.26 41.46 34.88
N SER A 251 23.91 40.70 34.00
CA SER A 251 23.42 39.36 33.69
C SER A 251 23.27 38.53 34.94
N MET A 252 24.18 38.70 35.89
CA MET A 252 23.99 38.05 37.18
C MET A 252 22.80 38.63 37.91
N TYR A 253 22.60 39.94 37.81
CA TYR A 253 21.58 40.58 38.63
C TYR A 253 20.21 40.02 38.35
N PHE A 254 19.95 39.61 37.12
CA PHE A 254 18.64 39.05 36.81
C PHE A 254 18.62 37.55 36.91
N ASP A 255 19.71 36.87 36.53
CA ASP A 255 19.80 35.44 36.75
C ASP A 255 19.52 35.09 38.19
N ILE A 256 19.93 35.93 39.13
CA ILE A 256 19.63 35.69 40.52
C ILE A 256 18.15 35.81 40.80
N ILE A 257 17.53 36.92 40.39
CA ILE A 257 16.14 37.11 40.73
C ILE A 257 15.23 36.14 40.00
N PHE A 258 15.63 35.68 38.82
CA PHE A 258 14.86 34.68 38.12
C PHE A 258 15.21 33.28 38.58
N GLY A 259 15.95 33.16 39.68
CA GLY A 259 16.25 31.86 40.25
C GLY A 259 17.16 30.99 39.43
N LYS A 260 17.63 31.45 38.28
CA LYS A 260 18.50 30.63 37.48
C LYS A 260 19.88 30.48 38.08
N LEU A 261 20.18 31.18 39.16
CA LEU A 261 21.44 31.02 39.89
C LEU A 261 21.17 31.28 41.36
N THR A 262 21.11 30.22 42.15
CA THR A 262 20.98 30.40 43.58
C THR A 262 22.36 30.61 44.18
N SER A 263 22.40 31.24 45.34
CA SER A 263 23.66 31.60 45.96
C SER A 263 24.53 30.39 46.27
N VAL A 264 23.92 29.29 46.70
CA VAL A 264 24.68 28.09 47.04
C VAL A 264 25.48 27.56 45.87
N ASP A 265 25.08 27.88 44.64
CA ASP A 265 25.77 27.37 43.46
C ASP A 265 27.25 27.74 43.51
N ARG A 266 28.03 26.98 42.75
CA ARG A 266 29.42 27.29 42.54
C ARG A 266 29.65 28.26 41.40
N GLU A 267 28.80 28.23 40.38
CA GLU A 267 29.02 29.11 39.24
C GLU A 267 28.79 30.57 39.57
N THR A 268 27.81 30.86 40.42
CA THR A 268 27.66 32.23 40.86
C THR A 268 28.93 32.75 41.51
N ILE A 269 29.56 31.98 42.39
CA ILE A 269 30.81 32.44 42.99
C ILE A 269 31.90 32.52 41.96
N ASN A 270 31.93 31.59 41.01
CA ASN A 270 32.91 31.67 39.94
C ASN A 270 32.83 33.02 39.25
N GLN A 271 31.66 33.43 38.83
CA GLN A 271 31.59 34.69 38.10
C GLN A 271 31.67 35.90 39.00
N CYS A 272 31.27 35.80 40.27
CA CYS A 272 31.54 36.92 41.16
C CYS A 272 33.03 37.16 41.29
N ILE A 273 33.81 36.10 41.39
CA ILE A 273 35.25 36.26 41.30
C ILE A 273 35.62 36.88 39.97
N GLN A 274 35.00 36.41 38.89
CA GLN A 274 35.24 37.01 37.59
C GLN A 274 34.88 38.47 37.57
N ILE A 275 33.80 38.86 38.24
CA ILE A 275 33.44 40.27 38.29
C ILE A 275 34.53 41.06 38.98
N MET A 276 34.81 40.73 40.23
CA MET A 276 35.80 41.49 40.97
C MET A 276 37.16 41.45 40.32
N ASN A 277 37.42 40.50 39.44
CA ASN A 277 38.65 40.55 38.67
C ASN A 277 38.67 41.68 37.67
N ARG A 278 37.62 42.50 37.60
CA ARG A 278 37.55 43.60 36.66
C ARG A 278 37.02 44.88 37.29
N ALA A 279 37.08 44.98 38.61
CA ALA A 279 36.43 46.10 39.28
C ALA A 279 37.04 47.42 38.87
N ASN A 280 36.20 48.37 38.49
CA ASN A 280 36.56 49.74 38.22
C ASN A 280 35.73 50.67 39.08
N PRO A 281 36.28 51.83 39.45
CA PRO A 281 35.51 52.76 40.27
C PRO A 281 34.14 53.06 39.70
N THR A 282 33.98 52.95 38.40
CA THR A 282 32.67 53.03 37.80
C THR A 282 31.85 51.77 37.98
N LEU A 283 32.49 50.60 38.03
CA LEU A 283 31.77 49.37 38.32
C LEU A 283 31.12 49.42 39.69
N ILE A 284 31.82 49.96 40.69
CA ILE A 284 31.22 50.04 42.01
C ILE A 284 29.95 50.86 41.96
N LYS A 285 30.00 52.02 41.31
CA LYS A 285 28.79 52.81 41.20
C LYS A 285 27.71 52.09 40.43
N PHE A 286 28.07 51.39 39.37
CA PHE A 286 27.07 50.70 38.58
C PHE A 286 26.35 49.66 39.41
N MET A 287 27.09 48.92 40.22
CA MET A 287 26.45 47.92 41.05
C MET A 287 25.69 48.58 42.20
N GLN A 288 26.24 49.66 42.73
CA GLN A 288 25.65 50.26 43.92
C GLN A 288 24.27 50.80 43.65
N TYR A 289 24.11 51.55 42.56
CA TYR A 289 22.79 52.03 42.23
C TYR A 289 21.81 50.89 42.08
N HIS A 290 22.17 49.89 41.27
CA HIS A 290 21.29 48.76 41.08
C HIS A 290 20.85 48.12 42.38
N ILE A 291 21.76 48.00 43.33
CA ILE A 291 21.40 47.35 44.58
C ILE A 291 20.53 48.29 45.39
N ASP A 292 20.76 49.59 45.23
CA ASP A 292 19.97 50.55 45.99
C ASP A 292 18.51 50.53 45.57
N HIS A 293 18.27 50.40 44.27
CA HIS A 293 16.92 50.44 43.74
C HIS A 293 16.35 49.06 43.48
N CYS A 294 17.05 48.03 43.90
CA CYS A 294 16.50 46.70 43.78
C CYS A 294 15.28 46.58 44.67
N PRO A 295 14.09 46.42 44.11
CA PRO A 295 12.86 46.50 44.91
C PRO A 295 12.62 45.18 45.62
N GLU A 296 12.72 45.21 46.95
CA GLU A 296 12.53 44.00 47.74
C GLU A 296 11.08 43.56 47.80
N TYR A 297 10.14 44.51 47.90
CA TYR A 297 8.74 44.16 48.05
C TYR A 297 8.22 43.31 46.90
N LYS A 298 8.92 43.27 45.78
CA LYS A 298 8.41 42.56 44.61
C LYS A 298 8.50 41.05 44.77
N GLY A 299 9.30 40.55 45.71
CA GLY A 299 9.39 39.13 45.90
C GLY A 299 10.55 38.78 46.80
N GLU A 300 10.78 37.49 46.97
CA GLU A 300 11.85 37.03 47.83
C GLU A 300 13.20 36.98 47.14
N THR A 301 13.24 36.60 45.87
CA THR A 301 14.51 36.54 45.17
C THR A 301 15.20 37.88 45.14
N TYR A 302 14.46 38.97 45.19
CA TYR A 302 15.09 40.28 45.25
C TYR A 302 15.93 40.44 46.50
N LYS A 303 15.42 40.02 47.65
CA LYS A 303 16.23 40.08 48.86
C LYS A 303 17.55 39.35 48.67
N LEU A 304 17.49 38.13 48.15
CA LEU A 304 18.70 37.42 47.80
C LEU A 304 19.60 38.26 46.91
N ALA A 305 19.03 38.83 45.86
CA ALA A 305 19.81 39.61 44.92
C ALA A 305 20.42 40.83 45.59
N LYS A 306 19.62 41.61 46.32
CA LYS A 306 20.15 42.79 46.96
C LYS A 306 21.27 42.43 47.92
N ARG A 307 21.11 41.33 48.64
CA ARG A 307 22.10 41.01 49.67
C ARG A 307 23.40 40.50 49.05
N LEU A 308 23.29 39.57 48.10
CA LEU A 308 24.47 39.15 47.38
C LEU A 308 25.16 40.31 46.69
N GLY A 309 24.40 41.25 46.16
CA GLY A 309 25.01 42.39 45.52
C GLY A 309 25.74 43.25 46.51
N GLN A 310 25.15 43.46 47.68
CA GLN A 310 25.86 44.22 48.70
C GLN A 310 27.16 43.53 49.07
N GLN A 311 27.13 42.21 49.21
CA GLN A 311 28.35 41.47 49.50
C GLN A 311 29.40 41.69 48.44
N LEU A 312 29.04 41.49 47.17
CA LEU A 312 29.98 41.65 46.09
C LEU A 312 30.49 43.08 46.01
N ILE A 313 29.64 44.06 46.30
CA ILE A 313 30.09 45.45 46.29
C ILE A 313 31.16 45.66 47.34
N ASP A 314 30.89 45.24 48.56
CA ASP A 314 31.88 45.37 49.60
C ASP A 314 33.17 44.69 49.21
N ASN A 315 33.10 43.54 48.57
CA ASN A 315 34.31 42.83 48.18
C ASN A 315 35.09 43.58 47.13
N CYS A 316 34.44 43.98 46.05
CA CYS A 316 35.14 44.73 45.01
C CYS A 316 35.70 46.04 45.55
N LYS A 317 35.09 46.60 46.59
CA LYS A 317 35.66 47.80 47.17
C LYS A 317 37.02 47.51 47.80
N GLN A 318 37.25 46.27 48.22
CA GLN A 318 38.57 45.92 48.74
C GLN A 318 39.52 45.51 47.62
N VAL A 319 39.13 44.52 46.83
CA VAL A 319 40.02 44.00 45.80
C VAL A 319 40.32 45.07 44.75
N LEU A 320 39.58 46.17 44.78
CA LEU A 320 39.92 47.31 43.93
C LEU A 320 41.38 47.67 44.15
N THR A 321 42.04 48.08 43.06
CA THR A 321 43.45 48.43 43.04
C THR A 321 44.36 47.25 43.35
N GLU A 322 43.80 46.08 43.58
CA GLU A 322 44.60 44.89 43.79
C GLU A 322 44.62 44.06 42.52
N ASP A 323 45.69 43.32 42.38
CA ASP A 323 46.03 42.72 41.11
C ASP A 323 45.06 41.59 40.79
N PRO A 324 44.55 41.50 39.57
CA PRO A 324 43.66 40.40 39.22
C PRO A 324 44.23 39.05 39.59
N VAL A 325 43.35 38.17 40.02
CA VAL A 325 43.74 36.87 40.54
C VAL A 325 42.92 35.80 39.85
N TYR A 326 43.57 34.67 39.58
CA TYR A 326 42.89 33.53 39.00
C TYR A 326 42.66 32.51 40.10
N LYS A 327 41.41 32.31 40.47
CA LYS A 327 41.04 31.43 41.57
C LYS A 327 39.87 30.59 41.11
N ASP A 328 40.13 29.43 40.53
CA ASP A 328 39.08 28.55 40.06
C ASP A 328 38.36 27.96 41.26
N VAL A 329 37.04 27.85 41.15
CA VAL A 329 36.23 27.29 42.22
C VAL A 329 35.35 26.16 41.70
N SER A 330 35.33 25.95 40.38
CA SER A 330 34.44 24.96 39.79
C SER A 330 34.59 23.61 40.47
N ARG A 331 33.53 22.83 40.47
CA ARG A 331 33.55 21.57 41.20
C ARG A 331 34.42 20.56 40.50
N ILE A 332 35.26 19.87 41.29
CA ILE A 332 36.10 18.81 40.75
C ILE A 332 35.21 17.69 40.23
N THR A 333 35.61 17.09 39.12
CA THR A 333 34.84 15.98 38.57
C THR A 333 35.77 14.85 38.18
N GLY A 334 35.28 13.62 38.34
CA GLY A 334 36.02 12.45 37.95
C GLY A 334 35.27 11.64 36.92
N PRO A 335 35.94 10.66 36.33
CA PRO A 335 35.28 9.81 35.33
C PRO A 335 34.34 8.84 35.99
N LYS A 336 33.29 8.48 35.28
CA LYS A 336 32.41 7.41 35.69
C LYS A 336 31.75 6.84 34.44
N THR A 337 32.29 5.74 33.94
CA THR A 337 31.79 5.10 32.73
C THR A 337 31.01 3.85 33.11
N LYS A 338 29.74 3.81 32.75
CA LYS A 338 28.89 2.66 32.98
C LYS A 338 28.30 2.21 31.66
N VAL A 339 27.97 0.93 31.57
CA VAL A 339 27.31 0.35 30.40
C VAL A 339 25.85 0.13 30.75
N SER A 340 24.97 0.48 29.83
CA SER A 340 23.54 0.37 30.09
C SER A 340 23.14 -1.08 30.30
N ALA A 341 22.04 -1.26 31.02
CA ALA A 341 21.46 -2.59 31.14
C ALA A 341 21.07 -3.16 29.79
N LYS A 342 20.84 -2.31 28.79
CA LYS A 342 20.69 -2.77 27.43
C LYS A 342 22.04 -3.07 26.79
N GLY A 343 23.10 -2.43 27.25
CA GLY A 343 24.42 -2.67 26.73
C GLY A 343 25.08 -1.49 26.04
N ASN A 344 24.69 -0.26 26.35
CA ASN A 344 25.28 0.91 25.74
C ASN A 344 26.32 1.53 26.67
N ILE A 345 27.44 1.91 26.09
CA ILE A 345 28.59 2.40 26.85
C ILE A 345 28.50 3.91 26.92
N GLU A 346 28.22 4.43 28.12
CA GLU A 346 28.06 5.86 28.32
C GLU A 346 29.14 6.35 29.28
N TYR A 347 29.73 7.48 28.93
CA TYR A 347 30.83 8.06 29.70
C TYR A 347 30.32 9.33 30.38
N GLU A 348 30.25 9.30 31.70
CA GLU A 348 29.78 10.43 32.49
C GLU A 348 30.92 10.92 33.37
N GLU A 349 31.18 12.22 33.30
CA GLU A 349 32.22 12.84 34.12
C GLU A 349 31.53 13.52 35.30
N THR A 350 31.23 12.73 36.31
CA THR A 350 30.45 13.22 37.43
C THR A 350 31.34 13.87 38.47
N GLN A 351 30.72 14.57 39.41
CA GLN A 351 31.47 15.25 40.45
C GLN A 351 31.98 14.27 41.48
N LYS A 352 33.20 14.51 41.95
CA LYS A 352 33.70 13.78 43.09
C LYS A 352 32.93 14.20 44.33
N ASP A 353 32.79 13.28 45.27
CA ASP A 353 32.06 13.61 46.49
C ASP A 353 33.00 13.97 47.63
N SER A 354 34.19 13.41 47.64
CA SER A 354 35.18 13.71 48.66
C SER A 354 36.13 14.83 48.25
N VAL A 355 36.26 15.09 46.96
CA VAL A 355 37.20 16.08 46.45
C VAL A 355 36.37 17.09 45.67
N ARG A 356 36.02 18.21 46.28
CA ARG A 356 35.15 19.17 45.64
C ARG A 356 35.80 20.52 45.35
N LYS A 357 36.73 20.97 46.17
CA LYS A 357 37.44 22.21 45.90
C LYS A 357 38.87 21.88 45.55
N PHE A 358 39.52 22.77 44.81
CA PHE A 358 40.94 22.56 44.57
C PHE A 358 41.73 22.57 45.86
N GLU A 359 41.24 23.27 46.89
CA GLU A 359 41.83 23.15 48.21
C GLU A 359 41.93 21.70 48.63
N GLN A 360 40.93 20.89 48.29
CA GLN A 360 40.98 19.47 48.56
C GLN A 360 41.72 18.71 47.49
N TYR A 361 41.68 19.18 46.25
CA TYR A 361 42.37 18.48 45.18
C TYR A 361 43.86 18.43 45.45
N VAL A 362 44.42 19.51 45.98
CA VAL A 362 45.86 19.48 46.23
C VAL A 362 46.19 18.48 47.34
N TYR A 363 45.40 18.44 48.41
CA TYR A 363 45.65 17.45 49.44
C TYR A 363 45.55 16.05 48.89
N GLU A 364 44.61 15.83 47.98
CA GLU A 364 44.54 14.52 47.34
C GLU A 364 45.79 14.24 46.52
N MET A 365 46.31 15.26 45.83
CA MET A 365 47.53 15.06 45.07
C MET A 365 48.71 14.83 45.97
N ALA A 366 48.62 15.25 47.23
CA ALA A 366 49.72 15.04 48.15
C ALA A 366 49.86 13.58 48.54
N GLN A 367 48.77 12.82 48.53
CA GLN A 367 48.85 11.46 49.02
C GLN A 367 49.39 10.49 47.99
N GLY A 368 49.39 10.85 46.72
CA GLY A 368 50.20 10.18 45.74
C GLY A 368 49.92 8.69 45.57
N GLY A 369 50.85 8.02 44.90
CA GLY A 369 50.65 6.63 44.50
C GLY A 369 51.78 5.68 44.82
N ALA A 370 52.96 6.20 45.18
CA ALA A 370 54.04 5.35 45.65
C ALA A 370 53.63 4.59 46.90
N MET A 371 52.90 5.26 47.79
CA MET A 371 52.01 4.63 48.74
C MET A 371 50.62 5.15 48.39
N THR A 372 49.86 4.31 47.69
CA THR A 372 48.84 4.78 46.76
C THR A 372 47.60 5.32 47.44
N GLU A 418 30.37 33.35 51.70
CA GLU A 418 31.56 32.77 51.09
C GLU A 418 32.12 33.66 50.00
N ILE A 419 31.30 34.56 49.46
CA ILE A 419 31.81 35.62 48.60
C ILE A 419 32.74 36.53 49.40
N GLU A 420 32.37 36.77 50.64
CA GLU A 420 33.25 37.32 51.67
C GLU A 420 34.13 36.17 52.16
N ASP A 459 39.16 37.94 51.43
CA ASP A 459 39.55 37.17 50.28
C ASP A 459 40.94 36.55 50.44
N LYS A 460 41.81 37.19 51.20
CA LYS A 460 43.19 36.72 51.36
C LYS A 460 43.29 35.97 52.69
N THR A 461 42.96 34.69 52.66
CA THR A 461 43.06 33.94 53.89
C THR A 461 44.54 33.83 54.18
N SER A 462 44.94 32.73 54.81
CA SER A 462 46.32 32.51 55.16
C SER A 462 46.53 31.08 55.55
N ILE A 463 47.37 30.35 54.82
CA ILE A 463 47.62 28.95 55.14
C ILE A 463 48.86 28.80 56.02
N ILE A 464 48.68 28.12 57.15
CA ILE A 464 49.78 27.93 58.07
C ILE A 464 50.38 26.57 57.89
N GLN A 465 49.52 25.62 57.65
CA GLN A 465 49.90 24.23 57.43
C GLN A 465 50.09 23.98 55.94
N PRO A 466 51.27 24.25 55.39
CA PRO A 466 51.49 23.97 53.97
C PRO A 466 51.31 22.48 53.70
N VAL A 467 50.80 22.20 52.50
CA VAL A 467 50.59 20.82 52.11
C VAL A 467 51.89 20.04 52.15
N SER A 468 53.02 20.74 52.05
CA SER A 468 54.32 20.10 52.10
C SER A 468 54.46 19.19 53.31
N SER A 469 53.82 19.57 54.42
CA SER A 469 53.83 18.72 55.61
C SER A 469 52.84 17.58 55.53
N THR A 470 51.92 17.59 54.57
CA THR A 470 50.95 16.53 54.42
C THR A 470 51.43 15.40 53.54
N ILE A 471 52.52 15.61 52.80
CA ILE A 471 53.11 14.57 51.99
C ILE A 471 53.45 13.38 52.88
N PRO A 472 52.85 12.22 52.67
CA PRO A 472 53.22 11.05 53.44
C PRO A 472 54.69 10.70 53.21
N SER A 473 55.30 10.16 54.26
CA SER A 473 56.72 9.84 54.21
C SER A 473 57.02 8.91 53.05
N GLN A 474 58.12 9.20 52.35
CA GLN A 474 58.63 8.44 51.22
C GLN A 474 57.53 8.05 50.23
N THR A 475 56.47 8.84 50.18
CA THR A 475 55.39 8.65 49.21
C THR A 475 55.51 9.70 48.13
N ILE A 476 55.42 9.28 46.88
CA ILE A 476 55.54 10.22 45.76
C ILE A 476 54.17 10.82 45.50
N PRO A 477 54.02 12.14 45.53
CA PRO A 477 52.72 12.76 45.30
C PRO A 477 52.29 12.55 43.87
N PHE A 478 51.06 12.99 43.58
CA PHE A 478 50.57 12.83 42.22
C PHE A 478 51.12 13.92 41.31
N LEU A 479 51.46 15.08 41.85
CA LEU A 479 51.98 16.18 41.05
C LEU A 479 53.34 16.58 41.63
N HIS A 480 54.41 15.99 41.12
CA HIS A 480 55.70 16.21 41.73
C HIS A 480 56.66 16.77 40.70
N ILE A 481 57.55 17.63 41.15
CA ILE A 481 58.64 18.10 40.30
C ILE A 481 59.76 17.09 40.35
N GLN A 482 60.42 16.88 39.23
CA GLN A 482 61.59 16.02 39.18
C GLN A 482 62.84 16.88 39.04
N LYS A 483 63.96 16.30 39.46
CA LYS A 483 65.25 16.99 39.43
C LYS A 483 66.27 16.07 38.80
N LYS A 484 67.14 16.63 37.97
CA LYS A 484 68.09 15.81 37.25
C LYS A 484 69.34 15.58 38.07
N THR A 485 69.85 14.36 38.03
CA THR A 485 71.16 14.02 38.57
C THR A 485 71.92 13.20 37.53
N LYS A 486 73.19 12.92 37.81
CA LYS A 486 74.01 12.18 36.85
C LYS A 486 73.35 10.86 36.46
N ASP A 487 72.65 10.22 37.38
CA ASP A 487 71.88 9.03 37.03
C ASP A 487 70.70 9.38 36.13
N GLY A 488 70.14 10.58 36.27
CA GLY A 488 68.99 10.97 35.49
C GLY A 488 68.01 11.80 36.28
N TRP A 489 66.73 11.64 35.97
CA TRP A 489 65.67 12.36 36.65
C TRP A 489 65.09 11.51 37.76
N GLU A 490 64.72 12.16 38.86
CA GLU A 490 64.08 11.47 39.96
C GLU A 490 63.33 12.47 40.79
N TYR A 491 62.39 11.96 41.57
CA TYR A 491 61.54 12.82 42.37
C TYR A 491 62.35 13.48 43.47
N ASN A 492 62.32 14.80 43.50
CA ASN A 492 62.92 15.59 44.57
C ASN A 492 61.80 16.03 45.48
N LYS A 493 62.01 15.87 46.78
CA LYS A 493 60.95 16.24 47.71
C LYS A 493 60.87 17.74 47.91
N LYS A 494 62.00 18.43 47.93
CA LYS A 494 61.96 19.85 48.24
C LYS A 494 61.27 20.64 47.15
N LEU A 495 61.71 20.47 45.90
CA LEU A 495 61.09 21.20 44.80
C LEU A 495 59.61 20.89 44.69
N SER A 496 59.24 19.62 44.76
CA SER A 496 57.84 19.27 44.64
C SER A 496 57.02 19.77 45.80
N SER A 497 57.58 19.79 47.00
CA SER A 497 56.88 20.39 48.12
C SER A 497 56.64 21.87 47.88
N LEU A 498 57.65 22.57 47.39
CA LEU A 498 57.45 23.96 47.00
C LEU A 498 56.35 24.11 45.98
N TYR A 499 56.41 23.32 44.92
CA TYR A 499 55.44 23.42 43.84
C TYR A 499 54.03 23.22 44.37
N LEU A 500 53.86 22.20 45.21
CA LEU A 500 52.55 21.97 45.81
C LEU A 500 52.13 23.13 46.70
N ASP A 501 53.06 23.74 47.42
CA ASP A 501 52.67 24.87 48.23
C ASP A 501 52.15 26.03 47.38
N GLY A 502 52.84 26.34 46.29
CA GLY A 502 52.32 27.33 45.37
C GLY A 502 50.96 26.97 44.83
N LEU A 503 50.76 25.69 44.50
CA LEU A 503 49.44 25.28 44.04
C LEU A 503 48.38 25.47 45.09
N GLU A 504 48.67 25.17 46.36
CA GLU A 504 47.66 25.36 47.38
C GLU A 504 47.34 26.84 47.55
N SER A 505 48.37 27.67 47.54
CA SER A 505 48.12 29.11 47.58
C SER A 505 47.26 29.55 46.43
N ALA A 506 47.55 29.07 45.23
CA ALA A 506 46.69 29.35 44.09
C ALA A 506 45.28 28.86 44.31
N ALA A 507 45.11 27.75 45.02
CA ALA A 507 43.79 27.21 45.24
C ALA A 507 42.98 28.09 46.17
N ILE A 508 43.55 28.54 47.28
CA ILE A 508 42.75 29.30 48.22
C ILE A 508 42.85 30.80 47.97
N ASN A 509 43.93 31.26 47.37
CA ASN A 509 44.08 32.68 47.07
C ASN A 509 44.14 32.95 45.58
N GLY A 510 45.02 32.29 44.85
CA GLY A 510 45.04 32.37 43.42
C GLY A 510 46.34 32.94 42.89
N LEU A 511 46.48 32.86 41.59
CA LEU A 511 47.67 33.33 40.89
C LEU A 511 47.42 34.71 40.31
N THR A 512 48.49 35.35 39.89
CA THR A 512 48.41 36.58 39.13
C THR A 512 49.44 36.58 38.02
N PHE A 513 49.01 36.94 36.83
CA PHE A 513 49.94 37.08 35.73
C PHE A 513 49.88 38.48 35.15
N LYS A 514 49.63 39.49 35.97
CA LYS A 514 49.67 40.86 35.51
C LYS A 514 51.00 41.11 34.80
N ASP A 515 50.92 41.74 33.64
CA ASP A 515 52.09 42.05 32.83
C ASP A 515 52.86 40.80 32.47
N LYS A 516 52.16 39.69 32.29
CA LYS A 516 52.76 38.48 31.77
C LYS A 516 52.36 38.35 30.32
N TYR A 517 53.35 38.38 29.43
CA TYR A 517 53.09 38.31 27.98
C TYR A 517 53.32 36.88 27.53
N VAL A 518 52.26 36.23 27.09
CA VAL A 518 52.26 34.80 26.82
C VAL A 518 51.83 34.55 25.39
N LEU A 519 52.47 33.58 24.75
CA LEU A 519 51.99 33.01 23.50
C LEU A 519 51.44 31.63 23.81
N VAL A 520 50.23 31.36 23.33
CA VAL A 520 49.57 30.08 23.52
C VAL A 520 49.19 29.55 22.15
N THR A 521 49.53 28.31 21.88
CA THR A 521 49.28 27.73 20.57
C THR A 521 48.52 26.43 20.73
N GLY A 522 47.63 26.16 19.77
CA GLY A 522 46.90 24.92 19.79
C GLY A 522 45.96 24.89 20.96
N ALA A 523 45.14 25.91 21.08
CA ALA A 523 44.19 26.04 22.17
C ALA A 523 42.76 25.90 21.66
N GLY A 524 42.54 24.97 20.76
CA GLY A 524 41.22 24.79 20.21
C GLY A 524 40.17 24.53 21.27
N ALA A 525 38.93 24.84 20.92
CA ALA A 525 37.83 24.64 21.85
C ALA A 525 37.78 23.17 22.25
N GLY A 526 37.49 22.93 23.53
CA GLY A 526 37.45 21.58 24.02
C GLY A 526 38.80 20.94 24.18
N SER A 527 39.87 21.72 24.20
CA SER A 527 41.21 21.22 24.37
C SER A 527 41.83 21.81 25.62
N ILE A 528 42.95 21.23 26.03
CA ILE A 528 43.63 21.72 27.22
C ILE A 528 44.02 23.18 27.04
N GLY A 529 44.72 23.49 25.95
CA GLY A 529 45.13 24.85 25.71
C GLY A 529 44.02 25.86 25.86
N ALA A 530 42.78 25.47 25.64
CA ALA A 530 41.67 26.35 25.86
C ALA A 530 41.37 26.56 27.34
N GLU A 531 41.75 25.62 28.19
CA GLU A 531 41.48 25.78 29.61
C GLU A 531 42.50 26.64 30.31
N ILE A 532 43.75 26.66 29.83
CA ILE A 532 44.71 27.58 30.40
C ILE A 532 44.48 28.99 29.90
N LEU A 533 43.85 29.15 28.74
CA LEU A 533 43.45 30.48 28.35
C LEU A 533 42.53 31.09 29.38
N GLN A 534 41.52 30.35 29.82
CA GLN A 534 40.71 30.89 30.90
C GLN A 534 41.56 31.20 32.12
N GLY A 535 42.66 30.49 32.29
CA GLY A 535 43.51 30.76 33.43
C GLY A 535 44.38 31.96 33.19
N LEU A 536 44.91 32.09 31.98
CA LEU A 536 45.78 33.22 31.71
C LEU A 536 45.02 34.52 31.74
N ILE A 537 43.86 34.55 31.07
CA ILE A 537 43.09 35.77 31.04
C ILE A 537 42.64 36.13 32.44
N SER A 538 42.10 35.16 33.18
CA SER A 538 41.55 35.50 34.48
C SER A 538 42.59 36.08 35.42
N GLY A 539 43.87 35.89 35.13
CA GLY A 539 44.90 36.38 36.01
C GLY A 539 45.38 37.74 35.61
N GLY A 540 45.16 38.11 34.36
CA GLY A 540 45.62 39.35 33.83
C GLY A 540 46.72 39.24 32.82
N ALA A 541 46.70 38.23 31.96
CA ALA A 541 47.80 37.99 31.06
C ALA A 541 47.73 38.93 29.86
N LYS A 542 48.69 38.75 28.96
CA LYS A 542 48.64 39.32 27.62
C LYS A 542 48.93 38.17 26.67
N VAL A 543 47.89 37.58 26.12
CA VAL A 543 47.97 36.29 25.48
C VAL A 543 47.91 36.48 23.98
N ILE A 544 48.77 35.76 23.27
CA ILE A 544 48.52 35.47 21.88
C ILE A 544 47.90 34.09 21.79
N VAL A 545 46.87 33.95 20.99
CA VAL A 545 46.24 32.67 20.75
C VAL A 545 46.48 32.30 19.31
N THR A 546 46.18 31.08 18.95
CA THR A 546 46.31 30.65 17.57
C THR A 546 45.32 29.55 17.27
N THR A 547 44.71 29.60 16.10
CA THR A 547 43.80 28.57 15.64
C THR A 547 44.29 28.00 14.32
N SER A 548 44.41 26.68 14.24
CA SER A 548 44.85 26.03 13.02
C SER A 548 43.86 26.41 11.91
N ARG A 549 42.61 26.64 12.31
CA ARG A 549 41.56 27.03 11.39
C ARG A 549 40.82 28.22 11.97
N PHE A 550 40.42 29.16 11.12
CA PHE A 550 39.73 30.35 11.60
C PHE A 550 38.41 30.59 10.89
N SER A 551 37.31 30.49 11.65
CA SER A 551 35.98 30.72 11.11
C SER A 551 35.25 31.66 12.05
N LYS A 552 33.95 31.78 11.84
CA LYS A 552 33.15 32.62 12.72
C LYS A 552 32.93 31.98 14.08
N LYS A 553 32.53 30.71 14.10
CA LYS A 553 32.28 30.04 15.37
C LYS A 553 33.52 29.97 16.23
N VAL A 554 34.71 29.98 15.63
CA VAL A 554 35.93 29.95 16.41
C VAL A 554 36.12 31.25 17.16
N THR A 555 36.18 32.35 16.41
CA THR A 555 36.41 33.62 17.05
C THR A 555 35.31 34.01 17.99
N GLU A 556 34.05 33.67 17.69
CA GLU A 556 33.02 34.00 18.66
C GLU A 556 33.13 33.17 19.93
N TYR A 557 33.59 31.93 19.82
CA TYR A 557 33.85 31.17 21.03
C TYR A 557 34.92 31.86 21.87
N TYR A 558 36.00 32.26 21.23
CA TYR A 558 37.01 33.03 21.95
C TYR A 558 36.44 34.30 22.55
N GLN A 559 35.54 34.96 21.85
CA GLN A 559 34.96 36.19 22.37
C GLN A 559 34.11 35.92 23.60
N ASN A 560 33.32 34.85 23.56
CA ASN A 560 32.57 34.47 24.74
C ASN A 560 33.51 34.21 25.90
N MET A 561 34.61 33.51 25.64
CA MET A 561 35.55 33.28 26.71
C MET A 561 36.09 34.58 27.27
N TYR A 562 36.45 35.50 26.41
CA TYR A 562 37.04 36.73 26.90
C TYR A 562 36.03 37.64 27.59
N ALA A 563 34.76 37.51 27.25
CA ALA A 563 33.75 38.26 27.98
C ALA A 563 33.37 37.61 29.29
N ARG A 564 33.63 36.31 29.43
CA ARG A 564 33.30 35.63 30.67
C ARG A 564 34.47 35.52 31.63
N TYR A 565 35.69 35.77 31.17
CA TYR A 565 36.85 35.66 32.04
C TYR A 565 37.90 36.72 31.76
N GLY A 566 37.52 37.82 31.12
CA GLY A 566 38.49 38.83 30.74
C GLY A 566 38.88 39.74 31.88
N ALA A 567 39.74 39.29 32.78
CA ALA A 567 40.11 40.09 33.93
C ALA A 567 40.71 41.42 33.50
N ALA A 568 40.51 42.42 34.33
CA ALA A 568 40.92 43.78 34.00
C ALA A 568 42.41 43.83 33.73
N GLY A 569 42.78 44.42 32.61
CA GLY A 569 44.16 44.44 32.15
C GLY A 569 44.47 43.34 31.17
N SER A 570 43.75 42.24 31.21
CA SER A 570 44.03 41.12 30.32
C SER A 570 43.68 41.51 28.90
N THR A 571 44.47 41.02 27.96
CA THR A 571 44.18 41.20 26.55
C THR A 571 44.35 39.88 25.83
N LEU A 572 43.47 39.60 24.91
CA LEU A 572 43.53 38.39 24.12
C LEU A 572 43.74 38.78 22.68
N ILE A 573 44.39 37.90 21.92
CA ILE A 573 44.55 38.10 20.49
C ILE A 573 44.38 36.75 19.81
N VAL A 574 43.37 36.65 18.97
CA VAL A 574 43.17 35.47 18.14
C VAL A 574 43.79 35.75 16.79
N VAL A 575 44.61 34.83 16.31
CA VAL A 575 45.24 35.02 15.01
C VAL A 575 45.18 33.70 14.24
N PRO A 576 44.92 33.71 12.95
CA PRO A 576 45.09 32.49 12.18
C PRO A 576 46.55 32.19 12.01
N PHE A 577 46.92 30.95 12.28
CA PHE A 577 48.32 30.53 12.20
C PHE A 577 48.37 29.02 12.10
N ASN A 578 48.96 28.53 11.03
CA ASN A 578 49.23 27.11 10.89
C ASN A 578 50.65 26.84 11.35
N GLN A 579 50.80 25.99 12.35
CA GLN A 579 52.13 25.66 12.84
C GLN A 579 52.91 24.81 11.86
N GLY A 580 52.30 24.33 10.80
CA GLY A 580 53.04 23.51 9.89
C GLY A 580 53.94 24.26 8.94
N SER A 581 53.87 25.57 8.92
CA SER A 581 54.58 26.35 7.93
C SER A 581 55.74 27.13 8.53
N LYS A 582 56.95 26.78 8.10
CA LYS A 582 58.10 27.64 8.32
C LYS A 582 57.77 29.10 8.12
N GLN A 583 56.99 29.42 7.09
CA GLN A 583 56.69 30.81 6.79
C GLN A 583 55.63 31.39 7.70
N ASP A 584 54.74 30.58 8.27
CA ASP A 584 53.86 31.11 9.28
C ASP A 584 54.60 31.48 10.56
N VAL A 585 55.52 30.63 10.99
CA VAL A 585 56.28 30.94 12.17
C VAL A 585 57.20 32.14 11.95
N ASP A 586 57.84 32.24 10.79
CA ASP A 586 58.65 33.43 10.53
C ASP A 586 57.83 34.69 10.71
N ALA A 587 56.63 34.71 10.15
CA ALA A 587 55.83 35.91 10.14
C ALA A 587 55.15 36.16 11.47
N LEU A 588 54.83 35.13 12.23
CA LEU A 588 54.09 35.33 13.46
C LEU A 588 54.89 36.08 14.51
N VAL A 589 56.08 35.60 14.84
CA VAL A 589 56.87 36.32 15.82
C VAL A 589 57.19 37.72 15.35
N GLN A 590 57.43 37.91 14.05
CA GLN A 590 57.56 39.27 13.59
C GLN A 590 56.36 40.10 13.92
N TYR A 591 55.16 39.62 13.59
CA TYR A 591 53.96 40.31 13.97
C TYR A 591 53.85 40.51 15.48
N ILE A 592 54.56 39.72 16.27
CA ILE A 592 54.54 39.90 17.71
C ILE A 592 55.62 40.86 18.17
N TYR A 593 56.83 40.73 17.67
CA TYR A 593 57.91 41.54 18.19
C TYR A 593 58.12 42.84 17.43
N ASP A 594 57.51 43.00 16.27
CA ASP A 594 57.67 44.25 15.55
C ASP A 594 56.84 45.35 16.21
N GLU A 595 57.14 46.58 15.81
CA GLU A 595 56.52 47.74 16.43
C GLU A 595 55.13 47.98 15.87
N PRO A 596 54.28 48.65 16.65
CA PRO A 596 52.97 49.03 16.11
C PRO A 596 53.08 49.92 14.90
N LYS A 597 54.07 50.81 14.85
CA LYS A 597 54.24 51.66 13.69
C LYS A 597 54.54 50.87 12.43
N LYS A 598 55.02 49.64 12.56
CA LYS A 598 55.19 48.76 11.42
C LYS A 598 54.14 47.66 11.39
N GLY A 599 53.14 47.74 12.25
CA GLY A 599 52.08 46.75 12.28
C GLY A 599 52.28 45.64 13.28
N GLY A 600 53.41 45.62 13.98
CA GLY A 600 53.68 44.60 14.96
C GLY A 600 52.82 44.76 16.19
N LEU A 601 53.34 44.33 17.33
CA LEU A 601 52.60 44.41 18.57
C LEU A 601 53.40 45.00 19.71
N GLY A 602 54.70 45.15 19.56
CA GLY A 602 55.50 45.69 20.64
C GLY A 602 55.54 44.81 21.86
N TRP A 603 55.05 43.59 21.74
CA TRP A 603 55.02 42.69 22.88
C TRP A 603 56.41 42.12 23.13
N ASP A 604 56.53 41.35 24.19
CA ASP A 604 57.77 40.62 24.45
C ASP A 604 57.40 39.41 25.30
N LEU A 605 57.41 38.24 24.67
CA LEU A 605 56.80 37.06 25.27
C LEU A 605 57.53 36.66 26.54
N ASP A 606 56.78 36.53 27.62
CA ASP A 606 57.31 36.03 28.87
C ASP A 606 57.15 34.53 28.99
N ALA A 607 56.24 33.92 28.24
CA ALA A 607 56.01 32.50 28.38
C ALA A 607 55.35 31.99 27.11
N ILE A 608 55.79 30.82 26.67
CA ILE A 608 55.29 30.22 25.45
C ILE A 608 54.64 28.89 25.81
N ILE A 609 53.51 28.60 25.18
CA ILE A 609 52.82 27.34 25.45
C ILE A 609 52.46 26.69 24.13
N PRO A 610 53.40 26.13 23.44
CA PRO A 610 53.12 25.56 22.12
C PRO A 610 52.54 24.15 22.16
N PHE A 611 51.24 24.05 22.29
CA PHE A 611 50.61 22.76 22.50
C PHE A 611 50.10 22.10 21.21
N ALA A 612 50.05 22.82 20.10
CA ALA A 612 49.29 22.34 18.95
C ALA A 612 49.79 21.00 18.47
N ALA A 613 48.85 20.12 18.13
CA ALA A 613 49.18 18.77 17.72
C ALA A 613 48.07 18.21 16.86
N ILE A 614 48.37 17.12 16.18
CA ILE A 614 47.45 16.51 15.24
C ILE A 614 46.94 15.21 15.80
N PRO A 615 45.67 14.92 15.71
CA PRO A 615 45.23 13.56 15.99
C PRO A 615 45.62 12.67 14.84
N GLU A 616 46.66 11.88 15.02
CA GLU A 616 47.01 10.85 14.06
C GLU A 616 46.90 9.52 14.75
N ASN A 617 46.28 8.55 14.08
CA ASN A 617 46.00 7.30 14.75
C ASN A 617 45.96 6.19 13.74
N GLY A 618 46.25 4.98 14.20
CA GLY A 618 46.27 3.84 13.32
C GLY A 618 47.45 3.78 12.38
N ASN A 619 48.30 4.80 12.36
CA ASN A 619 49.49 4.76 11.52
C ASN A 619 50.59 4.06 12.28
N GLY A 620 50.63 2.73 12.17
CA GLY A 620 51.66 1.96 12.81
C GLY A 620 53.03 2.26 12.23
N LEU A 621 54.00 1.45 12.64
CA LEU A 621 55.37 1.69 12.21
C LEU A 621 55.50 1.59 10.70
N ASP A 622 54.77 0.69 10.06
CA ASP A 622 54.93 0.51 8.63
C ASP A 622 54.11 1.50 7.82
N ASN A 623 53.14 2.17 8.43
CA ASN A 623 52.26 3.09 7.73
C ASN A 623 52.51 4.53 8.15
N ILE A 624 53.78 4.89 8.37
CA ILE A 624 54.09 6.29 8.58
C ILE A 624 53.83 7.01 7.27
N ASP A 625 52.75 7.77 7.21
CA ASP A 625 52.28 8.35 5.97
C ASP A 625 52.54 9.85 5.99
N SER A 626 52.03 10.54 4.99
CA SER A 626 52.20 11.97 4.94
C SER A 626 51.58 12.66 6.13
N LYS A 627 50.43 12.21 6.60
CA LYS A 627 49.89 12.82 7.79
C LYS A 627 50.85 12.71 8.96
N SER A 628 51.56 11.60 9.06
CA SER A 628 52.54 11.45 10.12
C SER A 628 53.70 12.42 9.99
N GLU A 629 54.27 12.56 8.80
CA GLU A 629 55.35 13.53 8.65
C GLU A 629 54.88 14.94 8.93
N PHE A 630 53.68 15.30 8.48
CA PHE A 630 53.12 16.59 8.83
C PHE A 630 52.94 16.77 10.32
N ALA A 631 52.49 15.74 11.01
CA ALA A 631 52.33 15.85 12.44
C ALA A 631 53.65 16.02 13.14
N HIS A 632 54.66 15.26 12.72
CA HIS A 632 55.98 15.46 13.27
C HIS A 632 56.43 16.89 13.05
N ARG A 633 56.14 17.44 11.88
CA ARG A 633 56.54 18.80 11.62
C ARG A 633 55.86 19.76 12.57
N ILE A 634 54.55 19.62 12.75
CA ILE A 634 53.83 20.51 13.64
C ILE A 634 54.36 20.40 15.05
N MET A 635 54.64 19.20 15.50
CA MET A 635 54.89 19.02 16.91
C MET A 635 56.34 19.23 17.29
N LEU A 636 57.29 18.85 16.45
CA LEU A 636 58.69 19.07 16.81
C LEU A 636 59.43 20.00 15.87
N THR A 637 59.60 19.64 14.60
CA THR A 637 60.59 20.36 13.83
C THR A 637 60.13 21.74 13.43
N ASN A 638 58.89 22.07 13.73
CA ASN A 638 58.43 23.43 13.58
C ASN A 638 58.25 24.08 14.93
N LEU A 639 58.05 23.29 15.98
CA LEU A 639 57.99 23.87 17.31
C LEU A 639 59.33 24.42 17.72
N LEU A 640 60.40 23.66 17.48
CA LEU A 640 61.71 24.18 17.80
C LEU A 640 62.02 25.42 17.00
N ARG A 641 61.59 25.48 15.74
CA ARG A 641 61.82 26.67 14.96
C ARG A 641 61.14 27.88 15.58
N LEU A 642 59.96 27.69 16.15
CA LEU A 642 59.31 28.81 16.82
C LEU A 642 60.17 29.36 17.94
N LEU A 643 60.75 28.49 18.75
CA LEU A 643 61.61 28.97 19.83
C LEU A 643 62.88 29.58 19.29
N GLY A 644 63.49 28.95 18.29
CA GLY A 644 64.66 29.52 17.67
C GLY A 644 64.43 30.85 17.03
N ALA A 645 63.18 31.15 16.69
CA ALA A 645 62.83 32.47 16.23
C ALA A 645 62.64 33.44 17.36
N VAL A 646 61.81 33.09 18.33
CA VAL A 646 61.59 33.98 19.46
C VAL A 646 62.89 34.37 20.11
N LYS A 647 63.83 33.44 20.21
CA LYS A 647 65.14 33.81 20.74
C LYS A 647 65.77 34.90 19.90
N SER A 648 65.79 34.70 18.58
CA SER A 648 66.38 35.71 17.72
C SER A 648 65.72 37.06 17.89
N LYS A 649 64.40 37.10 18.04
CA LYS A 649 63.69 38.35 18.20
C LYS A 649 64.01 39.02 19.52
N LYS A 650 64.55 38.29 20.48
CA LYS A 650 64.87 38.90 21.76
C LYS A 650 66.19 39.63 21.66
N THR A 651 66.35 40.64 22.49
CA THR A 651 67.58 41.41 22.54
C THR A 651 68.08 41.62 23.95
N THR A 652 67.21 41.61 24.94
CA THR A 652 67.58 41.85 26.32
C THR A 652 67.53 40.55 27.11
N ASP A 653 68.54 40.34 27.94
CA ASP A 653 68.62 39.09 28.67
C ASP A 653 68.02 39.17 30.06
N THR A 654 67.17 40.16 30.32
CA THR A 654 66.51 40.23 31.60
C THR A 654 65.13 39.61 31.59
N ARG A 655 64.52 39.47 30.42
CA ARG A 655 63.17 38.95 30.29
C ARG A 655 63.23 37.61 29.57
N PRO A 656 63.47 36.51 30.26
CA PRO A 656 63.49 35.22 29.60
C PRO A 656 62.08 34.67 29.42
N ALA A 657 61.89 33.96 28.33
CA ALA A 657 60.59 33.45 27.95
C ALA A 657 60.49 32.00 28.42
N GLN A 658 59.71 31.77 29.47
CA GLN A 658 59.58 30.42 30.00
C GLN A 658 58.78 29.56 29.06
N CYS A 659 59.44 28.62 28.38
CA CYS A 659 58.73 27.70 27.53
C CYS A 659 58.02 26.65 28.38
N ILE A 660 56.90 26.15 27.89
CA ILE A 660 56.18 25.08 28.54
C ILE A 660 56.06 23.95 27.53
N LEU A 661 56.58 22.85 27.84
CA LEU A 661 56.62 21.87 26.78
C LEU A 661 55.74 20.69 27.10
N PRO A 662 54.72 20.45 26.33
CA PRO A 662 53.80 19.35 26.62
C PRO A 662 54.43 17.99 26.43
N LEU A 663 55.27 17.59 27.38
CA LEU A 663 55.89 16.29 27.31
C LEU A 663 54.86 15.19 27.55
N SER A 664 55.32 13.94 27.45
CA SER A 664 54.45 12.83 27.69
C SER A 664 55.21 11.70 28.37
N PRO A 665 54.55 10.93 29.23
CA PRO A 665 55.21 9.81 29.89
C PRO A 665 55.21 8.53 29.06
N ASN A 666 54.53 8.52 27.92
CA ASN A 666 54.38 7.31 27.11
C ASN A 666 55.17 7.50 25.83
N HIS A 667 56.39 7.00 25.85
CA HIS A 667 57.24 7.02 24.67
C HIS A 667 57.06 5.68 23.97
N GLY A 668 56.14 5.65 23.02
CA GLY A 668 55.88 4.42 22.31
C GLY A 668 55.32 3.32 23.16
N THR A 669 54.97 3.60 24.41
CA THR A 669 54.40 2.58 25.26
C THR A 669 52.99 2.23 24.86
N PHE A 670 52.29 3.13 24.19
CA PHE A 670 51.00 2.80 23.61
C PHE A 670 51.21 2.16 22.25
N GLY A 671 50.14 2.03 21.49
CA GLY A 671 50.21 1.30 20.26
C GLY A 671 50.52 2.14 19.06
N PHE A 672 49.57 2.21 18.14
CA PHE A 672 49.80 2.79 16.81
C PHE A 672 49.40 4.25 16.85
N ASP A 673 50.38 5.12 17.00
CA ASP A 673 50.15 6.54 16.97
C ASP A 673 51.07 7.26 16.00
N GLY A 674 51.80 6.54 15.18
CA GLY A 674 52.68 7.19 14.23
C GLY A 674 53.88 7.79 14.90
N LEU A 675 54.32 8.95 14.42
CA LEU A 675 55.53 9.59 14.93
C LEU A 675 55.27 10.39 16.19
N TYR A 676 54.14 10.17 16.85
CA TYR A 676 53.86 10.90 18.07
C TYR A 676 54.96 10.70 19.10
N SER A 677 55.47 9.47 19.21
CA SER A 677 56.52 9.22 20.18
C SER A 677 57.79 10.00 19.87
N GLU A 678 58.51 9.64 18.80
CA GLU A 678 59.78 10.30 18.57
C GLU A 678 59.61 11.77 18.24
N SER A 679 58.38 12.28 18.29
CA SER A 679 58.21 13.71 18.38
C SER A 679 58.22 14.18 19.82
N LYS A 680 57.29 13.74 20.65
CA LYS A 680 57.24 14.23 22.02
C LYS A 680 58.49 13.91 22.80
N ILE A 681 59.19 12.83 22.46
CA ILE A 681 60.38 12.50 23.22
C ILE A 681 61.58 13.31 22.77
N SER A 682 61.60 13.81 21.55
CA SER A 682 62.70 14.64 21.12
C SER A 682 62.66 16.01 21.78
N LEU A 683 61.54 16.35 22.41
CA LEU A 683 61.42 17.61 23.12
C LEU A 683 62.25 17.65 24.38
N GLU A 684 62.66 16.52 24.91
CA GLU A 684 63.44 16.52 26.13
C GLU A 684 64.87 16.96 25.93
N THR A 685 65.38 16.92 24.70
CA THR A 685 66.75 17.31 24.47
C THR A 685 67.02 18.74 24.89
N LEU A 686 66.00 19.58 24.93
CA LEU A 686 66.22 20.96 25.30
C LEU A 686 66.91 21.10 26.64
N PHE A 687 66.53 20.28 27.61
CA PHE A 687 67.13 20.39 28.93
C PHE A 687 68.63 20.40 28.84
N ASN A 688 69.22 19.40 28.20
CA ASN A 688 70.66 19.44 27.99
C ASN A 688 71.06 20.58 27.08
N ARG A 689 70.23 20.93 26.11
CA ARG A 689 70.62 21.98 25.20
C ARG A 689 70.61 23.35 25.87
N TRP A 690 69.75 23.56 26.86
CA TRP A 690 69.75 24.82 27.61
C TRP A 690 71.12 25.09 28.20
N TYR A 691 71.87 24.05 28.50
CA TYR A 691 73.24 24.24 28.93
C TYR A 691 74.19 24.30 27.75
N SER A 692 74.05 23.37 26.81
CA SER A 692 75.00 23.30 25.71
C SER A 692 75.03 24.56 24.87
N GLU A 693 73.90 25.19 24.63
CA GLU A 693 73.82 26.28 23.69
C GLU A 693 73.91 27.62 24.43
N ASP A 694 73.63 28.69 23.71
CA ASP A 694 73.91 30.04 24.17
C ASP A 694 72.69 30.78 24.66
N TRP A 695 71.51 30.22 24.48
CA TRP A 695 70.29 30.95 24.78
C TRP A 695 69.79 30.64 26.17
N GLY A 696 70.70 30.30 27.07
CA GLY A 696 70.29 29.93 28.42
C GLY A 696 69.51 31.02 29.12
N SER A 697 69.76 32.27 28.78
CA SER A 697 69.09 33.39 29.44
C SER A 697 67.94 33.96 28.62
N LYS A 698 67.90 33.69 27.33
CA LYS A 698 66.77 34.14 26.53
C LYS A 698 65.55 33.30 26.81
N LEU A 699 65.74 31.98 26.86
CA LEU A 699 64.67 31.03 27.08
C LEU A 699 64.95 30.28 28.36
N THR A 700 63.91 29.93 29.09
CA THR A 700 64.02 28.93 30.14
C THR A 700 62.97 27.85 29.91
N VAL A 701 63.44 26.63 29.77
CA VAL A 701 62.57 25.50 29.49
C VAL A 701 61.90 25.07 30.78
N CYS A 702 60.60 24.82 30.72
CA CYS A 702 59.85 24.33 31.88
C CYS A 702 58.95 23.22 31.37
N GLY A 703 59.48 22.01 31.33
CA GLY A 703 58.75 20.90 30.75
C GLY A 703 57.65 20.38 31.64
N ALA A 704 56.47 20.21 31.07
CA ALA A 704 55.37 19.57 31.77
C ALA A 704 55.09 18.21 31.15
N VAL A 705 54.84 17.21 32.00
CA VAL A 705 54.49 15.90 31.50
C VAL A 705 53.02 15.66 31.77
N ILE A 706 52.17 16.03 30.82
CA ILE A 706 50.74 15.97 31.03
C ILE A 706 50.30 14.52 31.06
N GLY A 707 49.58 14.15 32.11
CA GLY A 707 49.17 12.77 32.28
C GLY A 707 47.87 12.43 31.60
N TRP A 708 47.15 11.46 32.14
CA TRP A 708 45.90 11.02 31.54
C TRP A 708 44.88 12.14 31.65
N THR A 709 44.64 12.83 30.55
CA THR A 709 43.63 13.86 30.50
C THR A 709 42.36 13.28 29.90
N ARG A 710 41.28 13.29 30.67
CA ARG A 710 39.99 12.83 30.17
C ARG A 710 39.38 13.96 29.38
N GLY A 711 40.17 14.56 28.49
CA GLY A 711 39.71 15.66 27.67
C GLY A 711 39.27 15.22 26.29
N THR A 712 38.76 16.15 25.50
CA THR A 712 38.30 15.86 24.15
C THR A 712 39.42 16.05 23.14
N GLY A 713 39.25 15.48 21.95
CA GLY A 713 40.24 15.57 20.90
C GLY A 713 41.53 14.87 21.25
N LEU A 714 42.65 15.43 20.80
CA LEU A 714 43.96 14.85 21.06
C LEU A 714 43.94 13.32 20.97
N MET A 715 43.68 12.67 22.09
CA MET A 715 43.62 11.21 22.14
C MET A 715 42.53 10.76 23.11
N SER A 716 41.61 11.66 23.42
CA SER A 716 40.52 11.35 24.35
C SER A 716 39.85 10.03 24.01
N ALA A 717 40.19 9.48 22.85
CA ALA A 717 39.60 8.21 22.44
C ALA A 717 39.39 7.20 23.56
N ASN A 718 39.69 7.54 24.81
CA ASN A 718 39.70 6.54 25.86
C ASN A 718 38.92 6.93 27.11
N ASN A 719 37.95 7.84 27.01
CA ASN A 719 37.24 8.28 28.20
C ASN A 719 36.52 7.14 28.91
N ILE A 720 36.33 5.99 28.25
CA ILE A 720 35.53 4.93 28.85
C ILE A 720 36.32 4.06 29.80
N ILE A 721 37.65 4.04 29.70
CA ILE A 721 38.48 3.20 30.56
C ILE A 721 39.15 4.01 31.66
N ALA A 722 38.87 5.31 31.72
CA ALA A 722 39.42 6.10 32.80
C ALA A 722 38.87 5.66 34.14
N GLU A 723 37.56 5.52 34.24
CA GLU A 723 36.96 4.96 35.44
C GLU A 723 37.61 3.63 35.80
N GLY A 724 38.00 2.85 34.80
CA GLY A 724 38.62 1.56 35.08
C GLY A 724 39.99 1.71 35.71
N ILE A 725 40.91 2.37 35.00
CA ILE A 725 42.28 2.46 35.52
C ILE A 725 42.38 3.29 36.78
N GLU A 726 41.41 4.17 37.05
CA GLU A 726 41.46 4.89 38.31
C GLU A 726 41.31 3.96 39.51
N LYS A 727 40.90 2.72 39.29
CA LYS A 727 40.74 1.78 40.39
C LYS A 727 42.06 1.20 40.85
N LEU A 728 43.15 1.48 40.16
CA LEU A 728 44.46 1.06 40.65
C LEU A 728 45.06 2.04 41.64
N GLY A 729 44.27 2.98 42.15
CA GLY A 729 44.81 4.05 42.95
C GLY A 729 45.50 5.12 42.15
N VAL A 730 45.54 5.00 40.83
CA VAL A 730 46.11 6.01 39.96
C VAL A 730 44.99 7.00 39.64
N ARG A 731 45.38 8.23 39.32
CA ARG A 731 44.39 9.27 39.09
C ARG A 731 44.57 9.91 37.73
N THR A 732 43.44 10.23 37.11
CA THR A 732 43.41 11.03 35.90
C THR A 732 43.11 12.47 36.27
N PHE A 733 42.85 13.29 35.24
CA PHE A 733 42.54 14.68 35.46
C PHE A 733 41.54 15.15 34.43
N SER A 734 40.65 16.04 34.85
CA SER A 734 39.80 16.72 33.91
C SER A 734 40.62 17.77 33.19
N GLN A 735 39.99 18.44 32.23
CA GLN A 735 40.70 19.49 31.52
C GLN A 735 40.97 20.69 32.41
N LYS A 736 40.00 21.08 33.24
CA LYS A 736 40.26 22.15 34.19
C LYS A 736 41.33 21.77 35.19
N GLU A 737 41.34 20.53 35.64
CA GLU A 737 42.36 20.12 36.58
C GLU A 737 43.75 20.16 35.94
N MET A 738 43.87 19.64 34.72
CA MET A 738 45.16 19.75 34.05
C MET A 738 45.53 21.18 33.74
N ALA A 739 44.56 22.05 33.53
CA ALA A 739 44.89 23.45 33.37
C ALA A 739 45.46 24.01 34.66
N PHE A 740 44.85 23.68 35.78
CA PHE A 740 45.36 24.16 37.04
C PHE A 740 46.76 23.65 37.29
N ASN A 741 46.97 22.37 37.06
CA ASN A 741 48.26 21.78 37.29
C ASN A 741 49.35 22.47 36.49
N ILE A 742 49.04 22.95 35.30
CA ILE A 742 50.06 23.62 34.52
C ILE A 742 50.19 25.09 34.89
N LEU A 743 49.08 25.79 35.07
CA LEU A 743 49.14 27.17 35.53
C LEU A 743 49.95 27.28 36.80
N GLY A 744 50.00 26.23 37.60
CA GLY A 744 50.93 26.22 38.69
C GLY A 744 52.37 26.42 38.29
N LEU A 745 52.73 26.16 37.03
CA LEU A 745 54.08 26.35 36.57
C LEU A 745 54.39 27.80 36.26
N LEU A 746 53.57 28.73 36.75
CA LEU A 746 53.80 30.14 36.53
C LEU A 746 53.93 30.93 37.82
N THR A 747 53.86 30.25 38.95
CA THR A 747 54.02 30.95 40.21
C THR A 747 55.36 31.66 40.23
N PRO A 748 55.42 32.86 40.78
CA PRO A 748 56.66 33.66 40.70
C PRO A 748 57.87 32.99 41.27
N GLU A 749 57.71 31.90 42.03
CA GLU A 749 58.87 31.18 42.54
C GLU A 749 59.28 30.05 41.62
N ILE A 750 58.33 29.28 41.10
CA ILE A 750 58.67 28.35 40.03
C ILE A 750 59.31 29.09 38.88
N VAL A 751 58.80 30.27 38.57
CA VAL A 751 59.35 31.07 37.49
C VAL A 751 60.84 31.27 37.71
N GLN A 752 61.21 31.77 38.89
CA GLN A 752 62.62 31.94 39.18
C GLN A 752 63.37 30.63 39.12
N LEU A 753 62.80 29.58 39.71
CA LEU A 753 63.44 28.28 39.72
C LEU A 753 63.81 27.85 38.31
N CYS A 754 62.93 28.11 37.35
CA CYS A 754 63.26 27.79 35.97
C CYS A 754 64.37 28.68 35.45
N GLN A 755 64.43 29.92 35.91
CA GLN A 755 65.39 30.86 35.37
C GLN A 755 66.82 30.52 35.69
N GLU A 756 67.06 29.46 36.46
CA GLU A 756 68.40 28.96 36.69
C GLU A 756 68.54 27.48 36.43
N GLU A 757 67.44 26.74 36.41
CA GLU A 757 67.49 25.32 36.14
C GLU A 757 66.38 24.94 35.18
N PRO A 758 66.68 24.16 34.15
CA PRO A 758 65.61 23.52 33.40
C PRO A 758 64.83 22.62 34.34
N VAL A 759 63.51 22.69 34.26
CA VAL A 759 62.65 22.06 35.25
C VAL A 759 61.79 21.03 34.58
N MET A 760 61.99 19.77 34.94
CA MET A 760 61.09 18.70 34.56
C MET A 760 59.97 18.65 35.59
N ALA A 761 58.73 18.75 35.14
CA ALA A 761 57.57 18.72 36.03
C ALA A 761 56.74 17.50 35.63
N ASP A 762 56.59 16.56 36.55
CA ASP A 762 55.83 15.34 36.25
C ASP A 762 54.43 15.48 36.83
N LEU A 763 53.49 15.84 35.96
CA LEU A 763 52.09 15.86 36.34
C LEU A 763 51.40 14.54 36.04
N ASN A 764 52.14 13.53 35.62
CA ASN A 764 51.53 12.23 35.38
C ASN A 764 51.12 11.63 36.70
N GLY A 765 49.83 11.36 36.85
CA GLY A 765 49.29 11.04 38.15
C GLY A 765 49.68 9.68 38.67
N GLY A 766 50.95 9.34 38.61
CA GLY A 766 51.39 8.06 39.08
C GLY A 766 51.19 6.93 38.11
N LEU A 767 50.74 7.22 36.89
CA LEU A 767 50.58 6.15 35.92
C LEU A 767 51.88 5.44 35.61
N GLN A 768 53.01 6.07 35.86
CA GLN A 768 54.29 5.46 35.55
C GLN A 768 54.63 4.29 36.45
N PHE A 769 53.78 3.98 37.42
CA PHE A 769 54.00 2.84 38.29
C PHE A 769 53.18 1.63 37.88
N ILE A 770 52.67 1.62 36.65
CA ILE A 770 51.91 0.50 36.13
C ILE A 770 52.73 -0.17 35.05
N ASP A 771 53.14 -1.40 35.30
CA ASP A 771 53.82 -2.17 34.27
C ASP A 771 52.86 -2.42 33.12
N ASN A 772 53.43 -2.53 31.91
CA ASN A 772 52.73 -2.83 30.66
C ASN A 772 51.33 -2.23 30.64
N LEU A 773 51.24 -0.93 30.92
CA LEU A 773 49.97 -0.24 30.90
C LEU A 773 49.21 -0.48 29.61
N LYS A 774 49.93 -0.69 28.51
CA LYS A 774 49.27 -1.02 27.24
C LYS A 774 48.36 -2.23 27.41
N ASP A 775 48.90 -3.33 27.91
CA ASP A 775 48.08 -4.51 28.14
C ASP A 775 46.94 -4.23 29.08
N PHE A 776 47.17 -3.44 30.11
CA PHE A 776 46.13 -3.15 31.06
C PHE A 776 44.96 -2.43 30.39
N THR A 777 45.22 -1.32 29.71
CA THR A 777 44.18 -0.62 28.99
C THR A 777 43.53 -1.48 27.93
N SER A 778 44.31 -2.28 27.20
CA SER A 778 43.72 -3.10 26.16
C SER A 778 42.72 -4.07 26.74
N LYS A 779 43.09 -4.77 27.82
CA LYS A 779 42.16 -5.71 28.40
C LYS A 779 40.99 -5.01 29.07
N LEU A 780 41.19 -3.81 29.60
CA LEU A 780 40.07 -3.07 30.15
C LEU A 780 39.05 -2.74 29.08
N ARG A 781 39.51 -2.15 27.99
CA ARG A 781 38.58 -1.85 26.90
C ARG A 781 37.97 -3.12 26.33
N THR A 782 38.74 -4.20 26.28
CA THR A 782 38.22 -5.46 25.76
C THR A 782 37.07 -5.96 26.63
N ASP A 783 37.27 -6.01 27.94
CA ASP A 783 36.20 -6.46 28.82
C ASP A 783 35.01 -5.52 28.76
N LEU A 784 35.26 -4.22 28.64
CA LEU A 784 34.14 -3.31 28.52
C LEU A 784 33.31 -3.59 27.29
N LEU A 785 33.93 -3.77 26.14
CA LEU A 785 33.21 -4.14 24.94
C LEU A 785 32.55 -5.51 25.05
N GLU A 786 33.20 -6.44 25.75
CA GLU A 786 32.64 -7.78 25.89
C GLU A 786 31.43 -7.80 26.80
N THR A 787 31.33 -6.87 27.73
CA THR A 787 30.07 -6.76 28.45
C THR A 787 29.04 -6.01 27.63
N ALA A 788 29.44 -4.95 26.95
CA ALA A 788 28.51 -4.19 26.14
C ALA A 788 27.82 -5.05 25.10
N ASP A 789 28.59 -5.75 24.27
CA ASP A 789 28.00 -6.52 23.18
C ASP A 789 27.16 -7.68 23.67
N ILE A 790 27.57 -8.37 24.75
CA ILE A 790 26.75 -9.49 25.19
C ILE A 790 25.47 -8.98 25.83
N ARG A 791 25.53 -7.90 26.60
CA ARG A 791 24.30 -7.35 27.14
C ARG A 791 23.41 -6.80 26.05
N ARG A 792 23.99 -6.45 24.91
CA ARG A 792 23.18 -6.04 23.77
C ARG A 792 22.53 -7.23 23.09
N ALA A 793 23.33 -8.26 22.81
CA ALA A 793 22.84 -9.39 22.03
C ALA A 793 21.86 -10.25 22.83
N VAL A 794 22.13 -10.48 24.12
CA VAL A 794 21.20 -11.24 24.93
C VAL A 794 19.88 -10.50 25.05
N SER A 795 19.94 -9.18 25.20
CA SER A 795 18.73 -8.38 25.16
C SER A 795 17.97 -8.54 23.86
N ILE A 796 18.67 -8.47 22.72
CA ILE A 796 18.01 -8.64 21.44
C ILE A 796 17.35 -10.02 21.36
N GLU A 797 18.07 -11.05 21.79
CA GLU A 797 17.55 -12.40 21.71
C GLU A 797 16.31 -12.57 22.58
N SER A 798 16.35 -12.10 23.82
CA SER A 798 15.19 -12.23 24.67
C SER A 798 14.05 -11.33 24.23
N ALA A 799 14.34 -10.25 23.52
CA ALA A 799 13.28 -9.45 22.94
C ALA A 799 12.58 -10.22 21.83
N ILE A 800 13.35 -10.80 20.92
CA ILE A 800 12.73 -11.49 19.79
C ILE A 800 12.08 -12.79 20.24
N GLU A 801 12.65 -13.47 21.23
CA GLU A 801 12.00 -14.63 21.80
C GLU A 801 10.62 -14.30 22.34
N GLN A 802 10.50 -13.23 23.12
CA GLN A 802 9.19 -12.77 23.54
C GLN A 802 8.31 -12.38 22.36
N LYS A 803 8.86 -11.69 21.37
CA LYS A 803 8.07 -11.28 20.22
C LYS A 803 7.53 -12.48 19.44
N VAL A 804 8.20 -13.62 19.55
CA VAL A 804 7.68 -14.84 18.93
C VAL A 804 6.62 -15.47 19.82
N VAL A 805 6.97 -15.72 21.09
CA VAL A 805 6.04 -16.42 21.98
C VAL A 805 4.75 -15.61 22.14
N ASN A 806 4.86 -14.42 22.70
CA ASN A 806 3.75 -13.51 22.83
C ASN A 806 3.20 -13.06 21.48
N GLY A 807 3.90 -13.33 20.40
CA GLY A 807 3.40 -12.88 19.12
C GLY A 807 3.65 -11.41 18.89
N ASP A 808 3.84 -11.06 17.61
CA ASP A 808 4.17 -9.69 17.24
C ASP A 808 2.97 -8.76 17.24
N ASN A 809 1.86 -9.17 17.85
CA ASN A 809 0.65 -8.36 17.83
C ASN A 809 0.47 -7.56 19.10
N VAL A 810 1.08 -7.98 20.21
CA VAL A 810 0.97 -7.24 21.45
C VAL A 810 2.24 -6.43 21.75
N ASP A 811 3.39 -6.88 21.24
CA ASP A 811 4.64 -6.18 21.48
C ASP A 811 4.64 -4.75 20.96
N ALA A 812 3.87 -4.47 19.90
CA ALA A 812 3.73 -3.09 19.45
C ALA A 812 2.93 -2.27 20.44
N ASN A 813 2.09 -2.92 21.24
CA ASN A 813 1.31 -2.25 22.27
C ASN A 813 2.14 -1.93 23.51
N TYR A 814 3.31 -2.55 23.67
CA TYR A 814 4.21 -2.21 24.74
C TYR A 814 4.96 -0.92 24.45
N SER A 815 5.31 -0.70 23.19
CA SER A 815 5.83 0.60 22.79
C SER A 815 4.72 1.64 22.88
N LYS A 816 4.92 2.62 23.75
CA LYS A 816 3.91 3.61 24.01
C LYS A 816 3.69 4.46 22.76
N VAL A 817 2.44 4.85 22.55
CA VAL A 817 2.11 5.71 21.41
C VAL A 817 2.54 7.13 21.77
N MET A 818 3.73 7.52 21.34
CA MET A 818 4.22 8.85 21.64
C MET A 818 3.43 9.89 20.86
N VAL A 819 3.55 11.14 21.30
CA VAL A 819 2.80 12.24 20.71
C VAL A 819 3.74 13.04 19.81
N GLU A 820 3.36 13.16 18.55
CA GLU A 820 4.04 14.06 17.64
C GLU A 820 3.67 15.50 17.97
N PRO A 821 4.60 16.43 17.91
CA PRO A 821 4.26 17.83 18.18
C PRO A 821 3.96 18.62 16.91
N ARG A 822 3.02 19.55 17.00
CA ARG A 822 2.73 20.46 15.91
C ARG A 822 3.18 21.87 16.30
N ALA A 823 3.10 22.78 15.33
CA ALA A 823 3.30 24.19 15.60
C ALA A 823 1.97 24.84 15.98
N ASN A 824 2.04 25.80 16.88
CA ASN A 824 0.87 26.43 17.45
C ASN A 824 0.92 27.93 17.24
N MET A 825 1.14 28.35 16.00
CA MET A 825 1.16 29.77 15.70
C MET A 825 -0.14 30.40 16.16
N LYS A 826 -0.06 31.19 17.21
CA LYS A 826 -1.17 32.02 17.62
C LYS A 826 -0.92 33.42 17.08
N PHE A 827 -1.72 34.36 17.54
CA PHE A 827 -1.30 35.73 17.31
C PHE A 827 -0.95 36.43 18.60
N ASP A 828 -1.72 36.20 19.65
CA ASP A 828 -1.29 36.56 20.98
C ASP A 828 -1.03 38.06 21.10
N PHE A 829 -2.08 38.86 21.06
CA PHE A 829 -1.96 40.26 21.47
C PHE A 829 -1.18 40.34 22.77
N PRO A 830 -0.48 41.43 23.00
CA PRO A 830 0.25 41.58 24.27
C PRO A 830 -0.66 41.32 25.46
N THR A 831 -0.12 40.62 26.45
CA THR A 831 -0.93 40.10 27.54
C THR A 831 -1.38 41.23 28.44
N LEU A 832 -2.69 41.32 28.65
CA LEU A 832 -3.22 42.35 29.53
C LEU A 832 -3.13 41.91 30.98
N LYS A 833 -2.47 42.72 31.79
CA LYS A 833 -2.50 42.48 33.22
C LYS A 833 -3.86 42.89 33.77
N SER A 834 -4.13 42.50 35.01
CA SER A 834 -5.40 42.87 35.59
C SER A 834 -5.36 44.31 36.07
N TYR A 835 -6.55 44.91 36.20
CA TYR A 835 -6.62 46.33 36.52
C TYR A 835 -5.95 46.64 37.84
N ASP A 836 -6.46 46.08 38.94
CA ASP A 836 -5.85 46.30 40.24
C ASP A 836 -4.36 46.03 40.21
N GLU A 837 -3.94 45.00 39.48
CA GLU A 837 -2.52 44.79 39.28
C GLU A 837 -1.85 45.99 38.65
N ILE A 838 -2.47 46.57 37.62
CA ILE A 838 -1.82 47.68 36.94
C ILE A 838 -1.76 48.89 37.84
N LYS A 839 -2.70 49.02 38.77
CA LYS A 839 -2.64 50.07 39.75
C LYS A 839 -1.43 49.93 40.68
N GLN A 840 -0.70 48.83 40.59
CA GLN A 840 0.52 48.69 41.37
C GLN A 840 1.75 49.07 40.57
N ILE A 841 1.80 48.69 39.30
CA ILE A 841 2.87 49.20 38.45
C ILE A 841 2.85 50.71 38.43
N ALA A 842 1.67 51.28 38.32
CA ALA A 842 1.52 52.73 38.36
C ALA A 842 0.58 53.11 39.48
N PRO A 843 1.04 53.86 40.44
CA PRO A 843 0.15 54.48 41.41
C PRO A 843 -0.64 55.59 40.74
N GLU A 844 -1.16 56.53 41.53
CA GLU A 844 -2.27 57.37 41.10
C GLU A 844 -1.90 58.24 39.89
N LEU A 845 -1.83 57.59 38.75
CA LEU A 845 -1.79 58.25 37.46
C LEU A 845 -3.18 58.41 36.87
N GLU A 846 -4.22 58.20 37.66
CA GLU A 846 -5.56 58.01 37.13
C GLU A 846 -6.26 59.34 36.92
N GLY A 847 -7.09 59.41 35.89
CA GLY A 847 -7.81 60.63 35.59
C GLY A 847 -6.93 61.80 35.28
N MET A 848 -5.66 61.57 35.00
CA MET A 848 -4.70 62.65 34.79
C MET A 848 -4.51 62.98 33.33
N LEU A 849 -4.16 62.01 32.49
CA LEU A 849 -3.97 62.30 31.09
C LEU A 849 -5.30 62.41 30.36
N ASP A 850 -5.36 63.30 29.39
CA ASP A 850 -6.44 63.29 28.41
C ASP A 850 -6.16 62.17 27.42
N LEU A 851 -7.04 61.17 27.40
CA LEU A 851 -6.87 60.08 26.45
C LEU A 851 -6.83 60.58 25.02
N GLU A 852 -7.66 61.56 24.67
CA GLU A 852 -7.72 62.00 23.29
C GLU A 852 -6.41 62.60 22.79
N ASN A 853 -5.43 62.79 23.66
CA ASN A 853 -4.17 63.36 23.23
C ASN A 853 -3.00 62.50 23.66
N VAL A 854 -3.07 61.21 23.37
CA VAL A 854 -1.97 60.28 23.60
C VAL A 854 -1.89 59.35 22.40
N VAL A 855 -0.81 59.45 21.65
CA VAL A 855 -0.59 58.59 20.51
C VAL A 855 -0.22 57.21 21.03
N VAL A 856 -0.69 56.17 20.37
CA VAL A 856 -0.42 54.81 20.76
C VAL A 856 -0.27 53.94 19.54
N VAL A 857 0.88 53.32 19.37
CA VAL A 857 1.09 52.42 18.25
C VAL A 857 0.19 51.21 18.46
N THR A 858 -0.82 51.07 17.61
CA THR A 858 -1.73 49.95 17.73
C THR A 858 -1.36 48.78 16.86
N GLY A 859 -0.48 48.97 15.89
CA GLY A 859 -0.08 47.86 15.06
C GLY A 859 1.31 48.11 14.50
N PHE A 860 1.90 47.06 13.96
CA PHE A 860 3.18 47.22 13.32
C PHE A 860 3.51 45.96 12.56
N ALA A 861 4.40 46.07 11.60
CA ALA A 861 4.83 44.94 10.81
C ALA A 861 6.05 45.37 10.03
N GLU A 862 6.73 44.40 9.45
CA GLU A 862 7.90 44.69 8.66
C GLU A 862 7.99 43.71 7.51
N VAL A 863 8.89 43.98 6.59
CA VAL A 863 9.38 43.00 5.66
C VAL A 863 10.88 43.21 5.57
N GLY A 864 11.63 42.48 6.36
CA GLY A 864 13.05 42.66 6.41
C GLY A 864 13.79 41.39 6.06
N PRO A 865 15.12 41.46 6.00
CA PRO A 865 15.89 40.29 5.59
C PRO A 865 15.69 39.09 6.48
N TRP A 866 14.98 39.24 7.59
CA TRP A 866 14.60 38.11 8.43
C TRP A 866 13.10 37.89 8.41
N GLY A 867 12.46 38.25 7.31
CA GLY A 867 11.02 38.04 7.19
C GLY A 867 10.27 39.07 7.98
N ASN A 868 9.14 38.67 8.54
CA ASN A 868 8.25 39.60 9.19
C ASN A 868 8.82 40.02 10.53
N SER A 869 8.05 40.79 11.29
CA SER A 869 8.52 41.29 12.56
C SER A 869 8.71 40.18 13.58
N ARG A 870 8.07 39.04 13.39
CA ARG A 870 8.27 37.97 14.36
C ARG A 870 9.53 37.20 14.08
N THR A 871 9.73 36.77 12.84
CA THR A 871 10.90 35.98 12.51
C THR A 871 12.16 36.81 12.49
N ARG A 872 12.06 38.13 12.66
CA ARG A 872 13.27 38.90 12.88
C ARG A 872 13.54 39.01 14.37
N TRP A 873 12.51 39.32 15.13
CA TRP A 873 12.68 39.40 16.57
C TRP A 873 13.17 38.11 17.14
N GLU A 874 12.79 36.98 16.56
CA GLU A 874 13.27 35.72 17.08
C GLU A 874 14.73 35.49 16.72
N MET A 875 15.07 35.59 15.44
CA MET A 875 16.47 35.47 15.02
C MET A 875 17.35 36.50 15.72
N GLU A 876 16.74 37.53 16.29
CA GLU A 876 17.47 38.53 17.04
C GLU A 876 17.66 38.13 18.50
N ALA A 877 16.55 38.05 19.23
CA ALA A 877 16.63 37.83 20.67
C ALA A 877 17.01 36.41 21.00
N TYR A 878 16.99 35.51 20.04
CA TYR A 878 17.24 34.12 20.37
C TYR A 878 18.29 33.50 19.47
N GLY A 879 18.64 34.17 18.38
CA GLY A 879 19.62 33.63 17.48
C GLY A 879 19.23 32.35 16.81
N GLU A 880 18.10 31.75 17.17
CA GLU A 880 17.64 30.52 16.60
C GLU A 880 16.14 30.60 16.42
N PHE A 881 15.65 30.00 15.35
CA PHE A 881 14.23 30.03 15.12
C PHE A 881 13.52 28.97 15.93
N SER A 882 12.45 29.38 16.59
CA SER A 882 11.59 28.42 17.25
C SER A 882 10.90 27.58 16.19
N LEU A 883 10.06 26.65 16.60
CA LEU A 883 9.38 25.83 15.62
C LEU A 883 8.41 26.65 14.77
N GLU A 884 7.53 27.41 15.41
CA GLU A 884 6.63 28.26 14.65
C GLU A 884 7.39 29.25 13.79
N GLY A 885 8.29 30.01 14.40
CA GLY A 885 9.09 30.93 13.65
C GLY A 885 9.94 30.29 12.58
N ALA A 886 9.94 28.97 12.49
CA ALA A 886 10.63 28.31 11.40
C ALA A 886 9.69 27.97 10.26
N ILE A 887 8.48 27.48 10.56
CA ILE A 887 7.55 27.23 9.48
C ILE A 887 7.10 28.53 8.84
N GLU A 888 7.06 29.62 9.60
CA GLU A 888 6.75 30.90 8.99
C GLU A 888 7.82 31.34 8.00
N MET A 889 9.08 31.33 8.40
CA MET A 889 10.14 31.64 7.47
C MET A 889 10.17 30.68 6.30
N ALA A 890 9.75 29.44 6.50
CA ALA A 890 9.60 28.56 5.36
C ALA A 890 8.49 29.03 4.44
N TRP A 891 7.39 29.50 5.02
CA TRP A 891 6.22 29.86 4.23
C TRP A 891 6.49 31.10 3.39
N ILE A 892 7.20 32.07 3.96
CA ILE A 892 7.45 33.29 3.23
C ILE A 892 8.67 33.15 2.33
N MET A 893 9.49 32.16 2.55
CA MET A 893 10.55 31.90 1.59
C MET A 893 10.10 30.96 0.49
N GLY A 894 8.85 30.50 0.54
CA GLY A 894 8.39 29.59 -0.48
C GLY A 894 8.97 28.20 -0.37
N PHE A 895 9.10 27.68 0.85
CA PHE A 895 9.59 26.33 1.02
C PHE A 895 8.46 25.33 1.16
N ILE A 896 7.39 25.72 1.83
CA ILE A 896 6.24 24.86 2.06
C ILE A 896 5.00 25.60 1.63
N LYS A 897 3.97 24.86 1.23
CA LYS A 897 2.72 25.44 0.81
C LYS A 897 1.59 24.60 1.37
N TYR A 898 0.66 25.25 2.05
CA TYR A 898 -0.40 24.49 2.71
C TYR A 898 -1.30 23.93 1.63
N HIS A 899 -0.98 22.74 1.16
CA HIS A 899 -1.84 22.06 0.22
C HIS A 899 -3.06 21.53 0.95
N ASN A 900 -4.17 21.48 0.26
CA ASN A 900 -5.39 20.91 0.81
C ASN A 900 -6.07 20.09 -0.28
N GLY A 901 -6.95 19.20 0.14
CA GLY A 901 -7.68 18.38 -0.81
C GLY A 901 -7.06 17.01 -0.98
N ASN A 902 -7.14 16.46 -2.18
CA ASN A 902 -6.60 15.14 -2.45
C ASN A 902 -5.16 15.25 -2.95
N LEU A 903 -4.27 14.51 -2.31
CA LEU A 903 -2.86 14.47 -2.65
C LEU A 903 -2.50 13.04 -3.01
N LYS A 904 -2.34 12.77 -4.30
CA LYS A 904 -2.08 11.43 -4.79
C LYS A 904 -3.15 10.46 -4.31
N GLY A 905 -4.39 10.82 -4.56
CA GLY A 905 -5.51 9.99 -4.16
C GLY A 905 -6.02 10.23 -2.76
N LYS A 906 -5.13 10.24 -1.78
CA LYS A 906 -5.54 10.40 -0.40
C LYS A 906 -5.97 11.84 -0.14
N PRO A 907 -7.02 12.03 0.66
CA PRO A 907 -7.36 13.38 1.09
C PRO A 907 -6.31 13.89 2.07
N TYR A 908 -6.00 15.16 1.96
CA TYR A 908 -4.92 15.74 2.75
C TYR A 908 -5.22 17.19 3.05
N SER A 909 -4.92 17.61 4.27
CA SER A 909 -5.04 19.02 4.66
C SER A 909 -3.86 19.31 5.59
N GLY A 910 -2.75 19.73 5.01
CA GLY A 910 -1.58 19.96 5.81
C GLY A 910 -0.45 20.51 4.98
N TRP A 911 0.69 20.67 5.62
CA TRP A 911 1.86 21.26 5.00
C TRP A 911 2.46 20.30 4.01
N VAL A 912 3.01 20.84 2.95
CA VAL A 912 3.60 20.04 1.88
C VAL A 912 4.85 20.75 1.41
N ASP A 913 5.86 19.98 1.01
CA ASP A 913 6.99 20.57 0.36
C ASP A 913 6.55 21.38 -0.85
N ALA A 914 7.36 22.38 -1.20
CA ALA A 914 7.05 23.19 -2.37
C ALA A 914 7.75 22.72 -3.63
N LYS A 915 8.87 22.03 -3.51
CA LYS A 915 9.61 21.65 -4.70
C LYS A 915 9.13 20.31 -5.26
N THR A 916 9.04 19.30 -4.42
CA THR A 916 8.55 18.00 -4.85
C THR A 916 7.10 17.76 -4.49
N GLN A 917 6.52 18.58 -3.63
CA GLN A 917 5.11 18.48 -3.25
C GLN A 917 4.81 17.11 -2.64
N THR A 918 5.48 16.86 -1.53
CA THR A 918 5.24 15.68 -0.72
C THR A 918 4.99 16.10 0.72
N PRO A 919 4.04 15.49 1.39
CA PRO A 919 3.68 15.95 2.74
C PRO A 919 4.88 15.89 3.67
N ILE A 920 4.92 16.82 4.61
CA ILE A 920 6.02 16.93 5.56
C ILE A 920 5.41 17.25 6.92
N ASP A 921 5.83 16.52 7.95
CA ASP A 921 5.34 16.80 9.28
C ASP A 921 5.84 18.18 9.73
N GLU A 922 5.24 18.67 10.80
CA GLU A 922 5.64 19.98 11.29
C GLU A 922 7.01 19.96 11.94
N LYS A 923 7.54 18.79 12.31
CA LYS A 923 8.89 18.76 12.87
C LYS A 923 9.97 18.79 11.81
N ASP A 924 9.85 17.98 10.76
CA ASP A 924 10.89 17.95 9.75
C ASP A 924 11.13 19.30 9.10
N ILE A 925 10.24 20.27 9.36
CA ILE A 925 10.44 21.61 8.83
C ILE A 925 11.81 22.14 9.23
N LYS A 926 12.05 22.26 10.54
CA LYS A 926 13.34 22.75 10.98
C LYS A 926 14.47 21.85 10.49
N SER A 927 14.50 20.60 10.95
CA SER A 927 15.60 19.71 10.65
C SER A 927 15.88 19.62 9.15
N LYS A 928 14.93 20.00 8.31
CA LYS A 928 15.08 19.86 6.88
C LYS A 928 15.44 21.15 6.18
N TYR A 929 15.03 22.29 6.71
CA TYR A 929 15.25 23.55 6.03
C TYR A 929 16.14 24.52 6.77
N GLU A 930 16.29 24.36 8.09
CA GLU A 930 17.03 25.33 8.89
C GLU A 930 18.38 25.64 8.31
N GLU A 931 19.00 24.66 7.65
CA GLU A 931 20.25 24.95 6.99
C GLU A 931 20.07 25.95 5.86
N GLU A 932 19.04 25.76 5.04
CA GLU A 932 18.82 26.63 3.89
C GLU A 932 18.28 28.00 4.27
N ILE A 933 17.34 28.04 5.20
CA ILE A 933 16.82 29.31 5.69
C ILE A 933 17.95 30.19 6.16
N LEU A 934 18.75 29.70 7.11
CA LEU A 934 19.88 30.50 7.57
C LEU A 934 20.92 30.68 6.49
N GLU A 935 20.84 29.95 5.40
CA GLU A 935 21.79 30.17 4.32
C GLU A 935 21.33 31.25 3.37
N HIS A 936 20.04 31.51 3.31
CA HIS A 936 19.50 32.44 2.33
C HIS A 936 18.63 33.49 2.97
N SER A 937 19.08 34.08 4.07
CA SER A 937 18.26 35.07 4.75
C SER A 937 19.15 35.85 5.70
N GLY A 938 19.00 37.16 5.67
CA GLY A 938 19.87 38.02 6.42
C GLY A 938 21.07 38.41 5.59
N ILE A 939 21.99 39.13 6.23
CA ILE A 939 23.12 39.71 5.54
C ILE A 939 23.89 38.59 4.86
N ARG A 940 23.89 38.57 3.54
CA ARG A 940 24.63 37.56 2.83
C ARG A 940 25.14 38.17 1.54
N LEU A 941 25.91 37.41 0.79
CA LEU A 941 26.41 37.92 -0.46
C LEU A 941 25.24 38.04 -1.43
N ILE A 942 25.28 39.08 -2.26
CA ILE A 942 24.11 39.47 -3.02
C ILE A 942 23.81 38.46 -4.11
N GLU A 943 22.61 38.01 -4.14
CA GLU A 943 22.27 36.98 -5.10
C GLU A 943 21.60 37.60 -6.32
N PRO A 944 22.21 37.48 -7.49
CA PRO A 944 21.77 38.28 -8.65
C PRO A 944 20.35 38.03 -9.09
N GLU A 945 19.78 36.86 -8.80
CA GLU A 945 18.44 36.60 -9.29
C GLU A 945 17.39 37.41 -8.56
N LEU A 946 17.74 38.02 -7.45
CA LEU A 946 16.84 38.96 -6.81
C LEU A 946 16.94 40.35 -7.40
N PHE A 947 17.92 40.60 -8.26
CA PHE A 947 18.16 41.93 -8.78
C PHE A 947 18.41 41.89 -10.28
N ASN A 948 17.54 41.19 -11.01
CA ASN A 948 17.50 41.27 -12.47
C ASN A 948 18.87 41.07 -13.10
N GLY A 949 19.68 40.20 -12.52
CA GLY A 949 20.98 39.92 -13.05
C GLY A 949 22.05 40.89 -12.66
N TYR A 950 21.82 41.70 -11.63
CA TYR A 950 22.86 42.58 -11.14
C TYR A 950 23.92 41.72 -10.49
N ASP A 951 25.04 41.52 -11.19
CA ASP A 951 26.12 40.72 -10.67
C ASP A 951 27.26 41.62 -10.23
N PRO A 952 27.42 41.89 -8.94
CA PRO A 952 28.47 42.82 -8.51
C PRO A 952 29.83 42.45 -9.03
N LYS A 953 30.09 41.18 -9.26
CA LYS A 953 31.34 40.80 -9.87
C LYS A 953 31.45 41.30 -11.30
N LYS A 954 30.34 41.53 -11.97
CA LYS A 954 30.35 41.94 -13.37
C LYS A 954 29.41 43.12 -13.58
N LYS A 955 29.55 44.15 -12.75
CA LYS A 955 28.80 45.38 -12.95
C LYS A 955 29.08 45.93 -14.33
N GLN A 956 28.01 46.15 -15.09
CA GLN A 956 28.15 46.54 -16.48
C GLN A 956 28.30 48.05 -16.62
N MET A 957 29.12 48.47 -17.57
CA MET A 957 29.30 49.87 -17.90
C MET A 957 29.54 49.99 -19.40
N ILE A 958 29.24 51.16 -19.94
CA ILE A 958 29.44 51.44 -21.34
C ILE A 958 30.58 52.46 -21.46
N GLN A 959 31.40 52.28 -22.48
CA GLN A 959 32.60 53.09 -22.64
C GLN A 959 32.48 53.94 -23.88
N GLU A 960 32.66 55.25 -23.70
CA GLU A 960 32.70 56.16 -24.82
C GLU A 960 33.95 55.87 -25.65
N VAL A 961 33.75 55.43 -26.88
CA VAL A 961 34.85 55.04 -27.75
C VAL A 961 34.60 55.59 -29.15
N VAL A 962 35.65 56.09 -29.78
CA VAL A 962 35.55 56.63 -31.13
C VAL A 962 36.01 55.58 -32.12
N VAL A 963 35.18 55.30 -33.13
CA VAL A 963 35.54 54.33 -34.14
C VAL A 963 36.71 54.87 -34.95
N GLN A 964 37.52 53.95 -35.49
CA GLN A 964 38.59 54.33 -36.39
C GLN A 964 38.44 53.74 -37.78
N HIS A 965 37.63 52.71 -37.95
CA HIS A 965 37.37 52.17 -39.26
C HIS A 965 35.89 51.85 -39.39
N ASP A 966 35.30 52.32 -40.50
CA ASP A 966 33.87 52.17 -40.72
C ASP A 966 33.44 50.71 -40.60
N LEU A 967 32.33 50.49 -39.93
CA LEU A 967 31.90 49.13 -39.64
C LEU A 967 31.30 48.48 -40.87
N GLU A 968 30.91 47.29 -40.71
CA GLU A 968 30.23 46.67 -41.82
C GLU A 968 28.79 47.13 -41.87
N PRO A 969 28.27 47.43 -43.05
CA PRO A 969 26.90 47.91 -43.16
C PRO A 969 25.92 46.84 -42.72
N PHE A 970 25.03 47.22 -41.81
CA PHE A 970 24.01 46.30 -41.32
C PHE A 970 22.63 46.85 -41.63
N GLU A 971 21.69 45.95 -41.81
CA GLU A 971 20.32 46.31 -42.11
C GLU A 971 19.60 46.72 -40.84
N CYS A 972 18.66 47.64 -40.97
CA CYS A 972 17.86 48.08 -39.84
C CYS A 972 16.50 48.55 -40.36
N SER A 973 15.73 49.18 -39.48
CA SER A 973 14.38 49.60 -39.84
C SER A 973 14.42 50.99 -40.46
N LYS A 974 13.27 51.46 -40.94
CA LYS A 974 13.21 52.73 -41.64
C LYS A 974 13.47 53.89 -40.68
N GLU A 975 12.58 54.07 -39.71
CA GLU A 975 12.73 55.20 -38.81
C GLU A 975 13.96 55.05 -37.94
N THR A 976 14.38 53.83 -37.65
CA THR A 976 15.63 53.66 -36.93
C THR A 976 16.78 54.19 -37.75
N ALA A 977 16.81 53.87 -39.04
CA ALA A 977 17.85 54.43 -39.89
C ALA A 977 17.76 55.94 -39.92
N GLU A 978 16.55 56.47 -39.98
CA GLU A 978 16.41 57.92 -39.99
C GLU A 978 16.96 58.54 -38.72
N GLN A 979 16.67 57.94 -37.57
CA GLN A 979 17.18 58.46 -36.32
C GLN A 979 18.68 58.34 -36.26
N TYR A 980 19.23 57.22 -36.72
CA TYR A 980 20.68 57.08 -36.78
C TYR A 980 21.30 58.21 -37.57
N LYS A 981 20.75 58.47 -38.75
CA LYS A 981 21.29 59.55 -39.57
C LYS A 981 21.18 60.89 -38.87
N HIS A 982 20.00 61.18 -38.32
CA HIS A 982 19.78 62.48 -37.70
C HIS A 982 20.67 62.68 -36.48
N GLU A 983 21.02 61.60 -35.80
CA GLU A 983 21.79 61.69 -34.57
C GLU A 983 23.26 61.40 -34.77
N HIS A 984 23.69 61.07 -35.99
CA HIS A 984 25.10 60.92 -36.27
C HIS A 984 25.61 61.88 -37.33
N GLY A 985 24.74 62.58 -38.02
CA GLY A 985 25.19 63.48 -39.05
C GLY A 985 25.72 62.70 -40.23
N GLU A 986 26.59 63.34 -41.00
CA GLU A 986 27.16 62.69 -42.17
C GLU A 986 28.05 61.52 -41.79
N LYS A 987 28.37 61.38 -40.52
CA LYS A 987 29.26 60.32 -40.06
C LYS A 987 28.66 58.95 -40.24
N CYS A 988 27.46 58.86 -40.81
CA CYS A 988 26.90 57.57 -41.16
C CYS A 988 26.20 57.71 -42.49
N GLU A 989 25.82 56.57 -43.05
CA GLU A 989 25.06 56.54 -44.29
C GLU A 989 23.84 55.66 -44.10
N ILE A 990 22.78 55.98 -44.81
CA ILE A 990 21.58 55.18 -44.84
C ILE A 990 21.22 54.94 -46.29
N PHE A 991 20.74 53.74 -46.60
CA PHE A 991 20.32 53.43 -47.95
C PHE A 991 19.18 52.45 -47.89
N GLU A 992 18.16 52.73 -48.67
CA GLU A 992 16.97 51.91 -48.66
C GLU A 992 17.20 50.61 -49.43
N ILE A 993 16.57 49.54 -48.97
CA ILE A 993 16.51 48.30 -49.73
C ILE A 993 15.17 48.28 -50.46
N GLU A 994 15.19 48.61 -51.74
CA GLU A 994 13.99 48.67 -52.55
C GLU A 994 13.19 47.37 -52.54
N GLU A 995 13.85 46.24 -52.28
CA GLU A 995 13.12 44.99 -52.16
C GLU A 995 12.41 44.88 -50.82
N SER A 996 12.86 45.63 -49.82
CA SER A 996 12.32 45.53 -48.48
C SER A 996 11.72 46.83 -47.97
N GLY A 997 12.12 47.97 -48.51
CA GLY A 997 11.77 49.24 -47.93
C GLY A 997 12.55 49.59 -46.68
N GLU A 998 13.03 48.60 -45.95
CA GLU A 998 13.87 48.85 -44.79
C GLU A 998 15.30 49.13 -45.24
N TYR A 999 15.99 49.94 -44.46
CA TYR A 999 17.24 50.53 -44.91
C TYR A 999 18.42 49.71 -44.44
N THR A 1000 19.53 49.85 -45.14
CA THR A 1000 20.82 49.52 -44.60
C THR A 1000 21.44 50.78 -44.03
N VAL A 1001 22.35 50.61 -43.09
CA VAL A 1001 23.09 51.72 -42.53
C VAL A 1001 24.51 51.29 -42.29
N ARG A 1002 25.45 52.10 -42.72
CA ARG A 1002 26.86 51.87 -42.46
C ARG A 1002 27.40 53.03 -41.64
N ILE A 1003 28.05 52.73 -40.54
CA ILE A 1003 28.71 53.74 -39.75
C ILE A 1003 30.07 53.99 -40.39
N LEU A 1004 30.51 55.24 -40.40
CA LEU A 1004 31.75 55.62 -41.04
C LEU A 1004 32.82 55.91 -40.01
N LYS A 1005 34.06 56.03 -40.48
CA LYS A 1005 35.16 56.37 -39.60
C LYS A 1005 34.92 57.72 -38.94
N GLY A 1006 35.12 57.78 -37.63
CA GLY A 1006 34.99 59.01 -36.90
C GLY A 1006 33.78 59.11 -36.00
N ALA A 1007 32.85 58.16 -36.10
CA ALA A 1007 31.67 58.19 -35.25
C ALA A 1007 32.02 57.73 -33.85
N THR A 1008 31.15 58.08 -32.91
CA THR A 1008 31.34 57.72 -31.51
C THR A 1008 30.48 56.52 -31.17
N LEU A 1009 31.11 55.43 -30.78
CA LEU A 1009 30.39 54.25 -30.37
C LEU A 1009 30.41 54.11 -28.87
N TYR A 1010 29.63 53.18 -28.38
CA TYR A 1010 29.52 52.92 -26.95
C TYR A 1010 29.71 51.43 -26.74
N VAL A 1011 30.91 51.06 -26.34
CA VAL A 1011 31.28 49.66 -26.13
C VAL A 1011 30.88 49.26 -24.73
N PRO A 1012 30.27 48.10 -24.54
CA PRO A 1012 29.97 47.64 -23.19
C PRO A 1012 31.24 47.19 -22.50
N LYS A 1013 31.21 47.22 -21.18
CA LYS A 1013 32.32 46.69 -20.41
C LYS A 1013 31.83 46.39 -19.01
N ALA A 1014 32.67 45.71 -18.23
CA ALA A 1014 32.35 45.42 -16.85
C ALA A 1014 33.59 45.61 -16.00
N LEU A 1015 33.37 45.80 -14.71
CA LEU A 1015 34.48 45.96 -13.79
C LEU A 1015 34.12 45.32 -12.46
N ARG A 1016 35.06 44.58 -11.91
CA ARG A 1016 34.84 43.89 -10.65
C ARG A 1016 34.57 44.91 -9.56
N PHE A 1017 33.39 44.85 -8.98
CA PHE A 1017 32.99 45.78 -7.93
C PHE A 1017 33.24 45.18 -6.56
N ASP A 1018 33.26 46.05 -5.55
CA ASP A 1018 33.65 45.62 -4.22
C ASP A 1018 32.47 45.10 -3.42
N ARG A 1019 31.43 45.92 -3.27
CA ARG A 1019 30.36 45.62 -2.33
C ARG A 1019 29.60 44.41 -2.83
N LEU A 1020 29.98 43.23 -2.37
CA LEU A 1020 29.31 42.00 -2.75
C LEU A 1020 28.33 41.51 -1.70
N VAL A 1021 28.05 42.31 -0.69
CA VAL A 1021 27.17 41.90 0.40
C VAL A 1021 26.09 42.94 0.58
N ALA A 1022 24.87 42.48 0.82
CA ALA A 1022 23.78 43.36 1.20
C ALA A 1022 22.67 42.51 1.80
N GLY A 1023 21.92 43.09 2.72
CA GLY A 1023 20.93 42.33 3.43
C GLY A 1023 19.69 42.03 2.63
N GLN A 1024 19.81 41.16 1.63
CA GLN A 1024 18.67 40.85 0.79
C GLN A 1024 17.47 40.41 1.61
N ILE A 1025 16.28 40.67 1.07
CA ILE A 1025 15.05 40.06 1.54
C ILE A 1025 15.22 38.55 1.40
N PRO A 1026 14.66 37.75 2.30
CA PRO A 1026 14.88 36.29 2.22
C PRO A 1026 14.67 35.76 0.83
N THR A 1027 15.71 35.18 0.26
CA THR A 1027 15.68 34.74 -1.11
C THR A 1027 14.52 33.78 -1.32
N GLY A 1028 13.69 34.07 -2.31
CA GLY A 1028 12.47 33.32 -2.54
C GLY A 1028 11.23 34.01 -2.08
N TRP A 1029 11.35 35.18 -1.46
CA TRP A 1029 10.18 35.92 -1.04
C TRP A 1029 9.38 36.33 -2.25
N ASP A 1030 8.06 36.15 -2.16
CA ASP A 1030 7.18 36.51 -3.25
C ASP A 1030 5.84 36.92 -2.68
N ALA A 1031 5.28 37.98 -3.26
CA ALA A 1031 4.04 38.53 -2.76
C ALA A 1031 2.85 37.62 -2.99
N ARG A 1032 2.84 36.89 -4.10
CA ARG A 1032 1.70 36.01 -4.39
C ARG A 1032 1.33 35.21 -3.16
N THR A 1033 2.32 34.81 -2.38
CA THR A 1033 2.09 34.16 -1.12
C THR A 1033 1.19 34.96 -0.19
N TYR A 1034 1.17 36.28 -0.33
CA TYR A 1034 0.29 37.08 0.52
C TYR A 1034 -1.05 37.36 -0.13
N GLY A 1035 -1.12 37.37 -1.45
CA GLY A 1035 -2.35 37.58 -2.14
C GLY A 1035 -2.43 38.83 -2.99
N ILE A 1036 -1.32 39.51 -3.22
CA ILE A 1036 -1.34 40.67 -4.11
C ILE A 1036 -1.68 40.19 -5.51
N PRO A 1037 -2.67 40.79 -6.16
CA PRO A 1037 -3.04 40.34 -7.51
C PRO A 1037 -1.86 40.46 -8.46
N GLU A 1038 -1.78 39.50 -9.37
CA GLU A 1038 -0.66 39.47 -10.29
C GLU A 1038 -0.55 40.74 -11.13
N ASP A 1039 -1.66 41.42 -11.37
CA ASP A 1039 -1.63 42.65 -12.16
C ASP A 1039 -0.72 43.68 -11.51
N THR A 1040 -1.09 44.13 -10.32
CA THR A 1040 -0.28 45.09 -9.59
C THR A 1040 1.16 44.65 -9.50
N ILE A 1041 1.40 43.37 -9.20
CA ILE A 1041 2.77 42.85 -9.22
C ILE A 1041 3.45 43.22 -10.51
N SER A 1042 2.81 42.91 -11.63
CA SER A 1042 3.41 43.16 -12.93
C SER A 1042 3.62 44.64 -13.18
N GLN A 1043 2.88 45.51 -12.50
CA GLN A 1043 2.98 46.92 -12.84
C GLN A 1043 4.01 47.65 -11.98
N VAL A 1044 3.79 47.70 -10.69
CA VAL A 1044 4.42 48.70 -9.83
C VAL A 1044 5.83 48.32 -9.44
N ASP A 1045 6.51 49.27 -8.81
CA ASP A 1045 7.89 49.09 -8.39
C ASP A 1045 7.95 48.07 -7.25
N PRO A 1046 9.00 47.23 -7.23
CA PRO A 1046 9.09 46.22 -6.18
C PRO A 1046 8.89 46.76 -4.79
N ILE A 1047 9.36 47.97 -4.51
CA ILE A 1047 9.27 48.44 -3.13
C ILE A 1047 7.82 48.64 -2.71
N THR A 1048 6.94 49.00 -3.64
CA THR A 1048 5.53 49.08 -3.31
C THR A 1048 4.99 47.74 -2.82
N LEU A 1049 5.42 46.64 -3.41
CA LEU A 1049 5.03 45.34 -2.89
C LEU A 1049 5.40 45.22 -1.44
N TYR A 1050 6.62 45.61 -1.09
CA TYR A 1050 7.05 45.53 0.29
C TYR A 1050 6.18 46.39 1.18
N VAL A 1051 5.85 47.60 0.76
CA VAL A 1051 5.04 48.47 1.61
C VAL A 1051 3.65 47.90 1.79
N LEU A 1052 3.08 47.30 0.75
CA LEU A 1052 1.74 46.74 0.90
C LEU A 1052 1.75 45.54 1.81
N VAL A 1053 2.67 44.60 1.58
CA VAL A 1053 2.69 43.41 2.39
C VAL A 1053 3.03 43.76 3.82
N ALA A 1054 3.69 44.89 4.03
CA ALA A 1054 3.90 45.34 5.39
C ALA A 1054 2.62 45.91 5.98
N THR A 1055 1.95 46.78 5.23
CA THR A 1055 0.76 47.46 5.75
C THR A 1055 -0.34 46.49 6.12
N VAL A 1056 -0.58 45.49 5.27
CA VAL A 1056 -1.67 44.57 5.56
C VAL A 1056 -1.46 43.91 6.90
N GLU A 1057 -0.33 43.28 7.10
CA GLU A 1057 -0.12 42.62 8.38
C GLU A 1057 0.13 43.61 9.48
N ALA A 1058 0.42 44.86 9.19
CA ALA A 1058 0.44 45.83 10.26
C ALA A 1058 -0.96 46.04 10.81
N LEU A 1059 -1.91 46.35 9.92
CA LEU A 1059 -3.30 46.43 10.34
C LEU A 1059 -3.74 45.16 11.04
N LEU A 1060 -3.29 44.00 10.54
CA LEU A 1060 -3.61 42.76 11.23
C LEU A 1060 -3.09 42.80 12.64
N SER A 1061 -1.81 43.14 12.80
CA SER A 1061 -1.23 43.29 14.13
C SER A 1061 -2.01 44.26 14.97
N ALA A 1062 -2.79 45.13 14.36
CA ALA A 1062 -3.69 46.00 15.11
C ALA A 1062 -5.06 45.37 15.30
N GLY A 1063 -5.20 44.08 15.01
CA GLY A 1063 -6.50 43.48 15.16
C GLY A 1063 -7.51 43.99 14.16
N ILE A 1064 -7.04 44.51 13.04
CA ILE A 1064 -7.91 45.03 12.00
C ILE A 1064 -7.93 43.98 10.90
N THR A 1065 -9.11 43.47 10.61
CA THR A 1065 -9.25 42.53 9.52
C THR A 1065 -9.38 43.23 8.18
N ASP A 1066 -10.32 44.16 8.04
CA ASP A 1066 -10.50 44.89 6.81
C ASP A 1066 -10.34 46.36 7.13
N PRO A 1067 -9.72 47.14 6.25
CA PRO A 1067 -9.45 48.55 6.57
C PRO A 1067 -10.69 49.33 6.88
N TYR A 1068 -11.82 49.00 6.26
CA TYR A 1068 -13.00 49.81 6.40
C TYR A 1068 -13.53 49.83 7.81
N GLU A 1069 -13.08 48.91 8.65
CA GLU A 1069 -13.52 48.93 10.04
C GLU A 1069 -13.33 50.28 10.70
N PHE A 1070 -12.31 51.02 10.29
CA PHE A 1070 -12.09 52.34 10.87
C PHE A 1070 -13.30 53.23 10.69
N TYR A 1071 -13.87 53.21 9.50
CA TYR A 1071 -14.96 54.12 9.21
C TYR A 1071 -16.19 53.84 10.04
N LYS A 1072 -16.18 52.79 10.87
CA LYS A 1072 -17.31 52.63 11.78
C LYS A 1072 -17.22 53.58 12.96
N TYR A 1073 -16.02 54.01 13.32
CA TYR A 1073 -15.83 54.89 14.48
C TYR A 1073 -15.26 56.25 14.12
N VAL A 1074 -14.79 56.44 12.89
CA VAL A 1074 -14.17 57.69 12.50
C VAL A 1074 -14.64 58.06 11.10
N HIS A 1075 -14.60 59.36 10.82
CA HIS A 1075 -14.99 59.83 9.50
C HIS A 1075 -13.89 59.53 8.49
N VAL A 1076 -14.28 59.41 7.22
CA VAL A 1076 -13.34 59.01 6.17
C VAL A 1076 -12.18 59.97 6.07
N SER A 1077 -12.41 61.24 6.30
CA SER A 1077 -11.32 62.19 6.15
C SER A 1077 -10.39 62.19 7.33
N GLU A 1078 -10.48 61.19 8.21
CA GLU A 1078 -9.61 61.16 9.37
C GLU A 1078 -8.83 59.86 9.45
N VAL A 1079 -8.43 59.32 8.32
CA VAL A 1079 -7.58 58.14 8.27
C VAL A 1079 -6.46 58.45 7.28
N GLY A 1080 -5.37 59.04 7.79
CA GLY A 1080 -4.30 59.51 6.93
C GLY A 1080 -3.22 58.47 6.71
N ASN A 1081 -2.17 58.91 6.03
CA ASN A 1081 -1.00 58.06 5.77
C ASN A 1081 0.21 58.98 5.70
N CYS A 1082 0.90 59.14 6.83
CA CYS A 1082 2.04 60.04 6.89
C CYS A 1082 3.36 59.31 6.69
N SER A 1083 3.35 58.24 5.93
CA SER A 1083 4.57 57.48 5.73
C SER A 1083 5.38 58.07 4.59
N GLY A 1084 6.47 57.39 4.26
CA GLY A 1084 7.26 57.80 3.12
C GLY A 1084 8.66 57.22 3.16
N SER A 1085 9.25 57.13 1.97
CA SER A 1085 10.53 56.52 1.75
C SER A 1085 11.67 57.48 2.01
N GLY A 1086 12.88 56.99 1.76
CA GLY A 1086 14.06 57.81 1.74
C GLY A 1086 14.42 58.18 0.31
N MET A 1087 14.52 57.18 -0.55
CA MET A 1087 14.61 57.44 -1.98
C MET A 1087 13.82 56.45 -2.80
N GLY A 1088 12.70 55.94 -2.30
CA GLY A 1088 11.95 54.87 -2.92
C GLY A 1088 11.73 55.01 -4.41
N GLY A 1089 11.61 53.89 -5.09
CA GLY A 1089 11.38 53.86 -6.50
C GLY A 1089 12.61 53.69 -7.34
N VAL A 1090 13.76 53.45 -6.72
CA VAL A 1090 15.01 53.36 -7.46
C VAL A 1090 14.88 52.44 -8.65
N SER A 1091 14.10 51.37 -8.53
CA SER A 1091 13.91 50.49 -9.66
C SER A 1091 13.25 51.20 -10.82
N ALA A 1092 12.42 52.21 -10.56
CA ALA A 1092 11.80 52.96 -11.62
C ALA A 1092 12.61 54.16 -12.05
N LEU A 1093 13.33 54.80 -11.13
CA LEU A 1093 14.28 55.83 -11.53
C LEU A 1093 15.30 55.28 -12.50
N ARG A 1094 15.80 54.09 -12.22
CA ARG A 1094 16.63 53.40 -13.18
C ARG A 1094 15.93 53.27 -14.52
N GLY A 1095 14.68 52.84 -14.50
CA GLY A 1095 13.94 52.66 -15.73
C GLY A 1095 13.85 53.91 -16.55
N MET A 1096 13.60 55.05 -15.89
CA MET A 1096 13.36 56.26 -16.67
C MET A 1096 14.66 56.98 -17.01
N PHE A 1097 15.74 56.74 -16.30
CA PHE A 1097 16.98 57.43 -16.59
C PHE A 1097 17.96 56.59 -17.38
N LYS A 1098 18.36 55.44 -16.84
CA LYS A 1098 19.41 54.65 -17.47
C LYS A 1098 18.85 53.60 -18.42
N ASP A 1099 17.57 53.26 -18.28
CA ASP A 1099 16.98 52.27 -19.18
C ASP A 1099 16.50 52.88 -20.47
N ARG A 1100 15.68 53.92 -20.39
CA ARG A 1100 15.16 54.51 -21.62
C ARG A 1100 16.29 55.02 -22.51
N TYR A 1101 17.34 55.59 -21.91
CA TYR A 1101 18.50 55.97 -22.70
C TYR A 1101 19.02 54.81 -23.52
N ALA A 1102 18.86 53.59 -23.04
CA ALA A 1102 19.18 52.42 -23.82
C ALA A 1102 18.03 51.99 -24.70
N ASP A 1103 16.86 52.59 -24.53
CA ASP A 1103 15.65 52.19 -25.24
C ASP A 1103 15.38 50.70 -25.08
N LYS A 1104 15.51 50.22 -23.86
CA LYS A 1104 15.00 48.90 -23.55
C LYS A 1104 13.49 48.98 -23.39
N PRO A 1105 12.78 47.90 -23.67
CA PRO A 1105 11.32 47.95 -23.55
C PRO A 1105 10.92 48.25 -22.13
N VAL A 1106 10.33 49.42 -21.91
CA VAL A 1106 10.05 49.92 -20.57
C VAL A 1106 8.58 50.28 -20.47
N GLN A 1107 7.97 49.97 -19.33
CA GLN A 1107 6.62 50.38 -19.04
C GLN A 1107 6.46 51.87 -19.33
N ASN A 1108 5.29 52.23 -19.86
CA ASN A 1108 5.12 53.59 -20.35
C ASN A 1108 5.09 54.59 -19.21
N ASP A 1109 4.30 54.34 -18.18
CA ASP A 1109 4.04 55.33 -17.13
C ASP A 1109 4.91 55.12 -15.91
N ILE A 1110 6.16 54.68 -16.10
CA ILE A 1110 7.03 54.38 -14.97
C ILE A 1110 7.13 55.54 -14.02
N LEU A 1111 7.09 56.77 -14.52
CA LEU A 1111 7.40 57.89 -13.67
C LEU A 1111 6.41 58.06 -12.53
N GLN A 1112 5.21 57.51 -12.66
CA GLN A 1112 4.29 57.60 -11.54
C GLN A 1112 4.71 56.74 -10.37
N GLU A 1113 5.58 55.75 -10.56
CA GLU A 1113 6.09 54.98 -9.45
C GLU A 1113 7.44 55.46 -8.97
N SER A 1114 8.17 56.23 -9.78
CA SER A 1114 9.45 56.71 -9.32
C SER A 1114 9.33 57.63 -8.13
N PHE A 1115 8.12 58.04 -7.78
CA PHE A 1115 7.97 59.03 -6.74
C PHE A 1115 8.22 58.42 -5.37
N ILE A 1116 7.95 59.23 -4.36
CA ILE A 1116 8.10 58.79 -2.98
C ILE A 1116 6.75 58.75 -2.28
N ASN A 1117 5.81 59.59 -2.70
CA ASN A 1117 4.45 59.49 -2.21
C ASN A 1117 3.64 58.47 -2.97
N THR A 1118 4.17 57.94 -4.06
CA THR A 1118 3.44 56.97 -4.85
C THR A 1118 3.20 55.67 -4.11
N MET A 1119 3.96 55.41 -3.06
CA MET A 1119 3.71 54.22 -2.27
C MET A 1119 2.46 54.37 -1.43
N SER A 1120 2.42 55.38 -0.56
CA SER A 1120 1.19 55.67 0.16
C SER A 1120 0.02 55.86 -0.77
N ALA A 1121 0.27 56.33 -2.00
CA ALA A 1121 -0.79 56.38 -2.99
C ALA A 1121 -1.38 55.01 -3.20
N TRP A 1122 -0.54 54.02 -3.53
CA TRP A 1122 -1.04 52.67 -3.73
C TRP A 1122 -1.69 52.11 -2.49
N VAL A 1123 -1.17 52.43 -1.31
CA VAL A 1123 -1.81 51.97 -0.08
C VAL A 1123 -3.24 52.47 -0.01
N ASN A 1124 -3.44 53.77 -0.19
CA ASN A 1124 -4.80 54.27 -0.13
C ASN A 1124 -5.65 53.76 -1.26
N MET A 1125 -5.05 53.53 -2.41
CA MET A 1125 -5.82 53.10 -3.56
C MET A 1125 -6.29 51.66 -3.39
N LEU A 1126 -5.52 50.84 -2.70
CA LEU A 1126 -5.82 49.43 -2.63
C LEU A 1126 -6.40 48.98 -1.30
N LEU A 1127 -6.19 49.71 -0.21
CA LEU A 1127 -6.69 49.28 1.07
C LEU A 1127 -7.65 50.26 1.71
N LEU A 1128 -7.26 51.51 1.89
CA LEU A 1128 -8.04 52.37 2.74
C LEU A 1128 -9.13 53.12 1.99
N SER A 1129 -8.83 53.56 0.77
CA SER A 1129 -9.76 54.38 -0.01
C SER A 1129 -10.26 55.54 0.83
N SER A 1130 -9.42 56.01 1.73
CA SER A 1130 -9.79 57.07 2.66
C SER A 1130 -9.50 58.43 2.07
N SER A 1131 -9.64 59.43 2.90
CA SER A 1131 -9.38 60.80 2.48
C SER A 1131 -8.69 61.60 3.58
N GLY A 1132 -8.01 60.92 4.49
CA GLY A 1132 -7.31 61.59 5.55
C GLY A 1132 -6.08 62.30 5.04
N PRO A 1133 -5.34 62.91 5.93
CA PRO A 1133 -4.16 63.67 5.51
C PRO A 1133 -3.06 62.77 5.01
N ILE A 1134 -2.75 62.85 3.73
CA ILE A 1134 -1.54 62.23 3.21
C ILE A 1134 -0.41 63.24 3.31
N LYS A 1135 0.70 62.83 3.88
CA LYS A 1135 1.94 63.58 3.86
C LYS A 1135 3.04 62.62 3.47
N THR A 1136 4.24 63.12 3.27
CA THR A 1136 5.28 62.17 2.88
C THR A 1136 6.65 62.71 3.21
N PRO A 1137 7.24 62.29 4.31
CA PRO A 1137 8.56 62.79 4.68
C PRO A 1137 9.66 62.09 3.90
N VAL A 1138 10.81 62.77 3.83
CA VAL A 1138 12.02 62.16 3.31
C VAL A 1138 13.21 62.58 4.16
N GLY A 1139 13.64 61.69 5.06
CA GLY A 1139 14.75 61.90 5.97
C GLY A 1139 15.83 60.87 5.75
N ALA A 1140 16.27 60.71 4.51
CA ALA A 1140 16.58 59.41 3.87
C ALA A 1140 17.04 58.42 4.93
N CYS A 1141 18.09 58.68 5.69
CA CYS A 1141 18.48 57.71 6.70
C CYS A 1141 17.49 57.72 7.85
N ALA A 1142 17.28 58.88 8.46
CA ALA A 1142 16.44 58.98 9.65
C ALA A 1142 15.03 59.39 9.24
N THR A 1143 14.46 58.64 8.32
CA THR A 1143 13.20 59.04 7.74
C THR A 1143 11.99 58.38 8.36
N ALA A 1144 12.15 57.24 9.00
CA ALA A 1144 11.01 56.58 9.60
C ALA A 1144 10.69 57.11 10.97
N VAL A 1145 11.56 57.94 11.55
CA VAL A 1145 11.30 58.50 12.85
C VAL A 1145 10.65 59.86 12.68
N GLU A 1146 11.18 60.66 11.77
CA GLU A 1146 10.55 61.94 11.47
C GLU A 1146 9.12 61.75 11.00
N SER A 1147 8.85 60.67 10.28
CA SER A 1147 7.48 60.37 9.92
C SER A 1147 6.62 60.21 11.15
N VAL A 1148 7.17 59.70 12.24
CA VAL A 1148 6.37 59.55 13.45
C VAL A 1148 6.10 60.92 14.07
N ASP A 1149 7.07 61.82 14.03
CA ASP A 1149 6.82 63.17 14.48
C ASP A 1149 5.71 63.81 13.68
N ILE A 1150 5.74 63.61 12.37
CA ILE A 1150 4.66 64.11 11.55
C ILE A 1150 3.35 63.49 11.97
N GLY A 1151 3.35 62.19 12.23
CA GLY A 1151 2.14 61.54 12.66
C GLY A 1151 1.57 62.15 13.92
N ILE A 1152 2.45 62.51 14.85
CA ILE A 1152 1.96 63.06 16.11
C ILE A 1152 1.45 64.49 15.91
N GLU A 1153 2.25 65.35 15.27
CA GLU A 1153 1.76 66.70 15.01
C GLU A 1153 0.48 66.65 14.21
N THR A 1154 0.28 65.59 13.45
CA THR A 1154 -0.99 65.41 12.77
C THR A 1154 -2.10 65.09 13.75
N ILE A 1155 -1.94 64.01 14.49
CA ILE A 1155 -3.04 63.51 15.31
C ILE A 1155 -3.40 64.51 16.39
N LEU A 1156 -2.42 64.95 17.17
CA LEU A 1156 -2.71 65.91 18.22
C LEU A 1156 -3.37 67.16 17.69
N SER A 1157 -3.12 67.52 16.45
CA SER A 1157 -3.81 68.62 15.82
C SER A 1157 -5.27 68.32 15.56
N GLY A 1158 -5.72 67.09 15.78
CA GLY A 1158 -7.06 66.72 15.40
C GLY A 1158 -7.26 66.58 13.92
N LYS A 1159 -6.22 66.78 13.12
CA LYS A 1159 -6.36 66.59 11.68
C LYS A 1159 -6.76 65.17 11.33
N ALA A 1160 -6.32 64.18 12.10
CA ALA A 1160 -6.64 62.80 11.81
C ALA A 1160 -6.71 62.03 13.12
N LYS A 1161 -7.48 60.95 13.11
CA LYS A 1161 -7.59 60.09 14.26
C LYS A 1161 -6.88 58.76 14.08
N VAL A 1162 -6.52 58.42 12.86
CA VAL A 1162 -5.68 57.27 12.57
C VAL A 1162 -4.78 57.65 11.42
N VAL A 1163 -3.52 57.24 11.50
CA VAL A 1163 -2.57 57.57 10.45
C VAL A 1163 -1.54 56.47 10.35
N LEU A 1164 -1.40 55.91 9.17
CA LEU A 1164 -0.29 55.01 8.96
C LEU A 1164 0.99 55.81 8.96
N VAL A 1165 2.01 55.27 9.60
CA VAL A 1165 3.28 55.95 9.65
C VAL A 1165 4.40 54.95 9.60
N GLY A 1166 5.31 55.12 8.67
CA GLY A 1166 6.44 54.22 8.60
C GLY A 1166 7.37 54.66 7.51
N GLY A 1167 8.32 53.79 7.20
CA GLY A 1167 9.29 54.07 6.16
C GLY A 1167 9.49 52.85 5.31
N TYR A 1168 10.21 53.02 4.22
CA TYR A 1168 10.46 51.92 3.31
C TYR A 1168 11.49 52.35 2.30
N ASP A 1169 12.28 51.40 1.82
CA ASP A 1169 13.24 51.72 0.79
C ASP A 1169 13.74 50.44 0.16
N ASP A 1170 14.28 50.55 -1.03
CA ASP A 1170 14.75 49.41 -1.77
C ASP A 1170 16.21 49.58 -2.13
N PHE A 1171 16.93 48.47 -2.06
CA PHE A 1171 18.33 48.40 -2.45
C PHE A 1171 18.42 48.01 -3.92
N GLN A 1172 19.22 48.76 -4.67
CA GLN A 1172 19.45 48.45 -6.07
C GLN A 1172 20.87 48.86 -6.43
N GLU A 1173 21.23 48.59 -7.69
CA GLU A 1173 22.62 48.73 -8.09
C GLU A 1173 23.09 50.18 -8.00
N GLU A 1174 22.46 51.07 -8.78
CA GLU A 1174 22.99 52.44 -8.88
C GLU A 1174 23.08 53.09 -7.52
N GLY A 1175 22.20 52.73 -6.59
CA GLY A 1175 22.32 53.24 -5.24
C GLY A 1175 23.53 52.70 -4.52
N SER A 1176 23.83 51.42 -4.70
CA SER A 1176 24.97 50.84 -3.99
C SER A 1176 26.28 51.39 -4.51
N TYR A 1177 26.42 51.50 -5.83
CA TYR A 1177 27.68 51.97 -6.36
C TYR A 1177 28.02 53.36 -5.85
N GLU A 1178 27.05 54.25 -5.79
CA GLU A 1178 27.31 55.60 -5.32
C GLU A 1178 27.51 55.68 -3.82
N PHE A 1179 26.81 54.87 -3.03
CA PHE A 1179 27.22 54.77 -1.64
C PHE A 1179 28.65 54.30 -1.51
N ALA A 1180 29.09 53.43 -2.39
CA ALA A 1180 30.47 52.99 -2.32
C ALA A 1180 31.41 54.14 -2.60
N ASN A 1181 31.18 54.86 -3.68
CA ASN A 1181 32.10 55.93 -4.04
C ASN A 1181 32.11 57.05 -3.01
N MET A 1182 31.14 57.11 -2.12
CA MET A 1182 31.23 57.99 -0.97
C MET A 1182 31.98 57.36 0.19
N ASN A 1183 32.41 56.11 0.05
CA ASN A 1183 33.07 55.38 1.13
C ASN A 1183 32.20 55.33 2.38
N ALA A 1184 30.96 54.91 2.21
CA ALA A 1184 30.03 54.79 3.32
C ALA A 1184 29.82 53.33 3.73
N THR A 1185 29.65 52.44 2.77
CA THR A 1185 29.44 51.03 3.10
C THR A 1185 30.77 50.31 3.17
N SER A 1186 30.81 49.28 4.01
CA SER A 1186 32.06 48.55 4.22
C SER A 1186 32.42 47.73 2.99
N ASN A 1187 33.65 47.89 2.54
CA ASN A 1187 34.15 47.14 1.40
C ASN A 1187 34.12 45.66 1.70
N SER A 1188 33.54 44.87 0.79
CA SER A 1188 33.46 43.44 1.04
C SER A 1188 34.82 42.76 0.87
N ILE A 1189 35.56 43.12 -0.17
CA ILE A 1189 36.87 42.50 -0.38
C ILE A 1189 37.78 42.75 0.81
N GLU A 1190 37.81 43.98 1.30
CA GLU A 1190 38.61 44.26 2.48
C GLU A 1190 38.09 43.58 3.73
N GLU A 1191 36.83 43.15 3.74
CA GLU A 1191 36.39 42.33 4.84
C GLU A 1191 36.84 40.90 4.70
N PHE A 1192 37.02 40.42 3.48
CA PHE A 1192 37.49 39.06 3.34
C PHE A 1192 39.00 38.93 3.45
N LYS A 1193 39.75 39.97 3.13
CA LYS A 1193 41.16 39.95 3.51
C LYS A 1193 41.30 39.94 5.02
N HIS A 1194 40.37 40.56 5.72
CA HIS A 1194 40.32 40.49 7.17
C HIS A 1194 39.57 39.27 7.67
N GLY A 1195 39.20 38.37 6.78
CA GLY A 1195 38.58 37.14 7.19
C GLY A 1195 37.29 37.32 7.95
N ARG A 1196 36.52 38.36 7.62
CA ARG A 1196 35.20 38.54 8.20
C ARG A 1196 34.18 37.86 7.31
N THR A 1197 33.44 36.95 7.87
CA THR A 1197 32.42 36.27 7.08
C THR A 1197 31.25 37.22 6.86
N PRO A 1198 30.51 37.03 5.76
CA PRO A 1198 29.41 37.94 5.47
C PRO A 1198 28.51 38.24 6.64
N LYS A 1199 28.09 37.23 7.37
CA LYS A 1199 27.13 37.45 8.44
C LYS A 1199 27.70 38.23 9.61
N GLU A 1200 28.92 38.74 9.51
CA GLU A 1200 29.50 39.41 10.66
C GLU A 1200 30.27 40.67 10.32
N MET A 1201 30.17 41.20 9.11
CA MET A 1201 30.86 42.44 8.79
C MET A 1201 29.97 43.65 8.95
N SER A 1202 28.81 43.50 9.57
CA SER A 1202 28.00 44.63 10.01
C SER A 1202 28.26 44.78 11.50
N ARG A 1203 29.24 45.60 11.85
CA ARG A 1203 29.82 45.60 13.19
C ARG A 1203 29.61 46.95 13.86
N PRO A 1204 28.46 47.18 14.47
CA PRO A 1204 28.27 48.41 15.21
C PRO A 1204 29.24 48.50 16.37
N THR A 1205 29.59 49.73 16.72
CA THR A 1205 30.36 50.10 17.90
C THR A 1205 31.66 49.34 18.03
N THR A 1206 32.03 48.60 16.99
CA THR A 1206 33.19 47.75 17.05
C THR A 1206 34.46 48.56 16.89
N THR A 1207 35.52 48.14 17.59
CA THR A 1207 36.79 48.84 17.49
C THR A 1207 37.33 48.84 16.07
N THR A 1208 36.94 47.87 15.27
CA THR A 1208 37.40 47.80 13.89
C THR A 1208 36.26 47.92 12.89
N ARG A 1209 35.26 48.74 13.22
CA ARG A 1209 34.16 48.96 12.29
C ARG A 1209 34.66 49.69 11.06
N ASN A 1210 33.97 49.49 9.94
CA ASN A 1210 34.45 50.01 8.66
C ASN A 1210 33.34 50.55 7.76
N GLY A 1211 32.21 50.96 8.32
CA GLY A 1211 31.12 51.42 7.48
C GLY A 1211 29.89 50.54 7.66
N PHE A 1212 28.78 50.91 7.06
CA PHE A 1212 27.56 50.16 7.30
C PHE A 1212 27.31 49.16 6.19
N MET A 1213 26.23 48.40 6.36
CA MET A 1213 25.80 47.37 5.42
C MET A 1213 24.34 47.60 5.09
N GLU A 1214 24.07 48.02 3.87
CA GLU A 1214 22.74 48.46 3.50
C GLU A 1214 21.85 47.27 3.20
N ALA A 1215 20.57 47.43 3.49
CA ALA A 1215 19.59 46.40 3.19
C ALA A 1215 18.33 47.06 2.68
N GLN A 1216 17.31 46.25 2.45
CA GLN A 1216 16.09 46.71 1.82
C GLN A 1216 14.92 46.32 2.70
N GLY A 1217 13.72 46.67 2.24
CA GLY A 1217 12.53 46.31 2.97
C GLY A 1217 11.67 47.50 3.31
N SER A 1218 10.89 47.39 4.39
CA SER A 1218 9.97 48.44 4.75
C SER A 1218 9.69 48.37 6.23
N GLY A 1219 8.70 49.13 6.67
CA GLY A 1219 8.28 49.09 8.05
C GLY A 1219 7.13 50.03 8.29
N ILE A 1220 6.11 49.58 9.00
CA ILE A 1220 4.85 50.30 9.09
C ILE A 1220 4.36 50.25 10.52
N GLN A 1221 3.68 51.32 10.96
CA GLN A 1221 3.00 51.32 12.23
C GLN A 1221 1.71 52.10 12.10
N VAL A 1222 0.62 51.54 12.62
CA VAL A 1222 -0.69 52.18 12.57
C VAL A 1222 -0.89 52.88 13.90
N ILE A 1223 -0.43 54.12 14.02
CA ILE A 1223 -0.61 54.86 15.24
C ILE A 1223 -2.00 55.46 15.23
N MET A 1224 -2.41 55.99 16.36
CA MET A 1224 -3.83 56.15 16.61
C MET A 1224 -4.04 56.92 17.89
N THR A 1225 -5.11 57.69 17.98
CA THR A 1225 -5.46 58.32 19.24
C THR A 1225 -5.66 57.25 20.30
N ALA A 1226 -5.35 57.61 21.54
CA ALA A 1226 -5.51 56.64 22.62
C ALA A 1226 -6.95 56.21 22.79
N ASP A 1227 -7.84 57.15 23.09
CA ASP A 1227 -9.20 56.74 23.39
C ASP A 1227 -9.85 56.05 22.21
N LEU A 1228 -9.53 56.46 20.99
CA LEU A 1228 -10.04 55.72 19.86
C LEU A 1228 -9.49 54.32 19.83
N ALA A 1229 -8.23 54.13 20.21
CA ALA A 1229 -7.70 52.78 20.26
C ALA A 1229 -8.50 51.94 21.23
N LEU A 1230 -8.60 52.36 22.47
CA LEU A 1230 -9.33 51.55 23.44
C LEU A 1230 -10.83 51.61 23.24
N LYS A 1231 -11.31 52.37 22.27
CA LYS A 1231 -12.72 52.32 21.94
C LYS A 1231 -13.00 51.34 20.82
N MET A 1232 -12.11 51.26 19.85
CA MET A 1232 -12.17 50.17 18.90
C MET A 1232 -11.87 48.85 19.57
N GLY A 1233 -11.06 48.88 20.62
CA GLY A 1233 -10.61 47.66 21.24
C GLY A 1233 -9.41 47.03 20.58
N VAL A 1234 -8.42 47.83 20.19
CA VAL A 1234 -7.26 47.30 19.48
C VAL A 1234 -6.13 47.07 20.46
N PRO A 1235 -5.09 46.36 20.08
CA PRO A 1235 -3.98 46.12 21.00
C PRO A 1235 -3.08 47.34 21.08
N ILE A 1236 -3.07 47.99 22.23
CA ILE A 1236 -2.17 49.12 22.41
C ILE A 1236 -0.78 48.56 22.66
N HIS A 1237 0.07 48.58 21.65
CA HIS A 1237 1.40 48.01 21.79
C HIS A 1237 2.37 48.94 22.48
N ALA A 1238 2.11 50.23 22.50
CA ALA A 1238 3.10 51.20 22.96
C ALA A 1238 2.42 52.54 23.15
N VAL A 1239 3.19 53.51 23.62
CA VAL A 1239 2.72 54.87 23.81
C VAL A 1239 3.85 55.80 23.41
N LEU A 1240 3.76 56.38 22.22
CA LEU A 1240 4.82 57.28 21.79
C LEU A 1240 4.76 58.54 22.62
N ALA A 1241 5.61 58.64 23.63
CA ALA A 1241 5.61 59.82 24.47
C ALA A 1241 6.18 61.01 23.73
N MET A 1242 7.44 60.93 23.33
CA MET A 1242 8.15 62.06 22.78
C MET A 1242 8.59 61.73 21.37
N THR A 1243 8.82 62.77 20.59
CA THR A 1243 9.42 62.62 19.27
C THR A 1243 9.78 64.00 18.76
N ALA A 1244 10.97 64.10 18.18
CA ALA A 1244 11.42 65.39 17.66
C ALA A 1244 12.47 65.13 16.62
N THR A 1245 12.92 66.22 16.00
CA THR A 1245 14.02 66.15 15.05
C THR A 1245 14.80 67.46 15.14
N ALA A 1246 15.93 67.51 14.45
CA ALA A 1246 16.76 68.68 14.60
C ALA A 1246 17.79 68.77 13.48
N THR A 1247 18.23 69.98 13.21
CA THR A 1247 19.27 70.29 12.24
C THR A 1247 20.55 70.62 13.00
N ASP A 1248 21.67 70.05 12.57
CA ASP A 1248 22.80 69.90 13.50
C ASP A 1248 23.57 71.22 13.68
N LYS A 1249 24.25 71.69 12.63
CA LYS A 1249 25.04 72.91 12.76
C LYS A 1249 25.67 73.22 11.41
N ILE A 1250 26.04 74.49 11.22
CA ILE A 1250 26.56 74.95 9.94
C ILE A 1250 27.82 74.17 9.60
N GLY A 1251 27.93 73.75 8.35
CA GLY A 1251 29.08 72.97 7.94
C GLY A 1251 29.31 73.10 6.47
N ARG A 1252 30.13 72.19 5.94
CA ARG A 1252 30.39 72.09 4.51
C ARG A 1252 30.41 70.65 4.04
N SER A 1253 29.90 69.73 4.84
CA SER A 1253 29.86 68.31 4.49
C SER A 1253 28.55 67.71 4.98
N VAL A 1254 27.70 67.34 4.05
CA VAL A 1254 26.42 66.69 4.36
C VAL A 1254 26.63 65.36 5.11
N PRO A 1255 27.53 64.47 4.68
CA PRO A 1255 27.60 63.16 5.34
C PRO A 1255 27.97 63.20 6.80
N ALA A 1256 28.62 64.24 7.28
CA ALA A 1256 29.02 64.25 8.68
C ALA A 1256 27.84 64.61 9.56
N PRO A 1257 27.49 63.79 10.54
CA PRO A 1257 26.39 64.11 11.44
C PRO A 1257 26.83 65.11 12.50
N GLY A 1258 25.88 65.48 13.35
CA GLY A 1258 26.19 66.36 14.45
C GLY A 1258 25.27 66.09 15.61
N LYS A 1259 25.39 66.88 16.67
CA LYS A 1259 24.68 66.61 17.91
C LYS A 1259 23.42 67.46 18.02
N GLY A 1260 22.80 67.80 16.90
CA GLY A 1260 21.61 68.63 16.98
C GLY A 1260 20.50 68.02 17.78
N ILE A 1261 20.30 66.72 17.66
CA ILE A 1261 19.21 66.06 18.37
C ILE A 1261 19.33 66.20 19.88
N LEU A 1262 20.48 66.64 20.38
CA LEU A 1262 20.64 66.87 21.80
C LEU A 1262 19.60 67.83 22.35
N THR A 1263 19.12 68.75 21.54
CA THR A 1263 18.27 69.84 21.99
C THR A 1263 16.93 69.36 22.52
N THR A 1264 16.64 68.07 22.42
CA THR A 1264 15.43 67.53 23.01
C THR A 1264 15.51 67.47 24.53
N ALA A 1265 16.67 67.78 25.10
CA ALA A 1265 16.90 67.63 26.52
C ALA A 1265 17.49 68.88 27.16
N ARG A 1266 17.72 69.93 26.38
CA ARG A 1266 18.29 71.13 26.96
C ARG A 1266 17.26 71.74 27.90
N GLU A 1267 17.72 72.30 29.01
CA GLU A 1267 16.83 73.00 29.92
C GLU A 1267 17.66 74.01 30.69
N HIS A 1268 17.09 74.50 31.78
CA HIS A 1268 17.65 75.64 32.49
C HIS A 1268 18.09 75.22 33.90
N HIS A 1269 19.31 75.59 34.27
CA HIS A 1269 19.90 75.16 35.53
C HIS A 1269 20.60 76.30 36.27
N GLY A 1270 19.95 77.44 36.44
CA GLY A 1270 20.60 78.54 37.11
C GLY A 1270 20.61 78.45 38.62
N ASN A 1271 19.48 78.11 39.23
CA ASN A 1271 19.36 78.09 40.69
C ASN A 1271 18.13 77.25 41.03
N LEU A 1272 18.31 76.25 41.90
CA LEU A 1272 17.28 75.28 42.17
C LEU A 1272 16.74 75.36 43.59
N LYS A 1273 17.01 76.45 44.30
CA LYS A 1273 16.45 76.62 45.64
C LYS A 1273 14.94 76.43 45.65
N TYR A 1274 14.26 76.99 44.67
CA TYR A 1274 12.84 76.78 44.47
C TYR A 1274 12.65 75.80 43.32
N PRO A 1275 12.56 74.49 43.56
CA PRO A 1275 12.32 73.58 42.44
C PRO A 1275 10.95 73.79 41.83
N SER A 1276 10.85 73.52 40.53
CA SER A 1276 9.60 73.76 39.82
C SER A 1276 8.49 72.90 40.38
N PRO A 1277 7.47 73.50 41.01
CA PRO A 1277 6.41 72.70 41.61
C PRO A 1277 5.63 71.89 40.59
N LEU A 1278 5.86 72.14 39.31
CA LEU A 1278 5.05 71.50 38.29
C LEU A 1278 5.42 70.04 38.08
N LEU A 1279 6.56 69.59 38.60
CA LEU A 1279 6.93 68.19 38.45
C LEU A 1279 6.22 67.31 39.47
N ASN A 1280 5.86 67.86 40.62
CA ASN A 1280 5.19 67.08 41.63
C ASN A 1280 3.80 66.71 41.17
N ILE A 1281 3.58 65.41 40.94
CA ILE A 1281 2.35 64.95 40.32
C ILE A 1281 1.13 65.30 41.15
N GLU A 1282 1.25 65.38 42.47
CA GLU A 1282 0.10 65.71 43.28
C GLU A 1282 -0.30 67.17 43.16
N TYR A 1283 0.67 68.06 42.98
CA TYR A 1283 0.34 69.45 42.75
C TYR A 1283 -0.49 69.59 41.49
N ARG A 1284 -0.03 69.02 40.39
CA ARG A 1284 -0.83 69.04 39.17
C ARG A 1284 -2.15 68.34 39.35
N LYS A 1285 -2.19 67.28 40.15
CA LYS A 1285 -3.45 66.58 40.37
C LYS A 1285 -4.48 67.48 41.03
N ARG A 1286 -4.09 68.15 42.10
CA ARG A 1286 -5.04 69.03 42.76
C ARG A 1286 -5.41 70.22 41.89
N GLN A 1287 -4.48 70.72 41.09
CA GLN A 1287 -4.84 71.78 40.15
C GLN A 1287 -5.90 71.31 39.17
N LEU A 1288 -5.67 70.15 38.55
CA LEU A 1288 -6.65 69.60 37.63
C LEU A 1288 -7.99 69.41 38.32
N ASN A 1289 -7.97 68.92 39.56
CA ASN A 1289 -9.22 68.75 40.29
C ASN A 1289 -9.96 70.05 40.42
N LYS A 1290 -9.31 71.07 40.99
CA LYS A 1290 -9.99 72.33 41.23
C LYS A 1290 -10.42 72.99 39.94
N ARG A 1291 -9.73 72.72 38.83
CA ARG A 1291 -10.22 73.25 37.57
C ARG A 1291 -11.44 72.50 37.09
N LEU A 1292 -11.50 71.19 37.34
CA LEU A 1292 -12.65 70.44 36.90
C LEU A 1292 -13.89 70.78 37.68
N GLU A 1293 -13.76 71.04 38.98
CA GLU A 1293 -14.94 71.48 39.70
C GLU A 1293 -15.44 72.81 39.17
N GLN A 1294 -14.52 73.73 38.87
CA GLN A 1294 -14.89 74.98 38.23
C GLN A 1294 -15.63 74.73 36.92
N ILE A 1295 -15.12 73.84 36.07
CA ILE A 1295 -15.76 73.57 34.79
C ILE A 1295 -17.16 72.99 34.98
N LYS A 1296 -17.32 72.02 35.87
CA LYS A 1296 -18.63 71.44 36.05
C LYS A 1296 -19.61 72.43 36.65
N SER A 1297 -19.17 73.30 37.55
CA SER A 1297 -20.06 74.34 38.03
C SER A 1297 -20.45 75.27 36.90
N TRP A 1298 -19.49 75.61 36.05
CA TRP A 1298 -19.79 76.43 34.88
C TRP A 1298 -20.85 75.78 34.01
N GLU A 1299 -20.73 74.48 33.79
CA GLU A 1299 -21.67 73.79 32.91
C GLU A 1299 -23.05 73.71 33.53
N GLU A 1300 -23.13 73.41 34.82
CA GLU A 1300 -24.43 73.39 35.47
C GLU A 1300 -25.05 74.77 35.52
N THR A 1301 -24.23 75.82 35.54
CA THR A 1301 -24.78 77.16 35.48
C THR A 1301 -25.33 77.46 34.11
N GLU A 1302 -24.60 77.05 33.07
CA GLU A 1302 -25.06 77.32 31.72
C GLU A 1302 -26.29 76.51 31.35
N LEU A 1303 -26.44 75.30 31.88
CA LEU A 1303 -27.67 74.57 31.65
C LEU A 1303 -28.87 75.34 32.20
N SER A 1304 -28.71 75.95 33.37
CA SER A 1304 -29.78 76.82 33.88
C SER A 1304 -29.99 78.02 32.98
N TYR A 1305 -28.90 78.65 32.54
CA TYR A 1305 -29.00 79.74 31.59
C TYR A 1305 -29.83 79.38 30.37
N LEU A 1306 -29.72 78.13 29.91
CA LEU A 1306 -30.32 77.73 28.66
C LEU A 1306 -31.84 77.79 28.69
N GLN A 1307 -32.45 77.67 29.86
CA GLN A 1307 -33.89 77.86 29.95
C GLN A 1307 -34.26 79.27 29.49
N GLU A 1308 -33.76 80.28 30.19
CA GLU A 1308 -34.08 81.64 29.82
C GLU A 1308 -33.66 81.97 28.41
N GLU A 1309 -32.48 81.52 27.98
CA GLU A 1309 -32.03 81.81 26.63
C GLU A 1309 -33.01 81.32 25.57
N ALA A 1310 -33.72 80.23 25.83
CA ALA A 1310 -34.68 79.72 24.86
C ALA A 1310 -35.78 80.74 24.57
N GLU A 1311 -36.57 81.07 25.59
CA GLU A 1311 -37.65 82.04 25.39
C GLU A 1311 -37.13 83.43 25.08
N LEU A 1312 -35.85 83.70 25.32
CA LEU A 1312 -35.32 85.01 24.95
C LEU A 1312 -34.76 85.03 23.54
N ALA A 1313 -34.63 83.87 22.89
CA ALA A 1313 -34.14 83.85 21.52
C ALA A 1313 -34.98 82.99 20.57
N LYS A 1314 -36.12 82.46 20.99
CA LYS A 1314 -37.01 81.75 20.08
C LYS A 1314 -38.12 82.62 19.54
N GLU A 1315 -38.59 83.60 20.32
CA GLU A 1315 -39.55 84.57 19.81
C GLU A 1315 -39.03 85.32 18.59
N GLU A 1316 -37.71 85.37 18.41
CA GLU A 1316 -37.08 86.22 17.43
C GLU A 1316 -36.52 85.44 16.24
N PHE A 1317 -36.79 84.15 16.16
CA PHE A 1317 -36.44 83.37 14.99
C PHE A 1317 -37.64 82.70 14.35
N GLY A 1318 -38.60 82.24 15.13
CA GLY A 1318 -39.83 81.70 14.60
C GLY A 1318 -40.94 81.86 15.63
N ASP A 1319 -42.14 82.16 15.13
CA ASP A 1319 -43.26 82.34 16.04
C ASP A 1319 -43.55 81.08 16.84
N GLU A 1320 -43.27 79.91 16.28
CA GLU A 1320 -43.40 78.66 17.01
C GLU A 1320 -42.24 78.52 17.98
N PHE A 1321 -42.49 77.81 19.07
CA PHE A 1321 -41.50 77.63 20.14
C PHE A 1321 -41.14 76.16 20.21
N SER A 1322 -40.03 75.78 19.60
CA SER A 1322 -39.55 74.42 19.65
C SER A 1322 -38.69 74.20 20.88
N MET A 1323 -39.23 74.56 22.04
CA MET A 1323 -38.54 74.33 23.31
C MET A 1323 -38.08 72.90 23.47
N HIS A 1324 -38.66 71.97 22.72
CA HIS A 1324 -38.14 70.61 22.74
C HIS A 1324 -36.87 70.50 21.93
N GLU A 1325 -36.95 70.73 20.62
CA GLU A 1325 -35.77 70.51 19.79
C GLU A 1325 -34.72 71.58 19.96
N PHE A 1326 -35.10 72.84 20.17
CA PHE A 1326 -34.08 73.85 20.43
C PHE A 1326 -33.24 73.47 21.65
N LEU A 1327 -33.88 73.07 22.73
CA LEU A 1327 -33.12 72.64 23.90
C LEU A 1327 -32.36 71.35 23.63
N LYS A 1328 -32.99 70.35 23.02
CA LYS A 1328 -32.26 69.11 22.77
C LYS A 1328 -31.10 69.32 21.80
N GLU A 1329 -31.04 70.48 21.16
CA GLU A 1329 -29.83 70.83 20.42
C GLU A 1329 -28.82 71.55 21.30
N ARG A 1330 -29.22 72.66 21.91
CA ARG A 1330 -28.26 73.51 22.59
C ARG A 1330 -27.78 72.92 23.90
N THR A 1331 -28.57 72.08 24.56
CA THR A 1331 -28.06 71.36 25.73
C THR A 1331 -26.93 70.43 25.36
N GLU A 1332 -27.11 69.61 24.33
CA GLU A 1332 -26.02 68.72 24.00
C GLU A 1332 -24.82 69.48 23.45
N GLU A 1333 -25.05 70.61 22.79
CA GLU A 1333 -23.91 71.45 22.45
C GLU A 1333 -23.18 71.93 23.70
N VAL A 1334 -23.93 72.28 24.74
CA VAL A 1334 -23.32 72.61 26.01
C VAL A 1334 -22.47 71.45 26.50
N TYR A 1335 -23.00 70.23 26.38
CA TYR A 1335 -22.22 69.07 26.77
C TYR A 1335 -20.91 69.01 26.03
N ARG A 1336 -20.93 69.20 24.71
CA ARG A 1336 -19.70 69.07 23.95
C ARG A 1336 -18.71 70.19 24.29
N GLU A 1337 -19.20 71.42 24.43
CA GLU A 1337 -18.29 72.50 24.76
C GLU A 1337 -17.79 72.44 26.18
N SER A 1338 -18.46 71.69 27.05
CA SER A 1338 -17.89 71.39 28.34
C SER A 1338 -16.87 70.28 28.25
N LYS A 1339 -17.13 69.29 27.42
CA LYS A 1339 -16.19 68.21 27.22
C LYS A 1339 -14.87 68.73 26.68
N ARG A 1340 -14.91 69.66 25.75
CA ARG A 1340 -13.67 70.20 25.22
C ARG A 1340 -12.87 70.91 26.31
N GLN A 1341 -13.51 71.69 27.15
CA GLN A 1341 -12.78 72.32 28.24
C GLN A 1341 -12.22 71.29 29.20
N VAL A 1342 -12.97 70.24 29.47
CA VAL A 1342 -12.47 69.16 30.31
C VAL A 1342 -11.17 68.63 29.75
N SER A 1343 -11.20 68.20 28.49
CA SER A 1343 -10.01 67.62 27.88
C SER A 1343 -8.90 68.64 27.75
N ASP A 1344 -9.22 69.91 27.58
CA ASP A 1344 -8.16 70.91 27.51
C ASP A 1344 -7.48 71.10 28.83
N ALA A 1345 -8.23 71.19 29.92
CA ALA A 1345 -7.60 71.24 31.23
C ALA A 1345 -6.75 70.01 31.46
N LYS A 1346 -7.26 68.85 31.07
CA LYS A 1346 -6.48 67.63 31.28
C LYS A 1346 -5.19 67.67 30.49
N LYS A 1347 -5.22 68.09 29.23
CA LYS A 1347 -4.00 68.11 28.45
C LYS A 1347 -3.08 69.24 28.87
N GLN A 1348 -3.63 70.25 29.53
CA GLN A 1348 -2.81 71.34 30.03
C GLN A 1348 -2.10 70.98 31.31
N TRP A 1349 -2.68 70.09 32.11
CA TRP A 1349 -2.05 69.73 33.36
C TRP A 1349 -1.35 68.38 33.34
N GLY A 1350 -1.72 67.46 32.47
CA GLY A 1350 -1.04 66.19 32.44
C GLY A 1350 -0.35 65.84 31.14
N ASN A 1351 -0.92 66.23 30.01
CA ASN A 1351 -0.35 65.80 28.74
C ASN A 1351 0.87 66.64 28.39
N SER A 1352 0.68 67.94 28.29
CA SER A 1352 1.70 68.85 27.79
C SER A 1352 1.81 70.04 28.72
N PHE A 1353 1.89 69.78 30.01
CA PHE A 1353 2.02 70.86 30.97
C PHE A 1353 3.36 71.55 30.89
N TYR A 1354 4.29 71.02 30.10
CA TYR A 1354 5.64 71.54 30.07
C TYR A 1354 5.96 72.33 28.82
N LYS A 1355 5.04 72.43 27.88
CA LYS A 1355 5.39 72.90 26.54
C LYS A 1355 5.94 74.32 26.52
N SER A 1356 5.70 75.11 27.55
CA SER A 1356 6.10 76.51 27.55
C SER A 1356 7.17 76.81 28.60
N ASP A 1357 7.76 75.79 29.22
CA ASP A 1357 8.67 76.01 30.32
C ASP A 1357 10.08 75.65 29.92
N PRO A 1358 11.07 76.50 30.15
CA PRO A 1358 12.46 76.09 29.93
C PRO A 1358 13.00 75.15 30.99
N ARG A 1359 12.51 75.24 32.22
CA ARG A 1359 13.05 74.42 33.29
C ARG A 1359 12.78 72.94 33.12
N ILE A 1360 11.84 72.56 32.26
CA ILE A 1360 11.51 71.17 32.03
C ILE A 1360 11.95 70.80 30.64
N ALA A 1361 13.09 70.14 30.53
CA ALA A 1361 13.51 69.67 29.24
C ALA A 1361 12.45 68.77 28.65
N PRO A 1362 12.28 68.80 27.34
CA PRO A 1362 11.23 68.00 26.72
C PRO A 1362 11.33 66.54 27.06
N LEU A 1363 12.50 65.97 26.91
CA LEU A 1363 12.66 64.55 27.15
C LEU A 1363 12.36 64.16 28.58
N ARG A 1364 12.42 65.11 29.51
CA ARG A 1364 11.98 64.80 30.86
C ARG A 1364 10.48 64.90 30.99
N GLY A 1365 9.90 66.04 30.60
CA GLY A 1365 8.49 66.24 30.80
C GLY A 1365 7.65 65.22 30.07
N ALA A 1366 8.15 64.76 28.93
CA ALA A 1366 7.47 63.71 28.19
C ALA A 1366 7.16 62.54 29.11
N LEU A 1367 8.18 61.99 29.75
CA LEU A 1367 7.92 60.92 30.68
C LEU A 1367 7.16 61.42 31.88
N ALA A 1368 7.58 62.53 32.47
CA ALA A 1368 6.98 63.03 33.69
C ALA A 1368 5.48 63.18 33.57
N ALA A 1369 4.96 63.24 32.35
CA ALA A 1369 3.53 63.10 32.17
C ALA A 1369 3.03 61.81 32.81
N PHE A 1370 3.79 60.72 32.70
CA PHE A 1370 3.45 59.46 33.30
C PHE A 1370 4.06 59.27 34.67
N ASN A 1371 4.41 60.36 35.34
CA ASN A 1371 5.01 60.27 36.66
C ASN A 1371 6.28 59.43 36.60
N LEU A 1372 6.98 59.51 35.48
CA LEU A 1372 8.21 58.76 35.29
C LEU A 1372 9.42 59.67 35.47
N THR A 1373 10.56 59.05 35.74
CA THR A 1373 11.81 59.76 35.87
C THR A 1373 12.68 59.47 34.66
N ILE A 1374 13.58 60.40 34.37
CA ILE A 1374 14.58 60.15 33.34
C ILE A 1374 15.37 58.88 33.66
N ASP A 1375 15.40 58.47 34.92
CA ASP A 1375 16.08 57.24 35.26
C ASP A 1375 15.37 56.05 34.78
N ASP A 1376 14.36 56.15 33.92
CA ASP A 1376 13.60 54.98 33.52
C ASP A 1376 13.64 54.71 32.03
N ILE A 1377 14.32 55.52 31.24
CA ILE A 1377 14.56 55.11 29.87
C ILE A 1377 15.48 53.91 29.91
N GLY A 1378 14.94 52.74 29.66
CA GLY A 1378 15.71 51.54 29.87
C GLY A 1378 16.77 51.36 28.82
N VAL A 1379 16.36 51.33 27.57
CA VAL A 1379 17.26 51.05 26.47
C VAL A 1379 17.43 52.30 25.66
N ALA A 1380 18.38 52.27 24.75
CA ALA A 1380 18.50 53.27 23.71
C ALA A 1380 18.80 52.53 22.42
N SER A 1381 17.78 52.32 21.59
CA SER A 1381 17.96 51.62 20.33
C SER A 1381 18.78 52.53 19.43
N PHE A 1382 20.07 52.24 19.34
CA PHE A 1382 20.95 53.13 18.63
C PHE A 1382 20.77 53.02 17.13
N HIS A 1383 20.99 54.15 16.46
CA HIS A 1383 21.08 54.11 15.00
C HIS A 1383 22.18 53.18 14.57
N GLY A 1384 23.38 53.37 15.11
CA GLY A 1384 24.45 52.40 15.02
C GLY A 1384 24.68 51.84 13.64
N THR A 1385 25.19 52.66 12.73
CA THR A 1385 25.41 52.20 11.37
C THR A 1385 26.83 51.75 11.15
N SER A 1386 27.50 51.24 12.19
CA SER A 1386 28.82 50.65 12.05
C SER A 1386 29.79 51.53 11.28
N THR A 1387 29.60 52.84 11.29
CA THR A 1387 30.55 53.73 10.65
C THR A 1387 31.41 54.40 11.70
N VAL A 1388 32.46 55.06 11.24
CA VAL A 1388 33.42 55.63 12.18
C VAL A 1388 32.77 56.73 12.99
N ALA A 1389 32.18 57.72 12.32
CA ALA A 1389 31.72 58.90 13.04
C ALA A 1389 30.40 58.66 13.73
N ASN A 1390 29.50 57.90 13.12
CA ASN A 1390 28.18 57.72 13.69
C ASN A 1390 28.26 57.06 15.06
N ASP A 1391 28.97 55.96 15.16
CA ASP A 1391 28.99 55.18 16.39
C ASP A 1391 29.56 55.95 17.56
N LYS A 1392 30.40 56.94 17.31
CA LYS A 1392 30.87 57.78 18.40
C LYS A 1392 29.97 58.95 18.65
N ASN A 1393 29.44 59.57 17.60
CA ASN A 1393 28.58 60.72 17.80
C ASN A 1393 27.31 60.34 18.53
N GLU A 1394 26.72 59.21 18.16
CA GLU A 1394 25.49 58.78 18.82
C GLU A 1394 25.70 58.57 20.30
N SER A 1395 26.76 57.86 20.66
CA SER A 1395 27.06 57.68 22.07
C SER A 1395 27.34 59.00 22.74
N ALA A 1396 28.04 59.90 22.07
CA ALA A 1396 28.29 61.20 22.66
C ALA A 1396 27.00 61.91 23.01
N THR A 1397 26.06 61.96 22.07
CA THR A 1397 24.80 62.62 22.36
C THR A 1397 24.06 61.93 23.49
N ILE A 1398 24.01 60.59 23.46
CA ILE A 1398 23.26 59.92 24.51
C ILE A 1398 23.88 60.19 25.87
N ASN A 1399 25.19 60.09 25.96
CA ASN A 1399 25.85 60.35 27.22
C ASN A 1399 25.60 61.77 27.69
N ASN A 1400 25.79 62.74 26.80
CA ASN A 1400 25.62 64.12 27.22
C ASN A 1400 24.20 64.43 27.62
N MET A 1401 23.21 63.89 26.91
CA MET A 1401 21.84 64.21 27.26
C MET A 1401 21.39 63.48 28.52
N MET A 1402 21.89 62.27 28.75
CA MET A 1402 21.60 61.63 30.02
C MET A 1402 22.35 62.29 31.15
N LYS A 1403 23.44 62.97 30.84
CA LYS A 1403 24.16 63.69 31.86
C LYS A 1403 23.40 64.95 32.24
N HIS A 1404 22.98 65.72 31.23
CA HIS A 1404 22.31 66.97 31.51
C HIS A 1404 21.02 66.77 32.26
N LEU A 1405 20.30 65.70 31.96
CA LEU A 1405 19.07 65.41 32.66
C LEU A 1405 19.32 64.82 34.04
N GLY A 1406 20.56 64.54 34.38
CA GLY A 1406 20.84 64.01 35.69
C GLY A 1406 20.35 62.59 35.86
N ARG A 1407 20.79 61.68 35.00
CA ARG A 1407 20.65 60.28 35.31
C ARG A 1407 21.38 59.99 36.61
N SER A 1408 20.78 59.14 37.44
CA SER A 1408 21.50 58.69 38.61
C SER A 1408 22.76 57.99 38.16
N GLU A 1409 23.89 58.46 38.66
CA GLU A 1409 25.18 57.94 38.23
C GLU A 1409 25.22 56.43 38.37
N GLY A 1410 25.77 55.75 37.38
CA GLY A 1410 25.79 54.32 37.41
C GLY A 1410 24.47 53.69 37.08
N ASN A 1411 23.68 54.30 36.20
CA ASN A 1411 22.41 53.75 35.75
C ASN A 1411 22.37 53.88 34.24
N PRO A 1412 23.31 53.26 33.54
CA PRO A 1412 23.41 53.50 32.10
C PRO A 1412 22.29 52.83 31.35
N VAL A 1413 22.02 53.34 30.18
CA VAL A 1413 21.05 52.77 29.27
C VAL A 1413 21.77 51.79 28.35
N PHE A 1414 21.06 50.78 27.91
CA PHE A 1414 21.67 49.68 27.18
C PHE A 1414 21.66 50.04 25.71
N GLY A 1415 22.64 49.58 24.96
CA GLY A 1415 22.63 49.84 23.54
C GLY A 1415 22.28 48.62 22.71
N VAL A 1416 21.20 48.68 21.93
CA VAL A 1416 20.84 47.61 21.01
C VAL A 1416 21.03 48.10 19.59
N PHE A 1417 21.52 47.23 18.73
CA PHE A 1417 22.14 47.65 17.48
C PHE A 1417 21.67 46.81 16.31
N GLN A 1418 20.34 46.71 16.14
CA GLN A 1418 19.76 45.82 15.13
C GLN A 1418 20.47 45.86 13.80
N LYS A 1419 21.13 46.96 13.46
CA LYS A 1419 21.83 47.02 12.19
C LYS A 1419 22.91 45.96 12.07
N TYR A 1420 23.37 45.38 13.17
CA TYR A 1420 24.30 44.28 13.04
C TYR A 1420 23.66 43.10 12.35
N LEU A 1421 22.39 42.86 12.62
CA LEU A 1421 21.70 41.66 12.18
C LEU A 1421 20.90 41.89 10.92
N THR A 1422 20.17 43.00 10.84
CA THR A 1422 19.34 43.29 9.70
C THR A 1422 20.05 44.06 8.62
N GLY A 1423 21.14 44.73 8.94
CA GLY A 1423 21.71 45.66 8.00
C GLY A 1423 21.12 47.04 8.21
N HIS A 1424 21.39 47.91 7.26
CA HIS A 1424 20.94 49.28 7.37
C HIS A 1424 19.94 49.57 6.26
N PRO A 1425 18.66 49.49 6.51
CA PRO A 1425 17.68 49.76 5.46
C PRO A 1425 17.60 51.24 5.18
N LYS A 1426 18.49 51.70 4.31
CA LYS A 1426 18.84 53.10 4.13
C LYS A 1426 17.67 54.04 4.32
N GLY A 1427 16.49 53.67 3.83
CA GLY A 1427 15.31 54.43 4.18
C GLY A 1427 14.73 54.10 5.54
N ALA A 1428 14.32 52.85 5.74
CA ALA A 1428 13.38 52.51 6.80
C ALA A 1428 14.02 52.10 8.11
N ALA A 1429 15.24 52.54 8.39
CA ALA A 1429 15.93 52.10 9.60
C ALA A 1429 15.08 52.32 10.83
N GLY A 1430 14.46 53.50 10.92
CA GLY A 1430 13.68 53.80 12.10
C GLY A 1430 12.56 52.84 12.35
N ALA A 1431 11.97 52.27 11.30
CA ALA A 1431 10.86 51.37 11.54
C ALA A 1431 11.33 50.08 12.19
N TRP A 1432 12.40 49.49 11.68
CA TRP A 1432 12.93 48.30 12.32
C TRP A 1432 13.33 48.61 13.75
N MET A 1433 13.99 49.74 13.97
CA MET A 1433 14.35 50.09 15.33
C MET A 1433 13.12 50.25 16.21
N LEU A 1434 12.03 50.77 15.67
CA LEU A 1434 10.86 51.02 16.48
C LEU A 1434 10.09 49.74 16.80
N ASN A 1435 9.99 48.83 15.84
CA ASN A 1435 9.44 47.52 16.15
C ASN A 1435 10.29 46.83 17.21
N GLY A 1436 11.61 46.94 17.08
CA GLY A 1436 12.46 46.41 18.12
C GLY A 1436 12.11 47.00 19.47
N ALA A 1437 11.94 48.32 19.52
CA ALA A 1437 11.61 48.95 20.78
C ALA A 1437 10.30 48.42 21.34
N ILE A 1438 9.29 48.25 20.49
CA ILE A 1438 8.00 47.84 21.02
C ILE A 1438 8.03 46.40 21.47
N GLN A 1439 8.67 45.52 20.70
CA GLN A 1439 8.81 44.14 21.13
C GLN A 1439 9.56 44.06 22.45
N ILE A 1440 10.58 44.91 22.61
CA ILE A 1440 11.26 44.96 23.88
C ILE A 1440 10.29 45.37 24.98
N LEU A 1441 9.55 46.45 24.76
CA LEU A 1441 8.59 46.88 25.78
C LEU A 1441 7.64 45.76 26.15
N GLU A 1442 7.31 44.91 25.19
CA GLU A 1442 6.36 43.85 25.49
C GLU A 1442 7.00 42.74 26.28
N SER A 1443 8.09 42.17 25.78
CA SER A 1443 8.67 41.00 26.41
C SER A 1443 9.49 41.35 27.63
N GLY A 1444 10.25 42.43 27.56
CA GLY A 1444 11.23 42.73 28.57
C GLY A 1444 12.62 42.22 28.25
N LEU A 1445 12.80 41.58 27.10
CA LEU A 1445 14.13 41.14 26.72
C LEU A 1445 14.92 42.32 26.21
N VAL A 1446 16.24 42.17 26.15
CA VAL A 1446 17.06 43.17 25.50
C VAL A 1446 18.04 42.47 24.57
N PRO A 1447 17.87 42.58 23.27
CA PRO A 1447 18.80 41.93 22.36
C PRO A 1447 20.19 42.47 22.54
N GLY A 1448 21.13 41.83 21.89
CA GLY A 1448 22.53 42.20 22.00
C GLY A 1448 23.20 42.16 20.66
N ASN A 1449 24.24 42.95 20.53
CA ASN A 1449 25.05 42.91 19.32
C ASN A 1449 25.87 41.64 19.31
N ARG A 1450 25.38 40.61 18.65
CA ARG A 1450 26.11 39.36 18.58
C ARG A 1450 27.25 39.41 17.61
N ASN A 1451 27.65 40.61 17.20
CA ASN A 1451 28.94 40.80 16.56
C ASN A 1451 29.79 41.80 17.32
N ALA A 1452 29.49 42.04 18.59
CA ALA A 1452 30.27 42.98 19.38
C ALA A 1452 31.62 42.34 19.64
N ASP A 1453 32.47 42.40 18.61
CA ASP A 1453 33.80 41.82 18.71
C ASP A 1453 34.56 42.43 19.87
N ASN A 1454 34.87 43.72 19.78
CA ASN A 1454 35.54 44.42 20.86
C ASN A 1454 35.10 45.87 20.79
N VAL A 1455 34.40 46.33 21.80
CA VAL A 1455 33.89 47.70 21.80
C VAL A 1455 35.05 48.68 21.72
N ASP A 1456 34.89 49.71 20.89
CA ASP A 1456 35.98 50.64 20.65
C ASP A 1456 36.41 51.28 21.96
N LYS A 1457 37.72 51.42 22.11
CA LYS A 1457 38.26 51.94 23.37
C LYS A 1457 37.68 53.29 23.71
N LEU A 1458 37.43 54.13 22.71
CA LEU A 1458 37.04 55.49 23.01
C LEU A 1458 35.74 55.57 23.77
N LEU A 1459 34.87 54.57 23.65
CA LEU A 1459 33.53 54.67 24.19
C LEU A 1459 33.48 54.40 25.68
N GLU A 1460 34.61 54.10 26.29
CA GLU A 1460 34.60 53.91 27.73
C GLU A 1460 34.34 55.22 28.46
N GLN A 1461 34.67 56.35 27.84
CA GLN A 1461 34.43 57.62 28.50
C GLN A 1461 32.95 57.93 28.65
N TYR A 1462 32.09 57.26 27.92
CA TYR A 1462 30.66 57.51 28.02
C TYR A 1462 30.10 56.57 29.08
N GLU A 1463 30.12 57.05 30.31
CA GLU A 1463 29.70 56.21 31.42
C GLU A 1463 28.22 55.88 31.38
N TYR A 1464 27.39 56.79 30.89
CA TYR A 1464 25.96 56.62 31.03
C TYR A 1464 25.37 55.70 30.00
N VAL A 1465 26.19 54.86 29.38
CA VAL A 1465 25.68 53.95 28.37
C VAL A 1465 26.26 52.58 28.65
N LEU A 1466 25.64 51.55 28.09
CA LEU A 1466 26.15 50.20 28.16
C LEU A 1466 25.99 49.55 26.79
N TYR A 1467 26.91 48.65 26.44
CA TYR A 1467 26.92 48.03 25.12
C TYR A 1467 26.83 46.52 25.26
N PRO A 1468 25.63 46.00 25.45
CA PRO A 1468 25.49 44.55 25.61
C PRO A 1468 25.89 43.81 24.35
N SER A 1469 26.19 42.53 24.55
CA SER A 1469 26.43 41.62 23.44
C SER A 1469 25.76 40.28 23.68
N ARG A 1470 24.85 40.21 24.64
CA ARG A 1470 24.20 38.97 24.98
C ARG A 1470 22.79 39.29 25.42
N SER A 1471 21.82 38.59 24.84
CA SER A 1471 20.43 38.81 25.19
C SER A 1471 20.25 38.64 26.69
N ILE A 1472 19.64 39.62 27.33
CA ILE A 1472 19.42 39.58 28.77
C ILE A 1472 17.95 39.89 29.05
N GLN A 1473 17.19 38.86 29.37
CA GLN A 1473 15.80 39.03 29.72
C GLN A 1473 15.70 39.70 31.09
N THR A 1474 15.24 40.93 31.11
CA THR A 1474 15.07 41.63 32.38
C THR A 1474 13.66 41.43 32.89
N ASP A 1475 13.37 42.08 34.02
CA ASP A 1475 12.08 41.92 34.69
C ASP A 1475 11.05 42.91 34.20
N GLY A 1476 11.37 43.70 33.18
CA GLY A 1476 10.43 44.69 32.71
C GLY A 1476 11.11 45.99 32.40
N ILE A 1477 10.68 46.66 31.34
CA ILE A 1477 11.31 47.89 30.88
C ILE A 1477 10.28 48.99 30.87
N LYS A 1478 10.63 50.13 31.43
CA LYS A 1478 9.70 51.24 31.46
C LYS A 1478 9.56 51.91 30.11
N ALA A 1479 10.67 52.32 29.52
CA ALA A 1479 10.62 53.09 28.29
C ALA A 1479 11.91 52.94 27.51
N VAL A 1480 11.82 53.15 26.21
CA VAL A 1480 12.92 52.89 25.29
C VAL A 1480 13.12 54.11 24.42
N SER A 1481 14.38 54.47 24.20
CA SER A 1481 14.71 55.56 23.29
C SER A 1481 15.03 55.02 21.92
N VAL A 1482 14.77 55.84 20.89
CA VAL A 1482 15.05 55.46 19.51
C VAL A 1482 15.59 56.71 18.82
N THR A 1483 16.91 56.78 18.64
CA THR A 1483 17.53 57.89 17.95
C THR A 1483 18.07 57.40 16.61
N SER A 1484 17.88 58.19 15.58
CA SER A 1484 18.31 57.82 14.24
C SER A 1484 18.79 59.06 13.51
N PHE A 1485 19.90 58.94 12.80
CA PHE A 1485 20.58 60.08 12.20
C PHE A 1485 20.53 59.95 10.69
N GLY A 1486 20.39 61.09 10.01
CA GLY A 1486 20.26 61.12 8.58
C GLY A 1486 21.26 62.07 7.93
N PHE A 1487 21.38 61.95 6.62
CA PHE A 1487 22.17 62.88 5.85
C PHE A 1487 21.65 64.29 6.04
N GLY A 1488 22.50 65.25 5.73
CA GLY A 1488 22.06 66.63 5.80
C GLY A 1488 21.54 67.05 7.15
N GLN A 1489 21.99 66.38 8.21
CA GLN A 1489 21.71 66.83 9.56
C GLN A 1489 20.22 66.87 9.86
N LYS A 1490 19.50 65.84 9.46
CA LYS A 1490 18.12 65.66 9.92
C LYS A 1490 18.17 64.39 10.76
N GLY A 1491 18.47 64.55 12.05
CA GLY A 1491 18.38 63.47 13.01
C GLY A 1491 17.09 63.57 13.79
N ALA A 1492 16.76 62.50 14.50
CA ALA A 1492 15.48 62.45 15.20
C ALA A 1492 15.55 61.43 16.32
N GLN A 1493 14.59 61.53 17.23
CA GLN A 1493 14.59 60.71 18.43
C GLN A 1493 13.16 60.45 18.88
N ALA A 1494 12.84 59.19 19.11
CA ALA A 1494 11.54 58.81 19.65
C ALA A 1494 11.72 58.13 21.00
N VAL A 1495 10.66 58.16 21.79
CA VAL A 1495 10.67 57.56 23.11
C VAL A 1495 9.36 56.83 23.31
N VAL A 1496 9.44 55.57 23.70
CA VAL A 1496 8.32 54.66 23.69
C VAL A 1496 8.13 54.19 25.12
N VAL A 1497 7.12 54.71 25.78
CA VAL A 1497 6.87 54.28 27.15
C VAL A 1497 5.99 53.05 27.15
N HIS A 1498 6.09 52.25 28.20
CA HIS A 1498 5.39 50.98 28.25
C HIS A 1498 3.89 51.17 28.22
N PRO A 1499 3.16 50.31 27.53
CA PRO A 1499 1.70 50.45 27.47
C PRO A 1499 1.05 50.48 28.81
N ASP A 1500 1.60 49.79 29.80
CA ASP A 1500 0.94 49.68 31.08
C ASP A 1500 0.68 51.04 31.71
N TYR A 1501 1.67 51.92 31.72
CA TYR A 1501 1.47 53.22 32.33
C TYR A 1501 0.34 53.99 31.69
N LEU A 1502 -0.06 53.63 30.48
CA LEU A 1502 -1.24 54.24 29.92
C LEU A 1502 -2.50 53.73 30.60
N PHE A 1503 -2.62 52.42 30.73
CA PHE A 1503 -3.83 51.84 31.26
C PHE A 1503 -4.14 52.31 32.66
N ALA A 1504 -3.18 52.88 33.35
CA ALA A 1504 -3.42 53.26 34.73
C ALA A 1504 -4.02 54.64 34.86
N VAL A 1505 -4.24 55.35 33.75
CA VAL A 1505 -4.89 56.64 33.83
C VAL A 1505 -6.39 56.51 33.89
N LEU A 1506 -6.92 55.33 33.60
CA LEU A 1506 -8.34 55.17 33.39
C LEU A 1506 -8.91 54.23 34.43
N ASP A 1507 -10.20 54.37 34.69
CA ASP A 1507 -10.83 53.70 35.82
C ASP A 1507 -10.93 52.21 35.56
N ARG A 1508 -11.49 51.48 36.52
CA ARG A 1508 -11.60 50.03 36.38
C ARG A 1508 -12.52 49.65 35.24
N SER A 1509 -13.75 50.15 35.26
CA SER A 1509 -14.77 49.69 34.32
C SER A 1509 -14.30 49.80 32.89
N THR A 1510 -13.70 50.94 32.54
CA THR A 1510 -13.24 51.10 31.18
C THR A 1510 -12.15 50.10 30.83
N TYR A 1511 -11.20 49.87 31.74
CA TYR A 1511 -10.14 48.92 31.42
C TYR A 1511 -10.70 47.54 31.21
N GLU A 1512 -11.54 47.08 32.12
CA GLU A 1512 -12.10 45.75 31.98
C GLU A 1512 -12.94 45.61 30.73
N GLU A 1513 -13.72 46.64 30.40
CA GLU A 1513 -14.54 46.58 29.20
C GLU A 1513 -13.68 46.60 27.94
N TYR A 1514 -12.57 47.33 27.96
CA TYR A 1514 -11.67 47.31 26.83
C TYR A 1514 -11.03 45.95 26.68
N ALA A 1515 -10.68 45.32 27.80
CA ALA A 1515 -10.04 44.02 27.74
C ALA A 1515 -10.90 43.00 27.03
N THR A 1516 -12.21 43.03 27.27
CA THR A 1516 -13.09 42.07 26.62
C THR A 1516 -13.06 42.25 25.11
N LYS A 1517 -13.24 43.48 24.65
CA LYS A 1517 -13.18 43.72 23.22
C LYS A 1517 -11.84 43.33 22.63
N VAL A 1518 -10.76 43.55 23.36
CA VAL A 1518 -9.46 43.13 22.87
C VAL A 1518 -9.44 41.63 22.68
N SER A 1519 -9.91 40.91 23.69
CA SER A 1519 -9.95 39.46 23.58
C SER A 1519 -10.71 39.04 22.34
N ALA A 1520 -11.88 39.62 22.13
CA ALA A 1520 -12.68 39.27 20.96
C ALA A 1520 -11.91 39.52 19.68
N ARG A 1521 -11.34 40.72 19.55
CA ARG A 1521 -10.55 41.03 18.38
C ARG A 1521 -9.40 40.05 18.22
N ASN A 1522 -8.84 39.59 19.32
CA ASN A 1522 -7.70 38.70 19.22
C ASN A 1522 -8.11 37.40 18.57
N LYS A 1523 -9.20 36.81 19.03
CA LYS A 1523 -9.66 35.59 18.40
C LYS A 1523 -10.01 35.84 16.95
N LYS A 1524 -10.66 36.96 16.65
CA LYS A 1524 -11.01 37.20 15.26
C LYS A 1524 -9.80 37.31 14.37
N THR A 1525 -8.79 38.06 14.81
CA THR A 1525 -7.57 38.18 14.05
C THR A 1525 -6.86 36.86 13.94
N TYR A 1526 -6.88 36.05 14.99
CA TYR A 1526 -6.28 34.73 14.94
C TYR A 1526 -6.92 33.91 13.84
N ARG A 1527 -8.25 33.87 13.84
CA ARG A 1527 -8.98 33.15 12.81
C ARG A 1527 -8.61 33.66 11.42
N TYR A 1528 -8.63 34.98 11.24
CA TYR A 1528 -8.32 35.54 9.94
C TYR A 1528 -6.90 35.21 9.51
N MET A 1529 -5.94 35.38 10.41
CA MET A 1529 -4.56 35.14 10.06
C MET A 1529 -4.34 33.70 9.68
N HIS A 1530 -4.91 32.77 10.44
CA HIS A 1530 -4.75 31.37 10.08
C HIS A 1530 -5.34 31.09 8.72
N ASN A 1531 -6.56 31.56 8.49
CA ASN A 1531 -7.17 31.34 7.19
C ASN A 1531 -6.28 31.88 6.07
N ALA A 1532 -5.80 33.10 6.24
CA ALA A 1532 -5.03 33.74 5.18
C ALA A 1532 -3.73 33.01 4.93
N ILE A 1533 -2.93 32.84 5.97
CA ILE A 1533 -1.62 32.23 5.80
C ILE A 1533 -1.72 30.83 5.19
N THR A 1534 -2.88 30.21 5.29
CA THR A 1534 -3.11 28.95 4.61
C THR A 1534 -3.52 29.14 3.17
N ARG A 1535 -4.28 30.18 2.86
CA ARG A 1535 -4.84 30.33 1.52
C ARG A 1535 -4.21 31.45 0.72
N ASN A 1536 -3.09 32.02 1.18
CA ASN A 1536 -2.36 33.03 0.44
C ASN A 1536 -3.21 34.26 0.15
N THR A 1537 -4.12 34.59 1.05
CA THR A 1537 -4.97 35.76 0.88
C THR A 1537 -4.91 36.63 2.11
N MET A 1538 -3.71 36.89 2.59
CA MET A 1538 -3.57 37.86 3.68
C MET A 1538 -4.04 39.23 3.23
N PHE A 1539 -3.67 39.61 2.02
CA PHE A 1539 -3.99 40.94 1.50
C PHE A 1539 -5.08 40.80 0.44
N VAL A 1540 -6.28 41.28 0.77
CA VAL A 1540 -7.37 41.29 -0.18
C VAL A 1540 -7.49 42.71 -0.72
N ALA A 1541 -7.23 42.87 -2.01
CA ALA A 1541 -7.28 44.19 -2.62
C ALA A 1541 -8.71 44.67 -2.69
N LYS A 1542 -8.95 45.89 -2.25
CA LYS A 1542 -10.26 46.48 -2.37
C LYS A 1542 -10.51 46.85 -3.83
N ASP A 1543 -11.77 46.75 -4.25
CA ASP A 1543 -12.15 47.11 -5.61
C ASP A 1543 -13.07 48.31 -5.67
N LYS A 1544 -14.04 48.40 -4.77
CA LYS A 1544 -14.97 49.52 -4.72
C LYS A 1544 -14.88 50.18 -3.36
N ALA A 1545 -15.01 51.49 -3.35
CA ALA A 1545 -14.89 52.26 -2.13
C ALA A 1545 -16.10 52.01 -1.23
N PRO A 1546 -16.01 52.38 0.04
CA PRO A 1546 -17.18 52.23 0.92
C PRO A 1546 -18.36 53.05 0.47
N TYR A 1547 -18.12 54.19 -0.15
CA TYR A 1547 -19.20 55.00 -0.68
C TYR A 1547 -19.45 54.63 -2.14
N SER A 1548 -20.67 54.92 -2.59
CA SER A 1548 -21.00 54.81 -4.00
C SER A 1548 -20.77 56.14 -4.70
N ASP A 1549 -20.52 56.08 -6.01
CA ASP A 1549 -20.25 57.29 -6.78
C ASP A 1549 -21.26 58.39 -6.51
N GLU A 1550 -22.52 58.03 -6.33
CA GLU A 1550 -23.53 59.03 -6.00
C GLU A 1550 -23.45 59.47 -4.56
N LEU A 1551 -22.69 58.77 -3.74
CA LEU A 1551 -22.55 59.12 -2.34
C LEU A 1551 -21.13 59.57 -2.03
N GLU A 1552 -20.26 59.56 -3.03
CA GLU A 1552 -18.87 59.87 -2.74
C GLU A 1552 -18.70 61.31 -2.31
N GLN A 1553 -19.55 62.20 -2.78
CA GLN A 1553 -19.49 63.56 -2.29
C GLN A 1553 -20.26 63.77 -0.99
N PRO A 1554 -21.52 63.31 -0.87
CA PRO A 1554 -22.26 63.59 0.36
C PRO A 1554 -21.59 63.09 1.61
N VAL A 1555 -20.80 62.02 1.53
CA VAL A 1555 -20.03 61.61 2.68
C VAL A 1555 -18.95 62.64 2.99
N TYR A 1556 -18.34 63.22 1.95
CA TYR A 1556 -17.24 64.14 2.17
C TYR A 1556 -17.67 65.37 2.95
N LEU A 1557 -18.94 65.73 2.90
CA LEU A 1557 -19.39 66.95 3.55
C LEU A 1557 -19.94 66.71 4.94
N ASP A 1558 -20.21 65.45 5.30
CA ASP A 1558 -20.80 65.14 6.60
C ASP A 1558 -19.76 64.49 7.49
N PRO A 1559 -19.32 65.15 8.56
CA PRO A 1559 -18.33 64.55 9.46
C PRO A 1559 -18.90 63.50 10.40
N LEU A 1560 -20.17 63.12 10.25
CA LEU A 1560 -20.76 62.13 11.11
C LEU A 1560 -21.29 60.93 10.37
N ALA A 1561 -21.33 60.97 9.05
CA ALA A 1561 -21.85 59.86 8.27
C ALA A 1561 -20.80 58.76 8.23
N ARG A 1562 -21.16 57.59 8.76
CA ARG A 1562 -20.19 56.52 8.88
C ARG A 1562 -20.79 55.22 8.38
N VAL A 1563 -19.90 54.29 8.03
CA VAL A 1563 -20.28 53.07 7.37
C VAL A 1563 -21.12 52.21 8.31
N GLU A 1564 -22.17 51.63 7.77
CA GLU A 1564 -22.87 50.52 8.41
C GLU A 1564 -22.60 49.25 7.63
N GLU A 1565 -22.96 48.12 8.23
CA GLU A 1565 -22.63 46.83 7.66
C GLU A 1565 -23.88 46.12 7.16
N ASN A 1566 -23.74 45.45 6.03
CA ASN A 1566 -24.77 44.56 5.52
C ASN A 1566 -24.09 43.55 4.61
N LYS A 1567 -24.79 42.45 4.34
CA LYS A 1567 -24.30 41.39 3.45
C LYS A 1567 -22.85 41.01 3.74
N LYS A 1568 -22.45 41.12 5.01
CA LYS A 1568 -21.07 40.90 5.44
C LYS A 1568 -20.12 41.88 4.76
N LYS A 1569 -20.60 43.08 4.45
CA LYS A 1569 -19.78 44.12 3.86
C LYS A 1569 -19.99 45.43 4.60
N LEU A 1570 -18.93 46.22 4.69
CA LEU A 1570 -18.96 47.52 5.34
C LEU A 1570 -19.08 48.56 4.23
N VAL A 1571 -20.29 49.07 4.04
CA VAL A 1571 -20.56 49.97 2.93
C VAL A 1571 -21.28 51.21 3.45
N PHE A 1572 -21.09 52.32 2.73
CA PHE A 1572 -21.83 53.54 3.03
C PHE A 1572 -23.22 53.46 2.42
N SER A 1573 -24.17 54.09 3.09
CA SER A 1573 -25.54 54.11 2.62
C SER A 1573 -25.98 55.56 2.51
N ASP A 1574 -27.27 55.75 2.30
CA ASP A 1574 -27.84 57.08 2.26
C ASP A 1574 -28.48 57.45 3.59
N LYS A 1575 -28.98 56.46 4.31
CA LYS A 1575 -29.55 56.72 5.62
C LYS A 1575 -28.51 57.19 6.61
N THR A 1576 -27.24 56.98 6.33
CA THR A 1576 -26.18 57.44 7.21
C THR A 1576 -25.70 58.84 6.88
N ILE A 1577 -26.00 59.34 5.69
CA ILE A 1577 -25.49 60.62 5.23
C ILE A 1577 -26.45 61.72 5.65
N GLN A 1578 -25.94 62.71 6.36
CA GLN A 1578 -26.72 63.86 6.82
C GLN A 1578 -27.96 63.41 7.59
N SER A 1579 -27.83 62.29 8.31
CA SER A 1579 -28.94 61.77 9.08
C SER A 1579 -29.30 62.71 10.22
N SER A 1580 -30.57 62.70 10.61
CA SER A 1580 -31.06 63.59 11.63
C SER A 1580 -30.88 63.05 13.04
N GLN A 1581 -30.35 61.84 13.19
CA GLN A 1581 -30.24 61.21 14.49
C GLN A 1581 -28.80 61.11 14.99
N SER A 1582 -27.82 61.48 14.17
CA SER A 1582 -26.42 61.41 14.54
C SER A 1582 -25.95 62.64 15.30
N TYR A 1583 -26.87 63.38 15.91
CA TYR A 1583 -26.53 64.57 16.67
C TYR A 1583 -27.37 64.65 17.94
N VAL A 1584 -27.53 63.52 18.62
CA VAL A 1584 -28.37 63.45 19.82
C VAL A 1584 -27.57 63.89 21.05
N ARG B 5 -31.43 -55.50 -63.18
CA ARG B 5 -31.41 -55.04 -61.80
C ARG B 5 -32.57 -54.10 -61.51
N PRO B 6 -33.17 -54.26 -60.35
CA PRO B 6 -34.07 -53.22 -59.84
C PRO B 6 -33.28 -52.05 -59.29
N PHE B 7 -33.75 -50.84 -59.57
CA PHE B 7 -33.05 -49.62 -59.16
C PHE B 7 -34.05 -48.64 -58.56
N GLN B 8 -33.61 -47.41 -58.30
CA GLN B 8 -34.27 -46.52 -57.35
C GLN B 8 -35.00 -45.36 -58.04
N LEU B 9 -36.14 -44.98 -57.48
CA LEU B 9 -36.82 -43.73 -57.83
C LEU B 9 -36.12 -42.54 -57.18
N THR B 10 -35.79 -41.53 -57.97
CA THR B 10 -34.82 -40.51 -57.58
C THR B 10 -35.11 -39.17 -58.23
N HIS B 11 -34.64 -38.09 -57.61
CA HIS B 11 -34.61 -36.77 -58.25
C HIS B 11 -33.55 -35.90 -57.59
N GLY B 12 -32.94 -35.02 -58.38
CA GLY B 12 -32.30 -33.82 -57.83
C GLY B 12 -31.29 -34.14 -56.75
N SER B 13 -31.46 -33.49 -55.59
CA SER B 13 -30.63 -33.77 -54.43
C SER B 13 -31.44 -34.35 -53.28
N ILE B 14 -32.74 -34.53 -53.46
CA ILE B 14 -33.60 -35.15 -52.47
C ILE B 14 -34.42 -36.24 -53.14
N GLU B 15 -34.57 -37.36 -52.46
CA GLU B 15 -35.25 -38.51 -53.05
C GLU B 15 -36.24 -39.07 -52.04
N HIS B 16 -37.35 -39.56 -52.56
CA HIS B 16 -38.35 -40.24 -51.76
C HIS B 16 -38.81 -41.44 -52.58
N THR B 17 -38.13 -42.56 -52.41
CA THR B 17 -38.40 -43.74 -53.21
C THR B 17 -39.43 -44.60 -52.52
N LEU B 18 -40.49 -44.95 -53.24
CA LEU B 18 -41.59 -45.74 -52.72
C LEU B 18 -41.61 -47.09 -53.42
N LEU B 19 -42.28 -48.04 -52.81
CA LEU B 19 -42.43 -49.38 -53.38
C LEU B 19 -43.70 -49.43 -54.19
N VAL B 20 -43.55 -49.48 -55.50
CA VAL B 20 -44.68 -49.63 -56.40
C VAL B 20 -45.10 -51.09 -56.36
N PRO B 21 -46.30 -51.43 -56.82
CA PRO B 21 -46.60 -52.83 -57.08
C PRO B 21 -45.64 -53.35 -58.14
N ASN B 22 -45.23 -54.59 -57.96
CA ASN B 22 -44.16 -55.13 -58.79
C ASN B 22 -44.57 -55.15 -60.26
N ASP B 23 -45.86 -55.35 -60.53
CA ASP B 23 -46.36 -55.27 -61.90
C ASP B 23 -46.95 -53.91 -62.24
N LEU B 24 -46.24 -52.82 -61.95
CA LEU B 24 -46.65 -51.51 -62.43
C LEU B 24 -45.47 -50.66 -62.86
N PHE B 25 -44.26 -51.02 -62.47
CA PHE B 25 -43.06 -50.23 -62.73
C PHE B 25 -43.01 -49.71 -64.16
N PHE B 26 -43.48 -50.50 -65.13
CA PHE B 26 -43.40 -50.09 -66.53
C PHE B 26 -44.11 -48.77 -66.76
N ASN B 27 -45.43 -48.76 -66.58
CA ASN B 27 -46.19 -47.55 -66.83
C ASN B 27 -45.97 -46.50 -65.75
N TYR B 28 -45.59 -46.94 -64.55
CA TYR B 28 -45.22 -46.01 -63.50
C TYR B 28 -44.05 -45.15 -63.95
N SER B 29 -43.12 -45.73 -64.68
CA SER B 29 -41.98 -44.99 -65.20
C SER B 29 -42.38 -43.98 -66.26
N GLN B 30 -43.47 -44.23 -66.99
CA GLN B 30 -43.90 -43.25 -67.97
C GLN B 30 -44.28 -41.94 -67.31
N LEU B 31 -45.07 -42.00 -66.24
CA LEU B 31 -45.42 -40.80 -65.51
C LEU B 31 -44.18 -40.12 -64.96
N LYS B 32 -43.22 -40.89 -64.46
CA LYS B 32 -42.00 -40.29 -63.96
C LYS B 32 -41.22 -39.59 -65.06
N ASP B 33 -41.13 -40.21 -66.23
CA ASP B 33 -40.44 -39.58 -67.35
C ASP B 33 -41.11 -38.28 -67.75
N GLU B 34 -42.44 -38.27 -67.79
CA GLU B 34 -43.13 -37.01 -68.03
C GLU B 34 -42.92 -36.01 -66.90
N PHE B 35 -42.69 -36.49 -65.69
CA PHE B 35 -42.56 -35.61 -64.54
C PHE B 35 -41.18 -34.99 -64.43
N ILE B 36 -40.13 -35.79 -64.65
CA ILE B 36 -38.78 -35.28 -64.49
C ILE B 36 -38.49 -34.12 -65.42
N LYS B 37 -39.14 -34.06 -66.58
CA LYS B 37 -38.91 -32.99 -67.53
C LYS B 37 -39.74 -31.76 -67.21
N THR B 38 -40.64 -31.83 -66.25
CA THR B 38 -41.40 -30.67 -65.81
C THR B 38 -40.78 -29.99 -64.60
N LEU B 39 -39.63 -30.45 -64.15
CA LEU B 39 -39.10 -29.77 -62.99
C LEU B 39 -37.87 -28.95 -63.35
N PRO B 40 -37.74 -27.78 -62.77
CA PRO B 40 -36.58 -26.93 -63.07
C PRO B 40 -35.29 -27.52 -62.54
N GLU B 41 -34.18 -26.84 -62.80
CA GLU B 41 -32.90 -27.30 -62.33
C GLU B 41 -32.77 -27.07 -60.83
N PRO B 42 -32.17 -28.00 -60.09
CA PRO B 42 -31.94 -27.76 -58.66
C PRO B 42 -31.14 -26.50 -58.42
N THR B 43 -31.54 -25.75 -57.39
CA THR B 43 -30.94 -24.45 -57.08
C THR B 43 -30.48 -24.43 -55.63
N GLU B 44 -29.18 -24.68 -55.42
CA GLU B 44 -28.47 -24.43 -54.15
C GLU B 44 -29.34 -24.74 -52.94
N GLY B 45 -29.84 -25.97 -52.92
CA GLY B 45 -30.81 -26.35 -51.90
C GLY B 45 -32.24 -26.07 -52.28
N PHE B 46 -32.54 -26.01 -53.57
CA PHE B 46 -33.91 -25.85 -54.06
C PHE B 46 -34.53 -24.54 -53.56
N ALA B 47 -33.73 -23.48 -53.52
CA ALA B 47 -34.24 -22.17 -53.15
C ALA B 47 -35.23 -21.62 -54.17
N GLY B 48 -35.26 -22.17 -55.37
CA GLY B 48 -36.27 -21.76 -56.34
C GLY B 48 -37.66 -22.11 -55.84
N ASP B 49 -38.59 -21.19 -56.07
CA ASP B 49 -39.92 -21.33 -55.49
C ASP B 49 -40.65 -22.55 -56.03
N ASP B 50 -40.40 -22.91 -57.29
CA ASP B 50 -41.21 -23.96 -57.90
C ASP B 50 -40.57 -25.34 -57.84
N GLU B 51 -39.32 -25.43 -57.43
CA GLU B 51 -38.80 -26.78 -57.28
C GLU B 51 -38.99 -27.25 -55.84
N PRO B 52 -39.44 -28.48 -55.62
CA PRO B 52 -39.61 -28.94 -54.25
C PRO B 52 -38.30 -28.93 -53.48
N SER B 53 -38.41 -28.83 -52.17
CA SER B 53 -37.22 -28.78 -51.33
C SER B 53 -37.39 -29.64 -50.08
N SER B 54 -38.18 -30.69 -50.18
CA SER B 54 -38.22 -31.74 -49.17
C SER B 54 -38.79 -32.98 -49.83
N PRO B 55 -38.35 -34.17 -49.42
CA PRO B 55 -38.83 -35.39 -50.08
C PRO B 55 -40.34 -35.48 -50.14
N ALA B 56 -41.02 -35.20 -49.04
CA ALA B 56 -42.47 -35.17 -49.07
C ALA B 56 -42.98 -34.14 -50.08
N GLU B 57 -42.33 -32.99 -50.18
CA GLU B 57 -42.72 -31.99 -51.16
C GLU B 57 -42.54 -32.48 -52.58
N LEU B 58 -41.43 -33.17 -52.85
CA LEU B 58 -41.24 -33.75 -54.17
C LEU B 58 -42.32 -34.76 -54.50
N TYR B 59 -42.59 -35.69 -53.58
CA TYR B 59 -43.64 -36.67 -53.79
C TYR B 59 -44.98 -36.02 -54.00
N GLY B 60 -45.28 -34.93 -53.29
CA GLY B 60 -46.54 -34.24 -53.51
C GLY B 60 -46.60 -33.59 -54.87
N LYS B 61 -45.52 -32.93 -55.29
CA LYS B 61 -45.53 -32.36 -56.62
C LYS B 61 -45.76 -33.44 -57.66
N PHE B 62 -45.10 -34.58 -57.50
CA PHE B 62 -45.33 -35.69 -58.42
C PHE B 62 -46.76 -36.14 -58.41
N ILE B 63 -47.38 -36.26 -57.23
CA ILE B 63 -48.74 -36.74 -57.17
C ILE B 63 -49.71 -35.73 -57.77
N GLY B 64 -49.37 -34.46 -57.75
CA GLY B 64 -50.20 -33.49 -58.42
C GLY B 64 -50.02 -33.64 -59.91
N PHE B 65 -48.79 -33.95 -60.31
CA PHE B 65 -48.50 -34.05 -61.73
C PHE B 65 -49.25 -35.21 -62.37
N ILE B 66 -49.24 -36.38 -61.72
CA ILE B 66 -49.90 -37.54 -62.28
C ILE B 66 -51.42 -37.42 -62.26
N SER B 67 -51.96 -36.56 -61.42
CA SER B 67 -53.41 -36.41 -61.35
C SER B 67 -53.99 -35.82 -62.61
N ASN B 68 -53.27 -34.91 -63.27
CA ASN B 68 -53.73 -34.36 -64.52
C ASN B 68 -53.47 -35.28 -65.70
N ALA B 69 -52.35 -36.00 -65.69
CA ALA B 69 -51.98 -36.89 -66.77
C ALA B 69 -52.99 -38.02 -66.82
N GLN B 70 -53.41 -38.39 -68.02
CA GLN B 70 -54.46 -39.38 -68.18
C GLN B 70 -53.89 -40.75 -67.84
N PHE B 71 -53.93 -41.11 -66.58
CA PHE B 71 -53.53 -42.44 -66.16
C PHE B 71 -54.02 -42.71 -64.75
N PRO B 72 -55.32 -42.99 -64.58
CA PRO B 72 -55.84 -43.25 -63.23
C PRO B 72 -55.39 -44.61 -62.72
N GLN B 73 -55.92 -45.03 -61.57
CA GLN B 73 -55.53 -46.26 -60.88
C GLN B 73 -54.12 -46.16 -60.33
N ILE B 74 -53.43 -45.05 -60.55
CA ILE B 74 -52.13 -44.80 -59.94
C ILE B 74 -52.28 -43.62 -59.00
N VAL B 75 -53.12 -42.66 -59.40
CA VAL B 75 -53.33 -41.47 -58.60
C VAL B 75 -53.75 -41.84 -57.18
N GLU B 76 -54.81 -42.62 -57.05
CA GLU B 76 -55.29 -43.01 -55.73
C GLU B 76 -54.35 -44.00 -55.05
N LEU B 77 -53.68 -44.85 -55.83
CA LEU B 77 -52.73 -45.77 -55.22
C LEU B 77 -51.57 -45.03 -54.59
N SER B 78 -50.90 -44.18 -55.36
CA SER B 78 -49.87 -43.32 -54.80
C SER B 78 -50.43 -42.41 -53.72
N LEU B 79 -51.71 -42.09 -53.75
CA LEU B 79 -52.29 -41.23 -52.73
C LEU B 79 -52.35 -41.94 -51.39
N LYS B 80 -52.97 -43.12 -51.36
CA LYS B 80 -52.97 -43.90 -50.14
C LYS B 80 -51.55 -44.26 -49.70
N ASP B 81 -50.63 -44.38 -50.66
CA ASP B 81 -49.23 -44.56 -50.29
C ASP B 81 -48.70 -43.34 -49.55
N PHE B 82 -48.96 -42.15 -50.07
CA PHE B 82 -48.55 -40.94 -49.38
C PHE B 82 -49.14 -40.89 -47.98
N GLU B 83 -50.41 -41.27 -47.85
CA GLU B 83 -51.03 -41.32 -46.54
C GLU B 83 -50.27 -42.23 -45.60
N SER B 84 -50.18 -43.51 -45.95
CA SER B 84 -49.49 -44.47 -45.08
C SER B 84 -48.05 -44.08 -44.84
N ARG B 85 -47.45 -43.30 -45.75
CA ARG B 85 -46.05 -42.94 -45.58
C ARG B 85 -45.91 -41.79 -44.59
N PHE B 86 -46.88 -40.88 -44.57
CA PHE B 86 -46.78 -39.71 -43.72
C PHE B 86 -47.96 -39.50 -42.80
N LEU B 87 -49.13 -40.04 -43.12
CA LEU B 87 -50.34 -39.76 -42.36
C LEU B 87 -51.01 -41.08 -41.97
N ASP B 88 -50.58 -41.64 -40.84
CA ASP B 88 -51.17 -42.86 -40.31
C ASP B 88 -51.94 -42.52 -39.06
N ASN B 89 -53.21 -42.95 -39.00
CA ASN B 89 -54.17 -42.65 -37.95
C ASN B 89 -54.41 -41.15 -37.81
N ASN B 90 -53.77 -40.37 -38.68
CA ASN B 90 -53.96 -38.94 -38.78
C ASN B 90 -54.02 -38.60 -40.27
N ASN B 91 -54.56 -39.53 -41.04
CA ASN B 91 -54.56 -39.44 -42.50
C ASN B 91 -55.47 -38.33 -43.02
N ASP B 92 -55.95 -37.46 -42.13
CA ASP B 92 -56.71 -36.26 -42.48
C ASP B 92 -56.04 -35.01 -41.94
N ASN B 93 -54.72 -35.08 -41.75
CA ASN B 93 -53.98 -34.05 -41.04
C ASN B 93 -52.93 -33.43 -41.95
N ILE B 94 -53.16 -33.51 -43.26
CA ILE B 94 -52.16 -33.01 -44.18
C ILE B 94 -51.94 -31.51 -44.01
N HIS B 95 -52.90 -30.80 -43.46
CA HIS B 95 -52.63 -29.43 -43.05
C HIS B 95 -51.61 -29.40 -41.94
N SER B 96 -51.88 -30.11 -40.85
CA SER B 96 -50.92 -30.19 -39.77
C SER B 96 -49.61 -30.80 -40.23
N PHE B 97 -49.69 -31.83 -41.07
CA PHE B 97 -48.47 -32.36 -41.67
C PHE B 97 -47.69 -31.26 -42.39
N ALA B 98 -48.40 -30.37 -43.06
CA ALA B 98 -47.73 -29.27 -43.75
C ALA B 98 -47.00 -28.36 -42.78
N VAL B 99 -47.71 -27.82 -41.80
CA VAL B 99 -47.09 -26.91 -40.86
C VAL B 99 -45.99 -27.59 -40.04
N LYS B 100 -46.06 -28.90 -39.87
CA LYS B 100 -44.96 -29.61 -39.26
C LYS B 100 -43.76 -29.70 -40.19
N LEU B 101 -44.01 -29.84 -41.50
CA LEU B 101 -42.89 -29.82 -42.44
C LEU B 101 -42.12 -28.52 -42.36
N LEU B 102 -42.75 -27.46 -41.85
CA LEU B 102 -42.04 -26.19 -41.69
C LEU B 102 -40.90 -26.31 -40.69
N ASP B 103 -40.89 -27.37 -39.88
CA ASP B 103 -39.91 -27.48 -38.82
C ASP B 103 -38.66 -28.25 -39.23
N ASP B 104 -38.69 -28.91 -40.38
CA ASP B 104 -37.54 -29.69 -40.82
C ASP B 104 -36.33 -28.79 -41.04
N GLU B 105 -35.15 -29.38 -40.86
CA GLU B 105 -33.89 -28.73 -41.21
C GLU B 105 -33.38 -29.10 -42.59
N THR B 106 -33.68 -30.32 -43.07
CA THR B 106 -33.42 -30.64 -44.47
C THR B 106 -34.22 -29.73 -45.38
N TYR B 107 -35.37 -29.26 -44.91
CA TYR B 107 -36.18 -28.33 -45.67
C TYR B 107 -35.94 -26.91 -45.16
N PRO B 108 -35.38 -26.02 -45.98
CA PRO B 108 -35.38 -24.60 -45.60
C PRO B 108 -36.80 -24.07 -45.54
N THR B 109 -37.21 -23.64 -44.36
CA THR B 109 -38.61 -23.37 -44.06
C THR B 109 -39.14 -22.21 -44.89
N THR B 110 -40.21 -22.46 -45.65
CA THR B 110 -41.01 -21.40 -46.26
C THR B 110 -42.40 -21.93 -46.55
N ILE B 111 -43.39 -21.38 -45.86
CA ILE B 111 -44.75 -21.90 -45.94
C ILE B 111 -45.31 -21.87 -47.35
N ALA B 112 -44.83 -20.97 -48.20
CA ALA B 112 -45.36 -20.92 -49.57
C ALA B 112 -45.12 -22.23 -50.29
N LYS B 113 -43.89 -22.71 -50.31
CA LYS B 113 -43.58 -23.98 -50.94
C LYS B 113 -44.19 -25.17 -50.20
N VAL B 114 -44.81 -24.93 -49.05
CA VAL B 114 -45.51 -25.98 -48.32
C VAL B 114 -46.99 -26.01 -48.68
N LYS B 115 -47.61 -24.84 -48.79
CA LYS B 115 -49.01 -24.80 -49.19
C LYS B 115 -49.17 -25.47 -50.54
N GLU B 116 -48.60 -24.88 -51.57
CA GLU B 116 -48.54 -25.61 -52.82
C GLU B 116 -47.43 -26.64 -52.75
N ASN B 117 -47.45 -27.56 -53.71
CA ASN B 117 -46.61 -28.76 -53.77
C ASN B 117 -47.06 -29.80 -52.77
N ILE B 118 -47.91 -29.43 -51.82
CA ILE B 118 -48.40 -30.44 -50.88
C ILE B 118 -49.92 -30.39 -50.80
N VAL B 119 -50.44 -29.30 -50.24
CA VAL B 119 -51.86 -29.26 -49.97
C VAL B 119 -52.63 -29.09 -51.26
N LYS B 120 -52.19 -28.15 -52.11
CA LYS B 120 -52.85 -27.95 -53.38
C LYS B 120 -52.89 -29.25 -54.17
N ASN B 121 -51.75 -29.90 -54.33
CA ASN B 121 -51.68 -31.14 -55.07
C ASN B 121 -52.49 -32.25 -54.44
N TYR B 122 -52.58 -32.30 -53.11
CA TYR B 122 -53.38 -33.32 -52.47
C TYR B 122 -54.83 -33.23 -52.92
N TYR B 123 -55.49 -32.13 -52.59
CA TYR B 123 -56.89 -31.99 -52.94
C TYR B 123 -57.07 -31.84 -54.43
N LYS B 124 -56.00 -31.61 -55.17
CA LYS B 124 -56.06 -31.69 -56.62
C LYS B 124 -56.16 -33.13 -57.08
N ALA B 125 -55.46 -34.04 -56.41
CA ALA B 125 -55.41 -35.44 -56.78
C ALA B 125 -56.32 -36.31 -55.95
N VAL B 126 -56.71 -35.88 -54.76
CA VAL B 126 -57.52 -36.72 -53.91
C VAL B 126 -58.86 -36.97 -54.58
N LYS B 127 -59.36 -38.17 -54.41
CA LYS B 127 -60.72 -38.49 -54.80
C LYS B 127 -61.65 -38.02 -53.70
N SER B 128 -62.88 -38.50 -53.68
CA SER B 128 -63.85 -38.12 -52.66
C SER B 128 -63.23 -38.12 -51.27
N ILE B 129 -63.18 -36.94 -50.66
CA ILE B 129 -62.67 -36.78 -49.31
C ILE B 129 -63.71 -37.22 -48.28
N ASN B 130 -64.88 -37.68 -48.75
CA ASN B 130 -66.04 -37.87 -47.89
C ASN B 130 -65.79 -39.06 -46.97
N LYS B 131 -64.88 -38.84 -46.03
CA LYS B 131 -64.64 -39.75 -44.92
C LYS B 131 -64.98 -38.93 -43.68
N VAL B 132 -66.17 -39.17 -43.14
CA VAL B 132 -66.68 -38.33 -42.05
C VAL B 132 -65.73 -38.49 -40.87
N GLU B 133 -64.96 -37.45 -40.57
CA GLU B 133 -63.90 -37.56 -39.59
C GLU B 133 -64.33 -37.13 -38.20
N SER B 134 -63.34 -36.92 -37.32
CA SER B 134 -63.58 -36.54 -35.94
C SER B 134 -63.52 -35.03 -35.79
N ASN B 135 -64.67 -34.44 -35.45
CA ASN B 135 -64.72 -33.09 -34.92
C ASN B 135 -64.21 -33.12 -33.50
N LEU B 136 -62.93 -33.45 -33.39
CA LEU B 136 -62.36 -33.85 -32.13
C LEU B 136 -61.71 -32.70 -31.40
N LEU B 137 -61.49 -31.58 -32.08
CA LEU B 137 -61.38 -30.33 -31.35
C LEU B 137 -62.64 -30.12 -30.53
N TYR B 138 -63.75 -30.75 -30.94
CA TYR B 138 -64.95 -30.80 -30.12
C TYR B 138 -65.22 -32.20 -29.58
N HIS B 139 -64.27 -33.13 -29.69
CA HIS B 139 -64.52 -34.50 -29.24
C HIS B 139 -65.13 -34.53 -27.86
N CYS B 140 -64.79 -33.56 -27.03
CA CYS B 140 -65.52 -33.34 -25.78
C CYS B 140 -66.84 -32.68 -26.15
N LYS B 141 -67.66 -33.45 -26.88
CA LYS B 141 -68.98 -32.99 -27.30
C LYS B 141 -69.77 -32.43 -26.14
N HIS B 142 -69.44 -32.88 -24.93
CA HIS B 142 -70.04 -32.38 -23.69
C HIS B 142 -69.32 -31.17 -23.13
N ASP B 143 -68.09 -30.89 -23.54
CA ASP B 143 -67.27 -29.94 -22.79
C ASP B 143 -66.80 -28.73 -23.57
N ALA B 144 -66.68 -28.80 -24.89
CA ALA B 144 -66.20 -27.68 -25.67
C ALA B 144 -67.39 -26.91 -26.23
N LYS B 145 -67.11 -25.70 -26.72
CA LYS B 145 -68.14 -24.85 -27.32
C LYS B 145 -67.53 -24.08 -28.46
N LEU B 146 -68.00 -24.34 -29.68
CA LEU B 146 -67.51 -23.66 -30.86
C LEU B 146 -68.40 -22.48 -31.20
N VAL B 147 -67.77 -21.39 -31.63
CA VAL B 147 -68.49 -20.21 -32.10
C VAL B 147 -67.75 -19.68 -33.32
N ALA B 148 -68.47 -19.56 -34.43
CA ALA B 148 -67.90 -19.04 -35.66
C ALA B 148 -68.11 -17.54 -35.74
N ILE B 149 -67.05 -16.82 -36.06
CA ILE B 149 -67.11 -15.38 -36.22
C ILE B 149 -66.78 -15.07 -37.68
N PHE B 150 -67.46 -14.06 -38.22
CA PHE B 150 -67.31 -13.70 -39.61
C PHE B 150 -66.82 -12.28 -39.73
N GLY B 151 -65.69 -12.10 -40.40
CA GLY B 151 -65.08 -10.80 -40.52
C GLY B 151 -66.01 -9.77 -41.14
N GLY B 152 -65.62 -8.52 -40.99
CA GLY B 152 -66.41 -7.43 -41.53
C GLY B 152 -65.68 -6.71 -42.64
N GLN B 153 -66.25 -5.60 -43.10
CA GLN B 153 -65.67 -4.86 -44.19
C GLN B 153 -64.36 -4.21 -43.75
N GLY B 154 -63.34 -4.30 -44.59
CA GLY B 154 -62.15 -3.53 -44.40
C GLY B 154 -61.23 -3.97 -43.29
N ASN B 155 -61.00 -5.26 -43.14
CA ASN B 155 -60.04 -5.72 -42.16
C ASN B 155 -58.61 -5.64 -42.67
N THR B 156 -58.42 -5.65 -43.99
CA THR B 156 -57.08 -5.66 -44.55
C THR B 156 -57.06 -4.81 -45.81
N ASP B 157 -55.85 -4.37 -46.17
CA ASP B 157 -55.70 -3.52 -47.34
C ASP B 157 -55.86 -4.33 -48.62
N ASP B 158 -55.01 -5.33 -48.81
CA ASP B 158 -55.05 -6.19 -49.99
C ASP B 158 -55.79 -7.47 -49.59
N TYR B 159 -57.07 -7.50 -49.94
CA TYR B 159 -57.94 -8.60 -49.52
C TYR B 159 -58.19 -9.62 -50.62
N PHE B 160 -58.27 -9.18 -51.89
CA PHE B 160 -58.63 -10.11 -52.94
C PHE B 160 -57.62 -11.23 -53.09
N GLU B 161 -56.39 -11.02 -52.65
CA GLU B 161 -55.39 -12.07 -52.77
C GLU B 161 -55.68 -13.25 -51.88
N GLU B 162 -56.39 -13.06 -50.79
CA GLU B 162 -56.83 -14.21 -50.01
C GLU B 162 -57.63 -15.17 -50.88
N LEU B 163 -58.66 -14.67 -51.56
CA LEU B 163 -59.37 -15.48 -52.54
C LEU B 163 -58.46 -15.96 -53.66
N ARG B 164 -57.48 -15.15 -54.05
CA ARG B 164 -56.55 -15.58 -55.09
C ARG B 164 -55.90 -16.91 -54.70
N GLU B 165 -55.13 -16.90 -53.62
CA GLU B 165 -54.50 -18.14 -53.20
C GLU B 165 -55.49 -19.24 -52.83
N LEU B 166 -56.65 -18.88 -52.26
CA LEU B 166 -57.62 -19.93 -51.95
C LEU B 166 -58.05 -20.67 -53.20
N TYR B 167 -58.41 -19.94 -54.26
CA TYR B 167 -58.72 -20.60 -55.51
C TYR B 167 -57.52 -21.32 -56.07
N THR B 168 -56.34 -20.75 -55.89
CA THR B 168 -55.13 -21.41 -56.36
C THR B 168 -54.94 -22.75 -55.68
N LEU B 169 -55.49 -22.91 -54.47
CA LEU B 169 -55.18 -24.06 -53.65
C LEU B 169 -56.27 -25.12 -53.68
N TYR B 170 -57.48 -24.77 -53.28
CA TYR B 170 -58.58 -25.73 -53.17
C TYR B 170 -59.52 -25.64 -54.36
N GLN B 171 -58.98 -25.42 -55.56
CA GLN B 171 -59.84 -25.17 -56.71
C GLN B 171 -60.88 -26.24 -56.87
N GLY B 172 -60.50 -27.50 -56.70
CA GLY B 172 -61.45 -28.59 -56.80
C GLY B 172 -62.53 -28.58 -55.74
N LEU B 173 -62.41 -27.72 -54.73
CA LEU B 173 -63.41 -27.67 -53.67
C LEU B 173 -64.40 -26.54 -53.86
N ILE B 174 -63.96 -25.44 -54.47
CA ILE B 174 -64.79 -24.25 -54.60
C ILE B 174 -65.32 -24.05 -56.01
N GLU B 175 -64.66 -24.63 -57.02
CA GLU B 175 -65.07 -24.46 -58.41
C GLU B 175 -66.55 -24.74 -58.61
N ASP B 176 -67.11 -25.67 -57.83
CA ASP B 176 -68.52 -26.00 -57.97
C ASP B 176 -69.43 -24.87 -57.53
N LEU B 177 -69.00 -24.05 -56.58
CA LEU B 177 -69.91 -23.08 -55.97
C LEU B 177 -69.63 -21.67 -56.46
N LEU B 178 -68.36 -21.27 -56.48
CA LEU B 178 -68.10 -19.87 -56.77
C LEU B 178 -68.47 -19.51 -58.21
N VAL B 179 -68.51 -20.49 -59.11
CA VAL B 179 -68.98 -20.19 -60.46
C VAL B 179 -70.48 -19.94 -60.46
N SER B 180 -71.22 -20.71 -59.67
CA SER B 180 -72.64 -20.44 -59.53
C SER B 180 -72.86 -19.07 -58.90
N ILE B 181 -71.93 -18.65 -58.04
CA ILE B 181 -72.03 -17.32 -57.45
C ILE B 181 -71.78 -16.25 -58.50
N ALA B 182 -70.67 -16.37 -59.23
CA ALA B 182 -70.30 -15.38 -60.22
C ALA B 182 -71.33 -15.28 -61.33
N GLU B 183 -71.94 -16.39 -61.71
CA GLU B 183 -73.04 -16.33 -62.67
C GLU B 183 -74.18 -15.48 -62.14
N LYS B 184 -74.64 -15.75 -60.92
CA LYS B 184 -75.71 -14.94 -60.34
C LYS B 184 -75.31 -13.48 -60.27
N LEU B 185 -74.03 -13.21 -60.03
CA LEU B 185 -73.57 -11.83 -60.06
C LEU B 185 -73.75 -11.24 -61.45
N ASN B 186 -73.26 -11.93 -62.47
CA ASN B 186 -73.38 -11.44 -63.84
C ASN B 186 -74.84 -11.25 -64.24
N GLN B 187 -75.76 -11.99 -63.63
CA GLN B 187 -77.17 -11.74 -63.86
C GLN B 187 -77.64 -10.47 -63.17
N LEU B 188 -76.92 -10.00 -62.17
CA LEU B 188 -77.28 -8.78 -61.47
C LEU B 188 -76.25 -7.68 -61.71
N HIS B 189 -75.11 -8.02 -62.29
CA HIS B 189 -74.06 -7.03 -62.51
C HIS B 189 -74.52 -5.86 -63.37
N PRO B 190 -74.98 -6.05 -64.61
CA PRO B 190 -75.28 -4.89 -65.45
C PRO B 190 -76.45 -4.07 -64.97
N SER B 191 -77.39 -4.67 -64.24
CA SER B 191 -78.51 -3.91 -63.70
C SER B 191 -78.05 -2.80 -62.77
N PHE B 192 -76.82 -2.86 -62.28
CA PHE B 192 -76.26 -1.79 -61.49
C PHE B 192 -74.97 -1.29 -62.10
N ASP B 193 -74.96 -1.06 -63.40
CA ASP B 193 -73.81 -0.45 -64.03
C ASP B 193 -73.72 1.01 -63.61
N LYS B 194 -72.82 1.74 -64.26
CA LYS B 194 -72.66 3.18 -64.03
C LYS B 194 -72.08 3.46 -62.66
N ILE B 195 -71.86 2.41 -61.86
CA ILE B 195 -71.21 2.56 -60.57
C ILE B 195 -70.01 1.62 -60.43
N TYR B 196 -69.99 0.50 -61.13
CA TYR B 196 -68.77 -0.31 -61.27
C TYR B 196 -68.70 -0.72 -62.74
N THR B 197 -68.09 0.15 -63.54
CA THR B 197 -68.06 -0.06 -64.97
C THR B 197 -67.07 -1.13 -65.39
N GLN B 198 -66.06 -1.39 -64.58
CA GLN B 198 -65.03 -2.34 -64.96
C GLN B 198 -65.50 -3.78 -64.82
N GLY B 199 -66.80 -4.02 -64.70
CA GLY B 199 -67.32 -5.36 -64.75
C GLY B 199 -67.11 -6.10 -63.44
N LEU B 200 -67.79 -7.24 -63.34
CA LEU B 200 -67.72 -8.07 -62.15
C LEU B 200 -67.53 -9.53 -62.53
N ASN B 201 -66.59 -9.78 -63.44
CA ASN B 201 -66.27 -11.14 -63.84
C ASN B 201 -65.12 -11.61 -62.94
N ILE B 202 -65.49 -12.18 -61.80
CA ILE B 202 -64.50 -12.68 -60.86
C ILE B 202 -63.76 -13.87 -61.46
N LEU B 203 -64.50 -14.74 -62.14
CA LEU B 203 -63.87 -15.90 -62.77
C LEU B 203 -62.75 -15.47 -63.71
N SER B 204 -62.95 -14.38 -64.44
CA SER B 204 -61.88 -13.87 -65.29
C SER B 204 -60.68 -13.46 -64.46
N TRP B 205 -60.92 -12.70 -63.40
CA TRP B 205 -59.83 -12.18 -62.59
C TRP B 205 -59.04 -13.30 -61.91
N LEU B 206 -59.69 -14.42 -61.61
CA LEU B 206 -58.97 -15.54 -61.04
C LEU B 206 -58.24 -16.34 -62.12
N LYS B 207 -58.93 -16.67 -63.20
CA LYS B 207 -58.29 -17.41 -64.28
C LYS B 207 -57.25 -16.56 -64.99
N HIS B 208 -57.34 -15.24 -64.89
CA HIS B 208 -56.40 -14.35 -65.56
C HIS B 208 -56.10 -13.19 -64.63
N PRO B 209 -54.92 -13.17 -64.02
CA PRO B 209 -54.59 -12.09 -63.08
C PRO B 209 -54.50 -10.72 -63.74
N GLU B 210 -53.97 -10.65 -64.95
CA GLU B 210 -53.84 -9.36 -65.62
C GLU B 210 -55.18 -8.73 -65.94
N THR B 211 -56.22 -9.54 -66.14
CA THR B 211 -57.55 -8.99 -66.35
C THR B 211 -58.15 -8.42 -65.07
N THR B 212 -57.48 -8.56 -63.95
CA THR B 212 -58.09 -8.05 -62.74
C THR B 212 -57.91 -6.54 -62.66
N PRO B 213 -58.97 -5.81 -62.35
CA PRO B 213 -58.85 -4.37 -62.17
C PRO B 213 -57.92 -4.04 -61.02
N ASP B 214 -57.53 -2.76 -60.96
CA ASP B 214 -56.63 -2.32 -59.91
C ASP B 214 -57.29 -2.49 -58.55
N GLN B 215 -56.45 -2.61 -57.52
CA GLN B 215 -56.95 -2.83 -56.18
C GLN B 215 -57.90 -1.72 -55.74
N ASP B 216 -57.72 -0.50 -56.24
CA ASP B 216 -58.61 0.58 -55.85
C ASP B 216 -60.05 0.27 -56.22
N TYR B 217 -60.31 0.02 -57.50
CA TYR B 217 -61.65 -0.38 -57.91
C TYR B 217 -62.04 -1.69 -57.26
N LEU B 218 -61.06 -2.55 -56.98
CA LEU B 218 -61.34 -3.71 -56.14
C LEU B 218 -61.72 -3.28 -54.74
N LEU B 219 -61.01 -2.30 -54.19
CA LEU B 219 -61.32 -1.81 -52.86
C LEU B 219 -62.60 -1.01 -52.82
N SER B 220 -63.18 -0.72 -53.98
CA SER B 220 -64.47 -0.05 -54.00
C SER B 220 -65.53 -0.92 -53.35
N VAL B 221 -66.48 -0.27 -52.70
CA VAL B 221 -67.46 -0.98 -51.90
C VAL B 221 -68.36 -1.85 -52.76
N PRO B 222 -69.00 -1.34 -53.82
CA PRO B 222 -69.79 -2.24 -54.67
C PRO B 222 -69.00 -3.40 -55.23
N VAL B 223 -67.68 -3.38 -55.09
CA VAL B 223 -66.84 -4.51 -55.46
C VAL B 223 -66.44 -5.33 -54.25
N SER B 224 -65.85 -4.68 -53.24
CA SER B 224 -65.30 -5.42 -52.12
C SER B 224 -66.36 -6.04 -51.24
N CYS B 225 -67.55 -5.48 -51.23
CA CYS B 225 -68.56 -5.93 -50.31
C CYS B 225 -69.04 -7.34 -50.65
N PRO B 226 -69.34 -7.66 -51.91
CA PRO B 226 -69.75 -9.05 -52.18
C PRO B 226 -68.62 -10.04 -52.15
N VAL B 227 -67.41 -9.64 -52.57
CA VAL B 227 -66.34 -10.63 -52.64
C VAL B 227 -65.85 -11.01 -51.24
N ILE B 228 -66.00 -10.13 -50.25
CA ILE B 228 -65.68 -10.56 -48.89
C ILE B 228 -66.62 -11.66 -48.45
N CYS B 229 -67.91 -11.49 -48.73
CA CYS B 229 -68.85 -12.57 -48.44
C CYS B 229 -68.48 -13.83 -49.21
N VAL B 230 -67.99 -13.67 -50.43
CA VAL B 230 -67.54 -14.84 -51.19
C VAL B 230 -66.37 -15.51 -50.50
N ILE B 231 -65.41 -14.73 -50.00
CA ILE B 231 -64.25 -15.31 -49.34
C ILE B 231 -64.69 -16.07 -48.11
N GLN B 232 -65.57 -15.47 -47.31
CA GLN B 232 -66.06 -16.15 -46.13
C GLN B 232 -66.80 -17.43 -46.49
N LEU B 233 -67.64 -17.38 -47.52
CA LEU B 233 -68.38 -18.57 -47.88
C LEU B 233 -67.51 -19.67 -48.44
N CYS B 234 -66.48 -19.35 -49.21
CA CYS B 234 -65.62 -20.43 -49.68
C CYS B 234 -64.79 -20.99 -48.53
N HIS B 235 -64.38 -20.14 -47.59
CA HIS B 235 -63.72 -20.67 -46.39
C HIS B 235 -64.62 -21.63 -45.64
N TYR B 236 -65.89 -21.27 -45.43
CA TYR B 236 -66.80 -22.16 -44.74
C TYR B 236 -67.02 -23.44 -45.51
N THR B 237 -67.20 -23.35 -46.84
CA THR B 237 -67.36 -24.54 -47.64
C THR B 237 -66.13 -25.43 -47.53
N ILE B 238 -64.95 -24.84 -47.50
CA ILE B 238 -63.73 -25.63 -47.39
C ILE B 238 -63.70 -26.35 -46.06
N THR B 239 -63.91 -25.62 -44.95
CA THR B 239 -63.81 -26.29 -43.67
C THR B 239 -64.95 -27.27 -43.46
N CYS B 240 -66.02 -27.19 -44.26
CA CYS B 240 -67.02 -28.24 -44.23
C CYS B 240 -66.59 -29.45 -45.05
N LYS B 241 -65.91 -29.22 -46.15
CA LYS B 241 -65.59 -30.31 -47.06
C LYS B 241 -64.33 -31.06 -46.69
N VAL B 242 -63.29 -30.38 -46.25
CA VAL B 242 -62.09 -31.07 -45.77
C VAL B 242 -62.45 -32.06 -44.68
N LEU B 243 -63.36 -31.67 -43.80
CA LEU B 243 -63.89 -32.63 -42.85
C LEU B 243 -64.96 -33.50 -43.48
N GLY B 244 -65.37 -33.22 -44.71
CA GLY B 244 -66.46 -33.98 -45.30
C GLY B 244 -67.75 -33.79 -44.55
N LEU B 245 -67.98 -32.59 -44.05
CA LEU B 245 -69.16 -32.30 -43.24
C LEU B 245 -70.18 -31.57 -44.08
N THR B 246 -71.42 -32.06 -44.03
CA THR B 246 -72.51 -31.30 -44.60
C THR B 246 -72.64 -29.98 -43.83
N PRO B 247 -72.89 -28.87 -44.51
CA PRO B 247 -73.00 -27.59 -43.80
C PRO B 247 -73.99 -27.61 -42.64
N GLY B 248 -75.15 -28.25 -42.80
CA GLY B 248 -76.12 -28.26 -41.73
C GLY B 248 -75.68 -29.00 -40.49
N GLU B 249 -74.99 -30.12 -40.66
CA GLU B 249 -74.50 -30.86 -39.51
C GLU B 249 -73.26 -30.24 -38.90
N PHE B 250 -72.38 -29.66 -39.70
CA PHE B 250 -71.32 -28.84 -39.14
C PHE B 250 -71.91 -27.71 -38.31
N ARG B 251 -72.99 -27.12 -38.78
CA ARG B 251 -73.71 -26.14 -37.99
C ARG B 251 -74.20 -26.75 -36.69
N ASN B 252 -74.64 -28.01 -36.73
CA ASN B 252 -75.10 -28.66 -35.52
C ASN B 252 -74.01 -28.73 -34.47
N SER B 253 -72.76 -28.75 -34.89
CA SER B 253 -71.66 -28.80 -33.96
C SER B 253 -71.44 -27.49 -33.22
N LEU B 254 -71.83 -26.37 -33.80
CA LEU B 254 -71.56 -25.06 -33.24
C LEU B 254 -72.64 -24.69 -32.24
N LYS B 255 -72.26 -23.90 -31.24
CA LYS B 255 -73.25 -23.52 -30.23
C LYS B 255 -73.99 -22.26 -30.64
N TRP B 256 -73.26 -21.25 -31.13
CA TRP B 256 -73.87 -20.06 -31.69
C TRP B 256 -72.83 -19.35 -32.53
N SER B 257 -73.28 -18.41 -33.33
CA SER B 257 -72.35 -17.67 -34.19
C SER B 257 -72.96 -16.35 -34.56
N THR B 258 -72.09 -15.40 -34.86
CA THR B 258 -72.53 -14.07 -35.26
C THR B 258 -71.41 -13.44 -36.07
N GLY B 259 -71.72 -12.31 -36.69
CA GLY B 259 -70.79 -11.70 -37.62
C GLY B 259 -70.51 -10.24 -37.36
N HIS B 260 -69.46 -9.73 -38.00
CA HIS B 260 -69.03 -8.36 -37.84
C HIS B 260 -69.90 -7.43 -38.68
N SER B 261 -69.42 -6.20 -38.88
CA SER B 261 -70.10 -5.22 -39.72
C SER B 261 -70.71 -5.84 -40.97
N GLN B 262 -69.88 -6.50 -41.77
CA GLN B 262 -70.34 -7.02 -43.05
C GLN B 262 -70.70 -8.49 -43.00
N GLY B 263 -69.82 -9.33 -42.48
CA GLY B 263 -70.00 -10.76 -42.59
C GLY B 263 -71.20 -11.31 -41.86
N LEU B 264 -71.88 -10.47 -41.08
CA LEU B 264 -73.03 -10.93 -40.33
C LEU B 264 -74.05 -11.61 -41.23
N VAL B 265 -74.13 -11.20 -42.50
CA VAL B 265 -74.97 -11.92 -43.44
C VAL B 265 -74.50 -13.35 -43.62
N THR B 266 -73.20 -13.58 -43.70
CA THR B 266 -72.74 -14.96 -43.77
C THR B 266 -73.13 -15.75 -42.55
N ALA B 267 -73.09 -15.12 -41.38
CA ALA B 267 -73.54 -15.78 -40.17
C ALA B 267 -75.01 -16.17 -40.26
N VAL B 268 -75.87 -15.26 -40.71
CA VAL B 268 -77.28 -15.62 -40.80
C VAL B 268 -77.52 -16.64 -41.90
N THR B 269 -76.67 -16.69 -42.92
CA THR B 269 -76.77 -17.77 -43.89
C THR B 269 -76.49 -19.11 -43.24
N ILE B 270 -75.37 -19.20 -42.52
CA ILE B 270 -75.01 -20.45 -41.87
C ILE B 270 -76.14 -20.99 -41.02
N ALA B 271 -76.79 -20.14 -40.24
CA ALA B 271 -77.90 -20.56 -39.41
C ALA B 271 -79.11 -21.02 -40.21
N ALA B 272 -79.13 -20.75 -41.51
CA ALA B 272 -80.18 -21.26 -42.38
C ALA B 272 -79.69 -22.38 -43.29
N SER B 273 -78.40 -22.64 -43.32
CA SER B 273 -77.85 -23.65 -44.20
C SER B 273 -78.04 -25.05 -43.63
N ASP B 274 -78.60 -25.95 -44.44
CA ASP B 274 -78.77 -27.34 -44.04
C ASP B 274 -77.97 -28.27 -44.95
N SER B 275 -78.20 -28.24 -46.25
CA SER B 275 -77.49 -29.09 -47.17
C SER B 275 -76.50 -28.24 -47.96
N TRP B 276 -75.84 -28.83 -48.95
CA TRP B 276 -75.03 -28.04 -49.87
C TRP B 276 -75.87 -27.20 -50.80
N ASP B 277 -76.98 -27.73 -51.31
CA ASP B 277 -77.84 -26.96 -52.18
C ASP B 277 -78.57 -25.85 -51.43
N SER B 278 -79.03 -26.14 -50.21
CA SER B 278 -79.56 -25.07 -49.38
C SER B 278 -78.50 -24.02 -49.10
N PHE B 279 -77.28 -24.47 -48.82
CA PHE B 279 -76.18 -23.53 -48.65
C PHE B 279 -75.97 -22.71 -49.90
N LEU B 280 -75.99 -23.35 -51.07
CA LEU B 280 -75.79 -22.61 -52.31
C LEU B 280 -76.87 -21.57 -52.50
N LYS B 281 -78.13 -21.96 -52.31
CA LYS B 281 -79.23 -21.03 -52.46
C LYS B 281 -79.11 -19.85 -51.51
N ASN B 282 -78.82 -20.10 -50.25
CA ASN B 282 -78.69 -19.01 -49.30
C ASN B 282 -77.49 -18.13 -49.59
N SER B 283 -76.39 -18.71 -50.04
CA SER B 283 -75.27 -17.90 -50.49
C SER B 283 -75.67 -16.98 -51.64
N LEU B 284 -76.50 -17.50 -52.55
CA LEU B 284 -77.00 -16.66 -53.62
C LEU B 284 -77.76 -15.48 -53.07
N THR B 285 -78.74 -15.72 -52.20
CA THR B 285 -79.47 -14.62 -51.57
C THR B 285 -78.54 -13.69 -50.82
N ALA B 286 -77.40 -14.19 -50.35
CA ALA B 286 -76.46 -13.33 -49.65
C ALA B 286 -75.74 -12.40 -50.61
N VAL B 287 -74.98 -12.96 -51.56
CA VAL B 287 -74.21 -12.12 -52.45
C VAL B 287 -75.10 -11.17 -53.23
N SER B 288 -76.33 -11.58 -53.53
CA SER B 288 -77.26 -10.65 -54.14
C SER B 288 -77.59 -9.52 -53.17
N LEU B 289 -77.70 -9.82 -51.89
CA LEU B 289 -77.97 -8.77 -50.91
C LEU B 289 -76.79 -7.81 -50.83
N LEU B 290 -75.62 -8.33 -50.51
CA LEU B 290 -74.45 -7.48 -50.33
C LEU B 290 -74.07 -6.73 -51.60
N LEU B 291 -74.43 -7.25 -52.77
CA LEU B 291 -74.27 -6.43 -53.96
C LEU B 291 -75.16 -5.20 -53.95
N PHE B 292 -76.43 -5.36 -53.55
CA PHE B 292 -77.29 -4.21 -53.37
C PHE B 292 -76.71 -3.24 -52.36
N ILE B 293 -76.20 -3.75 -51.24
CA ILE B 293 -75.60 -2.85 -50.26
C ILE B 293 -74.42 -2.09 -50.86
N GLY B 294 -73.52 -2.79 -51.52
CA GLY B 294 -72.37 -2.11 -52.11
C GLY B 294 -72.80 -1.04 -53.08
N SER B 295 -73.78 -1.35 -53.93
CA SER B 295 -74.27 -0.37 -54.89
C SER B 295 -74.84 0.86 -54.19
N ARG B 296 -75.78 0.64 -53.28
CA ARG B 296 -76.52 1.76 -52.71
C ARG B 296 -75.71 2.59 -51.75
N CYS B 297 -74.86 1.97 -50.93
CA CYS B 297 -74.04 2.74 -50.01
C CYS B 297 -72.99 3.57 -50.73
N LEU B 298 -72.75 3.30 -52.01
CA LEU B 298 -71.92 4.20 -52.80
C LEU B 298 -72.76 5.25 -53.51
N SER B 299 -73.86 4.86 -54.12
CA SER B 299 -74.71 5.84 -54.79
C SER B 299 -75.30 6.84 -53.81
N THR B 300 -75.31 6.52 -52.53
CA THR B 300 -75.84 7.45 -51.53
C THR B 300 -74.78 8.42 -51.04
N TYR B 301 -73.58 7.93 -50.75
CA TYR B 301 -72.44 8.77 -50.41
C TYR B 301 -71.29 8.39 -51.32
N PRO B 302 -71.21 8.96 -52.52
CA PRO B 302 -70.11 8.62 -53.42
C PRO B 302 -68.82 9.25 -52.91
N ARG B 303 -67.80 8.42 -52.74
CA ARG B 303 -66.49 8.94 -52.34
C ARG B 303 -65.94 9.78 -53.48
N THR B 304 -65.48 10.98 -53.16
CA THR B 304 -64.96 11.89 -54.16
C THR B 304 -63.45 12.02 -54.04
N SER B 305 -62.89 12.88 -54.87
CA SER B 305 -61.46 13.16 -54.83
C SER B 305 -61.09 13.82 -53.51
N LEU B 306 -59.80 13.84 -53.23
CA LEU B 306 -59.40 14.45 -51.99
C LEU B 306 -58.20 15.38 -52.21
N PRO B 307 -58.20 16.56 -51.60
CA PRO B 307 -57.10 17.51 -51.80
C PRO B 307 -55.76 16.87 -51.45
N PRO B 308 -54.84 16.80 -52.41
CA PRO B 308 -53.58 16.07 -52.19
C PRO B 308 -52.77 16.59 -51.03
N THR B 309 -52.91 17.86 -50.66
CA THR B 309 -52.28 18.31 -49.43
C THR B 309 -52.74 17.48 -48.25
N MET B 310 -54.05 17.22 -48.18
CA MET B 310 -54.60 16.45 -47.07
C MET B 310 -53.91 15.11 -46.94
N LEU B 311 -54.05 14.26 -47.96
CA LEU B 311 -53.54 12.91 -47.85
C LEU B 311 -52.02 12.87 -47.82
N GLN B 312 -51.36 13.81 -48.50
CA GLN B 312 -49.91 13.88 -48.37
C GLN B 312 -49.50 14.11 -46.94
N ASP B 313 -50.11 15.09 -46.27
CA ASP B 313 -49.82 15.32 -44.87
C ASP B 313 -50.17 14.11 -44.03
N SER B 314 -51.32 13.49 -44.29
CA SER B 314 -51.75 12.36 -43.47
C SER B 314 -50.80 11.19 -43.59
N LEU B 315 -50.25 10.96 -44.78
CA LEU B 315 -49.29 9.87 -44.94
C LEU B 315 -47.92 10.25 -44.40
N ASP B 316 -47.57 11.52 -44.43
CA ASP B 316 -46.36 11.96 -43.76
C ASP B 316 -46.51 11.89 -42.25
N ASN B 317 -47.72 12.03 -41.73
CA ASN B 317 -47.97 11.87 -40.31
C ASN B 317 -48.09 10.42 -39.89
N GLY B 318 -47.84 9.49 -40.80
CA GLY B 318 -47.99 8.09 -40.49
C GLY B 318 -49.43 7.60 -40.43
N GLU B 319 -50.40 8.49 -40.55
CA GLU B 319 -51.79 8.08 -40.57
C GLU B 319 -52.08 7.34 -41.87
N GLY B 320 -53.30 6.84 -42.02
CA GLY B 320 -53.69 6.14 -43.21
C GLY B 320 -54.18 7.09 -44.29
N ARG B 321 -54.30 6.55 -45.49
CA ARG B 321 -54.97 7.29 -46.54
C ARG B 321 -56.38 7.59 -46.10
N PRO B 322 -56.79 8.86 -46.09
CA PRO B 322 -58.09 9.22 -45.52
C PRO B 322 -59.23 8.43 -46.15
N SER B 323 -60.21 8.08 -45.33
CA SER B 323 -61.30 7.22 -45.73
C SER B 323 -62.49 7.52 -44.84
N PRO B 324 -63.70 7.15 -45.26
CA PRO B 324 -64.88 7.53 -44.48
C PRO B 324 -64.93 6.98 -43.08
N MET B 325 -64.01 6.08 -42.73
CA MET B 325 -64.03 5.46 -41.43
C MET B 325 -62.64 5.45 -40.83
N LEU B 326 -62.53 5.88 -39.57
CA LEU B 326 -61.27 6.01 -38.88
C LEU B 326 -61.29 5.15 -37.63
N SER B 327 -60.20 4.41 -37.41
CA SER B 327 -60.06 3.58 -36.23
C SER B 327 -59.06 4.24 -35.28
N VAL B 328 -59.50 4.48 -34.05
CA VAL B 328 -58.65 5.05 -33.02
C VAL B 328 -58.42 3.98 -31.96
N ARG B 329 -57.18 3.86 -31.51
CA ARG B 329 -56.79 2.86 -30.55
C ARG B 329 -56.34 3.50 -29.25
N ASP B 330 -56.28 2.67 -28.21
CA ASP B 330 -55.64 3.01 -26.94
C ASP B 330 -56.35 4.13 -26.20
N LEU B 331 -57.59 4.43 -26.56
CA LEU B 331 -58.32 5.51 -25.94
C LEU B 331 -59.70 5.04 -25.53
N SER B 332 -60.09 5.38 -24.32
CA SER B 332 -61.40 5.01 -23.83
C SER B 332 -62.47 5.77 -24.60
N ILE B 333 -63.71 5.28 -24.49
CA ILE B 333 -64.81 5.92 -25.17
C ILE B 333 -65.10 7.29 -24.60
N LYS B 334 -65.03 7.43 -23.27
CA LYS B 334 -65.45 8.67 -22.64
C LYS B 334 -64.61 9.87 -23.06
N GLN B 335 -63.41 9.64 -23.57
CA GLN B 335 -62.56 10.74 -24.00
C GLN B 335 -62.56 10.94 -25.50
N VAL B 336 -62.70 9.86 -26.28
CA VAL B 336 -62.89 10.03 -27.71
C VAL B 336 -64.19 10.77 -27.98
N GLU B 337 -65.23 10.45 -27.22
CA GLU B 337 -66.46 11.24 -27.32
C GLU B 337 -66.27 12.67 -26.86
N LYS B 338 -65.26 12.94 -26.04
CA LYS B 338 -64.96 14.30 -25.66
C LYS B 338 -64.21 15.04 -26.75
N PHE B 339 -63.41 14.32 -27.54
CA PHE B 339 -62.75 14.98 -28.65
C PHE B 339 -63.67 15.20 -29.83
N ILE B 340 -64.59 14.26 -30.08
CA ILE B 340 -65.49 14.43 -31.21
C ILE B 340 -66.47 15.56 -30.98
N GLU B 341 -66.84 15.85 -29.74
CA GLU B 341 -67.66 17.03 -29.54
C GLU B 341 -66.86 18.30 -29.81
N GLN B 342 -65.58 18.33 -29.43
CA GLN B 342 -64.74 19.45 -29.82
C GLN B 342 -64.77 19.64 -31.32
N THR B 343 -64.62 18.56 -32.07
CA THR B 343 -64.58 18.69 -33.52
C THR B 343 -65.94 19.11 -34.07
N ASN B 344 -67.02 18.46 -33.64
CA ASN B 344 -68.34 18.77 -34.19
C ASN B 344 -68.85 20.13 -33.77
N SER B 345 -68.30 20.71 -32.70
CA SER B 345 -68.72 22.06 -32.31
C SER B 345 -68.43 23.08 -33.39
N HIS B 346 -67.60 22.75 -34.36
CA HIS B 346 -67.22 23.67 -35.42
C HIS B 346 -67.94 23.40 -36.73
N LEU B 347 -68.72 22.33 -36.82
CA LEU B 347 -69.25 21.93 -38.11
C LEU B 347 -70.75 21.70 -38.03
N PRO B 348 -71.43 21.73 -39.17
CA PRO B 348 -72.84 21.35 -39.16
C PRO B 348 -73.02 19.86 -39.00
N ARG B 349 -74.24 19.40 -38.81
CA ARG B 349 -74.50 18.01 -38.53
C ARG B 349 -74.41 17.14 -39.78
N GLU B 350 -74.32 17.74 -40.95
CA GLU B 350 -74.04 16.98 -42.15
C GLU B 350 -72.57 16.65 -42.28
N LYS B 351 -71.71 17.30 -41.51
CA LYS B 351 -70.32 16.89 -41.37
C LYS B 351 -70.05 16.39 -39.97
N HIS B 352 -71.11 16.11 -39.22
CA HIS B 352 -70.97 15.65 -37.86
C HIS B 352 -70.28 14.28 -37.84
N ILE B 353 -69.52 14.03 -36.77
CA ILE B 353 -68.79 12.78 -36.60
C ILE B 353 -69.42 11.98 -35.48
N ALA B 354 -69.52 10.67 -35.68
CA ALA B 354 -70.16 9.80 -34.70
C ALA B 354 -69.40 8.50 -34.56
N ILE B 355 -69.56 7.87 -33.40
CA ILE B 355 -68.97 6.57 -33.14
C ILE B 355 -69.65 5.54 -34.03
N SER B 356 -68.84 4.75 -34.73
CA SER B 356 -69.37 3.74 -35.64
C SER B 356 -69.25 2.33 -35.08
N LEU B 357 -68.04 1.90 -34.73
CA LEU B 357 -67.82 0.55 -34.24
C LEU B 357 -67.09 0.59 -32.91
N ILE B 358 -67.49 -0.29 -32.00
CA ILE B 358 -66.79 -0.43 -30.74
C ILE B 358 -66.11 -1.78 -30.72
N ASN B 359 -64.86 -1.83 -31.16
CA ASN B 359 -64.12 -3.07 -31.26
C ASN B 359 -63.59 -3.57 -29.93
N GLY B 360 -63.95 -2.91 -28.83
CA GLY B 360 -63.46 -3.35 -27.54
C GLY B 360 -63.42 -2.19 -26.56
N ALA B 361 -62.56 -2.33 -25.56
CA ALA B 361 -62.44 -1.27 -24.57
C ALA B 361 -61.74 -0.05 -25.15
N ARG B 362 -60.54 -0.23 -25.69
CA ARG B 362 -59.74 0.87 -26.22
C ARG B 362 -59.51 0.67 -27.71
N ASN B 363 -60.55 0.23 -28.39
CA ASN B 363 -60.49 -0.06 -29.83
C ASN B 363 -61.80 0.44 -30.44
N LEU B 364 -61.79 1.64 -30.97
CA LEU B 364 -62.99 2.24 -31.51
C LEU B 364 -62.78 2.64 -32.96
N VAL B 365 -63.87 2.75 -33.69
CA VAL B 365 -63.85 3.12 -35.09
C VAL B 365 -64.83 4.26 -35.30
N LEU B 366 -64.35 5.36 -35.87
CA LEU B 366 -65.17 6.52 -36.12
C LEU B 366 -65.59 6.56 -37.58
N SER B 367 -66.72 7.22 -37.83
CA SER B 367 -67.22 7.36 -39.18
C SER B 367 -67.66 8.79 -39.41
N GLY B 368 -67.49 9.25 -40.65
CA GLY B 368 -67.89 10.58 -41.03
C GLY B 368 -67.19 11.01 -42.30
N PRO B 369 -67.51 12.21 -42.78
CA PRO B 369 -66.85 12.70 -43.99
C PRO B 369 -65.34 12.70 -43.82
N PRO B 370 -64.60 12.21 -44.80
CA PRO B 370 -63.16 12.00 -44.60
C PRO B 370 -62.41 13.26 -44.21
N GLU B 371 -62.81 14.41 -44.73
CA GLU B 371 -62.13 15.64 -44.33
C GLU B 371 -62.39 15.98 -42.88
N SER B 372 -63.60 15.74 -42.40
CA SER B 372 -63.91 15.95 -41.00
C SER B 372 -63.10 15.03 -40.09
N LEU B 373 -63.03 13.75 -40.43
CA LEU B 373 -62.18 12.85 -39.66
C LEU B 373 -60.72 13.28 -39.73
N TYR B 374 -60.31 13.81 -40.87
CA TYR B 374 -58.96 14.34 -40.99
C TYR B 374 -58.73 15.46 -39.99
N GLY B 375 -59.64 16.42 -39.93
CA GLY B 375 -59.53 17.46 -38.92
C GLY B 375 -59.54 16.91 -37.52
N PHE B 376 -60.35 15.90 -37.26
CA PHE B 376 -60.37 15.32 -35.92
C PHE B 376 -59.01 14.79 -35.52
N ASN B 377 -58.41 13.97 -36.38
CA ASN B 377 -57.07 13.51 -36.06
C ASN B 377 -56.05 14.64 -36.04
N LEU B 378 -56.33 15.74 -36.73
CA LEU B 378 -55.49 16.92 -36.57
C LEU B 378 -55.53 17.43 -35.14
N ASN B 379 -56.73 17.61 -34.57
CA ASN B 379 -56.81 17.94 -33.14
C ASN B 379 -56.00 16.94 -32.34
N LEU B 380 -56.20 15.67 -32.61
CA LEU B 380 -55.48 14.64 -31.85
C LEU B 380 -53.99 14.86 -31.90
N ARG B 381 -53.42 15.08 -33.09
CA ARG B 381 -51.99 15.30 -33.20
C ARG B 381 -51.52 16.45 -32.31
N ASN B 382 -52.42 17.36 -31.94
CA ASN B 382 -52.07 18.38 -30.96
C ASN B 382 -52.18 17.84 -29.55
N GLN B 383 -53.35 17.33 -29.17
CA GLN B 383 -53.50 16.83 -27.81
C GLN B 383 -52.69 15.58 -27.53
N LYS B 384 -52.10 14.95 -28.55
CA LYS B 384 -51.34 13.73 -28.33
C LYS B 384 -49.87 14.06 -28.13
N ALA B 385 -49.08 13.02 -27.89
CA ALA B 385 -47.64 13.11 -27.73
C ALA B 385 -46.98 12.03 -28.57
N PRO B 386 -45.73 12.24 -28.98
CA PRO B 386 -45.04 11.20 -29.74
C PRO B 386 -44.89 9.93 -28.93
N MET B 387 -44.57 8.85 -29.64
CA MET B 387 -44.51 7.53 -28.99
C MET B 387 -43.24 7.34 -28.19
N GLY B 388 -42.15 7.99 -28.57
CA GLY B 388 -40.90 7.83 -27.87
C GLY B 388 -40.61 8.95 -26.90
N LEU B 389 -41.63 9.37 -26.15
CA LEU B 389 -41.46 10.57 -25.34
C LEU B 389 -40.89 10.25 -23.95
N ASP B 390 -41.01 9.00 -23.50
CA ASP B 390 -40.43 8.56 -22.23
C ASP B 390 -40.98 9.36 -21.05
N GLN B 391 -42.27 9.17 -20.82
CA GLN B 391 -42.94 9.76 -19.67
C GLN B 391 -42.70 8.99 -18.39
N SER B 392 -41.63 8.19 -18.34
CA SER B 392 -41.32 7.42 -17.15
C SER B 392 -41.02 8.29 -15.94
N ARG B 393 -40.41 9.45 -16.14
CA ARG B 393 -39.97 10.27 -15.02
C ARG B 393 -41.01 11.30 -14.61
N VAL B 394 -42.12 11.39 -15.34
CA VAL B 394 -43.21 12.26 -14.91
C VAL B 394 -44.29 11.37 -14.32
N PRO B 395 -44.85 11.73 -13.17
CA PRO B 395 -45.83 10.87 -12.52
C PRO B 395 -47.06 10.63 -13.40
N PHE B 396 -47.90 9.74 -12.91
CA PHE B 396 -48.90 9.11 -13.76
C PHE B 396 -49.97 10.11 -14.20
N SER B 397 -50.72 10.66 -13.24
CA SER B 397 -51.93 11.41 -13.54
C SER B 397 -51.72 12.54 -14.51
N GLU B 398 -50.52 13.09 -14.61
CA GLU B 398 -50.24 14.21 -15.50
C GLU B 398 -49.43 13.77 -16.72
N ARG B 399 -49.69 12.57 -17.21
CA ARG B 399 -49.07 12.13 -18.45
C ARG B 399 -49.96 12.50 -19.64
N LYS B 400 -49.33 12.58 -20.80
CA LYS B 400 -50.03 12.95 -22.03
C LYS B 400 -50.62 11.70 -22.66
N LEU B 401 -51.85 11.84 -23.14
CA LEU B 401 -52.56 10.73 -23.76
C LEU B 401 -51.79 10.27 -24.99
N LYS B 402 -51.70 8.95 -25.17
CA LYS B 402 -51.04 8.37 -26.32
C LYS B 402 -52.00 7.45 -27.04
N CYS B 403 -51.93 7.48 -28.37
CA CYS B 403 -52.90 6.74 -29.17
C CYS B 403 -52.24 6.24 -30.42
N SER B 404 -53.00 5.48 -31.19
CA SER B 404 -52.61 5.09 -32.54
C SER B 404 -53.87 5.10 -33.38
N ASN B 405 -53.89 5.96 -34.40
CA ASN B 405 -55.06 6.14 -35.24
C ASN B 405 -54.63 6.20 -36.70
N ARG B 406 -55.45 5.62 -37.56
CA ARG B 406 -55.22 5.65 -38.99
C ARG B 406 -56.48 5.14 -39.67
N PHE B 407 -56.71 5.64 -40.87
CA PHE B 407 -57.93 5.29 -41.59
C PHE B 407 -57.90 3.83 -42.01
N LEU B 408 -59.04 3.18 -41.87
CA LEU B 408 -59.14 1.83 -42.38
C LEU B 408 -59.42 1.87 -43.88
N PRO B 409 -58.88 0.94 -44.62
CA PRO B 409 -59.18 0.90 -46.05
C PRO B 409 -60.62 0.52 -46.32
N ILE B 410 -61.52 1.40 -45.92
CA ILE B 410 -62.95 1.28 -46.20
C ILE B 410 -63.33 2.52 -46.98
N PHE B 411 -64.27 2.38 -47.90
CA PHE B 411 -64.68 3.49 -48.75
C PHE B 411 -66.17 3.74 -48.69
N ALA B 412 -66.72 3.78 -47.47
CA ALA B 412 -68.12 4.08 -47.27
C ALA B 412 -68.34 4.40 -45.80
N PRO B 413 -69.12 5.41 -45.48
CA PRO B 413 -69.37 5.77 -44.08
C PRO B 413 -70.37 4.81 -43.42
N PHE B 414 -69.92 3.59 -43.17
CA PHE B 414 -70.80 2.56 -42.64
C PHE B 414 -71.27 2.91 -41.23
N HIS B 415 -72.44 2.39 -40.89
CA HIS B 415 -72.98 2.50 -39.53
C HIS B 415 -73.06 3.96 -39.08
N SER B 416 -73.65 4.79 -39.93
CA SER B 416 -73.83 6.19 -39.62
C SER B 416 -75.12 6.68 -40.23
N HIS B 417 -75.48 7.90 -39.88
CA HIS B 417 -76.55 8.60 -40.55
C HIS B 417 -76.21 8.95 -41.97
N LEU B 418 -74.93 9.03 -42.32
CA LEU B 418 -74.53 9.43 -43.65
C LEU B 418 -75.12 8.56 -44.74
N LEU B 419 -75.59 7.36 -44.39
CA LEU B 419 -76.21 6.47 -45.37
C LEU B 419 -77.64 6.14 -45.02
N ALA B 420 -78.26 6.94 -44.15
CA ALA B 420 -79.59 6.62 -43.66
C ALA B 420 -80.61 6.45 -44.76
N ASP B 421 -80.50 7.20 -45.85
CA ASP B 421 -81.42 7.02 -46.96
C ASP B 421 -81.20 5.72 -47.70
N ALA B 422 -79.95 5.27 -47.82
CA ALA B 422 -79.66 4.03 -48.52
C ALA B 422 -80.40 2.84 -47.93
N THR B 423 -80.83 2.93 -46.68
CA THR B 423 -81.53 1.83 -46.05
C THR B 423 -82.80 1.47 -46.82
N GLU B 424 -83.65 2.47 -47.07
CA GLU B 424 -84.90 2.19 -47.76
C GLU B 424 -84.64 1.70 -49.18
N LEU B 425 -83.65 2.29 -49.86
CA LEU B 425 -83.33 1.86 -51.21
C LEU B 425 -82.88 0.41 -51.24
N ILE B 426 -82.08 0.00 -50.27
CA ILE B 426 -81.61 -1.37 -50.24
C ILE B 426 -82.74 -2.33 -49.94
N LEU B 427 -83.55 -2.03 -48.93
CA LEU B 427 -84.67 -2.91 -48.67
C LEU B 427 -85.69 -2.88 -49.80
N ASP B 428 -85.77 -1.77 -50.54
CA ASP B 428 -86.60 -1.77 -51.73
C ASP B 428 -86.06 -2.72 -52.79
N ASP B 429 -84.74 -2.68 -53.01
CA ASP B 429 -84.10 -3.66 -53.89
C ASP B 429 -84.37 -5.08 -53.43
N VAL B 430 -84.43 -5.27 -52.11
CA VAL B 430 -84.80 -6.57 -51.57
C VAL B 430 -86.20 -6.95 -52.03
N LYS B 431 -87.16 -6.05 -51.84
CA LYS B 431 -88.53 -6.33 -52.26
C LYS B 431 -88.59 -6.58 -53.76
N GLU B 432 -87.67 -5.99 -54.51
CA GLU B 432 -87.56 -6.25 -55.95
C GLU B 432 -87.36 -7.72 -56.24
N HIS B 433 -86.72 -8.44 -55.34
CA HIS B 433 -86.40 -9.85 -55.52
C HIS B 433 -87.01 -10.65 -54.38
N GLY B 434 -86.74 -11.94 -54.38
CA GLY B 434 -87.16 -12.80 -53.29
C GLY B 434 -86.06 -12.99 -52.27
N LEU B 435 -85.50 -11.90 -51.76
CA LEU B 435 -84.38 -11.97 -50.84
C LEU B 435 -84.91 -12.02 -49.42
N SER B 436 -84.76 -13.18 -48.77
CA SER B 436 -85.20 -13.37 -47.41
C SER B 436 -84.54 -14.63 -46.87
N PHE B 437 -84.41 -14.71 -45.56
CA PHE B 437 -83.81 -15.85 -44.90
C PHE B 437 -84.85 -16.55 -44.03
N GLU B 438 -84.86 -17.87 -44.08
CA GLU B 438 -85.83 -18.67 -43.34
C GLU B 438 -85.42 -18.73 -41.88
N GLY B 439 -86.10 -19.57 -41.10
CA GLY B 439 -85.79 -19.73 -39.70
C GLY B 439 -84.38 -20.20 -39.45
N LEU B 440 -83.72 -19.62 -38.47
CA LEU B 440 -82.34 -19.98 -38.15
C LEU B 440 -82.31 -21.25 -37.32
N LYS B 441 -81.11 -21.77 -37.14
CA LYS B 441 -80.91 -22.94 -36.30
C LYS B 441 -79.96 -22.68 -35.14
N ILE B 442 -78.79 -22.11 -35.40
CA ILE B 442 -77.92 -21.70 -34.32
C ILE B 442 -78.31 -20.28 -33.95
N PRO B 443 -78.38 -19.94 -32.67
CA PRO B 443 -78.71 -18.56 -32.30
C PRO B 443 -77.61 -17.62 -32.78
N VAL B 444 -78.01 -16.56 -33.47
CA VAL B 444 -77.09 -15.53 -33.93
C VAL B 444 -77.32 -14.29 -33.10
N TYR B 445 -76.30 -13.86 -32.39
CA TYR B 445 -76.40 -12.66 -31.56
C TYR B 445 -76.43 -11.42 -32.45
N ASP B 446 -77.33 -10.50 -32.14
CA ASP B 446 -77.35 -9.23 -32.83
C ASP B 446 -76.10 -8.42 -32.49
N THR B 447 -75.71 -7.56 -33.42
CA THR B 447 -74.51 -6.76 -33.23
C THR B 447 -74.78 -5.49 -32.42
N PHE B 448 -75.90 -4.82 -32.66
CA PHE B 448 -76.20 -3.60 -31.93
C PHE B 448 -76.95 -3.89 -30.64
N ASP B 449 -78.09 -4.56 -30.73
CA ASP B 449 -78.84 -4.91 -29.54
C ASP B 449 -78.11 -5.97 -28.73
N GLY B 450 -77.60 -7.00 -29.40
CA GLY B 450 -77.05 -8.14 -28.72
C GLY B 450 -78.03 -9.28 -28.51
N SER B 451 -79.19 -9.22 -29.13
CA SER B 451 -80.19 -10.25 -28.97
C SER B 451 -80.06 -11.31 -30.06
N ASP B 452 -80.89 -12.33 -29.97
CA ASP B 452 -80.87 -13.42 -30.93
C ASP B 452 -81.75 -13.09 -32.12
N PHE B 453 -81.27 -13.47 -33.31
CA PHE B 453 -82.05 -13.24 -34.52
C PHE B 453 -83.23 -14.19 -34.66
N GLN B 454 -83.15 -15.38 -34.06
CA GLN B 454 -84.31 -16.27 -34.10
C GLN B 454 -85.50 -15.64 -33.40
N ALA B 455 -85.26 -14.72 -32.48
CA ALA B 455 -86.33 -13.97 -31.83
C ALA B 455 -86.50 -12.63 -32.54
N LEU B 456 -86.87 -12.70 -33.81
CA LEU B 456 -87.12 -11.53 -34.62
C LEU B 456 -88.56 -11.52 -35.10
N LYS B 457 -89.26 -10.43 -34.81
CA LYS B 457 -90.63 -10.27 -35.30
C LYS B 457 -90.63 -9.75 -36.72
N GLU B 458 -89.67 -8.93 -37.07
CA GLU B 458 -89.43 -8.55 -38.45
C GLU B 458 -88.75 -9.69 -39.19
N PRO B 459 -88.63 -9.60 -40.51
CA PRO B 459 -87.66 -10.42 -41.21
C PRO B 459 -86.26 -10.09 -40.72
N ILE B 460 -85.29 -10.83 -41.24
CA ILE B 460 -83.93 -10.64 -40.78
C ILE B 460 -83.18 -9.66 -41.67
N ILE B 461 -83.48 -9.67 -42.97
CA ILE B 461 -82.72 -8.84 -43.89
C ILE B 461 -82.97 -7.36 -43.61
N ASP B 462 -84.23 -6.96 -43.48
CA ASP B 462 -84.54 -5.59 -43.13
C ASP B 462 -83.91 -5.16 -41.82
N ARG B 463 -83.66 -6.09 -40.90
CA ARG B 463 -82.97 -5.74 -39.67
C ARG B 463 -81.47 -5.62 -39.91
N VAL B 464 -80.88 -6.60 -40.59
CA VAL B 464 -79.44 -6.57 -40.79
C VAL B 464 -78.99 -5.39 -41.62
N VAL B 465 -79.82 -4.90 -42.53
CA VAL B 465 -79.36 -3.75 -43.31
C VAL B 465 -79.33 -2.48 -42.47
N LYS B 466 -80.41 -2.17 -41.76
CA LYS B 466 -80.36 -1.08 -40.81
C LYS B 466 -79.25 -1.25 -39.80
N LEU B 467 -78.86 -2.50 -39.54
CA LEU B 467 -77.75 -2.78 -38.66
C LEU B 467 -76.40 -2.49 -39.28
N ILE B 468 -76.28 -2.61 -40.61
CA ILE B 468 -75.02 -2.30 -41.26
C ILE B 468 -74.91 -0.83 -41.60
N THR B 469 -76.01 -0.21 -42.02
CA THR B 469 -75.95 1.14 -42.58
C THR B 469 -75.95 2.21 -41.51
N GLU B 470 -76.87 2.14 -40.55
CA GLU B 470 -77.07 3.20 -39.59
C GLU B 470 -76.54 2.84 -38.21
N LEU B 471 -77.00 1.75 -37.65
CA LEU B 471 -76.73 1.48 -36.25
C LEU B 471 -75.25 1.21 -36.03
N PRO B 472 -74.71 1.58 -34.88
CA PRO B 472 -73.30 1.33 -34.62
C PRO B 472 -73.04 -0.14 -34.32
N VAL B 473 -71.82 -0.47 -33.93
CA VAL B 473 -71.44 -1.85 -33.63
C VAL B 473 -70.90 -1.91 -32.21
N HIS B 474 -71.53 -2.71 -31.38
CA HIS B 474 -71.07 -2.98 -30.02
C HIS B 474 -70.56 -4.41 -30.02
N TRP B 475 -69.31 -4.58 -30.43
CA TRP B 475 -68.80 -5.91 -30.71
C TRP B 475 -68.73 -6.78 -29.46
N GLU B 476 -67.92 -6.38 -28.48
CA GLU B 476 -67.79 -7.17 -27.27
C GLU B 476 -69.12 -7.35 -26.56
N GLU B 477 -70.00 -6.34 -26.61
CA GLU B 477 -71.34 -6.53 -26.08
C GLU B 477 -72.11 -7.55 -26.88
N ALA B 478 -71.85 -7.60 -28.19
CA ALA B 478 -72.53 -8.57 -29.04
C ALA B 478 -71.93 -9.96 -28.94
N THR B 479 -70.64 -10.06 -28.66
CA THR B 479 -69.99 -11.35 -28.50
C THR B 479 -69.88 -11.74 -27.04
N ASN B 480 -70.87 -11.36 -26.23
CA ASN B 480 -70.92 -11.81 -24.85
C ASN B 480 -71.28 -13.29 -24.90
N HIS B 481 -70.24 -14.09 -25.03
CA HIS B 481 -70.33 -15.48 -25.40
C HIS B 481 -70.64 -16.36 -24.19
N LYS B 482 -70.92 -17.62 -24.49
CA LYS B 482 -70.64 -18.74 -23.60
C LYS B 482 -69.97 -19.76 -24.52
N ALA B 483 -68.67 -19.62 -24.71
CA ALA B 483 -68.00 -20.23 -25.85
C ALA B 483 -66.58 -20.61 -25.50
N THR B 484 -66.12 -21.72 -26.07
CA THR B 484 -64.79 -22.24 -25.79
C THR B 484 -63.79 -21.92 -26.88
N HIS B 485 -64.16 -22.15 -28.14
CA HIS B 485 -63.28 -21.89 -29.26
C HIS B 485 -64.00 -21.02 -30.27
N ILE B 486 -63.26 -20.14 -30.92
CA ILE B 486 -63.84 -19.18 -31.84
C ILE B 486 -63.14 -19.31 -33.18
N LEU B 487 -63.92 -19.35 -34.25
CA LEU B 487 -63.41 -19.51 -35.59
C LEU B 487 -63.78 -18.29 -36.41
N ASP B 488 -62.80 -17.63 -36.99
CA ASP B 488 -63.05 -16.51 -37.88
C ASP B 488 -62.86 -16.99 -39.30
N PHE B 489 -63.88 -16.81 -40.12
CA PHE B 489 -63.75 -17.08 -41.54
C PHE B 489 -63.56 -15.82 -42.35
N GLY B 490 -63.55 -14.65 -41.71
CA GLY B 490 -63.44 -13.39 -42.41
C GLY B 490 -62.09 -13.22 -43.06
N PRO B 491 -61.88 -12.05 -43.66
CA PRO B 491 -60.64 -11.80 -44.38
C PRO B 491 -59.50 -11.52 -43.41
N GLY B 492 -58.35 -11.21 -43.99
CA GLY B 492 -57.18 -10.76 -43.23
C GLY B 492 -56.45 -11.82 -42.44
N GLY B 493 -57.18 -12.59 -41.64
CA GLY B 493 -56.54 -13.58 -40.80
C GLY B 493 -55.65 -12.97 -39.75
N VAL B 494 -54.33 -13.13 -39.91
CA VAL B 494 -53.37 -12.60 -38.96
C VAL B 494 -53.55 -11.12 -38.69
N SER B 495 -54.19 -10.39 -39.61
CA SER B 495 -54.57 -9.02 -39.38
C SER B 495 -56.08 -8.85 -39.25
N GLY B 496 -56.82 -9.95 -39.16
CA GLY B 496 -58.26 -9.91 -39.22
C GLY B 496 -58.92 -9.64 -37.89
N LEU B 497 -60.23 -9.88 -37.87
CA LEU B 497 -61.02 -9.73 -36.65
C LEU B 497 -60.57 -10.71 -35.58
N GLY B 498 -59.93 -11.81 -35.98
CA GLY B 498 -59.51 -12.82 -35.03
C GLY B 498 -58.58 -12.28 -33.96
N VAL B 499 -57.61 -11.47 -34.36
CA VAL B 499 -56.61 -11.02 -33.40
C VAL B 499 -57.23 -10.10 -32.35
N LEU B 500 -58.06 -9.15 -32.78
CA LEU B 500 -58.64 -8.24 -31.80
C LEU B 500 -59.71 -8.94 -30.96
N THR B 501 -60.44 -9.89 -31.53
CA THR B 501 -61.32 -10.70 -30.72
C THR B 501 -60.56 -11.50 -29.68
N HIS B 502 -59.39 -12.01 -30.05
CA HIS B 502 -58.52 -12.67 -29.09
C HIS B 502 -58.18 -11.72 -27.95
N ARG B 503 -57.66 -10.55 -28.29
CA ARG B 503 -57.28 -9.61 -27.25
C ARG B 503 -58.46 -9.14 -26.43
N ASN B 504 -59.69 -9.24 -26.95
CA ASN B 504 -60.84 -8.87 -26.15
C ASN B 504 -61.17 -9.91 -25.10
N LYS B 505 -60.96 -11.18 -25.40
CA LYS B 505 -61.36 -12.23 -24.47
C LYS B 505 -60.14 -12.97 -23.98
N GLU B 506 -59.11 -12.23 -23.61
CA GLU B 506 -57.83 -12.85 -23.29
C GLU B 506 -57.93 -13.82 -22.13
N GLY B 507 -58.52 -13.38 -21.02
CA GLY B 507 -58.55 -14.18 -19.82
C GLY B 507 -59.82 -14.98 -19.59
N THR B 508 -60.73 -15.00 -20.54
CA THR B 508 -61.95 -15.77 -20.40
C THR B 508 -61.77 -17.23 -20.80
N GLY B 509 -60.58 -17.61 -21.24
CA GLY B 509 -60.31 -18.99 -21.56
C GLY B 509 -60.84 -19.46 -22.89
N ALA B 510 -60.93 -18.59 -23.88
CA ALA B 510 -61.38 -18.98 -25.20
C ALA B 510 -60.17 -19.08 -26.13
N ARG B 511 -60.19 -20.06 -27.01
CA ARG B 511 -59.11 -20.27 -27.98
C ARG B 511 -59.55 -19.69 -29.32
N ILE B 512 -58.63 -18.99 -29.97
CA ILE B 512 -58.90 -18.34 -31.24
C ILE B 512 -58.26 -19.15 -32.35
N ILE B 513 -59.03 -19.45 -33.38
CA ILE B 513 -58.59 -20.32 -34.46
C ILE B 513 -58.70 -19.52 -35.76
N LEU B 514 -57.57 -19.08 -36.29
CA LEU B 514 -57.56 -18.34 -37.55
C LEU B 514 -57.81 -19.33 -38.68
N ALA B 515 -59.06 -19.71 -38.88
CA ALA B 515 -59.39 -20.73 -39.87
C ALA B 515 -59.13 -20.30 -41.29
N GLY B 516 -58.77 -19.04 -41.51
CA GLY B 516 -58.52 -18.55 -42.85
C GLY B 516 -57.18 -19.00 -43.38
N THR B 517 -56.13 -18.84 -42.60
CA THR B 517 -54.76 -19.02 -43.08
C THR B 517 -54.14 -20.25 -42.45
N LEU B 518 -53.22 -20.87 -43.19
CA LEU B 518 -52.48 -22.04 -42.73
C LEU B 518 -50.99 -21.74 -42.81
N ASP B 519 -50.47 -21.04 -41.80
CA ASP B 519 -49.05 -20.68 -41.74
C ASP B 519 -48.52 -20.81 -40.34
N SER B 520 -49.05 -21.78 -39.59
CA SER B 520 -48.69 -21.98 -38.19
C SER B 520 -47.17 -22.03 -38.01
N ASN B 521 -46.70 -21.61 -36.84
CA ASN B 521 -47.54 -21.12 -35.75
C ASN B 521 -46.88 -19.91 -35.12
N PRO B 522 -47.67 -19.01 -34.53
CA PRO B 522 -47.07 -17.90 -33.80
C PRO B 522 -46.13 -18.39 -32.71
N ILE B 523 -45.09 -17.60 -32.46
CA ILE B 523 -43.99 -18.06 -31.62
C ILE B 523 -44.42 -18.35 -30.20
N ASP B 524 -45.54 -17.78 -29.75
CA ASP B 524 -45.98 -18.00 -28.39
C ASP B 524 -47.29 -18.77 -28.32
N ASP B 525 -47.85 -19.16 -29.46
CA ASP B 525 -49.08 -19.95 -29.52
C ASP B 525 -50.23 -19.24 -28.83
N GLU B 526 -50.46 -18.00 -29.23
CA GLU B 526 -51.54 -17.23 -28.64
C GLU B 526 -52.90 -17.69 -29.17
N TYR B 527 -52.92 -18.20 -30.40
CA TYR B 527 -54.15 -18.57 -31.05
C TYR B 527 -53.87 -19.70 -32.03
N GLY B 528 -54.93 -20.43 -32.38
CA GLY B 528 -54.81 -21.55 -33.27
C GLY B 528 -55.00 -21.14 -34.72
N PHE B 529 -54.56 -22.04 -35.60
CA PHE B 529 -54.66 -21.81 -37.04
C PHE B 529 -55.56 -22.87 -37.66
N LYS B 530 -55.58 -22.87 -38.99
CA LYS B 530 -56.54 -23.69 -39.73
C LYS B 530 -56.45 -25.15 -39.32
N HIS B 531 -55.24 -25.66 -39.15
CA HIS B 531 -55.05 -27.09 -38.93
C HIS B 531 -55.58 -27.54 -37.58
N GLU B 532 -55.50 -26.70 -36.56
CA GLU B 532 -55.91 -27.11 -35.22
C GLU B 532 -57.37 -27.53 -35.15
N ILE B 533 -58.12 -27.37 -36.25
CA ILE B 533 -59.42 -28.02 -36.34
C ILE B 533 -59.24 -29.50 -36.64
N PHE B 534 -58.08 -29.88 -37.17
CA PHE B 534 -57.94 -31.18 -37.81
C PHE B 534 -57.11 -32.18 -37.03
N GLN B 535 -56.53 -31.80 -35.90
CA GLN B 535 -55.62 -32.72 -35.22
C GLN B 535 -56.38 -33.94 -34.74
N THR B 536 -56.24 -35.05 -35.45
CA THR B 536 -57.07 -36.22 -35.19
C THR B 536 -56.40 -37.28 -34.32
N SER B 537 -55.34 -36.93 -33.61
CA SER B 537 -54.89 -37.83 -32.55
C SER B 537 -56.01 -37.99 -31.53
N ALA B 538 -56.16 -39.23 -31.05
CA ALA B 538 -57.45 -39.72 -30.55
C ALA B 538 -58.29 -38.64 -29.88
N ASP B 539 -57.72 -37.95 -28.90
CA ASP B 539 -58.39 -36.81 -28.27
C ASP B 539 -57.48 -35.63 -28.00
N LYS B 540 -56.18 -35.78 -28.20
CA LYS B 540 -55.19 -34.80 -27.76
C LYS B 540 -55.28 -33.47 -28.49
N ALA B 541 -56.25 -33.30 -29.39
CA ALA B 541 -56.29 -32.09 -30.20
C ALA B 541 -56.63 -30.85 -29.40
N ILE B 542 -57.35 -30.99 -28.30
CA ILE B 542 -58.08 -29.89 -27.72
C ILE B 542 -57.08 -29.08 -26.90
N LYS B 543 -56.36 -28.18 -27.56
CA LYS B 543 -55.44 -27.29 -26.89
C LYS B 543 -56.23 -26.16 -26.24
N TRP B 544 -56.45 -26.25 -24.94
CA TRP B 544 -57.27 -25.26 -24.27
C TRP B 544 -56.50 -23.97 -24.07
N ALA B 545 -57.25 -22.90 -23.81
CA ALA B 545 -56.73 -21.56 -23.55
C ALA B 545 -56.56 -21.35 -22.06
N PRO B 546 -55.61 -20.52 -21.64
CA PRO B 546 -55.41 -20.27 -20.21
C PRO B 546 -56.62 -19.55 -19.63
N ASP B 547 -57.25 -20.17 -18.64
CA ASP B 547 -58.35 -19.55 -17.91
C ASP B 547 -57.84 -19.14 -16.54
N TRP B 548 -57.47 -17.87 -16.41
CA TRP B 548 -56.88 -17.40 -15.16
C TRP B 548 -57.85 -17.54 -14.01
N LEU B 549 -59.14 -17.40 -14.26
CA LEU B 549 -60.08 -17.52 -13.15
C LEU B 549 -60.19 -18.96 -12.66
N LYS B 550 -60.03 -19.94 -13.53
CA LYS B 550 -60.07 -21.33 -13.09
C LYS B 550 -58.70 -21.86 -12.72
N GLU B 551 -57.68 -21.58 -13.55
CA GLU B 551 -56.40 -22.26 -13.37
C GLU B 551 -55.77 -21.90 -12.04
N LEU B 552 -55.45 -20.64 -11.82
CA LEU B 552 -54.67 -20.22 -10.67
C LEU B 552 -55.52 -19.49 -9.65
N ARG B 553 -56.75 -19.97 -9.47
CA ARG B 553 -57.63 -19.40 -8.46
C ARG B 553 -57.13 -19.76 -7.06
N PRO B 554 -57.29 -18.86 -6.11
CA PRO B 554 -56.90 -19.19 -4.72
C PRO B 554 -57.83 -20.23 -4.14
N THR B 555 -57.24 -21.31 -3.63
CA THR B 555 -57.99 -22.41 -3.04
C THR B 555 -57.42 -22.73 -1.67
N LEU B 556 -58.14 -23.58 -0.95
CA LEU B 556 -57.74 -23.99 0.39
C LEU B 556 -57.21 -25.41 0.38
N VAL B 557 -56.44 -25.73 1.42
CA VAL B 557 -55.89 -27.07 1.57
C VAL B 557 -55.54 -27.25 3.04
N LYS B 558 -55.93 -28.39 3.60
CA LYS B 558 -55.63 -28.72 4.98
C LYS B 558 -54.37 -29.54 5.07
N ASN B 559 -53.48 -29.13 5.98
CA ASN B 559 -52.31 -29.93 6.29
C ASN B 559 -52.74 -31.09 7.17
N SER B 560 -51.92 -32.13 7.21
CA SER B 560 -52.27 -33.31 8.01
C SER B 560 -52.42 -32.95 9.47
N GLU B 561 -51.82 -31.84 9.90
CA GLU B 561 -51.93 -31.39 11.28
C GLU B 561 -53.24 -30.68 11.57
N GLY B 562 -54.11 -30.56 10.58
CA GLY B 562 -55.34 -29.82 10.75
C GLY B 562 -55.25 -28.34 10.42
N LYS B 563 -54.08 -27.86 10.04
CA LYS B 563 -53.91 -26.46 9.67
C LYS B 563 -54.37 -26.26 8.24
N ILE B 564 -54.95 -25.10 7.98
CA ILE B 564 -55.52 -24.78 6.68
C ILE B 564 -54.64 -23.74 6.01
N TYR B 565 -54.27 -24.00 4.76
CA TYR B 565 -53.43 -23.09 4.01
C TYR B 565 -54.18 -22.57 2.80
N VAL B 566 -53.65 -21.48 2.24
CA VAL B 566 -54.19 -20.89 1.03
C VAL B 566 -53.30 -21.33 -0.13
N LYS B 567 -53.65 -22.44 -0.74
CA LYS B 567 -52.84 -23.01 -1.81
C LYS B 567 -52.85 -22.05 -2.98
N THR B 568 -51.72 -21.42 -3.25
CA THR B 568 -51.54 -20.61 -4.43
C THR B 568 -50.36 -21.18 -5.21
N LYS B 569 -49.95 -20.45 -6.24
CA LYS B 569 -48.71 -20.81 -6.91
C LYS B 569 -47.50 -20.40 -6.09
N PHE B 570 -47.67 -19.44 -5.18
CA PHE B 570 -46.59 -18.94 -4.35
C PHE B 570 -46.46 -19.72 -3.07
N SER B 571 -47.57 -19.84 -2.32
CA SER B 571 -47.59 -20.70 -1.16
C SER B 571 -47.05 -22.08 -1.49
N GLN B 572 -47.44 -22.62 -2.65
CA GLN B 572 -46.92 -23.91 -3.08
C GLN B 572 -45.40 -23.90 -3.21
N LEU B 573 -44.82 -22.76 -3.59
CA LEU B 573 -43.37 -22.71 -3.66
C LEU B 573 -42.76 -22.67 -2.27
N LEU B 574 -43.29 -21.85 -1.38
CA LEU B 574 -42.64 -21.67 -0.10
C LEU B 574 -43.23 -22.53 1.00
N GLY B 575 -44.23 -23.34 0.69
CA GLY B 575 -44.79 -24.19 1.71
C GLY B 575 -45.38 -23.46 2.88
N ARG B 576 -45.81 -22.23 2.69
CA ARG B 576 -46.35 -21.44 3.79
C ARG B 576 -47.31 -20.41 3.23
N ALA B 577 -47.92 -19.64 4.12
CA ALA B 577 -48.95 -18.71 3.74
C ALA B 577 -48.45 -17.75 2.66
N PRO B 578 -49.33 -17.29 1.79
CA PRO B 578 -48.88 -16.49 0.65
C PRO B 578 -48.71 -15.02 1.00
N LEU B 579 -48.12 -14.74 2.15
CA LEU B 579 -48.06 -13.38 2.68
C LEU B 579 -46.62 -13.12 3.13
N MET B 580 -45.78 -12.66 2.23
CA MET B 580 -44.38 -12.45 2.54
C MET B 580 -44.15 -11.00 2.96
N VAL B 581 -42.98 -10.75 3.52
CA VAL B 581 -42.60 -9.44 4.01
C VAL B 581 -41.49 -8.90 3.13
N ALA B 582 -41.70 -7.70 2.57
CA ALA B 582 -40.71 -7.08 1.71
C ALA B 582 -39.30 -7.30 2.24
N GLY B 583 -38.56 -6.21 2.39
CA GLY B 583 -37.19 -6.28 2.89
C GLY B 583 -36.57 -4.90 3.00
N MET B 584 -37.32 -3.97 3.58
CA MET B 584 -36.84 -2.60 3.74
C MET B 584 -35.52 -2.53 4.52
N THR B 585 -34.64 -1.64 4.08
CA THR B 585 -33.34 -1.46 4.72
C THR B 585 -33.43 -1.00 6.17
N PRO B 586 -34.24 -0.02 6.55
CA PRO B 586 -34.25 0.37 7.97
C PRO B 586 -34.89 -0.67 8.85
N THR B 587 -36.06 -1.19 8.46
CA THR B 587 -36.80 -2.05 9.36
C THR B 587 -36.34 -3.50 9.27
N THR B 588 -36.25 -4.01 8.05
CA THR B 588 -36.01 -5.44 7.86
C THR B 588 -34.58 -5.84 8.20
N VAL B 589 -33.69 -4.89 8.44
CA VAL B 589 -32.31 -5.26 8.75
C VAL B 589 -32.17 -5.72 10.18
N ASN B 590 -33.08 -5.34 11.06
CA ASN B 590 -33.03 -5.81 12.43
C ASN B 590 -33.20 -7.31 12.47
N THR B 591 -32.21 -7.99 13.04
CA THR B 591 -32.23 -9.45 13.07
C THR B 591 -33.34 -10.02 13.94
N ASP B 592 -34.06 -9.19 14.69
CA ASP B 592 -35.13 -9.71 15.53
C ASP B 592 -36.46 -9.76 14.82
N ILE B 593 -36.86 -8.68 14.15
CA ILE B 593 -38.13 -8.70 13.45
C ILE B 593 -38.15 -9.80 12.39
N VAL B 594 -37.06 -9.96 11.65
CA VAL B 594 -37.05 -10.96 10.60
C VAL B 594 -37.10 -12.38 11.15
N SER B 595 -36.45 -12.66 12.28
CA SER B 595 -36.51 -14.00 12.83
C SER B 595 -37.86 -14.27 13.46
N ALA B 596 -38.32 -13.36 14.31
CA ALA B 596 -39.54 -13.54 15.06
C ALA B 596 -40.77 -13.68 14.16
N SER B 597 -40.63 -13.37 12.87
CA SER B 597 -41.72 -13.57 11.94
C SER B 597 -41.50 -14.75 11.01
N LEU B 598 -40.25 -15.21 10.85
CA LEU B 598 -40.05 -16.51 10.25
C LEU B 598 -40.65 -17.62 11.10
N ASN B 599 -40.47 -17.52 12.42
CA ASN B 599 -41.14 -18.46 13.31
C ASN B 599 -42.64 -18.31 13.27
N ALA B 600 -43.14 -17.13 12.91
CA ALA B 600 -44.56 -16.99 12.69
C ALA B 600 -45.04 -17.79 11.49
N GLY B 601 -44.12 -18.29 10.68
CA GLY B 601 -44.44 -19.11 9.56
C GLY B 601 -44.47 -18.41 8.23
N TYR B 602 -44.28 -17.10 8.20
CA TYR B 602 -44.33 -16.33 6.97
C TYR B 602 -42.91 -16.00 6.55
N HIS B 603 -42.73 -15.80 5.25
CA HIS B 603 -41.40 -15.66 4.69
C HIS B 603 -40.98 -14.21 4.62
N ILE B 604 -39.71 -13.96 4.90
CA ILE B 604 -39.14 -12.62 4.91
C ILE B 604 -37.80 -12.65 4.20
N GLU B 605 -37.49 -11.58 3.50
CA GLU B 605 -36.18 -11.40 2.89
C GLU B 605 -35.39 -10.43 3.74
N LEU B 606 -34.16 -10.80 4.07
CA LEU B 606 -33.36 -9.98 4.95
C LEU B 606 -32.89 -8.72 4.23
N ALA B 607 -32.98 -7.59 4.92
CA ALA B 607 -32.58 -6.33 4.33
C ALA B 607 -31.07 -6.27 4.23
N GLY B 608 -30.54 -6.65 3.07
CA GLY B 608 -29.11 -6.58 2.88
C GLY B 608 -28.56 -5.17 2.84
N GLY B 609 -29.42 -4.18 2.58
CA GLY B 609 -28.94 -2.82 2.47
C GLY B 609 -28.36 -2.29 3.76
N GLY B 610 -28.82 -2.78 4.89
CA GLY B 610 -28.37 -2.28 6.17
C GLY B 610 -27.03 -2.80 6.64
N TYR B 611 -26.31 -3.53 5.81
CA TYR B 611 -25.00 -4.05 6.19
C TYR B 611 -23.97 -3.59 5.17
N PHE B 612 -22.86 -3.05 5.68
CA PHE B 612 -21.80 -2.57 4.82
C PHE B 612 -20.63 -3.52 4.73
N SER B 613 -20.63 -4.59 5.53
CA SER B 613 -19.51 -5.50 5.59
C SER B 613 -20.02 -6.92 5.48
N PRO B 614 -19.33 -7.77 4.75
CA PRO B 614 -19.75 -9.18 4.70
C PRO B 614 -19.77 -9.84 6.06
N VAL B 615 -18.83 -9.50 6.94
CA VAL B 615 -18.75 -10.20 8.20
C VAL B 615 -19.92 -9.85 9.10
N MET B 616 -20.37 -8.60 9.06
CA MET B 616 -21.53 -8.23 9.86
C MET B 616 -22.77 -8.97 9.40
N MET B 617 -22.99 -9.02 8.09
CA MET B 617 -24.14 -9.74 7.58
C MET B 617 -24.05 -11.22 7.90
N THR B 618 -22.85 -11.79 7.82
CA THR B 618 -22.68 -13.19 8.17
C THR B 618 -23.04 -13.43 9.63
N ARG B 619 -22.57 -12.55 10.52
CA ARG B 619 -22.94 -12.68 11.92
C ARG B 619 -24.45 -12.60 12.10
N ALA B 620 -25.10 -11.63 11.46
CA ALA B 620 -26.54 -11.50 11.61
C ALA B 620 -27.27 -12.74 11.11
N ILE B 621 -26.83 -13.27 9.97
CA ILE B 621 -27.39 -14.52 9.47
C ILE B 621 -27.24 -15.61 10.52
N ASP B 622 -26.07 -15.72 11.12
CA ASP B 622 -25.85 -16.77 12.08
C ASP B 622 -26.72 -16.62 13.31
N ASP B 623 -26.95 -15.38 13.75
CA ASP B 623 -27.90 -15.19 14.84
C ASP B 623 -29.31 -15.57 14.40
N ILE B 624 -29.63 -15.35 13.14
CA ILE B 624 -30.94 -15.76 12.64
C ILE B 624 -31.08 -17.27 12.72
N VAL B 625 -30.16 -17.99 12.07
CA VAL B 625 -30.21 -19.44 12.01
C VAL B 625 -30.33 -20.03 13.39
N SER B 626 -29.62 -19.48 14.36
CA SER B 626 -29.68 -20.01 15.71
C SER B 626 -31.04 -19.81 16.36
N ARG B 627 -31.84 -18.86 15.88
CA ARG B 627 -33.07 -18.55 16.57
C ARG B 627 -34.32 -19.01 15.84
N ILE B 628 -34.28 -19.10 14.51
CA ILE B 628 -35.44 -19.60 13.77
C ILE B 628 -35.60 -21.09 14.03
N LYS B 629 -36.74 -21.63 13.63
CA LYS B 629 -36.98 -23.05 13.79
C LYS B 629 -36.01 -23.85 12.91
N PRO B 630 -35.64 -25.04 13.33
CA PRO B 630 -34.69 -25.84 12.55
C PRO B 630 -35.29 -26.26 11.22
N GLY B 631 -34.70 -25.79 10.13
CA GLY B 631 -35.13 -26.15 8.80
C GLY B 631 -35.75 -25.01 8.02
N TYR B 632 -36.25 -23.99 8.70
CA TYR B 632 -36.84 -22.87 7.99
C TYR B 632 -35.77 -22.16 7.19
N GLY B 633 -36.20 -21.48 6.13
CA GLY B 633 -35.29 -20.76 5.28
C GLY B 633 -35.70 -19.31 5.20
N LEU B 634 -34.76 -18.47 4.80
CA LEU B 634 -35.01 -17.05 4.67
C LEU B 634 -34.43 -16.54 3.35
N GLY B 635 -34.81 -15.32 3.00
CA GLY B 635 -34.31 -14.65 1.82
C GLY B 635 -33.47 -13.45 2.19
N ILE B 636 -32.80 -12.91 1.18
CA ILE B 636 -31.93 -11.76 1.35
C ILE B 636 -32.29 -10.75 0.28
N ASN B 637 -32.74 -9.57 0.70
CA ASN B 637 -33.07 -8.50 -0.22
C ASN B 637 -31.82 -7.66 -0.44
N LEU B 638 -31.34 -7.63 -1.68
CA LEU B 638 -30.23 -6.78 -2.05
C LEU B 638 -30.72 -5.60 -2.89
N ILE B 639 -29.84 -4.62 -3.06
CA ILE B 639 -30.13 -3.44 -3.85
C ILE B 639 -29.13 -3.39 -4.99
N TYR B 640 -29.63 -3.46 -6.21
CA TYR B 640 -28.78 -3.62 -7.38
C TYR B 640 -27.93 -2.40 -7.68
N VAL B 641 -28.30 -1.22 -7.18
CA VAL B 641 -27.59 -0.01 -7.55
C VAL B 641 -26.50 0.31 -6.54
N ASN B 642 -26.15 -0.68 -5.72
CA ASN B 642 -25.00 -0.50 -4.85
C ASN B 642 -23.89 -1.44 -5.30
N PRO B 643 -23.18 -1.10 -6.38
CA PRO B 643 -22.16 -2.02 -6.91
C PRO B 643 -21.14 -2.44 -5.87
N PHE B 644 -20.98 -1.68 -4.81
CA PHE B 644 -20.15 -2.15 -3.71
C PHE B 644 -20.85 -3.26 -2.94
N MET B 645 -22.16 -3.10 -2.69
CA MET B 645 -22.86 -4.15 -1.95
C MET B 645 -22.96 -5.44 -2.76
N LEU B 646 -23.19 -5.33 -4.06
CA LEU B 646 -23.09 -6.50 -4.92
C LEU B 646 -21.65 -6.87 -5.22
N GLN B 647 -20.68 -6.10 -4.74
CA GLN B 647 -19.31 -6.52 -4.89
C GLN B 647 -18.95 -7.62 -3.91
N TRP B 648 -19.43 -7.53 -2.68
CA TRP B 648 -19.10 -8.53 -1.67
C TRP B 648 -20.27 -9.40 -1.26
N GLY B 649 -21.50 -8.97 -1.45
CA GLY B 649 -22.63 -9.77 -1.05
C GLY B 649 -22.76 -11.03 -1.88
N ILE B 650 -22.72 -10.88 -3.20
CA ILE B 650 -22.87 -12.00 -4.11
C ILE B 650 -21.79 -13.05 -3.83
N PRO B 651 -20.49 -12.71 -3.81
CA PRO B 651 -19.50 -13.73 -3.46
C PRO B 651 -19.74 -14.31 -2.10
N LEU B 652 -20.26 -13.53 -1.16
CA LEU B 652 -20.62 -14.09 0.14
C LEU B 652 -21.72 -15.12 0.00
N ILE B 653 -22.78 -14.77 -0.72
CA ILE B 653 -23.88 -15.72 -0.88
C ILE B 653 -23.36 -16.99 -1.54
N LYS B 654 -22.43 -16.87 -2.46
CA LYS B 654 -21.92 -18.05 -3.15
C LYS B 654 -21.39 -19.08 -2.15
N ASP B 655 -20.32 -18.74 -1.45
CA ASP B 655 -19.74 -19.72 -0.53
C ASP B 655 -20.60 -19.96 0.70
N LEU B 656 -21.51 -19.05 1.03
CA LEU B 656 -22.40 -19.33 2.15
C LEU B 656 -23.39 -20.41 1.79
N ARG B 657 -24.08 -20.27 0.67
CA ARG B 657 -24.90 -21.33 0.13
C ARG B 657 -24.10 -22.60 -0.06
N GLU B 658 -22.83 -22.46 -0.45
CA GLU B 658 -21.96 -23.62 -0.56
C GLU B 658 -21.77 -24.30 0.78
N LYS B 659 -21.66 -23.53 1.85
CA LYS B 659 -21.67 -24.11 3.19
C LYS B 659 -23.06 -24.61 3.54
N GLY B 660 -24.09 -24.07 2.89
CA GLY B 660 -25.43 -24.56 3.06
C GLY B 660 -26.30 -23.82 4.05
N TYR B 661 -26.05 -22.54 4.27
CA TYR B 661 -26.93 -21.81 5.16
C TYR B 661 -28.33 -21.71 4.56
N PRO B 662 -29.32 -21.57 5.40
CA PRO B 662 -30.71 -21.69 4.93
C PRO B 662 -31.21 -20.52 4.11
N ILE B 663 -30.31 -19.68 3.59
CA ILE B 663 -30.74 -18.61 2.72
C ILE B 663 -31.43 -19.23 1.51
N GLN B 664 -32.73 -19.04 1.40
CA GLN B 664 -33.50 -19.68 0.35
C GLN B 664 -33.92 -18.73 -0.75
N SER B 665 -33.54 -17.45 -0.68
CA SER B 665 -33.92 -16.53 -1.74
C SER B 665 -32.99 -15.32 -1.73
N LEU B 666 -32.95 -14.67 -2.88
CA LEU B 666 -32.18 -13.43 -3.06
C LEU B 666 -33.02 -12.51 -3.92
N THR B 667 -33.64 -11.53 -3.31
CA THR B 667 -34.44 -10.56 -4.03
C THR B 667 -33.59 -9.34 -4.35
N ILE B 668 -33.54 -8.97 -5.62
CA ILE B 668 -32.71 -7.88 -6.07
C ILE B 668 -33.62 -6.69 -6.31
N GLY B 669 -33.78 -5.86 -5.29
CA GLY B 669 -34.66 -4.71 -5.39
C GLY B 669 -33.98 -3.53 -6.03
N ALA B 670 -34.77 -2.49 -6.26
CA ALA B 670 -34.29 -1.21 -6.78
C ALA B 670 -33.50 -1.37 -8.08
N GLY B 671 -33.87 -2.33 -8.91
CA GLY B 671 -33.19 -2.51 -10.17
C GLY B 671 -33.18 -3.95 -10.60
N VAL B 672 -33.45 -4.21 -11.87
CA VAL B 672 -33.47 -5.56 -12.43
C VAL B 672 -32.16 -5.81 -13.15
N PRO B 673 -31.45 -6.88 -12.85
CA PRO B 673 -30.12 -7.08 -13.44
C PRO B 673 -30.24 -7.42 -14.91
N SER B 674 -29.09 -7.45 -15.57
CA SER B 674 -29.02 -7.89 -16.94
C SER B 674 -29.27 -9.39 -17.01
N ILE B 675 -29.39 -9.90 -18.24
CA ILE B 675 -29.75 -11.30 -18.39
C ILE B 675 -28.57 -12.22 -18.07
N GLU B 676 -27.38 -11.91 -18.56
CA GLU B 676 -26.25 -12.80 -18.34
C GLU B 676 -25.79 -12.81 -16.89
N VAL B 677 -25.97 -11.72 -16.16
CA VAL B 677 -25.67 -11.72 -14.75
C VAL B 677 -26.75 -12.43 -13.95
N ALA B 678 -27.99 -12.36 -14.42
CA ALA B 678 -29.03 -13.17 -13.83
C ALA B 678 -28.76 -14.66 -14.05
N THR B 679 -28.13 -15.00 -15.17
CA THR B 679 -27.68 -16.37 -15.35
C THR B 679 -26.80 -16.81 -14.19
N GLU B 680 -25.84 -15.98 -13.80
CA GLU B 680 -24.99 -16.31 -12.67
C GLU B 680 -25.79 -16.34 -11.39
N TYR B 681 -26.69 -15.38 -11.21
CA TYR B 681 -27.54 -15.35 -10.03
C TYR B 681 -28.38 -16.60 -9.88
N ILE B 682 -28.69 -17.28 -10.98
CA ILE B 682 -29.56 -18.45 -10.93
C ILE B 682 -28.76 -19.74 -10.86
N GLU B 683 -27.85 -19.95 -11.80
CA GLU B 683 -27.27 -21.28 -11.95
C GLU B 683 -26.26 -21.59 -10.85
N ASP B 684 -25.35 -20.66 -10.56
CA ASP B 684 -24.23 -21.01 -9.68
C ASP B 684 -24.68 -21.11 -8.23
N LEU B 685 -25.13 -20.01 -7.66
CA LEU B 685 -25.52 -20.01 -6.26
C LEU B 685 -26.83 -20.77 -6.11
N GLY B 686 -26.82 -21.79 -5.27
CA GLY B 686 -27.91 -22.72 -5.20
C GLY B 686 -29.13 -22.19 -4.49
N LEU B 687 -29.85 -21.28 -5.12
CA LEU B 687 -31.04 -20.74 -4.52
C LEU B 687 -32.27 -21.55 -4.90
N THR B 688 -33.31 -21.39 -4.09
CA THR B 688 -34.58 -22.03 -4.41
C THR B 688 -35.42 -21.14 -5.31
N HIS B 689 -35.60 -19.88 -4.91
CA HIS B 689 -36.40 -18.97 -5.71
C HIS B 689 -35.75 -17.60 -5.71
N LEU B 690 -35.90 -16.92 -6.85
CA LEU B 690 -35.32 -15.59 -7.06
C LEU B 690 -36.44 -14.58 -7.18
N GLY B 691 -36.37 -13.53 -6.37
CA GLY B 691 -37.36 -12.48 -6.40
C GLY B 691 -36.86 -11.27 -7.17
N LEU B 692 -37.77 -10.59 -7.85
CA LEU B 692 -37.44 -9.37 -8.58
C LEU B 692 -38.52 -8.34 -8.35
N LYS B 693 -38.11 -7.08 -8.25
CA LYS B 693 -39.03 -5.98 -7.98
C LYS B 693 -39.03 -5.05 -9.18
N PRO B 694 -39.81 -5.34 -10.20
CA PRO B 694 -39.90 -4.46 -11.36
C PRO B 694 -40.78 -3.26 -11.04
N GLY B 695 -40.44 -2.15 -11.69
CA GLY B 695 -41.24 -0.95 -11.52
C GLY B 695 -41.76 -0.43 -12.84
N SER B 696 -41.11 -0.82 -13.94
CA SER B 696 -41.48 -0.35 -15.26
C SER B 696 -41.96 -1.53 -16.09
N VAL B 697 -42.87 -1.23 -17.01
CA VAL B 697 -43.33 -2.27 -17.92
C VAL B 697 -42.16 -2.85 -18.69
N ASP B 698 -41.17 -2.02 -19.01
CA ASP B 698 -39.97 -2.56 -19.63
C ASP B 698 -39.18 -3.44 -18.68
N ALA B 699 -39.15 -3.10 -17.38
CA ALA B 699 -38.55 -4.01 -16.43
C ALA B 699 -39.28 -5.35 -16.41
N ILE B 700 -40.59 -5.32 -16.60
CA ILE B 700 -41.34 -6.57 -16.67
C ILE B 700 -40.97 -7.35 -17.92
N SER B 701 -40.81 -6.66 -19.04
CA SER B 701 -40.30 -7.33 -20.22
C SER B 701 -38.95 -7.97 -19.96
N GLN B 702 -38.07 -7.28 -19.23
CA GLN B 702 -36.78 -7.85 -18.88
C GLN B 702 -36.94 -9.09 -18.00
N VAL B 703 -37.84 -9.04 -17.03
CA VAL B 703 -38.06 -10.20 -16.18
C VAL B 703 -38.50 -11.39 -17.01
N ILE B 704 -39.46 -11.18 -17.92
CA ILE B 704 -39.91 -12.29 -18.76
C ILE B 704 -38.77 -12.80 -19.63
N ALA B 705 -37.98 -11.89 -20.19
CA ALA B 705 -36.79 -12.31 -20.92
C ALA B 705 -35.90 -13.18 -20.05
N ILE B 706 -35.90 -12.93 -18.74
CA ILE B 706 -35.10 -13.74 -17.83
C ILE B 706 -35.73 -15.13 -17.66
N ALA B 707 -37.02 -15.17 -17.36
CA ALA B 707 -37.66 -16.44 -17.04
C ALA B 707 -37.60 -17.41 -18.19
N LYS B 708 -37.83 -16.94 -19.41
CA LYS B 708 -37.73 -17.82 -20.56
C LYS B 708 -36.32 -18.36 -20.75
N ALA B 709 -35.30 -17.71 -20.17
CA ALA B 709 -33.97 -18.24 -20.27
C ALA B 709 -33.76 -19.44 -19.36
N HIS B 710 -34.47 -19.50 -18.24
CA HIS B 710 -34.37 -20.62 -17.30
C HIS B 710 -35.79 -21.07 -16.98
N PRO B 711 -36.41 -21.84 -17.86
CA PRO B 711 -37.84 -22.13 -17.70
C PRO B 711 -38.17 -22.91 -16.45
N THR B 712 -37.18 -23.44 -15.74
CA THR B 712 -37.45 -24.25 -14.57
C THR B 712 -37.10 -23.57 -13.26
N PHE B 713 -36.19 -22.63 -13.26
CA PHE B 713 -35.91 -22.03 -11.96
C PHE B 713 -37.00 -21.03 -11.63
N PRO B 714 -37.69 -21.19 -10.51
CA PRO B 714 -38.80 -20.28 -10.19
C PRO B 714 -38.32 -18.86 -10.02
N ILE B 715 -39.18 -17.91 -10.37
CA ILE B 715 -38.87 -16.49 -10.29
C ILE B 715 -40.07 -15.79 -9.68
N VAL B 716 -39.85 -15.08 -8.58
CA VAL B 716 -40.91 -14.39 -7.87
C VAL B 716 -40.89 -12.94 -8.34
N LEU B 717 -41.93 -12.54 -9.06
CA LEU B 717 -42.04 -11.16 -9.52
C LEU B 717 -42.82 -10.36 -8.49
N GLN B 718 -42.13 -9.47 -7.79
CA GLN B 718 -42.74 -8.64 -6.76
C GLN B 718 -43.13 -7.32 -7.41
N TRP B 719 -44.42 -7.14 -7.63
CA TRP B 719 -44.91 -5.91 -8.25
C TRP B 719 -45.24 -4.90 -7.16
N THR B 720 -44.62 -3.74 -7.25
CA THR B 720 -44.93 -2.62 -6.37
C THR B 720 -45.24 -1.39 -7.20
N GLY B 721 -46.42 -0.84 -6.99
CA GLY B 721 -46.83 0.34 -7.70
C GLY B 721 -46.09 1.57 -7.21
N GLY B 722 -46.70 2.71 -7.43
CA GLY B 722 -46.17 3.92 -6.86
C GLY B 722 -46.75 4.26 -5.51
N ARG B 723 -47.81 3.59 -5.08
CA ARG B 723 -48.48 3.93 -3.84
C ARG B 723 -47.77 3.32 -2.64
N GLY B 724 -46.56 2.82 -2.82
CA GLY B 724 -45.82 2.18 -1.75
C GLY B 724 -45.04 3.16 -0.90
N GLY B 725 -44.19 2.60 -0.05
CA GLY B 725 -43.32 3.38 0.80
C GLY B 725 -41.88 3.38 0.30
N GLY B 726 -41.04 4.03 1.09
CA GLY B 726 -39.61 4.03 0.85
C GLY B 726 -39.22 4.50 -0.53
N HIS B 727 -38.20 3.91 -1.11
CA HIS B 727 -37.96 4.38 -2.42
C HIS B 727 -39.28 4.40 -3.11
N HIS B 728 -39.27 4.96 -4.29
CA HIS B 728 -40.56 5.21 -4.91
C HIS B 728 -40.49 5.01 -6.41
N SER B 729 -41.66 4.70 -6.99
CA SER B 729 -41.81 4.53 -8.43
C SER B 729 -42.92 5.45 -8.91
N PHE B 730 -42.75 5.96 -10.11
CA PHE B 730 -43.76 6.86 -10.67
C PHE B 730 -44.97 6.11 -11.19
N GLU B 731 -44.75 4.94 -11.78
CA GLU B 731 -45.79 4.27 -12.54
C GLU B 731 -46.97 3.90 -11.67
N ASP B 732 -48.16 3.94 -12.28
CA ASP B 732 -49.35 3.53 -11.58
C ASP B 732 -49.28 2.07 -11.22
N PHE B 733 -50.17 1.65 -10.33
CA PHE B 733 -50.07 0.30 -9.80
C PHE B 733 -50.67 -0.73 -10.74
N HIS B 734 -51.82 -0.42 -11.35
CA HIS B 734 -52.52 -1.40 -12.17
C HIS B 734 -52.05 -1.39 -13.62
N GLN B 735 -52.08 -0.22 -14.24
CA GLN B 735 -51.88 -0.06 -15.67
C GLN B 735 -50.68 -0.83 -16.21
N PRO B 736 -49.57 -0.93 -15.49
CA PRO B 736 -48.50 -1.79 -16.01
C PRO B 736 -48.91 -3.24 -16.13
N ILE B 737 -49.42 -3.84 -15.05
CA ILE B 737 -49.75 -5.26 -15.12
C ILE B 737 -50.96 -5.52 -15.98
N ILE B 738 -51.86 -4.55 -16.14
CA ILE B 738 -53.04 -4.78 -16.95
C ILE B 738 -52.66 -5.05 -18.40
N GLN B 739 -51.42 -4.74 -18.79
CA GLN B 739 -50.92 -5.07 -20.11
C GLN B 739 -50.02 -6.29 -20.11
N MET B 740 -49.60 -6.77 -18.94
CA MET B 740 -48.59 -7.81 -18.90
C MET B 740 -49.05 -9.07 -18.17
N TYR B 741 -50.16 -9.01 -17.44
CA TYR B 741 -50.68 -10.21 -16.79
C TYR B 741 -50.77 -11.37 -17.75
N SER B 742 -51.20 -11.11 -18.98
CA SER B 742 -51.36 -12.19 -19.94
C SER B 742 -50.03 -12.78 -20.35
N LYS B 743 -49.10 -11.95 -20.79
CA LYS B 743 -47.83 -12.46 -21.27
C LYS B 743 -46.95 -12.95 -20.12
N ILE B 744 -47.32 -12.65 -18.88
CA ILE B 744 -46.61 -13.24 -17.75
C ILE B 744 -47.09 -14.67 -17.54
N ARG B 745 -48.40 -14.84 -17.35
CA ARG B 745 -48.95 -16.16 -17.08
C ARG B 745 -48.59 -17.17 -18.16
N ARG B 746 -48.07 -16.71 -19.29
CA ARG B 746 -47.54 -17.62 -20.28
C ARG B 746 -46.09 -17.99 -19.98
N CYS B 747 -45.59 -17.64 -18.80
CA CYS B 747 -44.32 -18.16 -18.29
C CYS B 747 -44.61 -18.81 -16.95
N SER B 748 -44.69 -20.14 -16.96
CA SER B 748 -45.11 -20.89 -15.79
C SER B 748 -44.20 -20.72 -14.59
N ASN B 749 -42.96 -20.30 -14.80
CA ASN B 749 -42.02 -20.17 -13.70
C ASN B 749 -42.23 -18.89 -12.89
N ILE B 750 -42.71 -17.83 -13.53
CA ILE B 750 -42.83 -16.55 -12.85
C ILE B 750 -43.96 -16.62 -11.83
N VAL B 751 -43.62 -16.39 -10.57
CA VAL B 751 -44.61 -16.22 -9.52
C VAL B 751 -44.78 -14.73 -9.30
N LEU B 752 -46.01 -14.25 -9.40
CA LEU B 752 -46.29 -12.82 -9.39
C LEU B 752 -46.85 -12.43 -8.02
N VAL B 753 -46.21 -11.46 -7.38
CA VAL B 753 -46.66 -10.98 -6.09
C VAL B 753 -46.83 -9.47 -6.15
N ALA B 754 -47.97 -8.99 -5.69
CA ALA B 754 -48.29 -7.58 -5.66
C ALA B 754 -48.31 -7.07 -4.23
N GLY B 755 -47.72 -5.90 -4.01
CA GLY B 755 -47.69 -5.30 -2.69
C GLY B 755 -48.02 -3.83 -2.77
N SER B 756 -47.15 -3.02 -2.17
CA SER B 756 -47.21 -1.56 -2.26
C SER B 756 -48.57 -1.03 -1.79
N GLY B 757 -48.82 -1.23 -0.49
CA GLY B 757 -49.98 -0.59 0.10
C GLY B 757 -51.10 -1.53 0.53
N PHE B 758 -50.72 -2.68 1.07
CA PHE B 758 -51.68 -3.66 1.55
C PHE B 758 -51.55 -3.79 3.05
N GLY B 759 -52.67 -3.67 3.76
CA GLY B 759 -52.61 -3.74 5.20
C GLY B 759 -53.73 -4.51 5.88
N SER B 760 -54.70 -4.99 5.12
CA SER B 760 -55.82 -5.71 5.70
C SER B 760 -56.20 -6.88 4.82
N ASP B 761 -56.86 -7.86 5.44
CA ASP B 761 -57.24 -9.07 4.71
C ASP B 761 -58.19 -8.76 3.56
N GLU B 762 -59.31 -8.08 3.83
CA GLU B 762 -60.22 -7.70 2.77
C GLU B 762 -59.64 -6.61 1.89
N ASP B 763 -58.63 -5.89 2.38
CA ASP B 763 -57.98 -4.87 1.56
C ASP B 763 -57.32 -5.51 0.36
N THR B 764 -56.71 -6.68 0.55
CA THR B 764 -56.00 -7.35 -0.52
C THR B 764 -56.77 -8.53 -1.09
N TYR B 765 -57.85 -8.96 -0.44
CA TYR B 765 -58.56 -10.14 -0.91
C TYR B 765 -59.00 -10.06 -2.37
N PRO B 766 -59.51 -8.93 -2.88
CA PRO B 766 -59.80 -8.87 -4.31
C PRO B 766 -58.59 -9.06 -5.17
N TYR B 767 -57.41 -8.67 -4.69
CA TYR B 767 -56.20 -8.87 -5.48
C TYR B 767 -55.78 -10.31 -5.52
N LEU B 768 -55.92 -11.02 -4.41
CA LEU B 768 -55.69 -12.46 -4.44
C LEU B 768 -56.71 -13.14 -5.35
N SER B 769 -57.99 -12.87 -5.11
CA SER B 769 -59.03 -13.49 -5.91
C SER B 769 -58.95 -13.05 -7.37
N GLY B 770 -58.47 -11.83 -7.62
CA GLY B 770 -58.43 -11.31 -8.95
C GLY B 770 -59.66 -10.53 -9.35
N TYR B 771 -60.67 -10.46 -8.51
CA TYR B 771 -61.87 -9.70 -8.81
C TYR B 771 -61.62 -8.21 -8.81
N TRP B 772 -60.39 -7.78 -8.62
CA TRP B 772 -60.07 -6.37 -8.70
C TRP B 772 -60.16 -5.83 -10.11
N SER B 773 -59.92 -6.67 -11.12
CA SER B 773 -59.96 -6.20 -12.48
C SER B 773 -61.35 -5.76 -12.93
N GLU B 774 -62.40 -6.18 -12.21
CA GLU B 774 -63.74 -5.72 -12.54
C GLU B 774 -63.85 -4.22 -12.66
N LYS B 775 -63.04 -3.47 -11.93
CA LYS B 775 -63.08 -2.03 -12.05
C LYS B 775 -62.64 -1.58 -13.43
N PHE B 776 -61.97 -2.45 -14.18
CA PHE B 776 -61.47 -2.09 -15.49
C PHE B 776 -62.10 -2.93 -16.60
N ASN B 777 -63.19 -3.62 -16.30
CA ASN B 777 -63.87 -4.49 -17.27
C ASN B 777 -62.87 -5.46 -17.89
N TYR B 778 -62.28 -6.30 -17.04
CA TYR B 778 -61.30 -7.29 -17.42
C TYR B 778 -61.63 -8.60 -16.76
N PRO B 779 -61.09 -9.71 -17.25
CA PRO B 779 -61.28 -10.98 -16.56
C PRO B 779 -60.68 -10.89 -15.16
N PRO B 780 -61.21 -11.63 -14.21
CA PRO B 780 -60.55 -11.69 -12.91
C PRO B 780 -59.11 -12.14 -13.08
N MET B 781 -58.20 -11.39 -12.49
CA MET B 781 -56.77 -11.64 -12.67
C MET B 781 -56.16 -11.89 -11.29
N PRO B 782 -56.24 -13.11 -10.79
CA PRO B 782 -55.77 -13.40 -9.44
C PRO B 782 -54.28 -13.19 -9.31
N PHE B 783 -53.87 -12.89 -8.08
CA PHE B 783 -52.47 -12.73 -7.74
C PHE B 783 -51.98 -13.96 -7.00
N ASP B 784 -50.71 -14.30 -7.21
CA ASP B 784 -50.15 -15.45 -6.52
C ASP B 784 -49.94 -15.17 -5.04
N GLY B 785 -49.22 -14.10 -4.72
CA GLY B 785 -48.96 -13.75 -3.34
C GLY B 785 -48.93 -12.25 -3.17
N VAL B 786 -48.87 -11.83 -1.92
CA VAL B 786 -48.97 -10.42 -1.57
C VAL B 786 -47.91 -10.11 -0.52
N LEU B 787 -47.00 -9.20 -0.84
CA LEU B 787 -45.95 -8.82 0.10
C LEU B 787 -46.38 -7.58 0.86
N PHE B 788 -45.70 -7.33 1.97
CA PHE B 788 -46.04 -6.24 2.86
C PHE B 788 -44.85 -5.33 3.05
N GLY B 789 -45.14 -4.03 3.12
CA GLY B 789 -44.11 -3.04 3.36
C GLY B 789 -44.30 -2.34 4.69
N SER B 790 -44.84 -1.14 4.64
CA SER B 790 -44.95 -0.33 5.84
C SER B 790 -45.92 -0.88 6.86
N ARG B 791 -46.77 -1.84 6.48
CA ARG B 791 -47.79 -2.31 7.40
C ARG B 791 -47.17 -2.90 8.66
N VAL B 792 -45.95 -3.45 8.54
CA VAL B 792 -45.34 -4.18 9.65
C VAL B 792 -44.48 -3.31 10.54
N MET B 793 -44.18 -2.08 10.13
CA MET B 793 -43.23 -1.29 10.89
C MET B 793 -43.71 -0.98 12.29
N THR B 794 -45.02 -0.95 12.50
CA THR B 794 -45.55 -0.72 13.83
C THR B 794 -45.67 -2.00 14.65
N SER B 795 -45.10 -3.09 14.17
CA SER B 795 -45.16 -4.32 14.93
C SER B 795 -44.32 -4.20 16.20
N LYS B 796 -44.68 -5.00 17.19
CA LYS B 796 -43.95 -4.96 18.45
C LYS B 796 -42.50 -5.38 18.26
N GLU B 797 -42.26 -6.37 17.40
CA GLU B 797 -40.93 -6.94 17.22
C GLU B 797 -40.05 -6.11 16.32
N SER B 798 -40.46 -4.89 15.97
CA SER B 798 -39.65 -4.00 15.16
C SER B 798 -38.90 -3.02 16.05
N HIS B 799 -37.73 -2.61 15.58
CA HIS B 799 -36.92 -1.64 16.28
C HIS B 799 -37.31 -0.21 15.96
N THR B 800 -38.50 0.01 15.45
CA THR B 800 -38.97 1.37 15.24
C THR B 800 -39.19 2.04 16.57
N SER B 801 -38.71 3.27 16.69
CA SER B 801 -38.84 4.01 17.93
C SER B 801 -40.31 4.16 18.32
N LEU B 802 -40.58 3.99 19.62
CA LEU B 802 -41.95 4.03 20.09
C LEU B 802 -42.67 5.29 19.64
N ALA B 803 -42.05 6.44 19.79
CA ALA B 803 -42.66 7.66 19.30
C ALA B 803 -42.86 7.62 17.79
N ALA B 804 -41.96 6.96 17.06
CA ALA B 804 -42.13 6.86 15.62
C ALA B 804 -43.31 5.97 15.27
N LYS B 805 -43.46 4.84 15.95
CA LYS B 805 -44.66 4.04 15.76
C LYS B 805 -45.91 4.83 16.08
N LYS B 806 -45.88 5.59 17.18
CA LYS B 806 -47.02 6.40 17.54
C LYS B 806 -47.34 7.41 16.46
N LEU B 807 -46.31 8.02 15.88
CA LEU B 807 -46.54 8.95 14.78
C LEU B 807 -47.17 8.24 13.59
N ILE B 808 -46.66 7.06 13.25
CA ILE B 808 -47.21 6.32 12.12
C ILE B 808 -48.68 6.03 12.34
N VAL B 809 -49.03 5.53 13.52
CA VAL B 809 -50.44 5.31 13.83
C VAL B 809 -51.21 6.60 13.74
N GLU B 810 -50.56 7.72 14.04
CA GLU B 810 -51.23 9.00 13.95
C GLU B 810 -51.54 9.38 12.51
N CYS B 811 -50.60 9.15 11.59
CA CYS B 811 -50.76 9.64 10.22
C CYS B 811 -51.90 8.87 9.55
N LYS B 812 -52.86 9.59 9.00
CA LYS B 812 -53.99 8.96 8.32
C LYS B 812 -53.57 8.44 6.96
N GLY B 813 -54.35 7.50 6.44
CA GLY B 813 -54.09 6.96 5.13
C GLY B 813 -54.54 7.87 4.03
N VAL B 814 -54.37 7.40 2.80
CA VAL B 814 -54.79 8.11 1.60
C VAL B 814 -55.35 7.10 0.61
N PRO B 815 -56.55 7.29 0.08
CA PRO B 815 -57.07 6.38 -0.93
C PRO B 815 -56.19 6.39 -2.18
N ASP B 816 -56.22 5.26 -2.89
CA ASP B 816 -55.37 5.09 -4.06
C ASP B 816 -55.68 6.09 -5.17
N GLN B 817 -56.94 6.53 -5.27
CA GLN B 817 -57.29 7.47 -6.32
C GLN B 817 -56.58 8.80 -6.16
N GLN B 818 -56.05 9.09 -4.98
CA GLN B 818 -55.43 10.38 -4.72
C GLN B 818 -54.10 10.21 -4.01
N TRP B 819 -53.35 9.18 -4.38
CA TRP B 819 -51.98 9.07 -3.88
C TRP B 819 -51.02 9.93 -4.67
N GLU B 820 -51.38 10.29 -5.91
CA GLU B 820 -50.47 11.07 -6.74
C GLU B 820 -50.25 12.48 -6.21
N GLN B 821 -51.14 12.98 -5.37
CA GLN B 821 -50.97 14.32 -4.83
C GLN B 821 -49.91 14.37 -3.73
N THR B 822 -49.24 13.26 -3.48
CA THR B 822 -48.17 13.23 -2.49
C THR B 822 -46.99 14.08 -2.90
N TYR B 823 -46.82 14.34 -4.21
CA TYR B 823 -45.70 15.14 -4.67
C TYR B 823 -45.81 16.60 -4.25
N LYS B 824 -46.96 17.01 -3.73
CA LYS B 824 -47.21 18.41 -3.44
C LYS B 824 -47.37 18.70 -1.96
N LYS B 825 -48.30 18.04 -1.31
CA LYS B 825 -48.71 18.38 0.05
C LYS B 825 -48.54 17.18 0.96
N PRO B 826 -48.58 17.39 2.27
CA PRO B 826 -48.71 16.25 3.18
C PRO B 826 -50.03 15.55 2.94
N THR B 827 -49.96 14.35 2.40
CA THR B 827 -51.14 13.55 2.10
C THR B 827 -51.32 12.56 3.25
N GLY B 828 -52.26 12.85 4.13
CA GLY B 828 -52.36 12.08 5.35
C GLY B 828 -51.11 12.11 6.19
N GLY B 829 -50.20 13.04 5.90
CA GLY B 829 -48.94 13.12 6.61
C GLY B 829 -47.79 12.41 5.95
N ILE B 830 -47.83 12.25 4.63
CA ILE B 830 -46.76 11.56 3.91
C ILE B 830 -46.47 12.34 2.64
N ILE B 831 -45.20 12.62 2.39
CA ILE B 831 -44.81 13.28 1.15
C ILE B 831 -43.64 12.52 0.55
N THR B 832 -43.53 12.61 -0.76
CA THR B 832 -42.33 12.15 -1.42
C THR B 832 -41.30 13.27 -1.45
N VAL B 833 -40.07 12.90 -1.82
CA VAL B 833 -39.00 13.87 -1.96
C VAL B 833 -37.87 13.21 -2.71
N ARG B 834 -37.06 14.02 -3.39
CA ARG B 834 -35.96 13.50 -4.17
C ARG B 834 -34.89 12.92 -3.26
N SER B 835 -34.21 11.90 -3.75
CA SER B 835 -33.11 11.29 -3.01
C SER B 835 -31.86 12.13 -3.17
N GLU B 836 -30.72 11.56 -2.77
CA GLU B 836 -29.45 12.17 -3.15
C GLU B 836 -29.32 12.21 -4.66
N MET B 837 -29.94 11.26 -5.36
CA MET B 837 -29.83 11.15 -6.80
C MET B 837 -31.14 11.44 -7.51
N GLY B 838 -32.12 12.01 -6.80
CA GLY B 838 -33.35 12.48 -7.41
C GLY B 838 -34.42 11.41 -7.50
N GLU B 839 -34.14 10.20 -7.07
CA GLU B 839 -35.19 9.20 -7.03
C GLU B 839 -36.15 9.54 -5.90
N PRO B 840 -37.45 9.46 -6.13
CA PRO B 840 -38.40 9.79 -5.08
C PRO B 840 -38.34 8.78 -3.95
N ILE B 841 -38.65 9.26 -2.75
CA ILE B 841 -38.58 8.45 -1.55
C ILE B 841 -39.77 8.82 -0.68
N HIS B 842 -40.80 7.98 -0.67
CA HIS B 842 -41.95 8.26 0.17
C HIS B 842 -41.54 8.25 1.62
N LYS B 843 -41.80 9.36 2.32
CA LYS B 843 -41.48 9.46 3.72
C LYS B 843 -42.62 10.13 4.45
N ILE B 844 -42.74 9.80 5.74
CA ILE B 844 -43.71 10.49 6.56
C ILE B 844 -43.35 11.97 6.63
N ALA B 845 -44.33 12.79 6.96
CA ALA B 845 -44.18 14.24 6.88
C ALA B 845 -43.97 14.82 8.28
N THR B 846 -42.72 15.05 8.63
CA THR B 846 -42.38 15.72 9.87
C THR B 846 -41.74 17.08 9.56
N ARG B 847 -41.56 17.90 10.59
CA ARG B 847 -40.89 19.18 10.40
C ARG B 847 -39.55 19.00 9.70
N GLY B 848 -38.76 18.03 10.13
CA GLY B 848 -37.54 17.73 9.42
C GLY B 848 -37.79 17.33 7.98
N VAL B 849 -38.84 16.55 7.74
CA VAL B 849 -39.09 16.14 6.37
C VAL B 849 -39.56 17.31 5.54
N MET B 850 -40.40 18.18 6.11
CA MET B 850 -40.80 19.37 5.37
C MET B 850 -39.60 20.23 5.04
N PHE B 851 -38.66 20.36 5.99
CA PHE B 851 -37.45 21.11 5.70
C PHE B 851 -36.65 20.44 4.61
N TRP B 852 -36.56 19.12 4.64
CA TRP B 852 -35.91 18.39 3.56
C TRP B 852 -36.50 18.78 2.23
N LYS B 853 -37.82 18.69 2.12
CA LYS B 853 -38.49 18.96 0.86
C LYS B 853 -38.24 20.39 0.41
N GLU B 854 -38.40 21.35 1.33
CA GLU B 854 -38.15 22.74 0.97
C GLU B 854 -36.74 22.94 0.47
N LEU B 855 -35.76 22.37 1.15
CA LEU B 855 -34.38 22.45 0.70
C LEU B 855 -34.21 21.89 -0.71
N ASP B 856 -34.70 20.68 -0.94
CA ASP B 856 -34.61 20.10 -2.28
C ASP B 856 -35.28 21.01 -3.29
N ASP B 857 -36.31 21.72 -2.85
CA ASP B 857 -37.13 22.53 -3.73
C ASP B 857 -36.42 23.78 -4.21
N THR B 858 -35.58 24.38 -3.38
CA THR B 858 -35.02 25.68 -3.69
C THR B 858 -33.50 25.68 -3.82
N ILE B 859 -32.78 24.99 -2.95
CA ILE B 859 -31.33 24.96 -3.02
C ILE B 859 -30.83 23.85 -3.93
N PHE B 860 -31.25 22.62 -3.67
CA PHE B 860 -30.60 21.47 -4.29
C PHE B 860 -30.93 21.35 -5.77
N ASN B 861 -32.06 21.86 -6.20
CA ASN B 861 -32.40 21.86 -7.61
C ASN B 861 -31.49 22.76 -8.43
N LEU B 862 -30.79 23.69 -7.80
CA LEU B 862 -29.97 24.63 -8.54
C LEU B 862 -28.71 23.94 -9.07
N PRO B 863 -28.11 24.47 -10.12
CA PRO B 863 -26.83 23.96 -10.58
C PRO B 863 -25.72 24.36 -9.61
N LYS B 864 -24.51 23.87 -9.92
CA LYS B 864 -23.40 23.99 -8.98
C LYS B 864 -23.04 25.44 -8.68
N ASN B 865 -23.17 26.32 -9.67
CA ASN B 865 -22.56 27.64 -9.57
C ASN B 865 -23.21 28.49 -8.49
N LYS B 866 -24.51 28.79 -8.63
CA LYS B 866 -25.20 29.67 -7.71
C LYS B 866 -25.49 29.02 -6.38
N LEU B 867 -25.08 27.76 -6.21
CA LEU B 867 -25.37 27.04 -4.98
C LEU B 867 -24.75 27.74 -3.79
N LEU B 868 -23.46 28.08 -3.90
CA LEU B 868 -22.77 28.78 -2.84
C LEU B 868 -23.51 30.05 -2.43
N ASP B 869 -23.90 30.86 -3.40
CA ASP B 869 -24.56 32.11 -3.10
C ASP B 869 -25.92 31.89 -2.47
N ALA B 870 -26.69 30.93 -2.98
CA ALA B 870 -27.99 30.64 -2.39
C ALA B 870 -27.84 30.24 -0.94
N LEU B 871 -26.81 29.44 -0.63
CA LEU B 871 -26.57 29.08 0.75
C LEU B 871 -26.14 30.30 1.55
N ASN B 872 -25.38 31.20 0.93
CA ASN B 872 -24.90 32.38 1.63
C ASN B 872 -26.06 33.29 2.05
N LYS B 873 -26.99 33.54 1.14
CA LYS B 873 -28.10 34.41 1.47
C LYS B 873 -29.12 33.76 2.39
N LYS B 874 -29.07 32.43 2.53
CA LYS B 874 -30.03 31.71 3.35
C LYS B 874 -29.37 31.09 4.57
N ARG B 875 -28.13 31.47 4.87
CA ARG B 875 -27.35 30.77 5.88
C ARG B 875 -28.09 30.69 7.20
N ASP B 876 -28.34 31.84 7.81
CA ASP B 876 -28.97 31.85 9.12
C ASP B 876 -30.31 31.16 9.12
N HIS B 877 -31.09 31.33 8.06
CA HIS B 877 -32.39 30.66 8.02
C HIS B 877 -32.23 29.15 7.98
N ILE B 878 -31.30 28.64 7.17
CA ILE B 878 -31.02 27.22 7.18
C ILE B 878 -30.67 26.77 8.58
N ILE B 879 -29.66 27.39 9.17
CA ILE B 879 -29.19 26.96 10.48
C ILE B 879 -30.31 26.99 11.50
N LYS B 880 -31.25 27.94 11.35
CA LYS B 880 -32.39 28.00 12.24
C LYS B 880 -33.07 26.64 12.36
N LYS B 881 -33.59 26.12 11.27
CA LYS B 881 -34.31 24.87 11.31
C LYS B 881 -33.38 23.68 11.46
N LEU B 882 -32.16 23.74 10.93
CA LEU B 882 -31.22 22.66 11.14
C LEU B 882 -31.00 22.43 12.63
N ASN B 883 -31.04 23.48 13.43
CA ASN B 883 -31.01 23.28 14.87
C ASN B 883 -32.40 23.07 15.43
N ASN B 884 -33.44 23.42 14.67
CA ASN B 884 -34.79 23.35 15.18
C ASN B 884 -35.57 22.13 14.70
N ASP B 885 -35.43 21.75 13.44
CA ASP B 885 -36.33 20.77 12.87
C ASP B 885 -35.65 19.55 12.27
N PHE B 886 -34.36 19.59 11.99
CA PHE B 886 -33.72 18.48 11.31
C PHE B 886 -33.03 17.53 12.30
N GLN B 887 -32.51 16.43 11.77
CA GLN B 887 -31.88 15.41 12.59
C GLN B 887 -30.36 15.52 12.61
N LYS B 888 -29.77 16.13 11.59
CA LYS B 888 -28.32 16.31 11.57
C LYS B 888 -28.03 17.77 11.84
N PRO B 889 -27.99 18.21 13.09
CA PRO B 889 -28.04 19.65 13.37
C PRO B 889 -26.78 20.37 12.92
N TRP B 890 -26.87 21.68 12.91
CA TRP B 890 -25.72 22.52 12.61
C TRP B 890 -24.70 22.37 13.72
N PHE B 891 -23.49 21.99 13.36
CA PHE B 891 -22.51 21.59 14.36
C PHE B 891 -22.12 22.74 15.26
N GLY B 892 -21.63 23.84 14.69
CA GLY B 892 -21.05 24.91 15.48
C GLY B 892 -22.06 25.50 16.44
N LYS B 893 -21.68 25.61 17.70
CA LYS B 893 -22.53 26.25 18.70
C LYS B 893 -21.63 26.68 19.85
N ASN B 894 -21.28 27.97 19.86
CA ASN B 894 -20.27 28.49 20.77
C ASN B 894 -20.76 29.79 21.37
N ALA B 895 -20.31 30.09 22.59
CA ALA B 895 -20.60 31.37 23.23
C ALA B 895 -22.11 31.58 23.32
N ASN B 896 -22.82 30.51 23.62
CA ASN B 896 -24.27 30.52 23.82
C ASN B 896 -25.02 30.93 22.56
N GLY B 897 -24.31 31.13 21.46
CA GLY B 897 -24.93 31.46 20.18
C GLY B 897 -24.56 30.42 19.14
N VAL B 898 -25.49 30.15 18.23
CA VAL B 898 -25.10 29.41 17.05
C VAL B 898 -24.02 30.20 16.32
N CYS B 899 -23.06 29.49 15.76
CA CYS B 899 -21.92 30.16 15.16
C CYS B 899 -21.26 29.21 14.18
N ASP B 900 -20.19 29.68 13.56
CA ASP B 900 -19.44 28.85 12.64
C ASP B 900 -18.49 27.96 13.40
N LEU B 901 -17.86 27.03 12.68
CA LEU B 901 -16.91 26.13 13.31
C LEU B 901 -15.68 26.88 13.78
N GLN B 902 -15.09 27.70 12.94
CA GLN B 902 -13.82 28.32 13.25
C GLN B 902 -13.91 29.37 14.34
N GLU B 903 -15.04 29.47 15.03
CA GLU B 903 -15.15 30.34 16.19
C GLU B 903 -15.52 29.53 17.43
N MET B 904 -14.87 28.41 17.63
CA MET B 904 -15.08 27.56 18.79
C MET B 904 -13.76 27.11 19.36
N THR B 905 -13.64 27.12 20.68
CA THR B 905 -12.41 26.61 21.25
C THR B 905 -12.36 25.10 21.07
N TYR B 906 -11.14 24.55 21.20
CA TYR B 906 -11.00 23.12 21.05
C TYR B 906 -11.85 22.37 22.05
N LYS B 907 -11.85 22.81 23.30
CA LYS B 907 -12.59 22.06 24.32
C LYS B 907 -14.07 21.99 23.97
N GLU B 908 -14.67 23.11 23.62
CA GLU B 908 -16.07 23.08 23.27
C GLU B 908 -16.32 22.35 21.96
N VAL B 909 -15.36 22.31 21.05
CA VAL B 909 -15.49 21.45 19.89
C VAL B 909 -15.61 20.00 20.31
N ALA B 910 -14.70 19.55 21.18
CA ALA B 910 -14.73 18.17 21.61
C ALA B 910 -16.00 17.86 22.37
N ASN B 911 -16.44 18.79 23.22
CA ASN B 911 -17.67 18.56 23.95
C ASN B 911 -18.87 18.47 23.03
N ARG B 912 -18.92 19.28 21.99
CA ARG B 912 -19.99 19.15 21.01
C ARG B 912 -19.92 17.81 20.29
N LEU B 913 -18.72 17.37 19.91
CA LEU B 913 -18.58 16.05 19.31
C LEU B 913 -19.10 14.97 20.22
N VAL B 914 -18.78 15.04 21.51
CA VAL B 914 -19.34 14.10 22.47
C VAL B 914 -20.85 14.17 22.47
N GLU B 915 -21.40 15.37 22.58
CA GLU B 915 -22.84 15.51 22.74
C GLU B 915 -23.58 15.02 21.51
N LEU B 916 -22.92 15.01 20.35
CA LEU B 916 -23.57 14.60 19.13
C LEU B 916 -23.14 13.24 18.63
N MET B 917 -22.25 12.56 19.34
CA MET B 917 -21.81 11.24 18.91
C MET B 917 -21.78 10.22 20.02
N TYR B 918 -22.29 10.55 21.20
CA TYR B 918 -22.30 9.64 22.33
C TYR B 918 -23.59 9.82 23.10
N VAL B 919 -24.38 8.76 23.19
CA VAL B 919 -25.64 8.81 23.92
C VAL B 919 -25.33 8.60 25.40
N LYS B 920 -25.49 9.65 26.18
CA LYS B 920 -25.16 9.56 27.60
C LYS B 920 -26.08 8.61 28.34
N LYS B 921 -27.28 8.37 27.82
CA LYS B 921 -28.18 7.46 28.51
C LYS B 921 -27.69 6.03 28.46
N SER B 922 -27.33 5.54 27.27
CA SER B 922 -26.91 4.16 27.13
C SER B 922 -25.41 4.00 27.16
N HIS B 923 -24.66 5.08 27.37
CA HIS B 923 -23.23 5.01 27.57
C HIS B 923 -22.54 4.28 26.42
N ARG B 924 -23.04 4.48 25.22
CA ARG B 924 -22.45 3.84 24.07
C ARG B 924 -22.24 4.87 22.97
N TRP B 925 -21.45 4.47 21.99
CA TRP B 925 -21.27 5.29 20.82
C TRP B 925 -22.29 4.91 19.77
N ILE B 926 -22.67 5.89 18.96
CA ILE B 926 -23.47 5.60 17.79
C ILE B 926 -22.75 4.60 16.90
N ASP B 927 -21.44 4.77 16.76
CA ASP B 927 -20.63 3.81 16.03
C ASP B 927 -19.22 3.87 16.57
N VAL B 928 -18.58 2.71 16.62
CA VAL B 928 -17.19 2.66 17.05
C VAL B 928 -16.32 3.38 16.04
N SER B 929 -16.74 3.45 14.78
CA SER B 929 -15.96 4.24 13.85
C SER B 929 -16.04 5.72 14.16
N LEU B 930 -17.19 6.19 14.64
CA LEU B 930 -17.24 7.55 15.16
C LEU B 930 -16.36 7.71 16.37
N ARG B 931 -16.33 6.71 17.25
CA ARG B 931 -15.39 6.74 18.35
C ARG B 931 -13.98 6.93 17.85
N ASN B 932 -13.59 6.21 16.82
CA ASN B 932 -12.26 6.36 16.26
C ASN B 932 -12.04 7.71 15.61
N MET B 933 -13.08 8.27 15.01
CA MET B 933 -12.96 9.62 14.50
C MET B 933 -12.66 10.60 15.62
N TYR B 934 -13.45 10.53 16.68
CA TYR B 934 -13.24 11.39 17.84
C TYR B 934 -11.83 11.23 18.37
N GLY B 935 -11.37 9.99 18.50
CA GLY B 935 -10.04 9.76 19.00
C GLY B 935 -8.99 10.31 18.05
N ASP B 936 -9.18 10.10 16.75
CA ASP B 936 -8.23 10.63 15.79
C ASP B 936 -8.20 12.14 15.80
N PHE B 937 -9.29 12.78 16.24
CA PHE B 937 -9.31 14.22 16.39
C PHE B 937 -8.55 14.66 17.63
N LEU B 938 -8.77 13.97 18.75
CA LEU B 938 -7.98 14.28 19.93
C LEU B 938 -6.51 14.06 19.69
N ARG B 939 -6.17 13.09 18.84
CA ARG B 939 -4.79 12.89 18.46
C ARG B 939 -4.21 14.13 17.82
N ARG B 940 -5.00 14.86 17.05
CA ARG B 940 -4.51 16.09 16.48
C ARG B 940 -4.49 17.22 17.48
N VAL B 941 -5.46 17.25 18.39
CA VAL B 941 -5.46 18.28 19.42
C VAL B 941 -4.17 18.23 20.21
N GLU B 942 -3.86 17.08 20.79
CA GLU B 942 -2.65 16.95 21.59
C GLU B 942 -1.41 17.15 20.74
N GLU B 943 -1.45 16.66 19.51
CA GLU B 943 -0.39 16.91 18.56
C GLU B 943 -0.12 18.40 18.41
N ARG B 944 -1.19 19.20 18.45
CA ARG B 944 -1.07 20.64 18.31
C ARG B 944 -0.49 21.26 19.57
N PHE B 945 -1.19 21.12 20.68
CA PHE B 945 -0.84 21.88 21.88
C PHE B 945 0.39 21.36 22.58
N THR B 946 1.14 20.45 21.97
CA THR B 946 2.42 20.05 22.51
C THR B 946 3.54 20.44 21.55
N SER B 947 4.75 20.50 22.08
CA SER B 947 5.88 21.07 21.36
C SER B 947 7.14 20.30 21.70
N SER B 948 7.74 19.69 20.68
CA SER B 948 9.04 19.02 20.80
C SER B 948 9.12 18.14 22.02
N ALA B 949 8.12 17.29 22.22
CA ALA B 949 8.03 16.50 23.43
C ALA B 949 8.57 15.08 23.26
N GLY B 950 8.18 14.40 22.19
CA GLY B 950 8.51 12.99 22.07
C GLY B 950 7.99 12.20 23.25
N THR B 951 6.92 12.68 23.89
CA THR B 951 6.42 12.07 25.11
C THR B 951 5.23 11.17 24.84
N VAL B 952 4.69 10.61 25.91
CA VAL B 952 3.56 9.71 25.79
C VAL B 952 2.29 10.49 25.51
N SER B 953 1.48 9.95 24.61
CA SER B 953 0.17 10.50 24.36
C SER B 953 -0.82 10.02 25.40
N LEU B 954 -1.68 10.91 25.86
CA LEU B 954 -2.75 10.49 26.75
C LEU B 954 -3.71 9.53 26.07
N LEU B 955 -3.62 9.36 24.76
CA LEU B 955 -4.50 8.47 24.02
C LEU B 955 -3.66 7.35 23.45
N GLN B 956 -3.55 6.25 24.18
CA GLN B 956 -2.80 5.10 23.69
C GLN B 956 -3.71 4.11 22.98
N ASN B 957 -4.91 3.91 23.51
CA ASN B 957 -5.89 3.02 22.91
C ASN B 957 -7.22 3.73 22.84
N PHE B 958 -7.83 3.71 21.66
CA PHE B 958 -9.12 4.36 21.50
C PHE B 958 -10.18 3.71 22.36
N ASN B 959 -9.93 2.51 22.85
CA ASN B 959 -10.90 1.88 23.73
C ASN B 959 -11.04 2.63 25.05
N GLN B 960 -10.11 3.53 25.37
CA GLN B 960 -10.33 4.40 26.51
C GLN B 960 -11.54 5.28 26.32
N LEU B 961 -11.95 5.52 25.08
CA LEU B 961 -13.01 6.47 24.78
C LEU B 961 -14.39 5.91 25.03
N ASN B 962 -14.52 4.69 25.54
CA ASN B 962 -15.85 4.15 25.73
C ASN B 962 -16.63 4.89 26.80
N GLU B 963 -15.99 5.78 27.55
CA GLU B 963 -16.68 6.76 28.38
C GLU B 963 -15.89 8.05 28.29
N PRO B 964 -16.17 8.88 27.32
CA PRO B 964 -15.36 10.07 27.11
C PRO B 964 -15.72 11.15 28.11
N GLU B 965 -16.98 11.16 28.54
CA GLU B 965 -17.51 12.25 29.35
C GLU B 965 -16.53 12.67 30.44
N GLN B 966 -15.94 11.70 31.13
CA GLN B 966 -14.95 12.03 32.14
C GLN B 966 -13.53 12.04 31.60
N PHE B 967 -13.22 11.17 30.63
CA PHE B 967 -11.86 11.13 30.13
C PHE B 967 -11.43 12.46 29.55
N THR B 968 -12.19 13.00 28.61
CA THR B 968 -11.86 14.28 28.02
C THR B 968 -11.83 15.37 29.08
N ALA B 969 -12.81 15.37 29.97
CA ALA B 969 -12.87 16.40 31.00
C ALA B 969 -11.58 16.44 31.79
N ASP B 970 -11.09 15.28 32.23
CA ASP B 970 -9.80 15.27 32.93
C ASP B 970 -8.65 15.51 31.97
N PHE B 971 -8.84 15.22 30.69
CA PHE B 971 -7.76 15.34 29.73
C PHE B 971 -7.41 16.79 29.48
N PHE B 972 -8.42 17.64 29.34
CA PHE B 972 -8.20 19.05 29.07
C PHE B 972 -7.48 19.76 30.18
N GLU B 973 -7.19 19.07 31.28
CA GLU B 973 -6.31 19.64 32.28
C GLU B 973 -4.87 19.60 31.83
N LYS B 974 -4.45 18.55 31.16
CA LYS B 974 -3.10 18.55 30.61
C LYS B 974 -2.98 19.52 29.44
N PHE B 975 -4.09 20.11 29.01
CA PHE B 975 -4.10 21.08 27.92
C PHE B 975 -5.12 22.16 28.26
N PRO B 976 -4.78 23.09 29.15
CA PRO B 976 -5.78 24.08 29.57
C PRO B 976 -6.17 25.03 28.46
N GLN B 977 -5.21 25.61 27.76
CA GLN B 977 -5.50 26.66 26.79
C GLN B 977 -6.33 26.16 25.62
N ALA B 978 -6.35 24.86 25.34
CA ALA B 978 -7.25 24.34 24.33
C ALA B 978 -8.70 24.60 24.70
N GLY B 979 -8.95 24.92 25.97
CA GLY B 979 -10.25 25.41 26.34
C GLY B 979 -10.51 26.85 25.96
N LYS B 980 -9.48 27.58 25.57
CA LYS B 980 -9.66 28.99 25.26
C LYS B 980 -9.13 29.40 23.89
N GLN B 981 -8.09 28.76 23.36
CA GLN B 981 -7.71 29.05 21.99
C GLN B 981 -8.71 28.43 21.04
N LEU B 982 -9.13 29.20 20.04
CA LEU B 982 -10.10 28.70 19.08
C LEU B 982 -9.50 27.58 18.25
N ILE B 983 -10.39 26.79 17.65
CA ILE B 983 -9.98 25.82 16.65
C ILE B 983 -9.20 26.52 15.56
N SER B 984 -8.02 26.02 15.26
CA SER B 984 -7.28 26.57 14.16
C SER B 984 -7.83 26.04 12.84
N GLU B 985 -7.49 26.73 11.76
CA GLU B 985 -8.02 26.33 10.47
C GLU B 985 -7.42 25.01 10.00
N GLU B 986 -6.10 24.86 10.09
CA GLU B 986 -5.48 23.61 9.69
C GLU B 986 -5.98 22.45 10.53
N ASP B 987 -6.46 22.74 11.73
CA ASP B 987 -7.18 21.75 12.52
C ASP B 987 -8.67 21.82 12.29
N CYS B 988 -9.14 22.74 11.47
CA CYS B 988 -10.54 22.74 11.09
C CYS B 988 -10.78 21.99 9.79
N ASP B 989 -10.06 22.34 8.74
CA ASP B 989 -10.16 21.55 7.52
C ASP B 989 -9.82 20.10 7.76
N TYR B 990 -8.88 19.82 8.64
CA TYR B 990 -8.63 18.44 9.02
C TYR B 990 -9.87 17.82 9.65
N PHE B 991 -10.56 18.59 10.49
CA PHE B 991 -11.79 18.09 11.08
C PHE B 991 -12.78 17.70 10.00
N LEU B 992 -12.99 18.58 9.03
CA LEU B 992 -13.89 18.23 7.93
C LEU B 992 -13.40 17.00 7.18
N MET B 993 -12.11 16.93 6.88
CA MET B 993 -11.57 15.78 6.18
C MET B 993 -11.80 14.49 6.94
N LEU B 994 -11.80 14.55 8.27
CA LEU B 994 -12.27 13.42 9.05
C LEU B 994 -13.73 13.16 8.80
N ALA B 995 -14.56 14.21 8.88
CA ALA B 995 -16.00 14.03 8.84
C ALA B 995 -16.48 13.35 7.57
N ALA B 996 -15.64 13.28 6.54
CA ALA B 996 -16.02 12.64 5.29
C ALA B 996 -14.96 11.64 4.84
N ARG B 997 -14.30 11.00 5.79
CA ARG B 997 -13.41 9.95 5.36
C ARG B 997 -14.22 8.76 4.87
N PRO B 998 -13.70 8.01 3.91
CA PRO B 998 -14.45 6.86 3.39
C PRO B 998 -14.57 5.78 4.44
N GLY B 999 -15.44 4.81 4.14
CA GLY B 999 -15.58 3.66 5.00
C GLY B 999 -16.08 3.93 6.40
N GLN B 1000 -16.36 5.18 6.73
CA GLN B 1000 -16.88 5.54 8.03
C GLN B 1000 -18.35 5.90 7.94
N LYS B 1001 -19.08 5.57 8.99
CA LYS B 1001 -20.48 5.99 9.06
C LYS B 1001 -20.55 7.51 8.92
N PRO B 1002 -21.48 8.02 8.11
CA PRO B 1002 -21.55 9.46 7.91
C PRO B 1002 -21.86 10.20 9.20
N VAL B 1003 -21.38 11.43 9.28
CA VAL B 1003 -21.47 12.25 10.47
C VAL B 1003 -22.91 12.56 10.83
N PRO B 1004 -23.29 12.52 12.10
CA PRO B 1004 -24.69 12.73 12.48
C PRO B 1004 -25.09 14.20 12.54
N PHE B 1005 -24.26 15.09 12.01
CA PHE B 1005 -24.59 16.51 12.00
C PHE B 1005 -24.12 17.10 10.68
N VAL B 1006 -24.24 18.41 10.58
CA VAL B 1006 -23.74 19.14 9.41
C VAL B 1006 -22.71 20.15 9.89
N PRO B 1007 -21.48 20.08 9.43
CA PRO B 1007 -20.44 20.96 9.94
C PRO B 1007 -20.28 22.27 9.16
N VAL B 1008 -20.66 22.29 7.89
CA VAL B 1008 -20.37 23.44 7.02
C VAL B 1008 -21.51 23.65 6.05
N LEU B 1009 -21.42 24.74 5.29
CA LEU B 1009 -22.28 24.98 4.14
C LEU B 1009 -21.41 25.13 2.90
N ASP B 1010 -21.21 24.04 2.17
CA ASP B 1010 -20.46 24.12 0.93
C ASP B 1010 -21.16 23.27 -0.11
N GLU B 1011 -20.53 23.14 -1.28
CA GLU B 1011 -21.13 22.39 -2.39
C GLU B 1011 -21.49 20.97 -1.98
N ARG B 1012 -20.87 20.46 -0.93
CA ARG B 1012 -21.17 19.13 -0.43
C ARG B 1012 -22.27 19.16 0.61
N PHE B 1013 -23.15 20.15 0.55
CA PHE B 1013 -24.12 20.31 1.62
C PHE B 1013 -25.02 19.08 1.75
N GLU B 1014 -25.64 18.66 0.65
CA GLU B 1014 -26.42 17.43 0.69
C GLU B 1014 -25.56 16.22 1.01
N PHE B 1015 -24.30 16.23 0.59
CA PHE B 1015 -23.42 15.11 0.90
C PHE B 1015 -23.30 14.92 2.40
N PHE B 1016 -23.53 15.97 3.16
CA PHE B 1016 -23.63 15.83 4.60
C PHE B 1016 -25.06 15.77 5.08
N PHE B 1017 -26.01 16.20 4.26
CA PHE B 1017 -27.37 16.42 4.72
C PHE B 1017 -28.25 15.19 4.57
N LYS B 1018 -28.06 14.43 3.50
CA LYS B 1018 -28.95 13.33 3.18
C LYS B 1018 -28.38 11.97 3.49
N LYS B 1019 -27.08 11.79 3.35
CA LYS B 1019 -26.49 10.46 3.44
C LYS B 1019 -26.74 9.85 4.81
N ASP B 1020 -27.19 8.58 4.81
CA ASP B 1020 -27.44 7.83 6.03
C ASP B 1020 -28.46 8.52 6.91
N SER B 1021 -29.60 8.85 6.30
CA SER B 1021 -30.69 9.49 7.02
C SER B 1021 -31.82 8.52 7.32
N LEU B 1022 -31.49 7.29 7.68
CA LEU B 1022 -32.48 6.24 7.85
C LEU B 1022 -32.51 5.65 9.24
N TRP B 1023 -31.34 5.36 9.81
CA TRP B 1023 -31.24 4.64 11.06
C TRP B 1023 -31.80 5.40 12.25
N GLN B 1024 -31.96 6.71 12.12
CA GLN B 1024 -32.36 7.50 13.28
C GLN B 1024 -33.77 7.18 13.73
N SER B 1025 -34.62 6.70 12.84
CA SER B 1025 -35.94 6.27 13.26
C SER B 1025 -35.87 5.07 14.18
N GLU B 1026 -34.85 4.23 14.02
CA GLU B 1026 -34.68 3.11 14.94
C GLU B 1026 -34.27 3.60 16.32
N ASP B 1027 -33.26 4.47 16.38
CA ASP B 1027 -32.82 5.06 17.64
C ASP B 1027 -33.09 6.55 17.57
N LEU B 1028 -34.19 6.97 18.17
CA LEU B 1028 -34.41 8.39 18.35
C LEU B 1028 -33.61 8.94 19.52
N GLU B 1029 -32.96 8.08 20.29
CA GLU B 1029 -32.15 8.57 21.39
C GLU B 1029 -30.90 9.30 20.94
N SER B 1030 -30.44 9.05 19.72
CA SER B 1030 -29.37 9.85 19.17
C SER B 1030 -29.84 11.21 18.67
N VAL B 1031 -31.15 11.40 18.54
CA VAL B 1031 -31.68 12.70 18.15
C VAL B 1031 -31.45 13.69 19.27
N VAL B 1032 -31.07 14.91 18.90
CA VAL B 1032 -30.61 15.90 19.86
C VAL B 1032 -31.62 16.11 20.98
N ASP B 1033 -32.90 16.00 20.66
CA ASP B 1033 -33.93 16.19 21.68
C ASP B 1033 -34.90 15.02 21.69
N GLU B 1034 -34.58 13.97 20.94
CA GLU B 1034 -35.43 12.79 20.80
C GLU B 1034 -36.83 13.16 20.35
N ASP B 1035 -36.94 14.21 19.54
CA ASP B 1035 -38.18 14.57 18.88
C ASP B 1035 -38.19 13.91 17.50
N VAL B 1036 -39.18 13.06 17.27
CA VAL B 1036 -39.29 12.40 15.97
C VAL B 1036 -39.48 13.38 14.83
N GLN B 1037 -39.92 14.60 15.10
CA GLN B 1037 -40.09 15.57 14.02
C GLN B 1037 -38.79 15.87 13.30
N ARG B 1038 -37.65 15.51 13.88
CA ARG B 1038 -36.38 15.62 13.18
C ARG B 1038 -36.13 14.46 12.23
N THR B 1039 -36.89 13.37 12.37
CA THR B 1039 -36.51 12.09 11.83
C THR B 1039 -37.05 11.88 10.43
N CYS B 1040 -36.36 11.02 9.67
CA CYS B 1040 -36.79 10.65 8.33
C CYS B 1040 -37.34 9.22 8.39
N ILE B 1041 -38.65 9.08 8.39
CA ILE B 1041 -39.31 7.79 8.48
C ILE B 1041 -39.95 7.48 7.14
N LEU B 1042 -39.65 6.30 6.59
CA LEU B 1042 -40.19 5.90 5.31
C LEU B 1042 -41.53 5.21 5.52
N HIS B 1043 -42.48 5.46 4.64
CA HIS B 1043 -43.79 4.86 4.81
C HIS B 1043 -44.57 4.97 3.51
N GLY B 1044 -45.63 4.17 3.40
CA GLY B 1044 -46.48 4.16 2.24
C GLY B 1044 -47.77 4.92 2.48
N PRO B 1045 -48.17 5.74 1.51
CA PRO B 1045 -49.35 6.59 1.72
C PRO B 1045 -50.62 5.79 1.86
N VAL B 1046 -50.92 4.93 0.89
CA VAL B 1046 -52.19 4.21 0.93
C VAL B 1046 -52.23 3.19 2.06
N ALA B 1047 -51.09 2.63 2.44
CA ALA B 1047 -51.08 1.61 3.47
C ALA B 1047 -51.41 2.15 4.85
N SER B 1048 -51.31 3.46 5.04
CA SER B 1048 -51.44 4.03 6.37
C SER B 1048 -52.84 3.93 6.94
N GLN B 1049 -53.86 3.79 6.08
CA GLN B 1049 -55.24 3.75 6.58
C GLN B 1049 -55.59 2.44 7.25
N TYR B 1050 -54.63 1.53 7.41
CA TYR B 1050 -54.83 0.31 8.16
C TYR B 1050 -53.94 0.23 9.39
N THR B 1051 -52.85 0.98 9.41
CA THR B 1051 -51.91 0.99 10.53
C THR B 1051 -52.61 1.75 11.65
N SER B 1052 -53.48 1.06 12.36
CA SER B 1052 -54.25 1.67 13.43
C SER B 1052 -53.84 1.16 14.81
N LYS B 1053 -53.33 -0.05 14.88
CA LYS B 1053 -52.84 -0.63 16.13
C LYS B 1053 -51.32 -0.58 16.14
N VAL B 1054 -50.76 -0.28 17.31
CA VAL B 1054 -49.32 -0.17 17.47
C VAL B 1054 -48.82 -1.34 18.30
N ASP B 1055 -47.60 -1.80 18.00
CA ASP B 1055 -46.91 -2.83 18.79
C ASP B 1055 -47.67 -4.14 18.81
N GLU B 1056 -48.40 -4.42 17.78
CA GLU B 1056 -48.99 -5.74 17.72
C GLU B 1056 -47.96 -6.74 17.20
N PRO B 1057 -47.98 -7.98 17.68
CA PRO B 1057 -46.97 -8.95 17.26
C PRO B 1057 -47.00 -9.19 15.76
N ILE B 1058 -45.80 -9.27 15.18
CA ILE B 1058 -45.68 -9.45 13.74
C ILE B 1058 -46.39 -10.71 13.29
N GLY B 1059 -46.47 -11.73 14.15
CA GLY B 1059 -47.19 -12.92 13.78
C GLY B 1059 -48.68 -12.68 13.71
N ASP B 1060 -49.21 -11.90 14.64
CA ASP B 1060 -50.64 -11.64 14.68
C ASP B 1060 -51.14 -10.94 13.44
N ILE B 1061 -50.41 -9.97 12.93
CA ILE B 1061 -50.84 -9.23 11.75
C ILE B 1061 -51.07 -10.20 10.60
N LEU B 1062 -50.04 -10.93 10.23
CA LEU B 1062 -50.16 -11.87 9.13
C LEU B 1062 -51.17 -12.97 9.42
N ASN B 1063 -51.27 -13.42 10.66
CA ASN B 1063 -52.31 -14.39 10.98
C ASN B 1063 -53.68 -13.75 10.95
N SER B 1064 -53.81 -12.53 11.46
CA SER B 1064 -55.09 -11.85 11.41
C SER B 1064 -55.60 -11.69 10.00
N ILE B 1065 -54.73 -11.47 9.03
CA ILE B 1065 -55.16 -11.35 7.65
C ILE B 1065 -55.30 -12.71 6.95
N HIS B 1066 -54.45 -13.68 7.26
CA HIS B 1066 -54.58 -14.97 6.64
C HIS B 1066 -55.87 -15.65 7.07
N GLU B 1067 -56.25 -15.46 8.34
CA GLU B 1067 -57.53 -15.98 8.81
C GLU B 1067 -58.70 -15.30 8.12
N GLY B 1068 -58.63 -13.99 7.89
CA GLY B 1068 -59.68 -13.34 7.15
C GLY B 1068 -59.80 -13.91 5.75
N HIS B 1069 -58.66 -14.12 5.09
CA HIS B 1069 -58.70 -14.74 3.78
C HIS B 1069 -59.31 -16.12 3.83
N ILE B 1070 -58.95 -16.91 4.83
CA ILE B 1070 -59.48 -18.26 4.92
C ILE B 1070 -60.98 -18.24 5.14
N ALA B 1071 -61.45 -17.37 6.03
CA ALA B 1071 -62.88 -17.27 6.26
C ALA B 1071 -63.62 -16.84 5.00
N ARG B 1072 -63.11 -15.83 4.31
CA ARG B 1072 -63.74 -15.38 3.08
C ARG B 1072 -63.79 -16.49 2.04
N LEU B 1073 -62.68 -17.17 1.84
CA LEU B 1073 -62.62 -18.21 0.81
C LEU B 1073 -63.44 -19.43 1.21
N ILE B 1074 -63.64 -19.66 2.51
CA ILE B 1074 -64.55 -20.69 2.95
C ILE B 1074 -65.98 -20.32 2.60
N LYS B 1075 -66.37 -19.10 2.95
CA LYS B 1075 -67.74 -18.67 2.67
C LYS B 1075 -68.01 -18.67 1.18
N GLU B 1076 -67.03 -18.28 0.37
CA GLU B 1076 -67.27 -18.10 -1.06
C GLU B 1076 -67.18 -19.42 -1.81
N GLU B 1077 -66.00 -20.02 -1.83
CA GLU B 1077 -65.76 -21.15 -2.72
C GLU B 1077 -65.84 -22.50 -2.03
N TYR B 1078 -66.34 -22.56 -0.80
CA TYR B 1078 -66.53 -23.82 -0.11
C TYR B 1078 -67.83 -23.85 0.69
N ALA B 1079 -68.72 -22.89 0.42
CA ALA B 1079 -70.08 -22.89 0.96
C ALA B 1079 -70.10 -22.97 2.48
N GLY B 1080 -69.16 -22.33 3.14
CA GLY B 1080 -69.13 -22.34 4.58
C GLY B 1080 -68.89 -23.70 5.20
N ASP B 1081 -68.49 -24.69 4.42
CA ASP B 1081 -68.18 -26.03 4.92
C ASP B 1081 -66.70 -26.29 4.75
N GLU B 1082 -66.01 -26.53 5.87
CA GLU B 1082 -64.58 -26.76 5.82
C GLU B 1082 -64.23 -28.18 5.41
N SER B 1083 -65.11 -29.15 5.64
CA SER B 1083 -64.79 -30.53 5.29
C SER B 1083 -64.54 -30.69 3.81
N LYS B 1084 -65.14 -29.85 2.97
CA LYS B 1084 -64.88 -29.90 1.54
C LYS B 1084 -63.44 -29.55 1.20
N ILE B 1085 -62.72 -28.91 2.11
CA ILE B 1085 -61.33 -28.54 1.82
C ILE B 1085 -60.51 -29.79 1.59
N PRO B 1086 -59.77 -29.90 0.50
CA PRO B 1086 -58.90 -31.05 0.31
C PRO B 1086 -57.84 -31.08 1.39
N VAL B 1087 -57.45 -32.30 1.76
CA VAL B 1087 -56.48 -32.52 2.83
C VAL B 1087 -55.26 -33.18 2.22
N VAL B 1088 -54.09 -32.63 2.50
CA VAL B 1088 -52.84 -33.24 2.10
C VAL B 1088 -51.99 -33.43 3.34
N GLU B 1089 -51.15 -34.47 3.30
CA GLU B 1089 -50.21 -34.70 4.39
C GLU B 1089 -49.35 -33.48 4.62
N TYR B 1090 -48.54 -33.15 3.63
CA TYR B 1090 -47.66 -32.00 3.70
C TYR B 1090 -47.97 -31.09 2.53
N PHE B 1091 -47.58 -29.84 2.66
CA PHE B 1091 -47.93 -28.80 1.70
C PHE B 1091 -46.65 -28.30 1.04
N GLY B 1092 -46.48 -28.59 -0.24
CA GLY B 1092 -45.36 -28.04 -0.98
C GLY B 1092 -44.65 -29.02 -1.89
N GLY B 1093 -43.76 -28.52 -2.73
CA GLY B 1093 -42.88 -29.36 -3.53
C GLY B 1093 -43.49 -29.94 -4.78
N LYS B 1094 -44.34 -30.95 -4.63
CA LYS B 1094 -45.07 -31.53 -5.75
C LYS B 1094 -46.30 -30.68 -6.03
N LYS B 1095 -46.67 -30.57 -7.29
CA LYS B 1095 -47.87 -29.84 -7.64
C LYS B 1095 -49.09 -30.75 -7.46
N PRO B 1096 -49.96 -30.48 -6.48
CA PRO B 1096 -51.19 -31.28 -6.37
C PRO B 1096 -52.20 -30.95 -7.45
N ALA B 1097 -52.39 -29.68 -7.77
CA ALA B 1097 -53.17 -29.27 -8.94
C ALA B 1097 -52.34 -29.61 -10.17
N SER B 1098 -52.98 -30.14 -11.20
CA SER B 1098 -52.29 -30.66 -12.37
C SER B 1098 -51.73 -29.48 -13.17
N VAL B 1099 -50.60 -28.95 -12.72
CA VAL B 1099 -49.86 -27.94 -13.45
C VAL B 1099 -49.06 -28.70 -14.50
N SER B 1100 -48.48 -27.99 -15.47
CA SER B 1100 -47.77 -28.65 -16.57
C SER B 1100 -46.48 -29.26 -16.01
N ALA B 1101 -46.65 -30.32 -15.24
CA ALA B 1101 -45.55 -31.10 -14.70
C ALA B 1101 -45.89 -32.58 -14.85
N THR B 1102 -44.85 -33.39 -15.06
CA THR B 1102 -45.03 -34.78 -15.46
C THR B 1102 -45.46 -35.62 -14.25
N SER B 1103 -46.76 -35.66 -14.00
CA SER B 1103 -47.34 -36.62 -13.07
C SER B 1103 -48.09 -37.72 -13.80
N VAL B 1104 -48.32 -37.57 -15.10
CA VAL B 1104 -48.98 -38.62 -15.88
C VAL B 1104 -48.03 -39.80 -16.10
N ASN B 1105 -46.75 -39.53 -16.31
CA ASN B 1105 -45.80 -40.63 -16.40
C ASN B 1105 -45.40 -41.15 -15.04
N ILE B 1106 -45.96 -40.60 -13.97
CA ILE B 1106 -45.80 -41.16 -12.63
C ILE B 1106 -46.83 -42.26 -12.45
N ILE B 1107 -46.36 -43.47 -12.18
CA ILE B 1107 -47.21 -44.63 -11.91
C ILE B 1107 -47.11 -44.94 -10.43
N ASP B 1108 -48.25 -44.87 -9.73
CA ASP B 1108 -48.33 -45.14 -8.31
C ASP B 1108 -48.88 -46.55 -8.09
N GLY B 1109 -48.50 -47.16 -6.97
CA GLY B 1109 -48.95 -48.53 -6.71
C GLY B 1109 -48.72 -48.95 -5.27
N ASN B 1110 -49.11 -50.21 -5.01
CA ASN B 1110 -48.99 -50.82 -3.69
C ASN B 1110 -47.85 -51.84 -3.61
N GLN B 1111 -47.82 -52.79 -4.54
CA GLN B 1111 -46.83 -53.88 -4.55
C GLN B 1111 -46.22 -53.90 -5.95
N VAL B 1112 -45.20 -53.06 -6.16
CA VAL B 1112 -44.72 -52.73 -7.49
C VAL B 1112 -43.26 -53.09 -7.62
N VAL B 1113 -42.91 -53.64 -8.77
CA VAL B 1113 -41.54 -53.79 -9.21
C VAL B 1113 -41.51 -53.40 -10.68
N TYR B 1114 -40.46 -52.68 -11.08
CA TYR B 1114 -40.28 -52.34 -12.49
C TYR B 1114 -38.80 -52.29 -12.81
N GLU B 1115 -38.37 -53.22 -13.65
CA GLU B 1115 -36.98 -53.29 -14.06
C GLU B 1115 -36.60 -52.09 -14.91
N ILE B 1116 -35.31 -51.90 -15.05
CA ILE B 1116 -34.77 -50.76 -15.78
C ILE B 1116 -33.45 -51.17 -16.40
N ASP B 1117 -33.13 -50.56 -17.54
CA ASP B 1117 -31.85 -50.79 -18.19
C ASP B 1117 -31.14 -49.44 -18.26
N SER B 1118 -30.01 -49.39 -18.95
CA SER B 1118 -29.18 -48.19 -18.92
C SER B 1118 -29.82 -47.06 -19.74
N GLU B 1119 -30.50 -47.39 -20.82
CA GLU B 1119 -31.02 -46.38 -21.74
C GLU B 1119 -32.30 -45.73 -21.22
N LEU B 1120 -33.36 -46.50 -20.99
CA LEU B 1120 -34.62 -45.96 -20.53
C LEU B 1120 -34.62 -45.97 -19.01
N PRO B 1121 -35.07 -44.90 -18.36
CA PRO B 1121 -35.43 -43.61 -18.95
C PRO B 1121 -34.34 -42.61 -18.74
N ASN B 1122 -34.63 -41.35 -18.98
CA ASN B 1122 -33.80 -40.28 -18.45
C ASN B 1122 -34.07 -40.16 -16.95
N LYS B 1123 -33.44 -39.18 -16.31
CA LYS B 1123 -33.38 -39.17 -14.85
C LYS B 1123 -34.67 -38.70 -14.23
N GLN B 1124 -35.05 -37.45 -14.50
CA GLN B 1124 -36.12 -36.77 -13.78
C GLN B 1124 -37.41 -37.57 -13.77
N GLU B 1125 -37.86 -38.04 -14.92
CA GLU B 1125 -39.06 -38.86 -14.99
C GLU B 1125 -38.89 -40.20 -14.32
N TRP B 1126 -37.66 -40.71 -14.24
CA TRP B 1126 -37.44 -41.91 -13.45
C TRP B 1126 -37.66 -41.63 -11.98
N LEU B 1127 -37.11 -40.52 -11.49
CA LEU B 1127 -37.42 -40.06 -10.15
C LEU B 1127 -38.92 -39.96 -9.95
N ASP B 1128 -39.64 -39.45 -10.94
CA ASP B 1128 -41.07 -39.26 -10.80
C ASP B 1128 -41.81 -40.58 -10.72
N LEU B 1129 -41.55 -41.47 -11.69
CA LEU B 1129 -42.01 -42.85 -11.59
C LEU B 1129 -41.84 -43.39 -10.20
N LEU B 1130 -40.64 -43.24 -9.65
CA LEU B 1130 -40.39 -43.73 -8.30
C LEU B 1130 -41.20 -42.98 -7.26
N ALA B 1131 -41.53 -41.72 -7.53
CA ALA B 1131 -42.16 -40.90 -6.51
C ALA B 1131 -43.55 -41.42 -6.15
N GLY B 1132 -44.34 -41.74 -7.16
CA GLY B 1132 -45.74 -42.00 -6.94
C GLY B 1132 -46.56 -40.72 -7.05
N THR B 1133 -47.84 -40.90 -7.37
CA THR B 1133 -48.68 -39.74 -7.58
C THR B 1133 -49.00 -39.02 -6.28
N GLU B 1134 -49.52 -39.72 -5.28
CA GLU B 1134 -50.02 -39.08 -4.09
C GLU B 1134 -48.88 -38.68 -3.17
N LEU B 1135 -49.20 -37.90 -2.14
CA LEU B 1135 -48.20 -37.37 -1.24
C LEU B 1135 -47.99 -38.31 -0.06
N ASN B 1136 -46.85 -38.99 -0.03
CA ASN B 1136 -46.47 -39.78 1.13
C ASN B 1136 -45.05 -39.42 1.49
N TRP B 1137 -44.59 -39.92 2.63
CA TRP B 1137 -43.23 -39.62 3.04
C TRP B 1137 -42.23 -40.07 1.99
N LEU B 1138 -42.50 -41.18 1.32
CA LEU B 1138 -41.57 -41.66 0.30
C LEU B 1138 -41.58 -40.76 -0.91
N GLN B 1139 -42.77 -40.39 -1.39
CA GLN B 1139 -42.86 -39.42 -2.47
C GLN B 1139 -42.12 -38.15 -2.10
N ALA B 1140 -42.22 -37.73 -0.84
CA ALA B 1140 -41.49 -36.54 -0.42
C ALA B 1140 -39.99 -36.78 -0.50
N PHE B 1141 -39.50 -37.77 0.21
CA PHE B 1141 -38.07 -38.05 0.31
C PHE B 1141 -37.43 -38.28 -1.04
N ILE B 1142 -38.16 -38.85 -2.00
CA ILE B 1142 -37.62 -39.05 -3.32
C ILE B 1142 -37.71 -37.79 -4.15
N SER B 1143 -38.61 -36.87 -3.81
CA SER B 1143 -38.82 -35.69 -4.62
C SER B 1143 -38.31 -34.43 -3.96
N THR B 1144 -38.02 -34.46 -2.66
CA THR B 1144 -37.57 -33.26 -1.97
C THR B 1144 -36.24 -32.79 -2.54
N ASP B 1145 -36.14 -31.48 -2.72
CA ASP B 1145 -34.90 -30.92 -3.24
C ASP B 1145 -33.87 -30.70 -2.14
N ARG B 1146 -34.29 -30.70 -0.87
CA ARG B 1146 -33.46 -30.23 0.21
C ARG B 1146 -33.59 -31.15 1.41
N ILE B 1147 -32.46 -31.45 2.05
CA ILE B 1147 -32.46 -32.25 3.26
C ILE B 1147 -31.83 -31.44 4.37
N VAL B 1148 -32.58 -31.23 5.44
CA VAL B 1148 -32.11 -30.39 6.52
C VAL B 1148 -31.19 -31.21 7.41
N GLN B 1149 -30.00 -30.68 7.65
CA GLN B 1149 -29.05 -31.26 8.60
C GLN B 1149 -28.83 -30.25 9.71
N GLY B 1150 -29.71 -30.28 10.71
CA GLY B 1150 -29.61 -29.36 11.82
C GLY B 1150 -29.50 -27.92 11.37
N SER B 1151 -30.59 -27.39 10.81
CA SER B 1151 -30.64 -26.03 10.28
C SER B 1151 -29.62 -25.81 9.16
N LYS B 1152 -29.32 -26.87 8.41
CA LYS B 1152 -28.62 -26.74 7.15
C LYS B 1152 -29.55 -27.13 6.01
N HIS B 1153 -29.16 -26.74 4.80
CA HIS B 1153 -29.90 -27.15 3.60
C HIS B 1153 -28.89 -27.73 2.62
N VAL B 1154 -28.64 -29.02 2.74
CA VAL B 1154 -27.73 -29.73 1.88
C VAL B 1154 -28.54 -30.46 0.83
N SER B 1155 -27.89 -30.78 -0.29
CA SER B 1155 -28.54 -31.42 -1.41
C SER B 1155 -29.23 -32.71 -0.99
N ASN B 1156 -30.20 -33.12 -1.78
CA ASN B 1156 -30.92 -34.34 -1.50
C ASN B 1156 -30.07 -35.55 -1.85
N PRO B 1157 -29.81 -36.45 -0.92
CA PRO B 1157 -28.99 -37.64 -1.24
C PRO B 1157 -29.59 -38.48 -2.34
N LEU B 1158 -30.84 -38.92 -2.18
CA LEU B 1158 -31.44 -39.79 -3.18
C LEU B 1158 -31.55 -39.13 -4.54
N HIS B 1159 -31.53 -37.80 -4.59
CA HIS B 1159 -31.83 -37.09 -5.83
C HIS B 1159 -30.82 -37.37 -6.92
N ASP B 1160 -29.74 -38.08 -6.62
CA ASP B 1160 -28.81 -38.54 -7.64
C ASP B 1160 -28.37 -39.98 -7.48
N ILE B 1161 -28.46 -40.55 -6.28
CA ILE B 1161 -28.01 -41.92 -6.12
C ILE B 1161 -28.93 -42.90 -6.82
N LEU B 1162 -30.18 -42.52 -7.04
CA LEU B 1162 -31.14 -43.38 -7.72
C LEU B 1162 -31.16 -43.11 -9.22
N THR B 1163 -30.06 -42.62 -9.76
CA THR B 1163 -29.98 -42.35 -11.18
C THR B 1163 -30.25 -43.64 -11.96
N PRO B 1164 -31.00 -43.56 -13.06
CA PRO B 1164 -31.25 -44.77 -13.87
C PRO B 1164 -29.96 -45.47 -14.24
N ALA B 1165 -30.00 -46.80 -14.16
CA ALA B 1165 -28.81 -47.62 -14.36
C ALA B 1165 -29.19 -48.86 -15.15
N LYS B 1166 -28.17 -49.50 -15.71
CA LYS B 1166 -28.39 -50.69 -16.51
C LYS B 1166 -28.83 -51.85 -15.65
N HIS B 1167 -29.80 -52.60 -16.15
CA HIS B 1167 -30.19 -53.89 -15.60
C HIS B 1167 -30.61 -53.81 -14.15
N SER B 1168 -30.92 -52.61 -13.67
CA SER B 1168 -31.37 -52.47 -12.29
C SER B 1168 -32.87 -52.70 -12.19
N LYS B 1169 -33.38 -52.57 -10.97
CA LYS B 1169 -34.81 -52.65 -10.73
C LYS B 1169 -35.08 -52.19 -9.32
N VAL B 1170 -36.23 -51.55 -9.14
CA VAL B 1170 -36.64 -51.06 -7.84
C VAL B 1170 -37.91 -51.77 -7.42
N THR B 1171 -38.15 -51.81 -6.12
CA THR B 1171 -39.28 -52.54 -5.57
C THR B 1171 -39.97 -51.64 -4.55
N ILE B 1172 -41.21 -51.27 -4.86
CA ILE B 1172 -42.04 -50.49 -3.95
C ILE B 1172 -43.26 -51.33 -3.63
N ASP B 1173 -43.24 -51.97 -2.48
CA ASP B 1173 -44.28 -52.92 -2.14
C ASP B 1173 -44.94 -52.55 -0.82
N LYS B 1174 -46.16 -53.04 -0.64
CA LYS B 1174 -46.95 -52.81 0.57
C LYS B 1174 -47.15 -51.31 0.80
N LYS B 1175 -47.88 -50.70 -0.13
CA LYS B 1175 -48.27 -49.29 -0.07
C LYS B 1175 -47.10 -48.41 0.36
N THR B 1176 -46.01 -48.54 -0.39
CA THR B 1176 -44.80 -47.73 -0.21
C THR B 1176 -44.16 -47.92 1.15
N LYS B 1177 -44.48 -49.02 1.85
CA LYS B 1177 -43.87 -49.24 3.15
C LYS B 1177 -42.38 -49.47 3.04
N LYS B 1178 -41.87 -49.80 1.85
CA LYS B 1178 -40.44 -49.89 1.65
C LYS B 1178 -40.12 -49.82 0.17
N LEU B 1179 -39.19 -48.96 -0.17
CA LEU B 1179 -38.55 -48.96 -1.48
C LEU B 1179 -37.34 -49.87 -1.38
N THR B 1180 -37.08 -50.62 -2.45
CA THR B 1180 -35.93 -51.49 -2.48
C THR B 1180 -35.34 -51.46 -3.87
N ALA B 1181 -34.15 -50.87 -4.00
CA ALA B 1181 -33.48 -50.74 -5.26
C ALA B 1181 -32.49 -51.87 -5.43
N PHE B 1182 -32.42 -52.41 -6.63
CA PHE B 1182 -31.50 -53.48 -6.97
C PHE B 1182 -30.60 -53.06 -8.12
N GLU B 1183 -29.55 -53.84 -8.33
CA GLU B 1183 -28.73 -53.67 -9.51
C GLU B 1183 -27.82 -54.87 -9.66
N ASN B 1184 -27.24 -54.99 -10.85
CA ASN B 1184 -26.48 -56.17 -11.23
C ASN B 1184 -25.04 -56.05 -10.77
N ILE B 1185 -24.59 -57.04 -10.01
CA ILE B 1185 -23.18 -57.17 -9.63
C ILE B 1185 -22.68 -58.51 -10.11
N LYS B 1186 -21.57 -58.50 -10.86
CA LYS B 1186 -20.89 -59.71 -11.33
C LYS B 1186 -21.87 -60.73 -11.91
N GLY B 1187 -22.97 -60.25 -12.49
CA GLY B 1187 -23.98 -61.15 -13.00
C GLY B 1187 -25.12 -61.32 -12.03
N ASP B 1188 -24.84 -61.08 -10.75
CA ASP B 1188 -25.88 -61.19 -9.74
C ASP B 1188 -26.56 -59.84 -9.52
N LEU B 1189 -27.80 -59.90 -9.04
CA LEU B 1189 -28.60 -58.71 -8.77
C LEU B 1189 -29.00 -58.74 -7.31
N LEU B 1190 -28.53 -57.76 -6.55
CA LEU B 1190 -28.66 -57.77 -5.10
C LEU B 1190 -29.15 -56.44 -4.59
N PRO B 1191 -29.78 -56.42 -3.41
CA PRO B 1191 -30.20 -55.15 -2.80
C PRO B 1191 -28.99 -54.28 -2.51
N VAL B 1192 -29.05 -53.04 -2.97
CA VAL B 1192 -27.96 -52.12 -2.72
C VAL B 1192 -28.50 -50.92 -1.96
N VAL B 1193 -29.80 -50.67 -2.11
CA VAL B 1193 -30.46 -49.55 -1.45
C VAL B 1193 -31.77 -50.04 -0.85
N GLU B 1194 -32.03 -49.64 0.39
CA GLU B 1194 -33.30 -49.93 1.03
C GLU B 1194 -33.77 -48.69 1.77
N ILE B 1195 -34.90 -48.15 1.34
CA ILE B 1195 -35.58 -47.09 2.07
C ILE B 1195 -36.85 -47.68 2.64
N GLU B 1196 -37.06 -47.48 3.93
CA GLU B 1196 -38.24 -48.03 4.57
C GLU B 1196 -38.55 -47.22 5.80
N LEU B 1197 -39.82 -47.24 6.20
CA LEU B 1197 -40.19 -46.65 7.46
C LEU B 1197 -39.72 -47.52 8.59
N VAL B 1198 -39.38 -46.87 9.69
CA VAL B 1198 -39.14 -47.51 10.97
C VAL B 1198 -40.12 -46.83 11.90
N LYS B 1199 -39.99 -47.06 13.20
CA LYS B 1199 -40.90 -46.56 14.22
C LYS B 1199 -41.43 -45.17 13.86
N PRO B 1200 -42.72 -44.92 14.10
CA PRO B 1200 -43.45 -43.90 13.35
C PRO B 1200 -42.69 -42.60 13.13
N ASN B 1201 -42.82 -42.07 11.91
CA ASN B 1201 -42.32 -40.76 11.54
C ASN B 1201 -40.80 -40.72 11.53
N THR B 1202 -40.18 -41.84 11.17
CA THR B 1202 -38.72 -41.91 11.03
C THR B 1202 -38.40 -42.82 9.86
N ILE B 1203 -37.51 -42.36 8.99
CA ILE B 1203 -37.11 -43.13 7.82
C ILE B 1203 -35.71 -43.67 8.05
N GLN B 1204 -35.49 -44.91 7.65
CA GLN B 1204 -34.16 -45.52 7.69
C GLN B 1204 -33.72 -45.77 6.25
N LEU B 1205 -32.84 -44.92 5.75
CA LEU B 1205 -32.21 -45.17 4.47
C LEU B 1205 -31.08 -46.17 4.70
N SER B 1206 -31.30 -47.39 4.27
CA SER B 1206 -30.29 -48.44 4.41
C SER B 1206 -29.52 -48.55 3.11
N LEU B 1207 -28.24 -48.24 3.15
CA LEU B 1207 -27.35 -48.34 2.01
C LEU B 1207 -26.52 -49.60 2.19
N ILE B 1208 -26.63 -50.53 1.25
CA ILE B 1208 -26.09 -51.87 1.40
C ILE B 1208 -24.85 -52.03 0.54
N GLU B 1209 -23.85 -52.73 1.06
CA GLU B 1209 -22.67 -53.12 0.29
C GLU B 1209 -22.34 -54.58 0.58
N HIS B 1210 -21.89 -55.28 -0.45
CA HIS B 1210 -21.74 -56.74 -0.40
C HIS B 1210 -20.29 -57.19 -0.37
N ARG B 1211 -19.45 -56.68 -1.28
CA ARG B 1211 -18.11 -57.23 -1.44
C ARG B 1211 -17.29 -56.82 -0.22
N THR B 1212 -17.27 -57.69 0.77
CA THR B 1212 -16.58 -57.41 2.03
C THR B 1212 -15.48 -58.42 2.27
N ALA B 1213 -14.90 -58.41 3.47
CA ALA B 1213 -13.88 -59.40 3.80
C ALA B 1213 -14.41 -60.81 3.64
N ASP B 1214 -15.65 -61.04 4.06
CA ASP B 1214 -16.28 -62.34 3.96
C ASP B 1214 -17.47 -62.30 3.01
N THR B 1215 -17.53 -61.29 2.15
CA THR B 1215 -18.60 -61.12 1.17
C THR B 1215 -19.96 -61.09 1.85
N ASN B 1216 -19.98 -60.91 3.16
CA ASN B 1216 -21.24 -60.78 3.86
C ASN B 1216 -21.78 -59.37 3.63
N PRO B 1217 -22.98 -59.23 3.08
CA PRO B 1217 -23.53 -57.89 2.86
C PRO B 1217 -23.67 -57.12 4.15
N VAL B 1218 -23.23 -55.88 4.14
CA VAL B 1218 -23.29 -55.01 5.30
C VAL B 1218 -24.10 -53.78 4.93
N ALA B 1219 -24.84 -53.25 5.90
CA ALA B 1219 -25.74 -52.14 5.69
C ALA B 1219 -25.22 -50.89 6.36
N LEU B 1220 -25.42 -49.75 5.70
CA LEU B 1220 -25.05 -48.47 6.27
C LEU B 1220 -26.31 -47.75 6.70
N PRO B 1221 -26.72 -47.85 7.96
CA PRO B 1221 -28.03 -47.31 8.36
C PRO B 1221 -27.99 -45.80 8.47
N PHE B 1222 -28.78 -45.14 7.63
CA PHE B 1222 -28.99 -43.71 7.71
C PHE B 1222 -30.35 -43.45 8.33
N LEU B 1223 -30.47 -42.31 9.00
CA LEU B 1223 -31.71 -41.96 9.69
C LEU B 1223 -32.16 -40.58 9.23
N TYR B 1224 -33.44 -40.46 8.91
CA TYR B 1224 -34.03 -39.21 8.50
C TYR B 1224 -35.35 -39.02 9.20
N LYS B 1225 -35.55 -37.86 9.81
CA LYS B 1225 -36.81 -37.55 10.46
C LYS B 1225 -37.76 -36.90 9.49
N TYR B 1226 -38.97 -37.44 9.40
CA TYR B 1226 -39.98 -36.95 8.49
C TYR B 1226 -40.81 -35.88 9.20
N ASN B 1227 -41.00 -34.75 8.54
CA ASN B 1227 -41.70 -33.63 9.15
C ASN B 1227 -42.82 -33.17 8.25
N PRO B 1228 -44.05 -33.62 8.46
CA PRO B 1228 -45.15 -33.15 7.61
C PRO B 1228 -45.52 -31.72 7.86
N ALA B 1229 -45.08 -31.14 8.98
CA ALA B 1229 -45.47 -29.77 9.30
C ALA B 1229 -44.96 -28.80 8.25
N ASP B 1230 -43.65 -28.81 8.01
CA ASP B 1230 -43.06 -28.02 6.95
C ASP B 1230 -43.09 -28.81 5.67
N GLY B 1231 -43.35 -28.13 4.56
CA GLY B 1231 -43.26 -28.77 3.27
C GLY B 1231 -42.00 -28.35 2.54
N PHE B 1232 -41.54 -27.13 2.82
CA PHE B 1232 -40.32 -26.67 2.18
C PHE B 1232 -39.16 -27.59 2.55
N ALA B 1233 -39.20 -28.16 3.75
CA ALA B 1233 -38.21 -29.12 4.22
C ALA B 1233 -38.96 -30.21 4.95
N PRO B 1234 -39.53 -31.18 4.22
CA PRO B 1234 -40.38 -32.18 4.86
C PRO B 1234 -39.59 -33.20 5.64
N ILE B 1235 -38.32 -33.39 5.31
CA ILE B 1235 -37.52 -34.44 5.92
C ILE B 1235 -36.16 -33.88 6.27
N LEU B 1236 -35.84 -33.91 7.56
CA LEU B 1236 -34.54 -33.50 8.06
C LEU B 1236 -33.82 -34.73 8.58
N GLU B 1237 -32.55 -34.84 8.25
CA GLU B 1237 -31.76 -36.00 8.65
C GLU B 1237 -31.37 -35.87 10.11
N ILE B 1238 -31.55 -36.95 10.87
CA ILE B 1238 -31.10 -36.94 12.26
C ILE B 1238 -29.58 -36.90 12.23
N MET B 1239 -29.01 -35.73 12.50
CA MET B 1239 -27.57 -35.57 12.42
C MET B 1239 -26.86 -36.15 13.63
N GLU B 1240 -27.53 -36.25 14.77
CA GLU B 1240 -26.90 -36.77 15.96
C GLU B 1240 -26.46 -38.21 15.74
N ASP B 1241 -25.30 -38.56 16.31
CA ASP B 1241 -24.77 -39.92 16.28
C ASP B 1241 -24.50 -40.39 14.86
N ARG B 1242 -24.43 -39.47 13.91
CA ARG B 1242 -24.24 -39.89 12.53
C ARG B 1242 -22.86 -40.47 12.32
N ASN B 1243 -21.83 -39.76 12.80
CA ASN B 1243 -20.48 -40.24 12.62
C ASN B 1243 -20.30 -41.63 13.21
N GLU B 1244 -21.00 -41.95 14.30
CA GLU B 1244 -20.85 -43.27 14.88
C GLU B 1244 -21.47 -44.35 14.01
N ARG B 1245 -22.62 -44.08 13.42
CA ARG B 1245 -23.20 -45.06 12.51
C ARG B 1245 -22.28 -45.26 11.31
N ILE B 1246 -21.69 -44.19 10.81
CA ILE B 1246 -20.77 -44.35 9.69
C ILE B 1246 -19.54 -45.13 10.14
N LYS B 1247 -19.05 -44.87 11.34
CA LYS B 1247 -17.83 -45.49 11.82
C LYS B 1247 -18.00 -46.97 12.05
N GLU B 1248 -19.10 -47.39 12.69
CA GLU B 1248 -19.30 -48.81 12.89
C GLU B 1248 -19.44 -49.54 11.57
N PHE B 1249 -20.11 -48.92 10.61
CA PHE B 1249 -20.17 -49.46 9.27
C PHE B 1249 -18.77 -49.70 8.72
N TYR B 1250 -17.96 -48.66 8.71
CA TYR B 1250 -16.62 -48.83 8.17
C TYR B 1250 -15.79 -49.82 8.98
N TRP B 1251 -16.06 -49.94 10.28
CA TRP B 1251 -15.36 -50.92 11.10
C TRP B 1251 -15.67 -52.32 10.65
N LYS B 1252 -16.96 -52.65 10.52
CA LYS B 1252 -17.31 -53.94 9.95
C LYS B 1252 -16.74 -54.11 8.56
N LEU B 1253 -16.55 -53.01 7.83
CA LEU B 1253 -15.99 -53.12 6.49
C LEU B 1253 -14.54 -53.57 6.54
N TRP B 1254 -13.69 -52.75 7.14
CA TRP B 1254 -12.25 -52.97 7.05
C TRP B 1254 -11.76 -54.06 7.98
N PHE B 1255 -12.58 -54.51 8.92
CA PHE B 1255 -12.15 -55.54 9.84
C PHE B 1255 -13.06 -56.75 9.85
N GLY B 1256 -14.32 -56.59 9.46
CA GLY B 1256 -15.27 -57.67 9.50
C GLY B 1256 -15.96 -57.74 10.85
N SER B 1257 -17.15 -58.35 10.82
CA SER B 1257 -17.95 -58.48 12.03
C SER B 1257 -17.25 -59.26 13.12
N SER B 1258 -16.04 -59.75 12.88
CA SER B 1258 -15.30 -60.48 13.89
C SER B 1258 -14.99 -59.63 15.12
N VAL B 1259 -14.27 -58.53 14.95
CA VAL B 1259 -13.82 -57.70 16.06
C VAL B 1259 -14.94 -56.73 16.42
N PRO B 1260 -15.29 -56.61 17.68
CA PRO B 1260 -16.33 -55.66 18.06
C PRO B 1260 -15.84 -54.23 17.85
N TYR B 1261 -16.76 -53.39 17.39
CA TYR B 1261 -16.44 -51.99 17.18
C TYR B 1261 -16.14 -51.36 18.53
N SER B 1262 -14.87 -51.08 18.78
CA SER B 1262 -14.45 -50.38 19.99
C SER B 1262 -13.94 -49.02 19.58
N ASN B 1263 -14.69 -47.97 19.92
CA ASN B 1263 -14.34 -46.62 19.57
C ASN B 1263 -13.37 -45.99 20.57
N ASP B 1264 -13.14 -46.64 21.70
CA ASP B 1264 -12.33 -46.08 22.76
C ASP B 1264 -10.86 -46.41 22.55
N ILE B 1265 -10.30 -45.84 21.49
CA ILE B 1265 -8.89 -46.02 21.17
C ILE B 1265 -8.13 -44.82 21.70
N ASN B 1266 -7.06 -45.07 22.44
CA ASN B 1266 -6.19 -43.98 22.86
C ASN B 1266 -5.46 -43.42 21.65
N VAL B 1267 -5.33 -42.09 21.62
CA VAL B 1267 -4.57 -41.47 20.54
C VAL B 1267 -3.08 -41.61 20.81
N GLU B 1268 -2.70 -41.57 22.08
CA GLU B 1268 -1.28 -41.45 22.41
C GLU B 1268 -0.51 -42.70 22.02
N LYS B 1269 -0.92 -43.85 22.54
CA LYS B 1269 -0.18 -45.09 22.30
C LYS B 1269 -0.23 -45.46 20.82
N ALA B 1270 0.85 -46.06 20.35
CA ALA B 1270 0.88 -46.56 19.00
C ALA B 1270 -0.08 -47.74 18.87
N ILE B 1271 -0.54 -47.97 17.65
CA ILE B 1271 -1.50 -49.02 17.37
C ILE B 1271 -0.75 -50.23 16.84
N LEU B 1272 -1.03 -51.40 17.39
CA LEU B 1272 -0.36 -52.61 16.97
C LEU B 1272 -1.08 -53.22 15.77
N GLY B 1273 -0.31 -53.91 14.95
CA GLY B 1273 -0.89 -54.63 13.83
C GLY B 1273 -1.12 -56.09 14.16
N ASP B 1274 -0.59 -56.97 13.34
CA ASP B 1274 -0.72 -58.41 13.57
C ASP B 1274 0.25 -59.16 12.67
N GLU B 1275 0.88 -60.17 13.23
CA GLU B 1275 1.91 -60.92 12.51
C GLU B 1275 1.27 -61.68 11.37
N ILE B 1276 1.76 -61.43 10.15
CA ILE B 1276 1.30 -62.11 8.95
C ILE B 1276 2.50 -62.69 8.23
N THR B 1277 2.31 -63.85 7.62
CA THR B 1277 3.35 -64.52 6.85
C THR B 1277 3.22 -64.13 5.40
N ILE B 1278 4.26 -63.51 4.84
CA ILE B 1278 4.25 -63.12 3.44
C ILE B 1278 4.49 -64.39 2.62
N SER B 1279 3.43 -64.92 2.02
CA SER B 1279 3.54 -66.11 1.18
C SER B 1279 3.67 -65.72 -0.28
N SER B 1280 4.11 -66.68 -1.09
CA SER B 1280 4.28 -66.42 -2.52
C SER B 1280 2.96 -66.16 -3.21
N GLN B 1281 1.88 -66.83 -2.77
CA GLN B 1281 0.60 -66.62 -3.42
C GLN B 1281 0.11 -65.20 -3.26
N THR B 1282 0.18 -64.66 -2.05
CA THR B 1282 -0.21 -63.28 -1.83
C THR B 1282 0.62 -62.34 -2.68
N ILE B 1283 1.92 -62.58 -2.77
CA ILE B 1283 2.79 -61.73 -3.57
C ILE B 1283 2.34 -61.75 -5.02
N SER B 1284 2.10 -62.95 -5.55
CA SER B 1284 1.68 -63.07 -6.94
C SER B 1284 0.37 -62.34 -7.18
N GLU B 1285 -0.63 -62.60 -6.33
CA GLU B 1285 -1.92 -61.94 -6.48
C GLU B 1285 -1.77 -60.44 -6.45
N PHE B 1286 -0.98 -59.93 -5.52
CA PHE B 1286 -0.82 -58.48 -5.43
C PHE B 1286 -0.14 -57.91 -6.66
N THR B 1287 0.99 -58.50 -7.07
CA THR B 1287 1.68 -58.02 -8.25
C THR B 1287 0.78 -58.03 -9.47
N HIS B 1288 -0.03 -59.07 -9.63
CA HIS B 1288 -0.97 -59.11 -10.73
C HIS B 1288 -2.02 -58.01 -10.59
N ALA B 1289 -2.48 -57.76 -9.36
CA ALA B 1289 -3.50 -56.75 -9.15
C ALA B 1289 -2.98 -55.36 -9.45
N ILE B 1290 -1.66 -55.14 -9.31
CA ILE B 1290 -1.08 -53.86 -9.66
C ILE B 1290 -0.43 -53.86 -11.02
N GLY B 1291 -0.35 -55.02 -11.66
CA GLY B 1291 0.27 -55.06 -12.97
C GLY B 1291 1.76 -54.82 -12.97
N ASN B 1292 2.46 -55.29 -11.95
CA ASN B 1292 3.90 -55.10 -11.86
C ASN B 1292 4.62 -56.25 -12.53
N LYS B 1293 5.54 -55.93 -13.44
CA LYS B 1293 6.28 -56.97 -14.15
C LYS B 1293 7.66 -57.23 -13.57
N CYS B 1294 8.12 -56.40 -12.64
CA CYS B 1294 9.48 -56.50 -12.14
C CYS B 1294 9.80 -57.92 -11.69
N ASP B 1295 10.73 -58.55 -12.41
CA ASP B 1295 11.01 -59.97 -12.26
C ASP B 1295 11.50 -60.34 -10.86
N ALA B 1296 11.93 -59.36 -10.07
CA ALA B 1296 12.35 -59.68 -8.71
C ALA B 1296 11.22 -60.24 -7.87
N PHE B 1297 9.99 -60.08 -8.33
CA PHE B 1297 8.84 -60.56 -7.56
C PHE B 1297 8.23 -61.84 -8.09
N VAL B 1298 8.40 -62.14 -9.35
CA VAL B 1298 7.92 -63.41 -9.87
C VAL B 1298 8.93 -64.48 -9.51
N ASP B 1299 8.44 -65.66 -9.16
CA ASP B 1299 9.28 -66.72 -8.65
C ASP B 1299 10.19 -67.23 -9.76
N ARG B 1300 11.51 -67.10 -9.55
CA ARG B 1300 12.48 -67.67 -10.46
C ARG B 1300 13.40 -68.59 -9.69
N PRO B 1301 13.82 -69.69 -10.29
CA PRO B 1301 14.71 -70.61 -9.60
C PRO B 1301 16.09 -70.00 -9.42
N GLY B 1302 16.73 -70.38 -8.32
CA GLY B 1302 18.06 -69.87 -8.03
C GLY B 1302 18.11 -68.43 -7.60
N LYS B 1303 17.01 -67.88 -7.06
CA LYS B 1303 16.98 -66.50 -6.63
C LYS B 1303 15.86 -66.33 -5.63
N ALA B 1304 16.10 -65.54 -4.59
CA ALA B 1304 15.11 -65.35 -3.54
C ALA B 1304 13.92 -64.56 -4.07
N THR B 1305 12.72 -65.04 -3.76
CA THR B 1305 11.50 -64.33 -4.15
C THR B 1305 11.36 -63.05 -3.36
N LEU B 1306 11.34 -61.93 -4.06
CA LEU B 1306 11.21 -60.63 -3.41
C LEU B 1306 9.76 -60.16 -3.46
N ALA B 1307 9.40 -59.35 -2.48
CA ALA B 1307 8.07 -58.78 -2.39
C ALA B 1307 8.11 -57.29 -2.69
N PRO B 1308 7.05 -56.74 -3.27
CA PRO B 1308 7.04 -55.32 -3.59
C PRO B 1308 6.99 -54.47 -2.34
N MET B 1309 7.71 -53.36 -2.37
CA MET B 1309 7.74 -52.47 -1.21
C MET B 1309 6.36 -51.92 -0.87
N ASP B 1310 5.47 -51.86 -1.84
CA ASP B 1310 4.13 -51.35 -1.58
C ASP B 1310 3.26 -52.37 -0.87
N PHE B 1311 3.77 -53.57 -0.61
CA PHE B 1311 3.01 -54.56 0.12
C PHE B 1311 2.84 -54.21 1.58
N ALA B 1312 3.61 -53.25 2.09
CA ALA B 1312 3.51 -52.89 3.49
C ALA B 1312 2.11 -52.41 3.84
N ILE B 1313 1.50 -51.61 2.95
CA ILE B 1313 0.15 -51.14 3.21
C ILE B 1313 -0.80 -52.33 3.34
N VAL B 1314 -0.62 -53.35 2.51
CA VAL B 1314 -1.36 -54.59 2.71
C VAL B 1314 -1.09 -55.14 4.09
N ILE B 1315 0.16 -55.03 4.54
CA ILE B 1315 0.49 -55.50 5.88
C ILE B 1315 -0.02 -54.54 6.94
N GLY B 1316 0.03 -53.24 6.65
CA GLY B 1316 -0.21 -52.27 7.70
C GLY B 1316 -1.51 -51.51 7.63
N TRP B 1317 -2.37 -51.84 6.67
CA TRP B 1317 -3.64 -51.13 6.57
C TRP B 1317 -4.47 -51.32 7.83
N LYS B 1318 -4.73 -52.57 8.19
CA LYS B 1318 -5.52 -52.85 9.38
C LYS B 1318 -4.88 -52.33 10.65
N ALA B 1319 -3.66 -51.84 10.57
CA ALA B 1319 -3.06 -51.12 11.69
C ALA B 1319 -3.08 -49.61 11.46
N ILE B 1320 -2.94 -49.16 10.22
CA ILE B 1320 -2.92 -47.74 9.96
C ILE B 1320 -4.28 -47.11 10.21
N ILE B 1321 -5.32 -47.65 9.57
CA ILE B 1321 -6.62 -47.01 9.62
C ILE B 1321 -7.24 -47.02 11.00
N LYS B 1322 -6.80 -47.89 11.90
CA LYS B 1322 -7.36 -47.84 13.25
C LYS B 1322 -7.06 -46.52 13.95
N ALA B 1323 -6.20 -45.69 13.37
CA ALA B 1323 -5.84 -44.42 13.97
C ALA B 1323 -6.85 -43.31 13.69
N ILE B 1324 -7.69 -43.46 12.67
CA ILE B 1324 -8.70 -42.45 12.40
C ILE B 1324 -10.02 -42.76 13.09
N PHE B 1325 -10.13 -43.89 13.73
CA PHE B 1325 -11.33 -44.27 14.47
C PHE B 1325 -11.50 -43.62 15.84
N PRO B 1326 -10.44 -43.37 16.61
CA PRO B 1326 -10.62 -42.92 18.00
C PRO B 1326 -11.61 -41.77 18.15
N LYS B 1327 -12.27 -41.75 19.31
CA LYS B 1327 -13.37 -40.83 19.54
C LYS B 1327 -12.94 -39.38 19.39
N SER B 1328 -11.75 -39.05 19.87
CA SER B 1328 -11.30 -37.67 19.80
C SER B 1328 -11.27 -37.14 18.38
N VAL B 1329 -10.85 -37.95 17.42
CA VAL B 1329 -10.91 -37.56 16.03
C VAL B 1329 -12.27 -38.00 15.49
N ASP B 1330 -13.26 -37.13 15.64
CA ASP B 1330 -14.65 -37.44 15.30
C ASP B 1330 -15.07 -36.59 14.11
N GLY B 1331 -15.38 -37.24 13.00
CA GLY B 1331 -15.81 -36.54 11.82
C GLY B 1331 -16.55 -37.45 10.87
N ASP B 1332 -16.93 -36.88 9.74
CA ASP B 1332 -17.66 -37.60 8.71
C ASP B 1332 -16.72 -38.61 8.08
N LEU B 1333 -16.80 -39.85 8.54
CA LEU B 1333 -15.95 -40.88 7.97
C LEU B 1333 -16.18 -41.06 6.49
N LEU B 1334 -17.39 -40.79 6.02
CA LEU B 1334 -17.74 -41.00 4.62
C LEU B 1334 -17.04 -40.03 3.68
N LYS B 1335 -16.90 -38.77 4.06
CA LYS B 1335 -16.26 -37.79 3.20
C LYS B 1335 -14.76 -37.80 3.34
N LEU B 1336 -14.20 -38.87 3.89
CA LEU B 1336 -12.77 -38.97 4.07
C LEU B 1336 -12.07 -39.03 2.72
N VAL B 1337 -10.91 -38.40 2.63
CA VAL B 1337 -10.12 -38.40 1.40
C VAL B 1337 -8.69 -38.76 1.76
N HIS B 1338 -8.13 -39.72 1.04
CA HIS B 1338 -6.73 -40.09 1.19
C HIS B 1338 -5.89 -39.05 0.47
N LEU B 1339 -5.07 -38.32 1.21
CA LEU B 1339 -4.35 -37.19 0.62
C LEU B 1339 -3.00 -37.58 0.05
N SER B 1340 -2.17 -38.24 0.83
CA SER B 1340 -0.81 -38.52 0.38
C SER B 1340 -0.28 -39.73 1.10
N ASN B 1341 0.63 -40.44 0.44
CA ASN B 1341 1.27 -41.59 1.03
C ASN B 1341 2.77 -41.51 0.78
N GLY B 1342 3.54 -42.09 1.70
CA GLY B 1342 4.98 -42.03 1.62
C GLY B 1342 5.62 -43.29 2.15
N TYR B 1343 6.46 -43.88 1.32
CA TYR B 1343 7.28 -45.02 1.69
C TYR B 1343 8.67 -44.56 2.04
N LYS B 1344 9.30 -45.26 2.97
CA LYS B 1344 10.69 -44.99 3.30
C LYS B 1344 11.28 -46.24 3.92
N MET B 1345 12.15 -46.92 3.19
CA MET B 1345 12.87 -48.05 3.73
C MET B 1345 13.91 -47.56 4.72
N ILE B 1346 13.97 -48.22 5.89
CA ILE B 1346 15.00 -47.88 6.85
C ILE B 1346 16.37 -48.15 6.25
N THR B 1347 17.28 -47.20 6.41
CA THR B 1347 18.61 -47.29 5.83
C THR B 1347 19.30 -48.56 6.29
N GLY B 1348 19.57 -49.47 5.35
CA GLY B 1348 20.20 -50.73 5.66
C GLY B 1348 19.24 -51.87 5.96
N ALA B 1349 17.97 -51.72 5.61
CA ALA B 1349 16.97 -52.75 5.86
C ALA B 1349 16.85 -53.64 4.64
N ALA B 1350 16.65 -54.92 4.87
CA ALA B 1350 16.51 -55.84 3.76
C ALA B 1350 15.09 -55.83 3.23
N PRO B 1351 14.92 -55.76 1.91
CA PRO B 1351 13.59 -55.87 1.33
C PRO B 1351 12.96 -57.22 1.67
N LEU B 1352 11.66 -57.30 1.43
CA LEU B 1352 10.88 -58.43 1.93
C LEU B 1352 11.12 -59.68 1.10
N LYS B 1353 11.10 -60.83 1.77
CA LYS B 1353 11.19 -62.14 1.14
C LYS B 1353 9.86 -62.86 1.34
N LYS B 1354 9.73 -64.03 0.70
CA LYS B 1354 8.47 -64.75 0.70
C LYS B 1354 8.34 -65.71 1.87
N GLY B 1355 9.09 -65.49 2.95
CA GLY B 1355 8.92 -66.32 4.12
C GLY B 1355 8.93 -65.48 5.38
N ASP B 1356 8.97 -64.17 5.20
CA ASP B 1356 9.15 -63.26 6.31
C ASP B 1356 7.92 -63.25 7.20
N VAL B 1357 8.13 -63.41 8.49
CA VAL B 1357 7.07 -63.25 9.48
C VAL B 1357 7.08 -61.79 9.90
N VAL B 1358 6.09 -61.03 9.46
CA VAL B 1358 6.13 -59.58 9.52
C VAL B 1358 4.97 -59.09 10.38
N SER B 1359 5.25 -58.13 11.24
CA SER B 1359 4.25 -57.45 12.06
C SER B 1359 4.26 -55.96 11.73
N THR B 1360 3.34 -55.23 12.36
CA THR B 1360 3.17 -53.83 12.03
C THR B 1360 2.84 -53.02 13.28
N LYS B 1361 3.58 -51.94 13.49
CA LYS B 1361 3.26 -50.97 14.51
C LYS B 1361 3.16 -49.60 13.86
N ALA B 1362 2.10 -48.88 14.18
CA ALA B 1362 1.88 -47.55 13.63
C ALA B 1362 1.37 -46.63 14.73
N GLU B 1363 1.81 -45.38 14.67
CA GLU B 1363 1.37 -44.36 15.61
C GLU B 1363 0.91 -43.14 14.83
N ILE B 1364 -0.04 -42.43 15.40
CA ILE B 1364 -0.64 -41.27 14.76
C ILE B 1364 0.14 -40.04 15.19
N LYS B 1365 0.41 -39.15 14.23
CA LYS B 1365 1.23 -37.99 14.50
C LYS B 1365 0.43 -36.69 14.43
N ALA B 1366 -0.23 -36.44 13.32
CA ALA B 1366 -0.81 -35.12 13.07
C ALA B 1366 -2.32 -35.23 13.07
N VAL B 1367 -2.96 -34.41 13.90
CA VAL B 1367 -4.40 -34.21 13.89
C VAL B 1367 -4.61 -32.72 14.03
N LEU B 1368 -4.84 -32.02 12.92
CA LEU B 1368 -4.95 -30.58 12.96
C LEU B 1368 -6.11 -30.11 12.11
N ASN B 1369 -6.91 -29.21 12.67
CA ASN B 1369 -8.06 -28.65 11.97
C ASN B 1369 -7.58 -27.62 10.98
N GLN B 1370 -7.33 -28.04 9.76
CA GLN B 1370 -7.03 -27.14 8.67
C GLN B 1370 -8.29 -26.44 8.23
N PRO B 1371 -8.16 -25.34 7.48
CA PRO B 1371 -9.36 -24.70 6.93
C PRO B 1371 -10.16 -25.60 6.03
N SER B 1372 -9.57 -26.66 5.50
CA SER B 1372 -10.26 -27.55 4.59
C SER B 1372 -10.85 -28.76 5.29
N GLY B 1373 -10.49 -29.01 6.54
CA GLY B 1373 -11.03 -30.14 7.27
C GLY B 1373 -10.06 -30.60 8.32
N LYS B 1374 -10.20 -31.86 8.70
CA LYS B 1374 -9.42 -32.47 9.77
C LYS B 1374 -8.40 -33.41 9.15
N LEU B 1375 -7.17 -32.93 8.99
CA LEU B 1375 -6.09 -33.76 8.48
C LEU B 1375 -5.66 -34.77 9.52
N VAL B 1376 -5.30 -35.96 9.06
CA VAL B 1376 -4.79 -37.01 9.93
C VAL B 1376 -3.62 -37.68 9.24
N GLU B 1377 -2.47 -37.67 9.88
CA GLU B 1377 -1.26 -38.32 9.38
C GLU B 1377 -0.89 -39.46 10.30
N VAL B 1378 -0.59 -40.62 9.71
CA VAL B 1378 -0.16 -41.78 10.46
C VAL B 1378 1.11 -42.29 9.84
N VAL B 1379 2.03 -42.75 10.68
CA VAL B 1379 3.28 -43.35 10.22
C VAL B 1379 3.32 -44.79 10.74
N GLY B 1380 3.59 -45.71 9.84
CA GLY B 1380 3.61 -47.11 10.21
C GLY B 1380 5.00 -47.70 10.14
N THR B 1381 5.57 -48.02 11.29
CA THR B 1381 6.86 -48.69 11.35
C THR B 1381 6.63 -50.19 11.29
N ILE B 1382 6.88 -50.78 10.14
CA ILE B 1382 6.62 -52.19 9.92
C ILE B 1382 7.82 -52.98 10.43
N TYR B 1383 7.55 -54.10 11.10
CA TYR B 1383 8.63 -54.84 11.75
C TYR B 1383 8.85 -56.18 11.06
N ARG B 1384 10.03 -56.75 11.32
CA ARG B 1384 10.39 -58.07 10.82
C ARG B 1384 11.28 -58.70 11.87
N GLU B 1385 10.72 -59.65 12.63
CA GLU B 1385 11.43 -60.29 13.73
C GLU B 1385 11.89 -59.24 14.74
N GLY B 1386 11.07 -58.23 14.95
CA GLY B 1386 11.40 -57.14 15.84
C GLY B 1386 12.16 -56.01 15.19
N LYS B 1387 12.99 -56.33 14.21
CA LYS B 1387 13.65 -55.15 13.68
C LYS B 1387 12.74 -54.41 12.71
N PRO B 1388 12.62 -53.10 12.86
CA PRO B 1388 11.81 -52.31 11.93
C PRO B 1388 12.47 -52.27 10.56
N VAL B 1389 11.64 -52.39 9.52
CA VAL B 1389 12.15 -52.52 8.17
C VAL B 1389 11.91 -51.25 7.37
N MET B 1390 10.67 -50.77 7.34
CA MET B 1390 10.41 -49.55 6.60
C MET B 1390 9.31 -48.79 7.32
N GLU B 1391 9.18 -47.52 6.94
CA GLU B 1391 8.15 -46.65 7.48
C GLU B 1391 7.25 -46.18 6.36
N VAL B 1392 5.96 -46.24 6.62
CA VAL B 1392 4.94 -45.78 5.70
C VAL B 1392 4.26 -44.59 6.35
N THR B 1393 4.19 -43.48 5.64
CA THR B 1393 3.52 -42.29 6.15
C THR B 1393 2.34 -42.00 5.25
N SER B 1394 1.15 -42.20 5.79
CA SER B 1394 -0.09 -41.91 5.08
C SER B 1394 -0.63 -40.57 5.52
N GLN B 1395 -1.62 -40.07 4.78
CA GLN B 1395 -2.17 -38.76 5.07
C GLN B 1395 -3.60 -38.71 4.57
N PHE B 1396 -4.55 -38.67 5.50
CA PHE B 1396 -5.96 -38.61 5.16
C PHE B 1396 -6.48 -37.20 5.41
N LEU B 1397 -7.77 -37.02 5.19
CA LEU B 1397 -8.39 -35.72 5.46
C LEU B 1397 -9.89 -35.91 5.61
N TYR B 1398 -10.40 -35.65 6.80
CA TYR B 1398 -11.84 -35.54 7.01
C TYR B 1398 -12.28 -34.21 6.44
N ARG B 1399 -12.55 -34.17 5.14
CA ARG B 1399 -12.95 -32.93 4.50
C ARG B 1399 -14.16 -32.32 5.21
N GLY B 1400 -14.26 -31.00 5.13
CA GLY B 1400 -15.33 -30.29 5.78
C GLY B 1400 -14.78 -29.26 6.72
N GLU B 1401 -15.51 -29.03 7.81
CA GLU B 1401 -15.16 -28.02 8.79
C GLU B 1401 -15.25 -28.61 10.18
N TYR B 1402 -14.27 -28.28 11.02
CA TYR B 1402 -14.22 -28.78 12.38
C TYR B 1402 -13.52 -27.76 13.27
N ASN B 1403 -14.12 -27.46 14.42
CA ASN B 1403 -13.55 -26.52 15.36
C ASN B 1403 -13.15 -27.17 16.67
N ASP B 1404 -13.02 -28.49 16.69
CA ASP B 1404 -12.58 -29.19 17.89
C ASP B 1404 -11.09 -28.91 18.08
N TYR B 1405 -10.80 -27.69 18.53
CA TYR B 1405 -9.42 -27.32 18.77
C TYR B 1405 -8.86 -27.93 20.04
N CYS B 1406 -9.65 -28.73 20.76
CA CYS B 1406 -9.15 -29.37 21.96
C CYS B 1406 -8.49 -30.70 21.68
N ASN B 1407 -9.04 -31.49 20.78
CA ASN B 1407 -8.54 -32.83 20.53
C ASN B 1407 -7.56 -32.84 19.36
N THR B 1408 -7.11 -31.67 18.96
CA THR B 1408 -6.14 -31.55 17.90
C THR B 1408 -4.75 -31.42 18.50
N PHE B 1409 -3.75 -31.85 17.74
CA PHE B 1409 -2.38 -31.84 18.24
C PHE B 1409 -1.44 -32.09 17.07
N GLN B 1410 -0.16 -32.21 17.37
CA GLN B 1410 0.85 -32.48 16.36
C GLN B 1410 2.15 -32.83 17.05
N LYS B 1411 2.81 -33.87 16.58
CA LYS B 1411 4.16 -34.23 17.02
C LYS B 1411 5.05 -34.20 15.79
N VAL B 1412 6.09 -33.38 15.84
CA VAL B 1412 7.03 -33.28 14.73
C VAL B 1412 8.45 -33.32 15.27
N THR B 1413 9.31 -34.04 14.56
CA THR B 1413 10.74 -33.99 14.82
C THR B 1413 11.34 -32.86 13.99
N GLU B 1414 12.24 -32.10 14.59
CA GLU B 1414 12.78 -30.95 13.91
C GLU B 1414 13.91 -31.36 12.99
N THR B 1415 14.16 -30.53 11.99
CA THR B 1415 15.34 -30.71 11.16
C THR B 1415 16.58 -30.48 12.01
N PRO B 1416 17.55 -31.39 11.98
CA PRO B 1416 18.76 -31.20 12.79
C PRO B 1416 19.52 -29.96 12.31
N VAL B 1417 19.56 -28.94 13.17
CA VAL B 1417 20.18 -27.65 12.84
C VAL B 1417 21.60 -27.66 13.36
N GLN B 1418 22.50 -27.01 12.62
CA GLN B 1418 23.89 -26.91 13.00
C GLN B 1418 24.20 -25.43 13.25
N VAL B 1419 24.30 -25.07 14.52
CA VAL B 1419 24.65 -23.70 14.91
C VAL B 1419 26.13 -23.64 15.23
N ALA B 1420 26.79 -22.61 14.71
CA ALA B 1420 28.23 -22.45 14.87
C ALA B 1420 28.48 -21.29 15.82
N PHE B 1421 29.25 -21.55 16.86
CA PHE B 1421 29.61 -20.53 17.83
C PHE B 1421 31.01 -20.03 17.54
N LYS B 1422 31.14 -18.75 17.26
CA LYS B 1422 32.44 -18.15 16.99
C LYS B 1422 32.83 -17.09 18.01
N SER B 1423 31.96 -16.13 18.29
CA SER B 1423 32.24 -15.10 19.27
C SER B 1423 31.95 -15.63 20.66
N ALA B 1424 32.19 -14.80 21.68
CA ALA B 1424 32.01 -15.22 23.06
C ALA B 1424 30.61 -14.93 23.59
N LYS B 1425 29.89 -13.99 22.98
CA LYS B 1425 28.51 -13.76 23.36
C LYS B 1425 27.61 -14.93 23.00
N ASP B 1426 27.87 -15.56 21.86
CA ASP B 1426 27.03 -16.65 21.39
C ASP B 1426 26.92 -17.73 22.45
N LEU B 1427 28.06 -18.15 23.01
CA LEU B 1427 28.03 -19.15 24.07
C LEU B 1427 27.23 -18.67 25.27
N ALA B 1428 27.27 -17.37 25.55
CA ALA B 1428 26.42 -16.84 26.60
C ALA B 1428 25.00 -16.61 26.11
N VAL B 1429 24.85 -16.32 24.82
CA VAL B 1429 23.52 -16.09 24.27
C VAL B 1429 22.61 -17.27 24.59
N LEU B 1430 22.99 -18.47 24.14
CA LEU B 1430 22.13 -19.61 24.41
C LEU B 1430 22.17 -20.03 25.87
N ARG B 1431 23.31 -19.88 26.55
CA ARG B 1431 23.33 -20.22 27.96
C ARG B 1431 22.36 -19.37 28.76
N SER B 1432 22.00 -18.20 28.26
CA SER B 1432 20.93 -17.43 28.87
C SER B 1432 19.58 -18.09 28.66
N LYS B 1433 19.42 -18.84 27.57
CA LYS B 1433 18.13 -19.45 27.28
C LYS B 1433 17.80 -20.52 28.30
N GLU B 1434 16.84 -20.21 29.17
CA GLU B 1434 16.41 -21.16 30.18
C GLU B 1434 15.97 -22.48 29.57
N TRP B 1435 15.49 -22.48 28.33
CA TRP B 1435 15.16 -23.74 27.69
C TRP B 1435 16.40 -24.52 27.32
N PHE B 1436 17.51 -23.86 27.06
CA PHE B 1436 18.77 -24.56 26.83
C PHE B 1436 19.34 -24.97 28.16
N HIS B 1437 19.94 -26.14 28.20
CA HIS B 1437 20.40 -26.71 29.45
C HIS B 1437 21.52 -27.69 29.14
N LEU B 1438 22.77 -27.23 29.26
CA LEU B 1438 23.89 -28.12 29.02
C LEU B 1438 24.27 -28.85 30.30
N GLU B 1439 24.68 -30.11 30.15
CA GLU B 1439 25.05 -30.94 31.28
C GLU B 1439 26.53 -31.30 31.28
N LYS B 1440 27.28 -30.87 30.27
CA LYS B 1440 28.73 -31.09 30.24
C LYS B 1440 29.43 -29.77 30.01
N ASP B 1441 30.44 -29.50 30.85
CA ASP B 1441 31.14 -28.22 30.84
C ASP B 1441 32.41 -28.34 29.98
N VAL B 1442 32.18 -28.63 28.70
CA VAL B 1442 33.26 -28.76 27.74
C VAL B 1442 33.11 -27.65 26.71
N GLN B 1443 34.23 -27.06 26.31
CA GLN B 1443 34.21 -26.06 25.26
C GLN B 1443 33.70 -26.68 23.97
N PHE B 1444 33.01 -25.86 23.17
CA PHE B 1444 32.47 -26.31 21.90
C PHE B 1444 32.57 -25.19 20.88
N ASP B 1445 32.80 -25.58 19.63
CA ASP B 1445 32.87 -24.62 18.53
C ASP B 1445 31.58 -24.60 17.73
N VAL B 1446 31.13 -25.75 17.24
CA VAL B 1446 29.90 -25.86 16.49
C VAL B 1446 29.04 -26.94 17.11
N LEU B 1447 27.74 -26.70 17.15
CA LEU B 1447 26.81 -27.61 17.79
C LEU B 1447 25.67 -27.95 16.85
N THR B 1448 25.32 -29.23 16.80
CA THR B 1448 24.20 -29.71 16.03
C THR B 1448 23.03 -29.97 16.96
N PHE B 1449 21.88 -29.43 16.62
CA PHE B 1449 20.69 -29.53 17.46
C PHE B 1449 19.71 -30.48 16.77
N ARG B 1450 19.52 -31.64 17.37
CA ARG B 1450 18.51 -32.59 16.91
C ARG B 1450 17.38 -32.56 17.92
N CYS B 1451 16.23 -32.06 17.50
CA CYS B 1451 15.14 -31.78 18.41
C CYS B 1451 13.84 -32.34 17.85
N GLU B 1452 12.84 -32.45 18.72
CA GLU B 1452 11.48 -32.79 18.34
C GLU B 1452 10.55 -31.98 19.20
N SER B 1453 9.33 -31.78 18.73
CA SER B 1453 8.36 -30.97 19.46
C SER B 1453 7.05 -31.74 19.61
N THR B 1454 6.15 -31.14 20.38
CA THR B 1454 4.81 -31.67 20.57
C THR B 1454 3.87 -30.48 20.73
N TYR B 1455 3.13 -30.16 19.69
CA TYR B 1455 2.24 -29.02 19.72
C TYR B 1455 0.86 -29.46 20.20
N LYS B 1456 0.19 -28.55 20.89
CA LYS B 1456 -1.22 -28.71 21.21
C LYS B 1456 -1.90 -27.38 20.97
N PHE B 1457 -2.84 -27.35 20.04
CA PHE B 1457 -3.41 -26.11 19.59
C PHE B 1457 -4.60 -25.72 20.45
N LYS B 1458 -4.86 -24.42 20.50
CA LYS B 1458 -6.05 -23.89 21.15
C LYS B 1458 -6.95 -23.12 20.22
N SER B 1459 -6.42 -22.58 19.13
CA SER B 1459 -7.24 -22.01 18.09
C SER B 1459 -6.52 -22.26 16.77
N ALA B 1460 -6.89 -21.50 15.74
CA ALA B 1460 -6.25 -21.66 14.44
C ALA B 1460 -4.73 -21.59 14.55
N ASN B 1461 -4.22 -20.69 15.38
CA ASN B 1461 -2.78 -20.46 15.40
C ASN B 1461 -2.18 -20.31 16.78
N VAL B 1462 -2.97 -20.33 17.83
CA VAL B 1462 -2.40 -20.27 19.17
C VAL B 1462 -2.18 -21.69 19.65
N TYR B 1463 -1.03 -21.91 20.28
CA TYR B 1463 -0.65 -23.25 20.70
C TYR B 1463 -0.87 -23.38 22.19
N SER B 1464 -1.91 -24.12 22.56
CA SER B 1464 -2.23 -24.29 23.97
C SER B 1464 -1.09 -24.90 24.76
N SER B 1465 -0.15 -25.56 24.08
CA SER B 1465 1.02 -26.11 24.76
C SER B 1465 2.08 -26.46 23.74
N ILE B 1466 3.33 -26.32 24.14
CA ILE B 1466 4.47 -26.72 23.34
C ILE B 1466 5.48 -27.40 24.25
N LYS B 1467 5.76 -28.68 23.98
CA LYS B 1467 6.80 -29.41 24.68
C LYS B 1467 7.82 -29.87 23.65
N THR B 1468 8.94 -29.17 23.59
CA THR B 1468 9.94 -29.40 22.55
C THR B 1468 11.24 -29.81 23.22
N THR B 1469 11.47 -31.11 23.29
CA THR B 1469 12.71 -31.64 23.83
C THR B 1469 13.60 -32.11 22.70
N GLY B 1470 14.90 -32.02 22.92
CA GLY B 1470 15.84 -32.39 21.90
C GLY B 1470 17.24 -32.35 22.46
N GLN B 1471 18.17 -32.87 21.68
CA GLN B 1471 19.54 -33.05 22.12
C GLN B 1471 20.44 -32.13 21.34
N VAL B 1472 21.46 -31.60 22.02
CA VAL B 1472 22.49 -30.81 21.37
C VAL B 1472 23.74 -31.68 21.33
N LEU B 1473 24.39 -31.67 20.18
CA LEU B 1473 25.49 -32.60 19.94
C LEU B 1473 26.73 -31.85 19.50
N LEU B 1474 27.89 -32.37 19.87
CA LEU B 1474 29.16 -31.75 19.59
C LEU B 1474 30.02 -32.71 18.76
N GLU B 1475 30.59 -32.19 17.69
CA GLU B 1475 31.44 -32.99 16.82
C GLU B 1475 32.89 -32.83 17.25
N LEU B 1476 33.45 -33.90 17.80
CA LEU B 1476 34.86 -33.89 18.18
C LEU B 1476 35.75 -34.17 16.99
N PRO B 1477 37.02 -33.75 17.06
CA PRO B 1477 37.98 -34.15 16.02
C PRO B 1477 38.15 -35.64 15.91
N THR B 1478 37.94 -36.40 16.98
CA THR B 1478 37.97 -37.85 16.93
C THR B 1478 36.73 -38.42 16.25
N LYS B 1479 35.92 -37.55 15.62
CA LYS B 1479 34.71 -37.94 14.92
C LYS B 1479 33.70 -38.62 15.85
N GLU B 1480 33.95 -38.56 17.16
CA GLU B 1480 33.03 -39.09 18.13
C GLU B 1480 32.14 -37.96 18.63
N VAL B 1481 30.83 -38.18 18.55
CA VAL B 1481 29.86 -37.14 18.84
C VAL B 1481 29.30 -37.38 20.23
N ILE B 1482 29.46 -36.39 21.11
CA ILE B 1482 29.02 -36.49 22.49
C ILE B 1482 28.00 -35.40 22.74
N GLN B 1483 26.89 -35.78 23.37
CA GLN B 1483 25.85 -34.81 23.66
C GLN B 1483 26.30 -33.86 24.76
N VAL B 1484 26.29 -32.56 24.46
CA VAL B 1484 26.67 -31.56 25.45
C VAL B 1484 25.56 -31.37 26.48
N GLY B 1485 24.32 -31.38 26.06
CA GLY B 1485 23.22 -31.16 26.97
C GLY B 1485 21.89 -31.40 26.28
N SER B 1486 20.84 -30.94 26.93
CA SER B 1486 19.49 -31.13 26.42
C SER B 1486 18.85 -29.80 26.15
N VAL B 1487 17.76 -29.83 25.40
CA VAL B 1487 16.89 -28.69 25.21
C VAL B 1487 15.54 -29.03 25.81
N ASP B 1488 15.03 -28.17 26.67
CA ASP B 1488 13.74 -28.40 27.32
C ASP B 1488 12.97 -27.09 27.32
N TYR B 1489 12.12 -26.91 26.33
CA TYR B 1489 11.19 -25.79 26.29
C TYR B 1489 9.81 -26.28 26.68
N GLU B 1490 9.03 -25.41 27.31
CA GLU B 1490 7.68 -25.77 27.71
C GLU B 1490 6.89 -24.50 27.99
N ALA B 1491 5.79 -24.30 27.27
CA ALA B 1491 5.00 -23.10 27.44
C ALA B 1491 3.58 -23.35 27.00
N GLY B 1492 2.72 -22.38 27.27
CA GLY B 1492 1.34 -22.44 26.83
C GLY B 1492 0.93 -21.14 26.17
N THR B 1493 -0.04 -21.25 25.27
CA THR B 1493 -0.62 -20.11 24.56
C THR B 1493 0.50 -19.27 23.91
N SER B 1494 1.22 -19.94 23.04
CA SER B 1494 2.34 -19.34 22.34
C SER B 1494 1.99 -19.22 20.86
N TYR B 1495 2.83 -18.51 20.13
CA TYR B 1495 2.61 -18.28 18.71
C TYR B 1495 3.71 -18.87 17.85
N GLY B 1496 4.62 -19.61 18.44
CA GLY B 1496 5.68 -20.24 17.68
C GLY B 1496 6.61 -20.96 18.63
N ASN B 1497 7.40 -21.86 18.08
CA ASN B 1497 8.37 -22.59 18.87
C ASN B 1497 9.64 -21.77 18.92
N PRO B 1498 9.98 -21.17 20.06
CA PRO B 1498 11.15 -20.29 20.09
C PRO B 1498 12.42 -21.01 19.75
N VAL B 1499 12.54 -22.27 20.18
CA VAL B 1499 13.77 -23.01 19.92
C VAL B 1499 13.99 -23.18 18.43
N THR B 1500 12.94 -23.51 17.70
CA THR B 1500 13.07 -23.68 16.25
C THR B 1500 13.40 -22.36 15.58
N ASP B 1501 12.72 -21.28 15.96
CA ASP B 1501 13.04 -19.99 15.37
C ASP B 1501 14.48 -19.61 15.63
N TYR B 1502 14.93 -19.72 16.87
CA TYR B 1502 16.29 -19.37 17.22
C TYR B 1502 17.28 -20.22 16.44
N LEU B 1503 16.97 -21.50 16.25
CA LEU B 1503 17.82 -22.34 15.42
C LEU B 1503 17.82 -21.89 13.96
N SER B 1504 16.71 -21.38 13.47
CA SER B 1504 16.62 -21.05 12.06
C SER B 1504 17.47 -19.84 11.70
N ARG B 1505 17.26 -18.71 12.39
CA ARG B 1505 17.94 -17.48 12.04
C ARG B 1505 19.41 -17.48 12.44
N ASN B 1506 19.76 -18.18 13.52
CA ASN B 1506 21.10 -18.14 14.06
C ASN B 1506 21.91 -19.37 13.69
N GLY B 1507 21.37 -20.26 12.89
CA GLY B 1507 22.10 -21.46 12.50
C GLY B 1507 21.47 -22.09 11.30
N LYS B 1508 22.28 -22.84 10.57
CA LYS B 1508 21.83 -23.56 9.40
C LYS B 1508 21.57 -25.01 9.75
N THR B 1509 20.63 -25.61 9.03
CA THR B 1509 20.26 -26.99 9.29
C THR B 1509 21.25 -27.95 8.63
N ILE B 1510 21.34 -29.15 9.18
CA ILE B 1510 22.02 -30.24 8.50
C ILE B 1510 21.03 -30.77 7.46
N GLU B 1511 21.06 -30.18 6.28
CA GLU B 1511 20.12 -30.52 5.23
C GLU B 1511 20.66 -31.72 4.47
N GLU B 1512 19.76 -32.58 4.01
CA GLU B 1512 20.14 -33.76 3.27
C GLU B 1512 19.71 -33.73 1.81
N SER B 1513 18.56 -33.13 1.50
CA SER B 1513 18.09 -33.04 0.13
C SER B 1513 18.78 -31.88 -0.55
N VAL B 1514 19.99 -32.12 -1.03
CA VAL B 1514 20.72 -31.13 -1.80
C VAL B 1514 20.14 -31.11 -3.21
N ILE B 1515 19.81 -29.94 -3.70
CA ILE B 1515 19.07 -29.79 -4.94
C ILE B 1515 20.00 -29.29 -6.03
N PHE B 1516 19.84 -29.83 -7.24
CA PHE B 1516 20.54 -29.27 -8.37
C PHE B 1516 19.98 -27.90 -8.69
N GLU B 1517 20.79 -27.07 -9.33
CA GLU B 1517 20.29 -25.77 -9.78
C GLU B 1517 19.39 -25.95 -10.99
N ASN B 1518 19.59 -27.03 -11.75
CA ASN B 1518 18.78 -27.34 -12.92
C ASN B 1518 18.49 -28.83 -12.91
N ALA B 1519 17.22 -29.18 -12.77
CA ALA B 1519 16.84 -30.59 -12.80
C ALA B 1519 17.04 -31.16 -14.19
N ILE B 1520 17.10 -32.48 -14.28
CA ILE B 1520 17.35 -33.16 -15.54
C ILE B 1520 16.18 -34.11 -15.82
N PRO B 1521 15.66 -34.15 -17.04
CA PRO B 1521 14.59 -35.11 -17.35
C PRO B 1521 15.18 -36.48 -17.60
N LEU B 1522 14.59 -37.49 -16.97
CA LEU B 1522 15.15 -38.83 -17.12
C LEU B 1522 14.90 -39.39 -18.50
N SER B 1523 13.64 -39.47 -18.91
CA SER B 1523 13.30 -39.93 -20.24
C SER B 1523 12.35 -38.92 -20.87
N SER B 1524 12.48 -38.76 -22.19
CA SER B 1524 11.68 -37.80 -22.93
C SER B 1524 10.87 -38.52 -23.99
N GLY B 1525 9.63 -38.08 -24.17
CA GLY B 1525 8.69 -38.73 -25.06
C GLY B 1525 7.39 -39.04 -24.34
N GLU B 1526 6.69 -40.06 -24.83
CA GLU B 1526 5.40 -40.44 -24.27
C GLU B 1526 5.41 -41.86 -23.74
N GLU B 1527 6.55 -42.53 -23.76
CA GLU B 1527 6.65 -43.91 -23.34
C GLU B 1527 6.34 -44.11 -21.86
N LEU B 1528 6.00 -43.04 -21.14
CA LEU B 1528 5.69 -43.13 -19.71
C LEU B 1528 4.19 -43.06 -19.44
N THR B 1529 3.37 -43.69 -20.26
CA THR B 1529 1.93 -43.58 -20.12
C THR B 1529 1.34 -44.85 -19.52
N SER B 1530 0.40 -44.69 -18.60
CA SER B 1530 -0.30 -45.80 -17.97
C SER B 1530 -1.81 -45.66 -18.20
N LYS B 1531 -2.55 -46.64 -17.67
CA LYS B 1531 -4.00 -46.66 -17.81
C LYS B 1531 -4.62 -47.22 -16.54
N ALA B 1532 -5.70 -46.58 -16.09
CA ALA B 1532 -6.40 -47.02 -14.91
C ALA B 1532 -7.08 -48.37 -15.18
N PRO B 1533 -7.35 -49.15 -14.14
CA PRO B 1533 -8.01 -50.43 -14.35
C PRO B 1533 -9.46 -50.22 -14.76
N GLY B 1534 -10.11 -51.34 -15.04
CA GLY B 1534 -11.51 -51.31 -15.37
C GLY B 1534 -12.35 -51.31 -14.11
N THR B 1535 -11.99 -52.16 -13.17
CA THR B 1535 -12.68 -52.25 -11.90
C THR B 1535 -11.67 -52.27 -10.77
N ASN B 1536 -12.05 -51.68 -9.66
CA ASN B 1536 -11.19 -51.59 -8.50
C ASN B 1536 -11.37 -52.75 -7.55
N GLU B 1537 -12.26 -53.68 -7.86
CA GLU B 1537 -12.52 -54.81 -6.98
C GLU B 1537 -11.33 -55.75 -6.84
N PRO B 1538 -10.61 -56.08 -7.92
CA PRO B 1538 -9.41 -56.92 -7.73
C PRO B 1538 -8.41 -56.31 -6.79
N TYR B 1539 -8.15 -55.01 -6.95
CA TYR B 1539 -7.28 -54.32 -6.02
C TYR B 1539 -7.85 -54.32 -4.61
N ALA B 1540 -9.16 -54.16 -4.48
CA ALA B 1540 -9.77 -54.08 -3.16
C ALA B 1540 -9.61 -55.38 -2.39
N ILE B 1541 -9.90 -56.51 -3.05
CA ILE B 1541 -9.82 -57.78 -2.35
C ILE B 1541 -8.39 -58.14 -2.00
N VAL B 1542 -7.41 -57.63 -2.73
CA VAL B 1542 -6.02 -57.92 -2.42
C VAL B 1542 -5.52 -57.01 -1.30
N SER B 1543 -5.72 -55.71 -1.46
CA SER B 1543 -5.26 -54.74 -0.50
C SER B 1543 -6.13 -54.67 0.75
N GLY B 1544 -7.16 -55.49 0.85
CA GLY B 1544 -8.04 -55.43 2.00
C GLY B 1544 -8.79 -54.13 2.16
N ASP B 1545 -8.64 -53.20 1.24
CA ASP B 1545 -9.32 -51.91 1.30
C ASP B 1545 -10.63 -52.01 0.51
N TYR B 1546 -11.70 -52.30 1.24
CA TYR B 1546 -13.02 -52.40 0.64
C TYR B 1546 -13.77 -51.08 0.64
N ASN B 1547 -13.04 -49.97 0.56
CA ASN B 1547 -13.64 -48.66 0.59
C ASN B 1547 -14.68 -48.52 -0.51
N PRO B 1548 -15.97 -48.42 -0.19
CA PRO B 1548 -17.01 -48.45 -1.22
C PRO B 1548 -16.99 -47.25 -2.15
N ILE B 1549 -16.07 -46.31 -1.96
CA ILE B 1549 -15.93 -45.24 -2.93
C ILE B 1549 -15.44 -45.78 -4.27
N HIS B 1550 -14.69 -46.86 -4.25
CA HIS B 1550 -14.07 -47.33 -5.48
C HIS B 1550 -14.79 -48.51 -6.10
N VAL B 1551 -15.75 -49.12 -5.41
CA VAL B 1551 -16.35 -50.35 -5.89
C VAL B 1551 -17.84 -50.22 -6.20
N SER B 1552 -18.55 -49.33 -5.53
CA SER B 1552 -20.00 -49.23 -5.68
C SER B 1552 -20.38 -47.88 -6.23
N ARG B 1553 -21.28 -47.89 -7.22
CA ARG B 1553 -21.78 -46.63 -7.75
C ARG B 1553 -22.54 -45.85 -6.71
N VAL B 1554 -23.29 -46.53 -5.85
CA VAL B 1554 -24.18 -45.82 -4.93
C VAL B 1554 -23.41 -45.01 -3.88
N PHE B 1555 -22.38 -45.57 -3.27
CA PHE B 1555 -21.60 -44.78 -2.32
C PHE B 1555 -20.87 -43.66 -3.02
N ALA B 1556 -20.21 -43.97 -4.14
CA ALA B 1556 -19.51 -42.94 -4.90
C ALA B 1556 -20.44 -41.79 -5.26
N ALA B 1557 -21.72 -42.08 -5.44
CA ALA B 1557 -22.68 -41.01 -5.64
C ALA B 1557 -23.04 -40.31 -4.35
N TYR B 1558 -23.10 -41.05 -3.24
CA TYR B 1558 -23.48 -40.43 -1.98
C TYR B 1558 -22.49 -39.34 -1.60
N ALA B 1559 -21.21 -39.57 -1.83
CA ALA B 1559 -20.19 -38.57 -1.55
C ALA B 1559 -20.07 -37.56 -2.68
N LYS B 1560 -20.96 -37.61 -3.67
CA LYS B 1560 -21.02 -36.64 -4.75
C LYS B 1560 -19.70 -36.53 -5.50
N LEU B 1561 -18.92 -37.51 -5.42
CA LEU B 1561 -17.67 -37.54 -6.14
C LEU B 1561 -17.86 -38.23 -7.49
N PRO B 1562 -16.97 -37.99 -8.47
CA PRO B 1562 -17.31 -38.28 -9.88
C PRO B 1562 -17.59 -39.73 -10.22
N GLY B 1563 -17.51 -40.63 -9.26
CA GLY B 1563 -17.79 -42.02 -9.53
C GLY B 1563 -16.76 -42.90 -8.86
N THR B 1564 -16.82 -44.19 -9.17
CA THR B 1564 -16.01 -45.17 -8.45
C THR B 1564 -14.55 -44.95 -8.84
N ILE B 1565 -13.96 -43.90 -8.27
CA ILE B 1565 -12.59 -43.54 -8.61
C ILE B 1565 -11.65 -44.66 -8.19
N THR B 1566 -10.51 -44.71 -8.86
CA THR B 1566 -9.53 -45.74 -8.59
C THR B 1566 -9.01 -45.59 -7.16
N HIS B 1567 -8.64 -46.72 -6.57
CA HIS B 1567 -7.96 -46.68 -5.29
C HIS B 1567 -6.69 -45.85 -5.38
N GLY B 1568 -6.56 -44.88 -4.49
CA GLY B 1568 -5.37 -44.06 -4.47
C GLY B 1568 -4.11 -44.88 -4.29
N MET B 1569 -4.15 -45.87 -3.40
CA MET B 1569 -3.01 -46.75 -3.23
C MET B 1569 -2.65 -47.49 -4.51
N TYR B 1570 -3.64 -47.91 -5.28
CA TYR B 1570 -3.33 -48.51 -6.57
C TYR B 1570 -2.64 -47.51 -7.48
N SER B 1571 -3.16 -46.28 -7.55
CA SER B 1571 -2.52 -45.28 -8.37
C SER B 1571 -1.09 -45.01 -7.91
N SER B 1572 -0.84 -45.14 -6.61
CA SER B 1572 0.52 -44.99 -6.11
C SER B 1572 1.39 -46.12 -6.62
N ALA B 1573 1.00 -47.36 -6.33
CA ALA B 1573 1.78 -48.53 -6.73
C ALA B 1573 2.00 -48.59 -8.22
N SER B 1574 1.06 -48.10 -9.02
CA SER B 1574 1.24 -48.10 -10.47
C SER B 1574 2.43 -47.23 -10.87
N ILE B 1575 2.42 -45.97 -10.45
CA ILE B 1575 3.54 -45.09 -10.78
C ILE B 1575 4.82 -45.59 -10.14
N ARG B 1576 4.71 -46.25 -8.98
CA ARG B 1576 5.91 -46.79 -8.34
C ARG B 1576 6.52 -47.88 -9.20
N ALA B 1577 5.73 -48.84 -9.66
CA ALA B 1577 6.23 -49.86 -10.56
C ALA B 1577 6.70 -49.26 -11.87
N LEU B 1578 6.12 -48.13 -12.27
CA LEU B 1578 6.58 -47.46 -13.47
C LEU B 1578 8.00 -46.96 -13.30
N VAL B 1579 8.23 -46.11 -12.30
CA VAL B 1579 9.57 -45.57 -12.08
C VAL B 1579 10.56 -46.65 -11.69
N GLU B 1580 10.09 -47.74 -11.08
CA GLU B 1580 10.99 -48.81 -10.67
C GLU B 1580 11.74 -49.39 -11.84
N GLU B 1581 11.16 -49.35 -13.04
CA GLU B 1581 11.85 -49.82 -14.22
C GLU B 1581 12.32 -48.70 -15.12
N TRP B 1582 11.59 -47.59 -15.21
CA TRP B 1582 11.99 -46.52 -16.09
C TRP B 1582 13.04 -45.61 -15.47
N ALA B 1583 13.21 -45.66 -14.16
CA ALA B 1583 14.25 -44.87 -13.51
C ALA B 1583 15.37 -45.72 -12.95
N ALA B 1584 15.08 -46.89 -12.40
CA ALA B 1584 16.09 -47.77 -11.86
C ALA B 1584 16.48 -48.89 -12.81
N ASN B 1585 16.09 -48.78 -14.09
CA ASN B 1585 16.39 -49.80 -15.08
C ASN B 1585 15.96 -51.18 -14.59
N ASN B 1586 14.77 -51.25 -14.01
CA ASN B 1586 14.15 -52.49 -13.57
C ASN B 1586 15.00 -53.21 -12.52
N VAL B 1587 15.74 -52.47 -11.71
CA VAL B 1587 16.42 -53.03 -10.56
C VAL B 1587 15.61 -52.70 -9.32
N ALA B 1588 15.02 -53.71 -8.71
CA ALA B 1588 14.03 -53.49 -7.67
C ALA B 1588 14.62 -52.90 -6.39
N ALA B 1589 15.73 -53.44 -5.90
CA ALA B 1589 16.25 -53.02 -4.62
C ALA B 1589 16.80 -51.60 -4.61
N ARG B 1590 16.81 -50.93 -5.75
CA ARG B 1590 17.40 -49.60 -5.79
C ARG B 1590 16.47 -48.55 -5.18
N VAL B 1591 15.16 -48.72 -5.30
CA VAL B 1591 14.25 -47.75 -4.70
C VAL B 1591 14.22 -47.99 -3.20
N ARG B 1592 14.40 -46.92 -2.44
CA ARG B 1592 14.44 -47.03 -0.99
C ARG B 1592 13.43 -46.15 -0.29
N ALA B 1593 12.78 -45.24 -1.00
CA ALA B 1593 11.76 -44.40 -0.40
C ALA B 1593 10.94 -43.77 -1.52
N PHE B 1594 9.64 -43.67 -1.29
CA PHE B 1594 8.74 -43.16 -2.31
C PHE B 1594 7.54 -42.52 -1.64
N LYS B 1595 7.28 -41.26 -1.99
CA LYS B 1595 6.14 -40.54 -1.43
C LYS B 1595 5.43 -39.80 -2.55
N CYS B 1596 4.11 -39.71 -2.43
CA CYS B 1596 3.30 -39.10 -3.47
C CYS B 1596 2.09 -38.42 -2.84
N ASP B 1597 1.45 -37.58 -3.62
CA ASP B 1597 0.34 -36.76 -3.16
C ASP B 1597 -0.84 -36.92 -4.10
N PHE B 1598 -1.94 -37.47 -3.58
CA PHE B 1598 -3.13 -37.69 -4.40
C PHE B 1598 -3.80 -36.35 -4.65
N VAL B 1599 -3.24 -35.62 -5.62
CA VAL B 1599 -3.76 -34.29 -5.91
C VAL B 1599 -5.13 -34.38 -6.55
N GLY B 1600 -5.32 -35.29 -7.50
CA GLY B 1600 -6.58 -35.44 -8.18
C GLY B 1600 -7.10 -36.86 -8.07
N MET B 1601 -8.28 -37.07 -8.62
CA MET B 1601 -8.91 -38.38 -8.66
C MET B 1601 -8.86 -38.94 -10.06
N VAL B 1602 -8.90 -40.26 -10.16
CA VAL B 1602 -8.89 -40.95 -11.44
C VAL B 1602 -10.04 -41.94 -11.47
N LEU B 1603 -10.93 -41.77 -12.43
CA LEU B 1603 -11.97 -42.74 -12.67
C LEU B 1603 -11.37 -43.91 -13.43
N PRO B 1604 -12.00 -45.08 -13.35
CA PRO B 1604 -11.39 -46.28 -13.94
C PRO B 1604 -11.17 -46.13 -15.43
N ASN B 1605 -10.29 -46.97 -15.95
CA ASN B 1605 -9.96 -47.05 -17.38
C ASN B 1605 -9.35 -45.78 -17.92
N ASP B 1606 -9.11 -44.79 -17.08
CA ASP B 1606 -8.51 -43.56 -17.58
C ASP B 1606 -7.05 -43.80 -17.93
N THR B 1607 -6.60 -43.12 -18.97
CA THR B 1607 -5.23 -43.21 -19.44
C THR B 1607 -4.41 -42.08 -18.83
N LEU B 1608 -3.32 -42.44 -18.17
CA LEU B 1608 -2.52 -41.50 -17.40
C LEU B 1608 -1.11 -41.44 -17.96
N GLN B 1609 -0.62 -40.22 -18.20
CA GLN B 1609 0.74 -39.99 -18.64
C GLN B 1609 1.51 -39.33 -17.52
N THR B 1610 2.69 -39.87 -17.20
CA THR B 1610 3.53 -39.30 -16.16
C THR B 1610 4.84 -38.81 -16.74
N THR B 1611 5.39 -37.79 -16.09
CA THR B 1611 6.73 -37.30 -16.36
C THR B 1611 7.63 -37.76 -15.22
N MET B 1612 8.93 -37.81 -15.50
CA MET B 1612 9.87 -38.36 -14.52
C MET B 1612 11.13 -37.51 -14.56
N GLU B 1613 11.51 -36.98 -13.39
CA GLU B 1613 12.54 -35.95 -13.33
C GLU B 1613 13.47 -36.19 -12.15
N HIS B 1614 14.76 -36.05 -12.40
CA HIS B 1614 15.79 -36.14 -11.36
C HIS B 1614 16.23 -34.73 -11.03
N VAL B 1615 16.00 -34.32 -9.78
CA VAL B 1615 16.11 -32.92 -9.37
C VAL B 1615 17.20 -32.71 -8.33
N GLY B 1616 17.35 -33.65 -7.40
CA GLY B 1616 18.30 -33.44 -6.33
C GLY B 1616 19.03 -34.68 -5.90
N MET B 1617 19.75 -34.60 -4.79
CA MET B 1617 20.45 -35.75 -4.25
C MET B 1617 20.28 -35.79 -2.74
N ILE B 1618 20.41 -36.98 -2.19
CA ILE B 1618 20.39 -37.17 -0.74
C ILE B 1618 21.16 -38.42 -0.38
N ASN B 1619 22.13 -38.29 0.52
CA ASN B 1619 22.88 -39.42 1.05
C ASN B 1619 23.42 -40.33 -0.04
N GLY B 1620 23.67 -39.77 -1.23
CA GLY B 1620 24.16 -40.55 -2.33
C GLY B 1620 23.10 -41.28 -3.13
N ARG B 1621 21.83 -41.11 -2.78
CA ARG B 1621 20.75 -41.73 -3.55
C ARG B 1621 19.95 -40.66 -4.28
N LYS B 1622 19.37 -41.06 -5.41
CA LYS B 1622 18.85 -40.12 -6.40
C LYS B 1622 17.47 -39.63 -6.02
N ILE B 1623 17.28 -38.31 -6.05
CA ILE B 1623 15.96 -37.73 -5.87
C ILE B 1623 15.28 -37.66 -7.22
N ILE B 1624 14.11 -38.28 -7.33
CA ILE B 1624 13.38 -38.32 -8.60
C ILE B 1624 11.97 -37.83 -8.37
N LYS B 1625 11.61 -36.74 -9.06
CA LYS B 1625 10.30 -36.13 -8.92
C LYS B 1625 9.44 -36.53 -10.10
N VAL B 1626 8.16 -36.80 -9.84
CA VAL B 1626 7.25 -37.33 -10.85
C VAL B 1626 5.95 -36.53 -10.82
N GLU B 1627 5.28 -36.49 -11.97
CA GLU B 1627 3.96 -35.91 -12.08
C GLU B 1627 3.13 -36.74 -13.06
N THR B 1628 2.04 -37.31 -12.57
CA THR B 1628 1.13 -38.08 -13.40
C THR B 1628 -0.11 -37.24 -13.68
N ARG B 1629 -0.25 -36.77 -14.91
CA ARG B 1629 -1.39 -35.96 -15.30
C ARG B 1629 -2.35 -36.80 -16.12
N ASN B 1630 -3.64 -36.54 -15.92
CA ASN B 1630 -4.67 -37.16 -16.74
C ASN B 1630 -4.51 -36.67 -18.18
N VAL B 1631 -4.07 -37.56 -19.06
CA VAL B 1631 -3.55 -37.11 -20.36
C VAL B 1631 -4.64 -36.48 -21.20
N GLU B 1632 -5.89 -36.91 -21.04
CA GLU B 1632 -6.96 -36.32 -21.83
C GLU B 1632 -7.50 -35.03 -21.24
N THR B 1633 -7.13 -34.69 -20.01
CA THR B 1633 -7.46 -33.40 -19.42
C THR B 1633 -6.25 -32.59 -19.01
N GLU B 1634 -5.07 -33.20 -18.93
CA GLU B 1634 -3.82 -32.52 -18.60
C GLU B 1634 -3.81 -31.94 -17.20
N LEU B 1635 -4.80 -32.20 -16.43
CA LEU B 1635 -4.58 -31.71 -15.09
C LEU B 1635 -3.81 -32.74 -14.28
N PRO B 1636 -2.98 -32.29 -13.34
CA PRO B 1636 -2.18 -33.25 -12.58
C PRO B 1636 -3.03 -34.06 -11.63
N VAL B 1637 -2.59 -35.30 -11.40
CA VAL B 1637 -3.24 -36.21 -10.46
C VAL B 1637 -2.31 -36.61 -9.33
N LEU B 1638 -1.14 -37.14 -9.66
CA LEU B 1638 -0.16 -37.55 -8.68
C LEU B 1638 1.12 -36.74 -8.85
N ILE B 1639 1.48 -36.02 -7.81
CA ILE B 1639 2.81 -35.44 -7.67
C ILE B 1639 3.50 -36.20 -6.56
N GLY B 1640 4.61 -36.84 -6.89
CA GLY B 1640 5.25 -37.75 -5.97
C GLY B 1640 6.73 -37.48 -5.86
N GLU B 1641 7.41 -38.41 -5.19
CA GLU B 1641 8.85 -38.28 -5.00
C GLU B 1641 9.39 -39.65 -4.63
N ALA B 1642 10.54 -40.01 -5.21
CA ALA B 1642 11.13 -41.31 -4.99
C ALA B 1642 12.62 -41.18 -4.77
N GLU B 1643 13.15 -42.02 -3.89
CA GLU B 1643 14.58 -42.07 -3.58
C GLU B 1643 15.12 -43.41 -4.05
N ILE B 1644 15.80 -43.41 -5.19
CA ILE B 1644 16.36 -44.64 -5.72
C ILE B 1644 17.88 -44.56 -5.64
N GLU B 1645 18.49 -45.73 -5.46
CA GLU B 1645 19.93 -45.81 -5.29
C GLU B 1645 20.65 -45.53 -6.59
N GLN B 1646 21.97 -45.43 -6.50
CA GLN B 1646 22.82 -45.31 -7.67
C GLN B 1646 23.27 -46.69 -8.11
N PRO B 1647 23.89 -46.79 -9.28
CA PRO B 1647 24.58 -48.03 -9.63
C PRO B 1647 25.63 -48.35 -8.58
N THR B 1648 25.97 -49.63 -8.47
CA THR B 1648 27.00 -50.01 -7.51
C THR B 1648 28.30 -49.33 -7.91
N THR B 1649 28.72 -48.36 -7.12
CA THR B 1649 29.89 -47.54 -7.43
C THR B 1649 31.07 -48.00 -6.59
N THR B 1650 32.26 -47.63 -7.02
CA THR B 1650 33.46 -47.82 -6.21
C THR B 1650 34.39 -46.65 -6.47
N TYR B 1651 35.17 -46.29 -5.45
CA TYR B 1651 36.06 -45.14 -5.53
C TYR B 1651 37.49 -45.60 -5.37
N VAL B 1652 38.30 -45.35 -6.36
CA VAL B 1652 39.73 -45.57 -6.26
C VAL B 1652 40.41 -44.22 -6.20
N PHE B 1653 41.55 -44.17 -5.52
CA PHE B 1653 42.30 -42.94 -5.35
C PHE B 1653 43.69 -43.11 -5.92
N THR B 1654 44.14 -42.11 -6.67
CA THR B 1654 45.40 -42.20 -7.38
C THR B 1654 46.56 -42.21 -6.42
N GLY B 1655 47.70 -42.73 -6.88
CA GLY B 1655 48.93 -42.67 -6.12
C GLY B 1655 49.85 -41.59 -6.61
N GLN B 1656 51.09 -41.65 -6.14
CA GLN B 1656 52.07 -40.63 -6.50
C GLN B 1656 52.64 -40.89 -7.88
N GLY B 1657 52.99 -39.81 -8.56
CA GLY B 1657 53.48 -39.90 -9.92
C GLY B 1657 52.63 -39.08 -10.86
N SER B 1658 51.39 -38.80 -10.46
CA SER B 1658 50.44 -38.03 -11.26
C SER B 1658 50.43 -36.57 -10.85
N GLN B 1659 51.34 -36.17 -9.98
CA GLN B 1659 51.35 -34.80 -9.47
C GLN B 1659 51.70 -33.81 -10.57
N GLU B 1660 51.17 -32.60 -10.43
CA GLU B 1660 51.51 -31.52 -11.33
C GLU B 1660 51.04 -30.22 -10.70
N GLN B 1661 51.60 -29.12 -11.18
CA GLN B 1661 51.34 -27.82 -10.57
C GLN B 1661 49.89 -27.41 -10.81
N GLY B 1662 49.22 -26.99 -9.74
CA GLY B 1662 47.90 -26.40 -9.85
C GLY B 1662 46.75 -27.35 -9.60
N MET B 1663 46.99 -28.41 -8.84
CA MET B 1663 45.98 -29.44 -8.57
C MET B 1663 44.78 -28.80 -7.91
N GLY B 1664 43.61 -29.00 -8.49
CA GLY B 1664 42.37 -28.59 -7.85
C GLY B 1664 42.31 -27.12 -7.50
N MET B 1665 43.29 -26.34 -7.95
CA MET B 1665 43.28 -24.93 -7.61
C MET B 1665 42.02 -24.24 -8.11
N GLU B 1666 41.49 -24.68 -9.24
CA GLU B 1666 40.19 -24.21 -9.65
C GLU B 1666 39.12 -24.61 -8.64
N LEU B 1667 39.16 -25.84 -8.17
CA LEU B 1667 38.23 -26.27 -7.13
C LEU B 1667 38.49 -25.57 -5.81
N TYR B 1668 39.74 -25.32 -5.48
CA TYR B 1668 40.08 -24.58 -4.28
C TYR B 1668 39.56 -23.15 -4.34
N ASN B 1669 39.53 -22.56 -5.52
CA ASN B 1669 39.01 -21.22 -5.68
C ASN B 1669 37.50 -21.20 -5.86
N SER B 1670 36.88 -22.35 -6.07
CA SER B 1670 35.46 -22.39 -6.36
C SER B 1670 34.62 -23.09 -5.31
N SER B 1671 35.16 -24.10 -4.64
CA SER B 1671 34.41 -24.84 -3.63
C SER B 1671 34.82 -24.39 -2.24
N GLU B 1672 33.88 -23.82 -1.51
CA GLU B 1672 34.16 -23.41 -0.14
C GLU B 1672 34.60 -24.59 0.70
N VAL B 1673 33.78 -25.65 0.72
CA VAL B 1673 34.09 -26.80 1.56
C VAL B 1673 35.42 -27.41 1.17
N ALA B 1674 35.84 -27.25 -0.08
CA ALA B 1674 37.17 -27.70 -0.43
C ALA B 1674 38.24 -26.74 0.03
N ARG B 1675 38.01 -25.45 -0.09
CA ARG B 1675 38.99 -24.49 0.42
C ARG B 1675 39.21 -24.67 1.91
N GLU B 1676 38.20 -25.15 2.62
CA GLU B 1676 38.31 -25.32 4.06
C GLU B 1676 39.15 -26.53 4.45
N VAL B 1677 39.67 -27.29 3.49
CA VAL B 1677 40.63 -28.33 3.84
C VAL B 1677 42.05 -27.95 3.46
N TRP B 1678 42.23 -27.18 2.39
CA TRP B 1678 43.55 -26.63 2.14
C TRP B 1678 43.90 -25.62 3.22
N ASP B 1679 42.95 -24.75 3.60
CA ASP B 1679 43.25 -23.76 4.62
C ASP B 1679 43.39 -24.41 5.99
N LYS B 1680 42.61 -25.44 6.27
CA LYS B 1680 42.76 -26.14 7.53
C LYS B 1680 44.10 -26.84 7.62
N ALA B 1681 44.71 -27.15 6.49
CA ALA B 1681 45.95 -27.93 6.49
C ALA B 1681 47.21 -27.08 6.43
N ASP B 1682 47.26 -26.11 5.51
CA ASP B 1682 48.48 -25.32 5.41
C ASP B 1682 48.75 -24.55 6.68
N ARG B 1683 47.73 -23.89 7.22
CA ARG B 1683 47.87 -23.19 8.48
C ARG B 1683 48.24 -24.12 9.61
N HIS B 1684 48.12 -25.43 9.40
CA HIS B 1684 48.77 -26.37 10.29
C HIS B 1684 50.23 -26.59 9.94
N PHE B 1685 50.55 -26.66 8.65
CA PHE B 1685 51.95 -26.79 8.27
C PHE B 1685 52.77 -25.61 8.75
N VAL B 1686 52.48 -24.43 8.22
CA VAL B 1686 53.26 -23.24 8.53
C VAL B 1686 53.38 -22.98 10.02
N ASN B 1687 52.40 -23.42 10.81
CA ASN B 1687 52.49 -23.27 12.25
C ASN B 1687 53.16 -24.45 12.92
N ASN B 1688 53.50 -25.48 12.18
CA ASN B 1688 54.20 -26.62 12.75
C ASN B 1688 55.37 -27.10 11.93
N TYR B 1689 55.49 -26.70 10.67
CA TYR B 1689 56.63 -27.07 9.86
C TYR B 1689 57.21 -25.91 9.07
N GLY B 1690 56.52 -24.77 9.00
CA GLY B 1690 57.13 -23.58 8.49
C GLY B 1690 57.08 -23.41 6.99
N PHE B 1691 56.06 -23.93 6.32
CA PHE B 1691 55.87 -23.67 4.91
C PHE B 1691 54.41 -23.87 4.56
N SER B 1692 53.97 -23.20 3.51
CA SER B 1692 52.59 -23.27 3.06
C SER B 1692 52.52 -24.27 1.92
N ILE B 1693 51.78 -25.36 2.14
CA ILE B 1693 51.62 -26.33 1.08
C ILE B 1693 50.95 -25.74 -0.14
N LEU B 1694 50.06 -24.74 0.04
CA LEU B 1694 49.46 -24.10 -1.11
C LEU B 1694 50.50 -23.45 -1.99
N ASP B 1695 51.47 -22.76 -1.41
CA ASP B 1695 52.53 -22.21 -2.22
C ASP B 1695 53.33 -23.29 -2.92
N ILE B 1696 53.54 -24.42 -2.27
CA ILE B 1696 54.28 -25.50 -2.92
C ILE B 1696 53.54 -25.99 -4.14
N VAL B 1697 52.22 -26.18 -4.03
CA VAL B 1697 51.50 -26.74 -5.16
C VAL B 1697 51.29 -25.70 -6.24
N GLN B 1698 51.21 -24.42 -5.85
CA GLN B 1698 50.87 -23.39 -6.83
C GLN B 1698 52.09 -22.92 -7.61
N ASN B 1699 53.12 -22.48 -6.91
CA ASN B 1699 54.36 -22.08 -7.58
C ASN B 1699 55.42 -23.06 -7.15
N ASN B 1700 55.47 -24.20 -7.84
CA ASN B 1700 56.40 -25.25 -7.45
C ASN B 1700 57.82 -24.79 -7.68
N PRO B 1701 58.56 -24.50 -6.61
CA PRO B 1701 59.95 -24.05 -6.78
C PRO B 1701 60.88 -25.25 -6.79
N ASN B 1702 62.17 -24.95 -6.87
CA ASN B 1702 63.18 -25.99 -6.86
C ASN B 1702 63.86 -26.15 -5.51
N GLU B 1703 63.62 -25.24 -4.58
CA GLU B 1703 64.25 -25.31 -3.27
C GLU B 1703 63.42 -24.51 -2.29
N LEU B 1704 63.42 -24.96 -1.04
CA LEU B 1704 62.67 -24.31 0.03
C LEU B 1704 63.58 -24.17 1.23
N THR B 1705 63.63 -22.98 1.80
CA THR B 1705 64.45 -22.71 2.97
C THR B 1705 63.54 -22.44 4.16
N ILE B 1706 63.54 -23.34 5.11
CA ILE B 1706 62.79 -23.15 6.35
C ILE B 1706 63.62 -22.29 7.26
N HIS B 1707 62.95 -21.38 7.97
CA HIS B 1707 63.62 -20.46 8.90
C HIS B 1707 63.11 -20.69 10.31
N PHE B 1708 64.04 -20.88 11.24
CA PHE B 1708 63.70 -20.98 12.65
C PHE B 1708 64.04 -19.62 13.27
N GLY B 1709 63.05 -18.75 13.32
CA GLY B 1709 63.29 -17.37 13.64
C GLY B 1709 63.23 -17.12 15.13
N GLY B 1710 62.22 -16.38 15.58
CA GLY B 1710 62.14 -16.03 16.97
C GLY B 1710 61.64 -17.16 17.83
N ALA B 1711 60.70 -16.87 18.72
CA ALA B 1711 60.16 -17.91 19.59
C ALA B 1711 59.56 -19.04 18.76
N LYS B 1712 58.51 -18.74 18.01
CA LYS B 1712 57.86 -19.79 17.24
C LYS B 1712 58.76 -20.38 16.18
N GLY B 1713 59.83 -19.69 15.80
CA GLY B 1713 60.83 -20.31 14.96
C GLY B 1713 61.55 -21.44 15.65
N ARG B 1714 62.04 -21.19 16.86
CA ARG B 1714 62.54 -22.30 17.66
C ARG B 1714 61.44 -23.31 17.95
N ALA B 1715 60.21 -22.86 18.13
CA ALA B 1715 59.10 -23.76 18.38
C ALA B 1715 58.74 -24.58 17.16
N ILE B 1716 59.49 -24.48 16.08
CA ILE B 1716 59.26 -25.35 14.94
C ILE B 1716 60.43 -26.30 14.79
N ARG B 1717 61.65 -25.77 14.82
CA ARG B 1717 62.81 -26.63 14.61
C ARG B 1717 62.88 -27.75 15.63
N ASP B 1718 62.34 -27.54 16.82
CA ASP B 1718 62.19 -28.64 17.75
C ASP B 1718 61.32 -29.76 17.20
N ASN B 1719 60.26 -29.43 16.45
CA ASN B 1719 59.48 -30.49 15.82
C ASN B 1719 60.34 -31.29 14.87
N TYR B 1720 61.09 -30.62 14.01
CA TYR B 1720 61.98 -31.33 13.11
C TYR B 1720 62.96 -32.19 13.89
N ILE B 1721 63.50 -31.68 14.99
CA ILE B 1721 64.44 -32.46 15.78
C ILE B 1721 63.76 -33.70 16.33
N GLY B 1722 62.53 -33.57 16.81
CA GLY B 1722 61.84 -34.68 17.44
C GLY B 1722 61.59 -35.85 16.52
N MET B 1723 61.62 -35.63 15.21
CA MET B 1723 61.42 -36.71 14.25
C MET B 1723 62.62 -37.64 14.32
N MET B 1724 62.40 -38.81 14.89
CA MET B 1724 63.43 -39.83 15.08
C MET B 1724 62.94 -41.12 14.45
N PHE B 1725 63.51 -41.48 13.29
CA PHE B 1725 63.07 -42.67 12.59
C PHE B 1725 64.04 -43.81 12.85
N GLU B 1726 63.65 -45.00 12.45
CA GLU B 1726 64.44 -46.22 12.63
C GLU B 1726 64.75 -46.84 11.28
N THR B 1727 66.02 -47.17 11.06
CA THR B 1727 66.43 -48.02 9.95
C THR B 1727 67.27 -49.15 10.53
N ILE B 1728 66.73 -50.36 10.49
CA ILE B 1728 67.41 -51.52 11.05
C ILE B 1728 68.68 -51.78 10.24
N GLY B 1729 69.83 -51.52 10.87
CA GLY B 1729 71.10 -51.81 10.25
C GLY B 1729 71.54 -53.24 10.49
N GLU B 1730 72.78 -53.51 10.09
CA GLU B 1730 73.36 -54.83 10.28
C GLU B 1730 73.43 -55.23 11.75
N ASP B 1731 73.41 -54.27 12.67
CA ASP B 1731 73.36 -54.54 14.10
C ASP B 1731 71.98 -54.96 14.57
N GLY B 1732 70.92 -54.53 13.88
CA GLY B 1732 69.57 -54.87 14.23
C GLY B 1732 68.98 -54.07 15.39
N ALA B 1733 69.81 -53.35 16.14
CA ALA B 1733 69.32 -52.62 17.30
C ALA B 1733 68.33 -51.54 16.87
N LEU B 1734 67.32 -51.31 17.71
CA LEU B 1734 66.28 -50.33 17.42
C LEU B 1734 66.89 -48.95 17.65
N LYS B 1735 67.61 -48.46 16.64
CA LYS B 1735 68.42 -47.25 16.72
C LYS B 1735 67.52 -46.04 16.48
N SER B 1736 67.06 -45.44 17.58
CA SER B 1736 66.19 -44.28 17.49
C SER B 1736 67.04 -43.14 16.97
N GLU B 1737 67.26 -43.13 15.66
CA GLU B 1737 68.21 -42.22 15.05
C GLU B 1737 67.45 -41.07 14.41
N LYS B 1738 68.19 -40.02 14.11
CA LYS B 1738 67.64 -38.75 13.69
C LYS B 1738 67.52 -38.71 12.18
N ILE B 1739 66.45 -38.12 11.68
CA ILE B 1739 66.31 -37.84 10.26
C ILE B 1739 67.22 -36.71 9.82
N PHE B 1740 67.07 -35.53 10.44
CA PHE B 1740 67.82 -34.35 10.04
C PHE B 1740 69.04 -34.21 10.93
N LYS B 1741 70.12 -34.89 10.55
CA LYS B 1741 71.38 -34.65 11.23
C LYS B 1741 71.88 -33.23 10.99
N ASP B 1742 71.28 -32.50 10.06
CA ASP B 1742 71.71 -31.14 9.78
C ASP B 1742 71.00 -30.11 10.65
N ILE B 1743 69.96 -30.51 11.38
CA ILE B 1743 69.23 -29.61 12.26
C ILE B 1743 69.62 -29.95 13.69
N ASP B 1744 69.94 -28.93 14.48
CA ASP B 1744 70.29 -29.09 15.88
C ASP B 1744 69.89 -27.81 16.61
N GLU B 1745 70.41 -27.65 17.81
CA GLU B 1745 70.11 -26.46 18.59
C GLU B 1745 70.80 -25.21 18.05
N THR B 1746 71.69 -25.35 17.09
CA THR B 1746 72.38 -24.21 16.52
C THR B 1746 71.84 -23.80 15.16
N THR B 1747 71.36 -24.75 14.37
CA THR B 1747 70.95 -24.44 13.01
C THR B 1747 69.75 -23.49 13.03
N THR B 1748 69.94 -22.32 12.47
CA THR B 1748 68.91 -21.30 12.45
C THR B 1748 67.90 -21.50 11.34
N SER B 1749 68.27 -22.20 10.28
CA SER B 1749 67.41 -22.29 9.12
C SER B 1749 67.88 -23.46 8.26
N TYR B 1750 66.93 -24.16 7.67
CA TYR B 1750 67.21 -25.35 6.90
C TYR B 1750 66.60 -25.21 5.53
N THR B 1751 67.23 -25.83 4.54
CA THR B 1751 66.83 -25.68 3.15
C THR B 1751 66.61 -27.05 2.52
N PHE B 1752 65.52 -27.16 1.76
CA PHE B 1752 65.26 -28.33 0.93
C PHE B 1752 65.62 -28.01 -0.50
N VAL B 1753 66.05 -29.01 -1.26
CA VAL B 1753 66.38 -28.84 -2.67
C VAL B 1753 65.79 -30.01 -3.45
N SER B 1754 65.16 -29.69 -4.57
CA SER B 1754 64.75 -30.68 -5.55
C SER B 1754 64.99 -30.10 -6.92
N PRO B 1755 65.96 -30.63 -7.67
CA PRO B 1755 66.28 -30.02 -8.98
C PRO B 1755 65.08 -30.00 -9.90
N THR B 1756 64.28 -31.06 -9.93
CA THR B 1756 63.08 -31.04 -10.76
C THR B 1756 62.08 -30.01 -10.26
N GLY B 1757 61.87 -29.96 -8.96
CA GLY B 1757 60.88 -29.09 -8.36
C GLY B 1757 60.41 -29.73 -7.08
N LEU B 1758 60.20 -28.87 -6.08
CA LEU B 1758 59.80 -29.38 -4.76
C LEU B 1758 58.55 -30.22 -4.83
N LEU B 1759 57.65 -29.90 -5.76
CA LEU B 1759 56.45 -30.69 -5.92
C LEU B 1759 56.75 -32.12 -6.31
N SER B 1760 58.00 -32.44 -6.62
CA SER B 1760 58.41 -33.80 -6.92
C SER B 1760 59.05 -34.52 -5.75
N ALA B 1761 59.49 -33.78 -4.73
CA ALA B 1761 60.05 -34.43 -3.56
C ALA B 1761 58.97 -35.20 -2.82
N THR B 1762 59.31 -36.42 -2.43
CA THR B 1762 58.29 -37.33 -1.93
C THR B 1762 57.60 -36.80 -0.69
N GLN B 1763 58.36 -36.21 0.23
CA GLN B 1763 57.79 -35.73 1.47
C GLN B 1763 56.89 -34.53 1.28
N PHE B 1764 56.96 -33.86 0.13
CA PHE B 1764 56.06 -32.76 -0.17
C PHE B 1764 54.98 -33.13 -1.17
N THR B 1765 55.30 -34.00 -2.14
CA THR B 1765 54.30 -34.34 -3.12
C THR B 1765 53.14 -35.11 -2.51
N GLN B 1766 53.41 -36.09 -1.67
CA GLN B 1766 52.31 -36.93 -1.26
C GLN B 1766 51.35 -36.19 -0.32
N PRO B 1767 51.79 -35.22 0.48
CA PRO B 1767 50.80 -34.35 1.13
C PRO B 1767 49.97 -33.58 0.14
N ALA B 1768 50.57 -33.02 -0.89
CA ALA B 1768 49.77 -32.34 -1.90
C ALA B 1768 48.74 -33.27 -2.53
N LEU B 1769 49.13 -34.51 -2.82
CA LEU B 1769 48.19 -35.43 -3.43
C LEU B 1769 47.07 -35.78 -2.47
N THR B 1770 47.40 -36.13 -1.24
CA THR B 1770 46.35 -36.48 -0.31
C THR B 1770 45.42 -35.30 -0.05
N LEU B 1771 45.95 -34.08 -0.04
CA LEU B 1771 45.08 -32.93 0.11
C LEU B 1771 44.16 -32.77 -1.08
N MET B 1772 44.69 -32.82 -2.31
CA MET B 1772 43.82 -32.60 -3.44
C MET B 1772 42.76 -33.68 -3.54
N GLU B 1773 43.15 -34.92 -3.23
CA GLU B 1773 42.18 -36.01 -3.28
C GLU B 1773 41.12 -35.87 -2.21
N LYS B 1774 41.51 -35.62 -0.96
CA LYS B 1774 40.51 -35.42 0.07
C LYS B 1774 39.65 -34.20 -0.21
N ALA B 1775 40.22 -33.17 -0.82
CA ALA B 1775 39.43 -31.99 -1.17
C ALA B 1775 38.35 -32.34 -2.17
N ALA B 1776 38.72 -33.03 -3.25
CA ALA B 1776 37.72 -33.46 -4.20
C ALA B 1776 36.66 -34.34 -3.54
N TYR B 1777 37.10 -35.30 -2.74
CA TYR B 1777 36.14 -36.22 -2.11
C TYR B 1777 35.18 -35.47 -1.22
N GLU B 1778 35.68 -34.56 -0.41
CA GLU B 1778 34.82 -33.81 0.48
C GLU B 1778 33.86 -32.91 -0.29
N ASP B 1779 34.34 -32.24 -1.33
CA ASP B 1779 33.44 -31.43 -2.13
C ASP B 1779 32.33 -32.28 -2.73
N ILE B 1780 32.68 -33.47 -3.19
CA ILE B 1780 31.67 -34.37 -3.73
C ILE B 1780 30.68 -34.75 -2.65
N LYS B 1781 31.18 -35.19 -1.49
CA LYS B 1781 30.29 -35.59 -0.41
C LYS B 1781 29.38 -34.46 0.02
N SER B 1782 29.84 -33.22 -0.10
CA SER B 1782 29.00 -32.07 0.18
C SER B 1782 27.75 -32.06 -0.68
N LYS B 1783 27.79 -32.70 -1.83
CA LYS B 1783 26.66 -32.74 -2.74
C LYS B 1783 25.78 -33.97 -2.54
N GLY B 1784 25.98 -34.71 -1.46
CA GLY B 1784 25.20 -35.91 -1.25
C GLY B 1784 25.39 -36.93 -2.35
N LEU B 1785 26.63 -37.13 -2.79
CA LEU B 1785 26.94 -37.96 -3.95
C LEU B 1785 27.50 -39.32 -3.59
N ILE B 1786 27.49 -39.69 -2.31
CA ILE B 1786 28.22 -40.87 -1.85
C ILE B 1786 27.21 -41.95 -1.48
N PRO B 1787 27.17 -43.06 -2.19
CA PRO B 1787 26.35 -44.19 -1.75
C PRO B 1787 26.88 -44.76 -0.46
N SER B 1788 26.02 -45.53 0.22
CA SER B 1788 26.40 -46.11 1.49
C SER B 1788 27.12 -47.44 1.33
N ASP B 1789 26.95 -48.12 0.20
CA ASP B 1789 27.52 -49.44 -0.03
C ASP B 1789 28.73 -49.37 -0.95
N ILE B 1790 29.53 -48.33 -0.80
CA ILE B 1790 30.67 -48.12 -1.69
C ILE B 1790 31.82 -49.02 -1.27
N MET B 1791 32.65 -49.36 -2.24
CA MET B 1791 33.91 -50.05 -2.00
C MET B 1791 35.02 -49.12 -2.46
N PHE B 1792 36.08 -49.04 -1.69
CA PHE B 1792 37.14 -48.08 -1.97
C PHE B 1792 38.51 -48.71 -1.80
N ALA B 1793 39.49 -48.13 -2.49
CA ALA B 1793 40.88 -48.52 -2.35
C ALA B 1793 41.74 -47.44 -2.97
N GLY B 1794 43.05 -47.55 -2.76
CA GLY B 1794 43.97 -46.56 -3.27
C GLY B 1794 45.26 -47.23 -3.70
N HIS B 1795 45.96 -46.59 -4.62
CA HIS B 1795 47.18 -47.16 -5.20
C HIS B 1795 48.40 -46.55 -4.53
N SER B 1796 48.78 -47.10 -3.38
CA SER B 1796 50.06 -46.85 -2.73
C SER B 1796 50.20 -45.46 -2.14
N LEU B 1797 49.32 -44.55 -2.51
CA LEU B 1797 49.15 -43.35 -1.70
C LEU B 1797 47.69 -43.03 -1.48
N GLY B 1798 46.87 -43.21 -2.51
CA GLY B 1798 45.45 -42.92 -2.37
C GLY B 1798 44.82 -43.72 -1.26
N GLU B 1799 45.51 -44.75 -0.77
CA GLU B 1799 44.99 -45.54 0.33
C GLU B 1799 44.82 -44.67 1.58
N TYR B 1800 45.84 -43.87 1.89
CA TYR B 1800 45.74 -42.98 3.05
C TYR B 1800 44.65 -41.94 2.83
N SER B 1801 44.65 -41.30 1.67
CA SER B 1801 43.58 -40.36 1.36
C SER B 1801 42.24 -41.05 1.26
N ALA B 1802 42.20 -42.38 1.34
CA ALA B 1802 40.96 -43.12 1.29
C ALA B 1802 40.42 -43.36 2.69
N LEU B 1803 41.17 -44.10 3.51
CA LEU B 1803 40.64 -44.38 4.82
C LEU B 1803 40.53 -43.13 5.67
N SER B 1804 41.18 -42.05 5.28
CA SER B 1804 40.94 -40.75 5.89
C SER B 1804 39.70 -40.09 5.33
N SER B 1805 39.25 -40.50 4.15
CA SER B 1805 38.10 -39.85 3.52
C SER B 1805 36.83 -40.63 3.77
N LEU B 1806 36.80 -41.90 3.37
CA LEU B 1806 35.61 -42.70 3.55
C LEU B 1806 35.44 -43.17 4.98
N ALA B 1807 36.52 -43.57 5.64
CA ALA B 1807 36.47 -44.04 7.01
C ALA B 1807 36.81 -42.97 8.03
N ASN B 1808 37.24 -41.79 7.56
CA ASN B 1808 37.66 -40.67 8.40
C ASN B 1808 38.42 -41.15 9.62
N VAL B 1809 39.37 -42.06 9.41
CA VAL B 1809 40.14 -42.58 10.52
C VAL B 1809 40.99 -41.50 11.18
N MET B 1810 41.25 -40.41 10.48
CA MET B 1810 42.16 -39.39 10.96
C MET B 1810 41.69 -38.03 10.45
N PRO B 1811 41.75 -37.02 11.29
CA PRO B 1811 41.50 -35.66 10.81
C PRO B 1811 42.58 -35.23 9.83
N ILE B 1812 42.44 -34.05 9.25
CA ILE B 1812 43.40 -33.59 8.26
C ILE B 1812 44.76 -33.37 8.90
N GLU B 1813 44.77 -32.79 10.09
CA GLU B 1813 46.04 -32.45 10.72
C GLU B 1813 46.87 -33.69 11.03
N SER B 1814 46.24 -34.78 11.43
CA SER B 1814 46.98 -36.01 11.58
C SER B 1814 47.36 -36.61 10.24
N LEU B 1815 46.48 -36.51 9.25
CA LEU B 1815 46.77 -37.11 7.95
C LEU B 1815 48.00 -36.49 7.31
N VAL B 1816 48.10 -35.16 7.34
CA VAL B 1816 49.26 -34.54 6.76
C VAL B 1816 50.52 -34.94 7.50
N ASP B 1817 50.44 -35.07 8.82
CA ASP B 1817 51.63 -35.45 9.57
C ASP B 1817 52.12 -36.82 9.14
N VAL B 1818 51.21 -37.80 9.06
CA VAL B 1818 51.65 -39.16 8.74
C VAL B 1818 52.13 -39.23 7.31
N VAL B 1819 51.46 -38.51 6.39
CA VAL B 1819 51.89 -38.60 5.01
C VAL B 1819 53.24 -37.93 4.82
N PHE B 1820 53.49 -36.81 5.50
CA PHE B 1820 54.77 -36.14 5.42
C PHE B 1820 55.87 -36.98 6.05
N TYR B 1821 55.58 -37.54 7.23
CA TYR B 1821 56.54 -38.40 7.91
C TYR B 1821 56.86 -39.63 7.09
N ARG B 1822 55.87 -40.19 6.40
CA ARG B 1822 56.11 -41.32 5.51
C ARG B 1822 56.99 -40.90 4.34
N GLY B 1823 56.70 -39.76 3.73
CA GLY B 1823 57.54 -39.29 2.65
C GLY B 1823 58.98 -39.17 3.07
N MET B 1824 59.22 -38.51 4.20
CA MET B 1824 60.58 -38.40 4.70
C MET B 1824 61.19 -39.74 5.07
N THR B 1825 60.41 -40.65 5.68
CA THR B 1825 60.96 -41.92 6.11
C THR B 1825 61.42 -42.73 4.93
N MET B 1826 60.54 -42.94 3.95
CA MET B 1826 60.98 -43.64 2.76
C MET B 1826 62.02 -42.85 1.99
N GLN B 1827 62.12 -41.55 2.22
CA GLN B 1827 63.13 -40.79 1.50
C GLN B 1827 64.52 -41.08 2.04
N VAL B 1828 64.72 -40.86 3.34
CA VAL B 1828 66.06 -40.94 3.92
C VAL B 1828 66.43 -42.40 4.11
N ALA B 1829 65.53 -43.31 3.74
CA ALA B 1829 65.75 -44.72 4.00
C ALA B 1829 66.88 -45.32 3.19
N VAL B 1830 67.29 -44.70 2.10
CA VAL B 1830 68.31 -45.25 1.21
C VAL B 1830 69.60 -44.47 1.43
N PRO B 1831 70.72 -45.12 1.73
CA PRO B 1831 71.99 -44.41 1.78
C PRO B 1831 72.32 -43.82 0.42
N ARG B 1832 72.53 -42.52 0.39
CA ARG B 1832 72.66 -41.79 -0.86
C ARG B 1832 74.11 -41.58 -1.24
N ASP B 1833 74.30 -41.00 -2.40
CA ASP B 1833 75.61 -40.58 -2.87
C ASP B 1833 75.90 -39.16 -2.36
N GLU B 1834 76.93 -38.52 -2.91
CA GLU B 1834 77.22 -37.15 -2.54
C GLU B 1834 76.11 -36.20 -2.95
N LEU B 1835 75.36 -36.53 -4.00
CA LEU B 1835 74.30 -35.67 -4.48
C LEU B 1835 72.95 -35.97 -3.85
N GLY B 1836 72.86 -36.98 -2.99
CA GLY B 1836 71.58 -37.39 -2.45
C GLY B 1836 70.88 -38.46 -3.26
N ARG B 1837 71.55 -39.03 -4.26
CA ARG B 1837 71.00 -40.03 -5.16
C ARG B 1837 71.44 -41.41 -4.72
N SER B 1838 70.75 -42.43 -5.22
CA SER B 1838 70.90 -43.79 -4.74
C SER B 1838 71.39 -44.70 -5.85
N ASN B 1839 71.85 -45.89 -5.44
CA ASN B 1839 72.09 -46.99 -6.35
C ASN B 1839 70.82 -47.80 -6.62
N TYR B 1840 69.67 -47.29 -6.20
CA TYR B 1840 68.39 -47.98 -6.29
C TYR B 1840 67.50 -47.26 -7.29
N GLY B 1841 66.47 -47.97 -7.76
CA GLY B 1841 65.56 -47.38 -8.72
C GLY B 1841 64.33 -48.24 -8.89
N MET B 1842 63.42 -47.75 -9.73
CA MET B 1842 62.17 -48.45 -10.01
C MET B 1842 61.83 -48.31 -11.48
N VAL B 1843 61.18 -49.33 -12.02
CA VAL B 1843 60.94 -49.44 -13.46
C VAL B 1843 59.55 -50.00 -13.70
N ALA B 1844 58.87 -49.48 -14.72
CA ALA B 1844 57.61 -50.02 -15.17
C ALA B 1844 57.83 -50.79 -16.47
N VAL B 1845 57.20 -51.96 -16.61
CA VAL B 1845 57.40 -52.84 -17.74
C VAL B 1845 56.05 -53.20 -18.33
N ASN B 1846 56.03 -53.43 -19.65
CA ASN B 1846 54.84 -53.89 -20.35
C ASN B 1846 55.08 -55.30 -20.87
N PRO B 1847 54.69 -56.34 -20.13
CA PRO B 1847 54.97 -57.71 -20.57
C PRO B 1847 54.31 -58.10 -21.88
N SER B 1848 53.56 -57.21 -22.51
CA SER B 1848 53.01 -57.51 -23.82
C SER B 1848 53.93 -57.06 -24.94
N ARG B 1849 54.61 -55.92 -24.77
CA ARG B 1849 55.47 -55.41 -25.82
C ARG B 1849 56.68 -56.30 -26.06
N VAL B 1850 57.02 -57.16 -25.10
CA VAL B 1850 58.12 -58.11 -25.30
C VAL B 1850 57.70 -59.25 -26.22
N SER B 1851 56.61 -59.93 -25.90
CA SER B 1851 56.14 -61.06 -26.69
C SER B 1851 54.73 -61.40 -26.26
N ALA B 1852 53.90 -61.79 -27.22
CA ALA B 1852 52.54 -62.20 -26.88
C ALA B 1852 52.51 -63.40 -25.96
N THR B 1853 53.59 -64.20 -25.92
CA THR B 1853 53.66 -65.38 -25.08
C THR B 1853 54.18 -65.05 -23.69
N PHE B 1854 54.56 -63.81 -23.43
CA PHE B 1854 55.19 -63.42 -22.18
C PHE B 1854 54.11 -63.14 -21.14
N ASP B 1855 53.78 -64.16 -20.36
CA ASP B 1855 52.67 -64.06 -19.41
C ASP B 1855 53.12 -63.41 -18.11
N ASP B 1856 52.20 -63.34 -17.15
CA ASP B 1856 52.53 -62.82 -15.83
C ASP B 1856 53.60 -63.67 -15.17
N SER B 1857 53.47 -64.99 -15.27
CA SER B 1857 54.49 -65.85 -14.70
C SER B 1857 55.84 -65.68 -15.37
N ALA B 1858 55.87 -65.25 -16.63
CA ALA B 1858 57.15 -65.07 -17.31
C ALA B 1858 58.02 -64.04 -16.59
N LEU B 1859 57.54 -62.81 -16.48
CA LEU B 1859 58.38 -61.77 -15.89
C LEU B 1859 58.59 -61.97 -14.40
N ARG B 1860 57.65 -62.59 -13.70
CA ARG B 1860 57.92 -62.86 -12.29
C ARG B 1860 58.94 -63.97 -12.10
N PHE B 1861 58.94 -65.00 -12.94
CA PHE B 1861 60.02 -65.96 -12.90
C PHE B 1861 61.34 -65.31 -13.28
N VAL B 1862 61.29 -64.35 -14.22
CA VAL B 1862 62.48 -63.62 -14.61
C VAL B 1862 63.05 -62.82 -13.45
N VAL B 1863 62.18 -62.12 -12.71
CA VAL B 1863 62.70 -61.36 -11.58
C VAL B 1863 63.25 -62.31 -10.52
N ASP B 1864 62.57 -63.46 -10.31
CA ASP B 1864 63.06 -64.41 -9.33
C ASP B 1864 64.47 -64.89 -9.68
N GLU B 1865 64.71 -65.24 -10.95
CA GLU B 1865 66.03 -65.75 -11.30
C GLU B 1865 67.08 -64.65 -11.31
N VAL B 1866 66.76 -63.47 -11.86
CA VAL B 1866 67.75 -62.41 -11.94
C VAL B 1866 68.10 -61.86 -10.57
N ALA B 1867 67.19 -61.95 -9.60
CA ALA B 1867 67.51 -61.51 -8.26
C ALA B 1867 68.19 -62.61 -7.44
N ASN B 1868 67.87 -63.87 -7.74
CA ASN B 1868 68.48 -64.95 -6.98
C ASN B 1868 69.90 -65.26 -7.44
N LYS B 1869 70.24 -64.92 -8.69
CA LYS B 1869 71.60 -65.18 -9.12
C LYS B 1869 72.55 -64.07 -8.68
N THR B 1870 72.30 -62.84 -9.12
CA THR B 1870 73.18 -61.74 -8.78
C THR B 1870 73.13 -61.38 -7.29
N LYS B 1871 72.26 -62.04 -6.52
CA LYS B 1871 72.13 -61.80 -5.09
C LYS B 1871 71.87 -60.34 -4.76
N TRP B 1872 71.34 -59.61 -5.72
CA TRP B 1872 70.93 -58.23 -5.51
C TRP B 1872 69.48 -58.23 -5.01
N LEU B 1873 68.91 -57.05 -4.79
CA LEU B 1873 67.51 -56.94 -4.40
C LEU B 1873 66.74 -56.39 -5.58
N LEU B 1874 65.69 -57.10 -5.98
CA LEU B 1874 64.86 -56.70 -7.11
C LEU B 1874 63.50 -57.37 -6.94
N GLU B 1875 62.45 -56.56 -6.97
CA GLU B 1875 61.08 -57.05 -6.82
C GLU B 1875 60.17 -56.29 -7.76
N ILE B 1876 59.13 -56.98 -8.23
CA ILE B 1876 57.99 -56.27 -8.84
C ILE B 1876 57.06 -55.87 -7.71
N VAL B 1877 56.84 -54.57 -7.57
CA VAL B 1877 56.10 -54.05 -6.43
C VAL B 1877 54.70 -53.64 -6.85
N ASN B 1878 54.49 -53.47 -8.14
CA ASN B 1878 53.19 -53.04 -8.66
C ASN B 1878 52.61 -54.11 -9.57
N TYR B 1879 51.48 -54.66 -9.17
CA TYR B 1879 50.69 -55.53 -10.03
C TYR B 1879 49.52 -54.72 -10.58
N ASN B 1880 49.82 -53.88 -11.56
CA ASN B 1880 48.80 -52.95 -12.03
C ASN B 1880 47.86 -53.60 -13.04
N VAL B 1881 48.37 -53.97 -14.20
CA VAL B 1881 47.55 -54.54 -15.26
C VAL B 1881 48.19 -55.83 -15.73
N GLU B 1882 47.38 -56.86 -15.91
CA GLU B 1882 47.91 -58.14 -16.36
C GLU B 1882 48.57 -57.98 -17.72
N ASN B 1883 49.87 -58.22 -17.76
CA ASN B 1883 50.67 -58.23 -18.98
C ASN B 1883 50.64 -56.89 -19.70
N GLN B 1884 50.32 -55.80 -19.01
CA GLN B 1884 50.38 -54.50 -19.64
C GLN B 1884 51.20 -53.53 -18.82
N GLN B 1885 51.10 -53.62 -17.50
CA GLN B 1885 51.79 -52.69 -16.62
C GLN B 1885 52.22 -53.41 -15.36
N TYR B 1886 53.51 -53.74 -15.28
CA TYR B 1886 54.15 -54.18 -14.06
C TYR B 1886 55.28 -53.22 -13.73
N VAL B 1887 55.41 -52.88 -12.45
CA VAL B 1887 56.43 -51.94 -12.01
C VAL B 1887 57.32 -52.64 -11.02
N ALA B 1888 58.57 -52.87 -11.40
CA ALA B 1888 59.53 -53.58 -10.58
C ALA B 1888 60.49 -52.59 -9.93
N ALA B 1889 61.02 -52.98 -8.77
CA ALA B 1889 61.88 -52.13 -7.98
C ALA B 1889 63.05 -52.94 -7.47
N GLY B 1890 64.13 -52.24 -7.13
CA GLY B 1890 65.32 -52.87 -6.61
C GLY B 1890 66.53 -52.00 -6.90
N ASP B 1891 67.70 -52.58 -6.68
CA ASP B 1891 68.92 -51.84 -6.99
C ASP B 1891 69.03 -51.65 -8.49
N LEU B 1892 69.57 -50.49 -8.88
CA LEU B 1892 69.72 -50.17 -10.30
C LEU B 1892 70.43 -51.28 -11.07
N ARG B 1893 71.37 -51.97 -10.42
CA ARG B 1893 72.09 -53.04 -11.11
C ARG B 1893 71.16 -54.15 -11.56
N ALA B 1894 70.41 -54.75 -10.63
CA ALA B 1894 69.48 -55.80 -11.02
C ALA B 1894 68.40 -55.30 -11.94
N LEU B 1895 68.00 -54.03 -11.81
CA LEU B 1895 67.01 -53.46 -12.71
C LEU B 1895 67.52 -53.39 -14.14
N ASP B 1896 68.77 -52.99 -14.34
CA ASP B 1896 69.30 -52.99 -15.70
C ASP B 1896 69.59 -54.41 -16.18
N THR B 1897 70.06 -55.28 -15.30
CA THR B 1897 70.21 -56.69 -15.65
C THR B 1897 68.90 -57.22 -16.22
N LEU B 1898 67.79 -56.89 -15.57
CA LEU B 1898 66.50 -57.38 -16.02
C LEU B 1898 66.01 -56.66 -17.26
N THR B 1899 66.20 -55.34 -17.35
CA THR B 1899 65.79 -54.64 -18.56
C THR B 1899 66.61 -55.07 -19.77
N ASN B 1900 67.74 -55.76 -19.55
CA ASN B 1900 68.48 -56.36 -20.65
C ASN B 1900 68.10 -57.81 -20.90
N VAL B 1901 67.79 -58.59 -19.86
CA VAL B 1901 67.30 -59.95 -20.13
C VAL B 1901 65.98 -59.89 -20.88
N LEU B 1902 65.16 -58.88 -20.59
CA LEU B 1902 63.89 -58.75 -21.31
C LEU B 1902 64.10 -58.22 -22.72
N ASN B 1903 65.20 -57.51 -22.98
CA ASN B 1903 65.50 -57.13 -24.36
C ASN B 1903 66.00 -58.33 -25.16
N VAL B 1904 66.89 -59.12 -24.57
CA VAL B 1904 67.45 -60.26 -25.29
C VAL B 1904 66.45 -61.39 -25.44
N LEU B 1905 65.49 -61.53 -24.53
CA LEU B 1905 64.44 -62.51 -24.74
C LEU B 1905 63.38 -62.03 -25.71
N LYS B 1906 63.35 -60.74 -26.01
CA LYS B 1906 62.46 -60.24 -27.05
C LYS B 1906 63.09 -60.39 -28.42
N ILE B 1907 64.36 -60.00 -28.56
CA ILE B 1907 65.01 -60.15 -29.86
C ILE B 1907 65.18 -61.62 -30.20
N ASN B 1908 65.27 -62.48 -29.20
CA ASN B 1908 65.35 -63.92 -29.42
C ASN B 1908 64.00 -64.61 -29.36
N LYS B 1909 63.01 -63.97 -28.74
CA LYS B 1909 61.65 -64.51 -28.66
C LYS B 1909 61.61 -65.87 -27.96
N ILE B 1910 62.70 -66.20 -27.28
CA ILE B 1910 62.82 -67.43 -26.52
C ILE B 1910 62.25 -67.16 -25.14
N ASP B 1911 60.99 -67.54 -24.93
CA ASP B 1911 60.30 -67.28 -23.68
C ASP B 1911 60.55 -68.43 -22.73
N ILE B 1912 60.57 -68.12 -21.43
CA ILE B 1912 60.78 -69.16 -20.44
C ILE B 1912 59.62 -70.15 -20.43
N VAL B 1913 58.40 -69.67 -20.69
CA VAL B 1913 57.28 -70.59 -20.84
C VAL B 1913 57.37 -71.40 -22.12
N LYS B 1914 57.93 -70.83 -23.18
CA LYS B 1914 58.17 -71.59 -24.40
C LYS B 1914 59.33 -72.56 -24.25
N LEU B 1915 60.12 -72.41 -23.20
CA LEU B 1915 61.12 -73.41 -22.84
C LEU B 1915 60.58 -74.49 -21.93
N GLN B 1916 59.37 -74.32 -21.38
CA GLN B 1916 58.81 -75.34 -20.52
C GLN B 1916 58.48 -76.60 -21.30
N GLU B 1917 58.10 -76.48 -22.56
CA GLU B 1917 57.92 -77.64 -23.42
C GLU B 1917 59.21 -78.06 -24.10
N GLN B 1918 60.18 -77.16 -24.18
CA GLN B 1918 61.47 -77.48 -24.78
C GLN B 1918 62.47 -77.99 -23.76
N MET B 1919 62.40 -77.52 -22.51
CA MET B 1919 63.31 -77.91 -21.46
C MET B 1919 62.51 -78.30 -20.23
N SER B 1920 63.22 -78.87 -19.24
CA SER B 1920 62.60 -79.22 -17.97
C SER B 1920 62.53 -77.98 -17.08
N ILE B 1921 62.11 -78.18 -15.83
CA ILE B 1921 61.98 -77.06 -14.89
C ILE B 1921 63.34 -76.65 -14.35
N GLU B 1922 64.27 -77.59 -14.25
CA GLU B 1922 65.58 -77.28 -13.69
C GLU B 1922 66.55 -76.75 -14.73
N LYS B 1923 66.52 -77.30 -15.95
CA LYS B 1923 67.46 -76.89 -16.98
C LYS B 1923 67.05 -75.60 -17.67
N VAL B 1924 65.85 -75.08 -17.42
CA VAL B 1924 65.59 -73.70 -17.78
C VAL B 1924 66.24 -72.76 -16.78
N LYS B 1925 66.31 -73.16 -15.51
CA LYS B 1925 66.98 -72.36 -14.49
C LYS B 1925 68.44 -72.13 -14.84
N GLU B 1926 69.07 -73.08 -15.53
CA GLU B 1926 70.40 -72.85 -16.07
C GLU B 1926 70.37 -72.24 -17.46
N HIS B 1927 69.30 -72.46 -18.23
CA HIS B 1927 69.22 -71.86 -19.55
C HIS B 1927 69.20 -70.34 -19.47
N LEU B 1928 68.40 -69.79 -18.57
CA LEU B 1928 68.43 -68.36 -18.32
C LEU B 1928 69.76 -67.91 -17.75
N TYR B 1929 70.50 -68.80 -17.08
CA TYR B 1929 71.82 -68.43 -16.59
C TYR B 1929 72.78 -68.18 -17.73
N GLU B 1930 72.65 -68.93 -18.83
CA GLU B 1930 73.48 -68.72 -20.00
C GLU B 1930 73.32 -67.32 -20.56
N ILE B 1931 72.30 -66.59 -20.13
CA ILE B 1931 71.93 -65.32 -20.74
C ILE B 1931 72.13 -64.21 -19.73
N VAL B 1932 71.75 -64.49 -18.49
CA VAL B 1932 71.73 -63.46 -17.45
C VAL B 1932 73.14 -63.01 -17.07
N ASP B 1933 74.13 -63.88 -17.19
CA ASP B 1933 75.49 -63.48 -16.88
C ASP B 1933 76.06 -62.51 -17.90
N GLU B 1934 75.79 -62.74 -19.18
CA GLU B 1934 76.28 -61.86 -20.24
C GLU B 1934 75.79 -60.44 -20.03
N VAL B 1935 74.57 -60.28 -19.52
CA VAL B 1935 74.04 -58.95 -19.28
C VAL B 1935 74.32 -58.43 -17.87
N ALA B 1936 74.57 -59.32 -16.91
CA ALA B 1936 75.08 -58.84 -15.62
C ALA B 1936 76.44 -58.22 -15.79
N ALA B 1937 77.23 -58.75 -16.73
CA ALA B 1937 78.49 -58.10 -17.09
C ALA B 1937 78.26 -56.66 -17.52
N LYS B 1938 77.23 -56.42 -18.34
CA LYS B 1938 76.89 -55.07 -18.75
C LYS B 1938 76.36 -54.23 -17.59
N SER B 1939 75.64 -54.85 -16.66
CA SER B 1939 75.18 -54.13 -15.47
C SER B 1939 76.35 -53.64 -14.66
N LEU B 1940 77.42 -54.44 -14.55
CA LEU B 1940 78.64 -53.99 -13.91
C LEU B 1940 79.53 -53.16 -14.83
N ALA B 1941 79.22 -53.11 -16.13
CA ALA B 1941 80.04 -52.38 -17.09
C ALA B 1941 79.80 -50.89 -17.09
N LYS B 1942 78.73 -50.43 -16.49
CA LYS B 1942 78.44 -49.00 -16.42
C LYS B 1942 78.68 -48.51 -15.00
N PRO B 1943 78.81 -47.19 -14.81
CA PRO B 1943 79.04 -46.66 -13.46
C PRO B 1943 77.95 -47.09 -12.50
N GLN B 1944 78.36 -47.73 -11.41
CA GLN B 1944 77.44 -48.40 -10.49
C GLN B 1944 76.10 -47.70 -10.28
N PRO B 1945 76.03 -46.39 -10.01
CA PRO B 1945 74.70 -45.76 -10.07
C PRO B 1945 74.23 -45.68 -11.51
N ILE B 1946 73.87 -46.85 -12.06
CA ILE B 1946 73.60 -46.94 -13.48
C ILE B 1946 72.29 -46.26 -13.81
N ASP B 1947 72.38 -45.24 -14.66
CA ASP B 1947 71.21 -44.54 -15.16
C ASP B 1947 70.44 -45.50 -16.05
N LEU B 1948 69.37 -46.05 -15.52
CA LEU B 1948 68.60 -47.07 -16.23
C LEU B 1948 68.14 -46.55 -17.58
N GLU B 1949 68.58 -47.20 -18.64
CA GLU B 1949 68.14 -46.85 -19.98
C GLU B 1949 66.91 -47.66 -20.35
N ARG B 1950 66.05 -47.06 -21.16
CA ARG B 1950 64.80 -47.69 -21.53
C ARG B 1950 65.05 -48.96 -22.34
N GLY B 1951 64.63 -50.09 -21.79
CA GLY B 1951 64.66 -51.35 -22.51
C GLY B 1951 63.67 -51.36 -23.65
N PHE B 1952 63.50 -52.54 -24.24
CA PHE B 1952 62.55 -52.65 -25.34
C PHE B 1952 61.12 -52.44 -24.84
N ALA B 1953 60.76 -53.11 -23.75
CA ALA B 1953 59.41 -53.03 -23.19
C ALA B 1953 59.41 -52.51 -21.76
N VAL B 1954 60.46 -51.78 -21.37
CA VAL B 1954 60.62 -51.30 -20.01
C VAL B 1954 60.65 -49.78 -20.03
N ILE B 1955 59.80 -49.16 -19.21
CA ILE B 1955 59.78 -47.72 -19.06
C ILE B 1955 60.05 -47.40 -17.59
N PRO B 1956 61.25 -46.95 -17.25
CA PRO B 1956 61.62 -46.81 -15.84
C PRO B 1956 60.82 -45.70 -15.16
N LEU B 1957 60.79 -45.77 -13.83
CA LEU B 1957 60.20 -44.69 -13.05
C LEU B 1957 61.17 -43.53 -12.98
N LYS B 1958 60.94 -42.52 -13.80
CA LYS B 1958 61.81 -41.35 -13.82
C LYS B 1958 61.43 -40.40 -12.69
N GLY B 1959 62.38 -40.08 -11.82
CA GLY B 1959 62.17 -39.15 -10.74
C GLY B 1959 62.34 -39.73 -9.35
N ILE B 1960 62.04 -41.00 -9.16
CA ILE B 1960 62.17 -41.62 -7.84
C ILE B 1960 63.34 -42.57 -7.88
N SER B 1961 63.90 -42.86 -6.71
CA SER B 1961 64.98 -43.83 -6.60
C SER B 1961 64.84 -44.77 -5.43
N VAL B 1962 63.71 -44.74 -4.71
CA VAL B 1962 63.54 -45.59 -3.55
C VAL B 1962 62.67 -46.79 -3.94
N PRO B 1963 63.10 -48.01 -3.63
CA PRO B 1963 62.35 -49.21 -4.03
C PRO B 1963 61.18 -49.50 -3.10
N PHE B 1964 60.22 -48.57 -3.04
CA PHE B 1964 59.15 -48.74 -2.09
C PHE B 1964 58.30 -49.96 -2.42
N HIS B 1965 57.57 -50.43 -1.40
CA HIS B 1965 56.82 -51.69 -1.43
C HIS B 1965 57.73 -52.91 -1.58
N SER B 1966 59.03 -52.73 -1.45
CA SER B 1966 59.95 -53.85 -1.52
C SER B 1966 60.44 -54.17 -0.12
N SER B 1967 61.00 -55.38 0.02
CA SER B 1967 61.53 -55.79 1.32
C SER B 1967 62.75 -55.00 1.73
N TYR B 1968 63.30 -54.16 0.83
CA TYR B 1968 64.40 -53.31 1.23
C TYR B 1968 63.97 -52.32 2.30
N LEU B 1969 62.81 -51.70 2.12
CA LEU B 1969 62.28 -50.76 3.09
C LEU B 1969 61.72 -51.45 4.32
N MET B 1970 61.74 -52.80 4.35
CA MET B 1970 61.13 -53.53 5.45
C MET B 1970 61.75 -53.16 6.79
N SER B 1971 62.98 -52.68 6.79
CA SER B 1971 63.60 -52.24 8.03
C SER B 1971 62.88 -51.03 8.62
N GLY B 1972 62.57 -50.03 7.80
CA GLY B 1972 62.02 -48.81 8.32
C GLY B 1972 60.55 -48.82 8.65
N VAL B 1973 59.95 -50.00 8.81
CA VAL B 1973 58.52 -50.05 9.07
C VAL B 1973 58.22 -49.78 10.54
N LYS B 1974 59.00 -50.39 11.43
CA LYS B 1974 58.76 -50.23 12.86
C LYS B 1974 58.63 -48.77 13.30
N PRO B 1975 59.47 -47.83 12.87
CA PRO B 1975 59.23 -46.44 13.25
C PRO B 1975 57.94 -45.89 12.68
N PHE B 1976 57.64 -46.20 11.42
CA PHE B 1976 56.37 -45.78 10.86
C PHE B 1976 55.21 -46.41 11.60
N GLN B 1977 55.36 -47.68 11.97
CA GLN B 1977 54.32 -48.34 12.74
C GLN B 1977 54.09 -47.66 14.08
N ARG B 1978 55.18 -47.25 14.75
CA ARG B 1978 55.04 -46.42 15.94
C ARG B 1978 54.27 -45.15 15.65
N PHE B 1979 54.73 -44.40 14.66
CA PHE B 1979 54.12 -43.12 14.33
C PHE B 1979 52.63 -43.25 14.09
N LEU B 1980 52.23 -44.34 13.43
CA LEU B 1980 50.80 -44.54 13.18
C LEU B 1980 50.04 -44.74 14.47
N CYS B 1981 50.43 -45.73 15.27
CA CYS B 1981 49.68 -46.06 16.48
C CYS B 1981 49.66 -44.92 17.50
N LYS B 1982 50.34 -43.82 17.23
CA LYS B 1982 50.22 -42.63 18.06
C LYS B 1982 49.61 -41.44 17.32
N LYS B 1983 49.53 -41.49 16.00
CA LYS B 1983 48.77 -40.49 15.25
C LYS B 1983 47.35 -40.93 14.96
N ILE B 1984 47.07 -42.23 14.99
CA ILE B 1984 45.72 -42.72 14.74
C ILE B 1984 45.03 -43.01 16.06
N PRO B 1985 44.07 -42.19 16.48
CA PRO B 1985 43.31 -42.52 17.67
C PRO B 1985 42.50 -43.79 17.47
N LYS B 1986 42.70 -44.73 18.39
CA LYS B 1986 42.05 -46.02 18.29
C LYS B 1986 40.52 -45.87 18.35
N SER B 1987 40.04 -44.86 19.06
CA SER B 1987 38.61 -44.63 19.16
C SER B 1987 38.00 -44.16 17.85
N SER B 1988 38.78 -43.60 16.95
CA SER B 1988 38.23 -43.11 15.69
C SER B 1988 37.93 -44.23 14.72
N VAL B 1989 38.47 -45.43 14.95
CA VAL B 1989 38.31 -46.55 14.02
C VAL B 1989 36.86 -47.01 14.10
N LYS B 1990 36.08 -46.71 13.07
CA LYS B 1990 34.72 -47.20 12.96
C LYS B 1990 34.73 -48.40 12.03
N PRO B 1991 34.89 -49.61 12.53
CA PRO B 1991 35.22 -50.73 11.65
C PRO B 1991 34.11 -51.13 10.71
N GLN B 1992 32.85 -50.80 11.04
CA GLN B 1992 31.73 -51.22 10.22
C GLN B 1992 31.85 -50.77 8.78
N ASP B 1993 32.53 -49.65 8.52
CA ASP B 1993 32.70 -49.18 7.16
C ASP B 1993 33.94 -49.75 6.49
N LEU B 1994 34.79 -50.44 7.24
CA LEU B 1994 35.98 -51.05 6.68
C LEU B 1994 35.75 -52.49 6.26
N ILE B 1995 34.87 -53.19 6.95
CA ILE B 1995 34.64 -54.60 6.66
C ILE B 1995 34.02 -54.71 5.27
N GLY B 1996 34.77 -55.30 4.34
CA GLY B 1996 34.29 -55.52 3.00
C GLY B 1996 34.33 -54.32 2.09
N LYS B 1997 34.13 -53.11 2.61
CA LYS B 1997 34.15 -51.93 1.78
C LYS B 1997 35.55 -51.44 1.46
N TYR B 1998 36.55 -51.90 2.20
CA TYR B 1998 37.92 -51.45 2.02
C TYR B 1998 38.76 -52.58 1.44
N ILE B 1999 39.52 -52.29 0.40
CA ILE B 1999 40.44 -53.25 -0.20
C ILE B 1999 41.85 -52.74 0.04
N PRO B 2000 42.60 -53.34 0.95
CA PRO B 2000 43.98 -52.94 1.13
C PRO B 2000 44.82 -53.32 -0.08
N ASN B 2001 46.05 -52.82 -0.14
CA ASN B 2001 46.96 -53.19 -1.20
C ASN B 2001 47.91 -54.30 -0.81
N LEU B 2002 48.21 -54.42 0.48
CA LEU B 2002 48.90 -55.61 0.96
C LEU B 2002 48.10 -56.86 0.64
N THR B 2003 46.89 -56.96 1.19
CA THR B 2003 46.00 -58.09 0.96
C THR B 2003 44.83 -57.60 0.12
N ALA B 2004 44.84 -57.96 -1.16
CA ALA B 2004 43.81 -57.50 -2.08
C ALA B 2004 42.45 -58.11 -1.80
N LYS B 2005 42.36 -59.03 -0.91
CA LYS B 2005 40.96 -59.30 -0.68
C LYS B 2005 40.40 -58.29 0.31
N PRO B 2006 39.09 -58.03 0.25
CA PRO B 2006 38.52 -56.95 1.05
C PRO B 2006 38.85 -57.09 2.53
N PHE B 2007 39.14 -55.95 3.15
CA PHE B 2007 39.41 -55.89 4.57
C PHE B 2007 38.26 -56.51 5.35
N GLU B 2008 38.59 -57.42 6.25
CA GLU B 2008 37.59 -58.02 7.13
C GLU B 2008 38.33 -58.75 8.23
N LEU B 2009 37.83 -58.64 9.45
CA LEU B 2009 38.54 -59.16 10.61
C LEU B 2009 38.11 -60.59 10.93
N THR B 2010 38.43 -61.49 10.01
CA THR B 2010 38.31 -62.92 10.24
C THR B 2010 39.69 -63.50 10.51
N LYS B 2011 39.71 -64.58 11.29
CA LYS B 2011 40.98 -65.20 11.67
C LYS B 2011 41.81 -65.55 10.45
N GLU B 2012 41.17 -66.05 9.40
CA GLU B 2012 41.91 -66.33 8.17
C GLU B 2012 42.50 -65.08 7.58
N TYR B 2013 41.83 -63.94 7.74
CA TYR B 2013 42.39 -62.71 7.19
C TYR B 2013 43.69 -62.35 7.90
N PHE B 2014 43.68 -62.41 9.23
CA PHE B 2014 44.91 -62.24 9.99
C PHE B 2014 45.97 -63.23 9.54
N GLN B 2015 45.59 -64.47 9.29
CA GLN B 2015 46.55 -65.43 8.79
C GLN B 2015 47.16 -64.98 7.47
N SER B 2016 46.32 -64.53 6.55
CA SER B 2016 46.78 -64.14 5.22
C SER B 2016 47.70 -62.95 5.29
N VAL B 2017 47.43 -62.01 6.18
CA VAL B 2017 48.30 -60.84 6.26
C VAL B 2017 49.59 -61.18 6.99
N TYR B 2018 49.51 -62.07 7.98
CA TYR B 2018 50.70 -62.39 8.77
C TYR B 2018 51.66 -63.27 8.00
N ASP B 2019 51.15 -64.22 7.21
CA ASP B 2019 52.04 -64.99 6.36
C ASP B 2019 52.64 -64.15 5.26
N LEU B 2020 52.12 -62.94 5.05
CA LEU B 2020 52.66 -62.04 4.04
C LEU B 2020 53.62 -61.02 4.62
N THR B 2021 53.50 -60.69 5.90
CA THR B 2021 54.40 -59.73 6.51
C THR B 2021 55.18 -60.24 7.70
N LYS B 2022 54.80 -61.37 8.28
CA LYS B 2022 55.50 -61.94 9.43
C LYS B 2022 55.55 -60.94 10.58
N SER B 2023 54.48 -60.17 10.70
CA SER B 2023 54.41 -59.21 11.78
C SER B 2023 54.36 -59.91 13.13
N GLU B 2024 54.62 -59.15 14.18
CA GLU B 2024 54.50 -59.66 15.54
C GLU B 2024 53.17 -59.33 16.18
N LYS B 2025 52.65 -58.13 15.95
CA LYS B 2025 51.43 -57.73 16.65
C LYS B 2025 50.24 -58.57 16.19
N ILE B 2026 50.16 -58.89 14.90
CA ILE B 2026 49.00 -59.61 14.42
C ILE B 2026 49.11 -61.10 14.71
N LYS B 2027 50.31 -61.67 14.62
CA LYS B 2027 50.45 -63.07 15.01
C LYS B 2027 50.22 -63.27 16.49
N SER B 2028 50.57 -62.29 17.31
CA SER B 2028 50.30 -62.41 18.74
C SER B 2028 48.81 -62.54 19.01
N ILE B 2029 48.00 -61.68 18.38
CA ILE B 2029 46.56 -61.76 18.56
C ILE B 2029 45.97 -62.95 17.82
N LEU B 2030 46.64 -63.43 16.77
CA LEU B 2030 46.19 -64.60 16.04
C LEU B 2030 46.38 -65.87 16.86
N ASP B 2031 47.44 -65.95 17.65
CA ASP B 2031 47.64 -67.10 18.52
C ASP B 2031 46.50 -67.18 19.54
N ASN B 2032 46.36 -66.14 20.35
CA ASN B 2032 45.25 -66.06 21.30
C ASN B 2032 44.02 -65.48 20.59
N TRP B 2033 43.65 -66.13 19.49
CA TRP B 2033 42.54 -65.64 18.68
C TRP B 2033 41.22 -65.69 19.42
N GLU B 2034 41.05 -66.65 20.32
CA GLU B 2034 39.77 -66.92 20.98
C GLU B 2034 39.15 -65.70 21.65
N GLN B 2035 39.92 -64.64 21.87
CA GLN B 2035 39.42 -63.46 22.56
C GLN B 2035 38.58 -62.59 21.64
N TYR B 2036 37.73 -63.24 20.87
CA TYR B 2036 36.87 -62.54 19.92
C TYR B 2036 35.40 -62.76 20.20
N GLU B 2037 35.04 -63.92 20.73
CA GLU B 2037 33.66 -64.19 21.10
C GLU B 2037 33.62 -65.24 22.20
PA NAP C . 44.10 18.24 21.02
O1A NAP C . 42.92 17.58 20.36
O2A NAP C . 45.49 17.65 20.86
O5B NAP C . 44.15 19.78 20.55
C5B NAP C . 44.58 20.13 19.24
C4B NAP C . 44.62 21.65 19.11
O4B NAP C . 45.76 22.05 18.37
C3B NAP C . 43.39 22.17 18.38
O3B NAP C . 42.54 22.87 19.32
C2B NAP C . 43.91 23.07 17.27
O2B NAP C . 43.49 24.42 17.41
C1B NAP C . 45.43 22.99 17.35
N9A NAP C . 45.97 22.54 16.04
C8A NAP C . 45.68 21.39 15.42
N7A NAP C . 46.34 21.28 14.24
C5A NAP C . 47.09 22.40 14.10
C6A NAP C . 48.03 22.92 13.08
N6A NAP C . 48.31 22.23 11.95
N1A NAP C . 48.59 24.13 13.32
C2A NAP C . 48.31 24.84 14.43
N3A NAP C . 47.47 24.42 15.39
C4A NAP C . 46.84 23.22 15.29
O3 NAP C . 43.79 18.36 22.60
PN NAP C . 44.80 17.73 23.69
O1N NAP C . 44.33 18.17 25.06
O2N NAP C . 44.97 16.27 23.38
O5D NAP C . 46.18 18.48 23.37
C5D NAP C . 46.81 19.30 24.36
C4D NAP C . 48.34 19.22 24.24
O4D NAP C . 48.89 18.56 25.38
C3D NAP C . 48.79 18.48 22.99
O3D NAP C . 49.48 19.38 22.11
C2D NAP C . 49.68 17.34 23.48
O2D NAP C . 51.01 17.39 22.94
C1D NAP C . 49.74 17.47 24.99
N1N NAP C . 49.29 16.23 25.61
C2N NAP C . 48.00 16.09 25.94
C3N NAP C . 47.54 14.92 26.54
C7N NAP C . 46.09 14.77 26.89
O7N NAP C . 45.72 13.77 27.48
N7N NAP C . 45.24 15.75 26.56
C4N NAP C . 48.42 13.89 26.80
C5N NAP C . 49.76 14.06 26.45
C6N NAP C . 50.16 15.25 25.85
P2B NAP C . 42.45 25.08 16.38
O1X NAP C . 42.23 26.47 16.90
O2X NAP C . 41.24 24.18 16.48
O3X NAP C . 43.16 25.01 15.05
N1 FMN D . -37.79 -1.36 -1.08
C2 FMN D . -36.37 -1.76 -1.49
O2 FMN D . -36.10 -2.10 -2.82
N3 FMN D . -35.25 -1.77 -0.44
C4 FMN D . -35.51 -1.40 0.99
O4 FMN D . -34.46 -1.44 1.94
C4A FMN D . -36.93 -1.01 1.38
N5 FMN D . -37.26 -0.63 2.80
C5A FMN D . -38.68 -0.25 3.17
C6 FMN D . -39.02 0.14 4.66
C7 FMN D . -40.49 0.53 5.05
C7M FMN D . -40.81 0.91 6.51
C8 FMN D . -41.63 0.54 3.96
C8M FMN D . -43.07 0.93 4.30
C9 FMN D . -41.29 0.15 2.49
C9A FMN D . -39.80 -0.25 2.10
N10 FMN D . -39.47 -0.61 0.68
C10 FMN D . -38.05 -0.98 0.31
C1' FMN D . -40.49 -0.64 -0.37
C2' FMN D . -41.34 -1.93 -0.16
O2' FMN D . -40.49 -3.06 -0.26
C3' FMN D . -42.44 -2.07 -1.24
O3' FMN D . -41.92 -1.80 -2.53
C4' FMN D . -43.57 -1.07 -0.89
O4' FMN D . -43.57 -0.92 0.52
C5' FMN D . -44.93 -1.69 -1.26
O5' FMN D . -45.86 -0.67 -1.03
P FMN D . -47.01 -0.91 0.12
O1P FMN D . -48.03 0.14 0.01
O2P FMN D . -47.62 -2.43 -0.09
O3P FMN D . -46.26 -0.79 1.58
PA NAP E . -26.40 6.74 1.97
O1A NAP E . -26.97 7.90 2.75
O2A NAP E . -26.54 6.67 0.47
O5B NAP E . -24.83 6.62 2.33
C5B NAP E . -24.15 5.37 2.22
C4B NAP E . -22.66 5.62 2.02
O4B NAP E . -22.05 5.89 3.28
C3B NAP E . -21.98 4.40 1.43
O3B NAP E . -21.45 4.72 0.14
C2B NAP E . -20.89 4.00 2.42
O2B NAP E . -19.58 4.02 1.85
C1B NAP E . -20.97 4.99 3.57
N9A NAP E . -21.25 4.26 4.83
C8A NAP E . -22.45 4.10 5.41
N7A NAP E . -22.36 3.40 6.56
C5A NAP E . -21.06 3.10 6.75
C6A NAP E . -20.27 2.37 7.76
N6A NAP E . -20.85 1.80 8.85
N1A NAP E . -18.93 2.28 7.57
C2A NAP E . -18.32 2.84 6.50
N3A NAP E . -18.99 3.52 5.54
C4A NAP E . -20.33 3.67 5.60
O3 NAP E . -27.00 5.37 2.60
PN NAP E . -28.59 5.10 2.60
O1N NAP E . -29.05 5.02 4.03
O2N NAP E . -29.24 6.09 1.65
O5D NAP E . -28.69 3.63 1.95
C5D NAP E . -29.95 3.11 1.55
C4D NAP E . -29.99 2.97 0.02
O4D NAP E . -31.11 2.19 -0.37
C3D NAP E . -30.09 4.34 -0.65
O3D NAP E . -28.87 4.64 -1.33
C2D NAP E . -31.29 4.25 -1.58
O2D NAP E . -30.95 4.45 -2.96
C1D NAP E . -31.86 2.85 -1.40
N1N NAP E . -33.27 2.93 -1.01
C2N NAP E . -34.22 2.53 -1.87
C3N NAP E . -35.57 2.60 -1.52
C7N NAP E . -36.62 2.15 -2.49
O7N NAP E . -37.80 2.31 -2.22
N7N NAP E . -36.24 1.59 -3.64
C4N NAP E . -35.93 3.10 -0.28
C5N NAP E . -34.93 3.50 0.59
C6N NAP E . -33.60 3.41 0.20
P2B NAP E . -18.97 2.71 1.14
O1X NAP E . -17.61 2.56 1.78
O2X NAP E . -18.93 3.08 -0.33
O3X NAP E . -19.96 1.62 1.48
#